data_7YWV
#
_entry.id   7YWV
#
_cell.length_a   114.191
_cell.length_b   142.402
_cell.length_c   288.521
_cell.angle_alpha   90.000
_cell.angle_beta   100.410
_cell.angle_gamma   90.000
#
_symmetry.space_group_name_H-M   'I 1 2 1'
#
loop_
_entity.id
_entity.type
_entity.pdbx_description
1 polymer 'Probable vanillyl-alcohol oxidase'
2 non-polymer 'FLAVIN-ADENINE DINUCLEOTIDE'
3 non-polymer 2-methoxy-4-(prop-2-en-1-yl)phenol
4 non-polymer 'CALCIUM ION'
5 water water
#
_entity_poly.entity_id   1
_entity_poly.type   'polypeptide(L)'
_entity_poly.pdbx_seq_one_letter_code
;MTRTLPPGVSDERFDAALQRFRDVVGDKWVLSTADELEAFRDPYPVGAAEANLPSAVVSPESTEQVQDIVRIANEYGIPL
HPVSTGKNNGYGGAAPRLSGSVIVKTGERMNRILEVNEKYGYALLEPGVTYFDLYEYLQSHDSGLMLDCPELGWGSVVGN
TLDRGVGYTPYGDHFMWQTGLEVVLPQGEVMRTGMGALPGSDAWQLFPYGFGPFPDGMFTQSNLGIVTKMGIALMQRPPA
SQSFLITFDKEEDLEQIVDIMLPLRINMAPLQNVPVLRNIFMDAAAVSKRTEWFDGDGPMPAEAIERMKKDLDLGFWNFY
GTLYGPPPLIEMYYGMIKEAFGKIPGARFFTHEERDDRGGHVLQDRHKINNGIPSLDELQLLDWVPNGGHIGFVPVSAPD
GREAMKQFEMVRNRANEYNKDYMASFIIGLREMYHVCLFIYDTADPEAREEILQMTKVLVREAAEAGYGEYRTHNALMDD
VMATFNWGDGALLKFHEKIKDALDPNGIIAPGKSGIWPQRFRGQNL
;
_entity_poly.pdbx_strand_id   A,B,C,D,E,F,G,H
#
# COMPACT_ATOMS: atom_id res chain seq x y z
N THR A 2 -21.89 -14.31 40.41
CA THR A 2 -23.05 -13.37 40.40
C THR A 2 -23.12 -12.62 39.06
N ARG A 3 -22.45 -11.46 38.92
CA ARG A 3 -22.72 -10.46 37.85
C ARG A 3 -21.47 -10.24 36.99
N THR A 4 -21.61 -10.46 35.67
CA THR A 4 -20.54 -10.29 34.64
C THR A 4 -20.29 -8.80 34.42
N LEU A 5 -19.06 -8.33 34.66
CA LEU A 5 -18.69 -6.90 34.52
C LEU A 5 -17.55 -6.77 33.53
N PRO A 6 -17.47 -5.64 32.78
CA PRO A 6 -16.31 -5.37 31.94
C PRO A 6 -15.05 -5.37 32.80
N PRO A 7 -13.89 -5.78 32.24
CA PRO A 7 -12.63 -5.79 33.00
C PRO A 7 -12.28 -4.41 33.55
N GLY A 8 -11.98 -4.33 34.85
CA GLY A 8 -11.58 -3.09 35.55
C GLY A 8 -12.70 -2.06 35.65
N VAL A 9 -13.96 -2.49 35.60
CA VAL A 9 -15.15 -1.59 35.67
C VAL A 9 -16.06 -2.04 36.81
N SER A 10 -16.32 -1.13 37.75
CA SER A 10 -17.05 -1.39 39.01
C SER A 10 -18.54 -1.53 38.71
N ASP A 11 -19.31 -2.07 39.67
CA ASP A 11 -20.80 -2.15 39.64
C ASP A 11 -21.37 -0.75 39.37
N GLU A 12 -20.92 0.28 40.10
CA GLU A 12 -21.38 1.69 39.91
C GLU A 12 -21.12 2.14 38.48
N ARG A 13 -19.87 2.02 38.03
CA ARG A 13 -19.41 2.63 36.76
C ARG A 13 -20.21 2.02 35.61
N PHE A 14 -20.47 0.72 35.69
CA PHE A 14 -21.23 -0.05 34.67
C PHE A 14 -22.69 0.40 34.70
N ASP A 15 -23.29 0.49 35.88
CA ASP A 15 -24.69 0.98 36.06
C ASP A 15 -24.82 2.36 35.40
N ALA A 16 -23.84 3.25 35.59
CA ALA A 16 -23.83 4.60 34.99
C ALA A 16 -23.82 4.48 33.46
N ALA A 17 -22.93 3.65 32.93
CA ALA A 17 -22.71 3.44 31.49
C ALA A 17 -23.97 2.80 30.87
N LEU A 18 -24.53 1.78 31.52
CA LEU A 18 -25.82 1.16 31.11
C LEU A 18 -26.89 2.26 30.93
N GLN A 19 -27.00 3.19 31.88
CA GLN A 19 -28.03 4.27 31.81
C GLN A 19 -27.72 5.17 30.62
N ARG A 20 -26.44 5.54 30.40
CA ARG A 20 -26.00 6.38 29.24
C ARG A 20 -26.40 5.68 27.93
N PHE A 21 -26.27 4.34 27.88
CA PHE A 21 -26.69 3.49 26.73
C PHE A 21 -28.20 3.63 26.56
N ARG A 22 -28.97 3.53 27.65
CA ARG A 22 -30.46 3.64 27.66
C ARG A 22 -30.89 5.03 27.18
N ASP A 23 -30.14 6.08 27.54
CA ASP A 23 -30.41 7.49 27.12
C ASP A 23 -30.30 7.60 25.59
N VAL A 24 -29.46 6.77 24.95
CA VAL A 24 -29.19 6.81 23.49
C VAL A 24 -30.22 5.96 22.75
N VAL A 25 -30.40 4.69 23.12
CA VAL A 25 -31.18 3.70 22.32
C VAL A 25 -32.57 3.46 22.93
N GLY A 26 -32.79 3.83 24.20
CA GLY A 26 -34.06 3.59 24.91
C GLY A 26 -33.99 2.41 25.86
N ASP A 27 -34.78 2.45 26.95
CA ASP A 27 -34.70 1.49 28.08
C ASP A 27 -34.85 0.05 27.58
N LYS A 28 -35.77 -0.22 26.65
CA LYS A 28 -36.08 -1.64 26.31
C LYS A 28 -35.00 -2.21 25.36
N TRP A 29 -34.07 -1.38 24.88
CA TRP A 29 -33.00 -1.81 23.92
C TRP A 29 -31.64 -1.92 24.62
N VAL A 30 -31.63 -2.02 25.95
CA VAL A 30 -30.45 -2.38 26.77
C VAL A 30 -30.82 -3.58 27.65
N LEU A 31 -30.27 -4.76 27.37
CA LEU A 31 -30.41 -5.99 28.19
C LEU A 31 -29.19 -6.14 29.12
N SER A 32 -29.40 -6.47 30.40
CA SER A 32 -28.28 -6.73 31.35
C SER A 32 -28.67 -7.67 32.49
N THR A 33 -29.86 -8.27 32.52
CA THR A 33 -30.17 -9.32 33.52
C THR A 33 -29.66 -10.65 32.95
N ALA A 34 -29.18 -11.54 33.83
CA ALA A 34 -28.73 -12.92 33.49
C ALA A 34 -29.75 -13.62 32.58
N ASP A 35 -31.03 -13.49 32.91
CA ASP A 35 -32.15 -14.12 32.14
C ASP A 35 -32.17 -13.57 30.71
N GLU A 36 -32.03 -12.26 30.54
CA GLU A 36 -32.09 -11.59 29.21
C GLU A 36 -30.86 -11.98 28.37
N LEU A 37 -29.70 -12.14 29.01
CA LEU A 37 -28.39 -12.39 28.34
C LEU A 37 -28.20 -13.85 27.93
N GLU A 38 -28.98 -14.77 28.49
CA GLU A 38 -28.80 -16.23 28.25
C GLU A 38 -28.85 -16.46 26.74
N ALA A 39 -29.74 -15.77 26.02
CA ALA A 39 -30.00 -15.93 24.56
C ALA A 39 -28.77 -15.54 23.73
N PHE A 40 -27.81 -14.80 24.31
CA PHE A 40 -26.61 -14.24 23.63
C PHE A 40 -25.34 -15.01 24.02
N ARG A 41 -25.48 -16.04 24.84
CA ARG A 41 -24.36 -16.97 25.11
C ARG A 41 -24.15 -17.81 23.85
N ASP A 42 -22.92 -18.26 23.63
CA ASP A 42 -22.58 -19.23 22.55
C ASP A 42 -23.60 -20.35 22.62
N PRO A 43 -24.43 -20.58 21.59
CA PRO A 43 -25.35 -21.71 21.61
C PRO A 43 -24.64 -23.08 21.55
N TYR A 44 -23.45 -23.12 20.93
CA TYR A 44 -22.56 -24.31 20.86
C TYR A 44 -21.32 -24.07 21.72
N PRO A 45 -21.46 -24.08 23.07
CA PRO A 45 -20.36 -23.68 23.95
C PRO A 45 -19.19 -24.64 23.78
N VAL A 46 -17.97 -24.12 23.89
CA VAL A 46 -16.72 -24.90 23.71
C VAL A 46 -15.93 -24.85 25.01
N GLY A 47 -15.56 -26.02 25.52
CA GLY A 47 -14.88 -26.15 26.82
C GLY A 47 -15.89 -26.31 27.93
N ALA A 48 -15.48 -26.97 29.01
CA ALA A 48 -16.33 -27.25 30.20
C ALA A 48 -16.62 -25.92 30.90
N ALA A 49 -15.58 -25.12 31.15
CA ALA A 49 -15.69 -23.86 31.89
C ALA A 49 -16.57 -22.89 31.10
N GLU A 50 -17.30 -22.05 31.83
CA GLU A 50 -17.88 -20.78 31.32
C GLU A 50 -16.80 -19.96 30.65
N ALA A 51 -17.13 -19.37 29.50
CA ALA A 51 -16.28 -18.45 28.73
C ALA A 51 -17.17 -17.53 27.88
N ASN A 52 -16.60 -16.43 27.39
CA ASN A 52 -17.25 -15.57 26.39
C ASN A 52 -18.56 -15.05 26.97
N LEU A 53 -18.48 -14.39 28.14
CA LEU A 53 -19.64 -13.91 28.94
C LEU A 53 -19.91 -12.45 28.59
N PRO A 54 -21.06 -12.13 27.94
CA PRO A 54 -21.42 -10.75 27.68
C PRO A 54 -22.00 -10.10 28.95
N SER A 55 -21.61 -8.86 29.23
CA SER A 55 -22.07 -8.03 30.37
C SER A 55 -23.44 -7.40 30.08
N ALA A 56 -23.73 -7.08 28.81
CA ALA A 56 -24.97 -6.41 28.36
C ALA A 56 -25.12 -6.51 26.83
N VAL A 57 -26.33 -6.24 26.34
CA VAL A 57 -26.66 -6.13 24.90
C VAL A 57 -27.30 -4.75 24.69
N VAL A 58 -26.77 -3.96 23.80
CA VAL A 58 -27.34 -2.66 23.37
C VAL A 58 -27.78 -2.82 21.89
N SER A 59 -29.02 -2.47 21.58
CA SER A 59 -29.58 -2.54 20.20
C SER A 59 -29.75 -1.11 19.70
N PRO A 60 -28.80 -0.56 18.89
CA PRO A 60 -28.97 0.78 18.29
C PRO A 60 -29.90 0.72 17.09
N GLU A 61 -30.52 1.86 16.80
CA GLU A 61 -31.57 2.05 15.76
C GLU A 61 -30.97 2.73 14.54
N SER A 62 -29.80 3.35 14.66
CA SER A 62 -29.22 4.25 13.65
C SER A 62 -27.70 4.27 13.76
N THR A 63 -27.03 4.72 12.70
CA THR A 63 -25.56 4.95 12.64
C THR A 63 -25.17 5.93 13.75
N GLU A 64 -25.94 7.00 13.92
CA GLU A 64 -25.66 8.05 14.92
C GLU A 64 -25.69 7.44 16.33
N GLN A 65 -26.64 6.55 16.60
CA GLN A 65 -26.76 5.85 17.90
C GLN A 65 -25.50 5.00 18.12
N VAL A 66 -25.01 4.33 17.06
CA VAL A 66 -23.77 3.50 17.12
C VAL A 66 -22.60 4.42 17.48
N GLN A 67 -22.49 5.58 16.85
CA GLN A 67 -21.47 6.62 17.23
C GLN A 67 -21.60 6.94 18.72
N ASP A 68 -22.81 7.25 19.20
CA ASP A 68 -23.04 7.69 20.60
C ASP A 68 -22.60 6.57 21.56
N ILE A 69 -23.00 5.33 21.28
CA ILE A 69 -22.63 4.13 22.08
C ILE A 69 -21.10 4.01 22.12
N VAL A 70 -20.45 4.15 20.97
CA VAL A 70 -18.97 4.03 20.86
C VAL A 70 -18.32 5.11 21.73
N ARG A 71 -18.85 6.33 21.73
CA ARG A 71 -18.23 7.46 22.49
C ARG A 71 -18.38 7.21 23.98
N ILE A 72 -19.54 6.67 24.40
CA ILE A 72 -19.79 6.30 25.83
C ILE A 72 -18.80 5.20 26.23
N ALA A 73 -18.66 4.15 25.41
CA ALA A 73 -17.75 3.00 25.64
C ALA A 73 -16.30 3.48 25.80
N ASN A 74 -15.86 4.49 25.04
CA ASN A 74 -14.55 5.16 25.22
C ASN A 74 -14.50 5.85 26.59
N GLU A 75 -15.54 6.60 26.95
CA GLU A 75 -15.63 7.33 28.25
C GLU A 75 -15.37 6.37 29.40
N TYR A 76 -16.02 5.20 29.38
CA TYR A 76 -16.11 4.26 30.53
C TYR A 76 -15.12 3.08 30.37
N GLY A 77 -14.31 3.06 29.32
CA GLY A 77 -13.49 1.89 28.94
C GLY A 77 -14.28 0.59 28.86
N ILE A 78 -15.54 0.63 28.40
CA ILE A 78 -16.37 -0.60 28.18
C ILE A 78 -15.96 -1.23 26.83
N PRO A 79 -15.64 -2.54 26.77
CA PRO A 79 -15.39 -3.19 25.49
C PRO A 79 -16.71 -3.50 24.79
N LEU A 80 -16.79 -3.22 23.48
CA LEU A 80 -17.99 -3.47 22.62
C LEU A 80 -17.68 -4.60 21.63
N HIS A 81 -18.52 -5.62 21.61
CA HIS A 81 -18.51 -6.68 20.57
C HIS A 81 -19.63 -6.42 19.56
N PRO A 82 -19.36 -5.79 18.40
CA PRO A 82 -20.40 -5.53 17.40
C PRO A 82 -20.76 -6.82 16.65
N VAL A 83 -22.04 -7.13 16.59
CA VAL A 83 -22.58 -8.19 15.70
C VAL A 83 -23.66 -7.60 14.78
N SER A 84 -24.13 -8.41 13.85
CA SER A 84 -25.25 -8.07 12.97
C SER A 84 -26.45 -8.84 13.50
N THR A 85 -26.60 -10.11 13.11
CA THR A 85 -27.69 -10.99 13.58
C THR A 85 -27.21 -11.88 14.73
N GLY A 86 -25.89 -12.02 14.91
CA GLY A 86 -25.28 -12.80 16.01
C GLY A 86 -25.50 -14.29 15.85
N LYS A 87 -25.50 -14.79 14.61
CA LYS A 87 -25.74 -16.22 14.25
C LYS A 87 -24.42 -16.89 13.84
N ASN A 88 -23.28 -16.44 14.37
CA ASN A 88 -21.95 -17.00 14.05
C ASN A 88 -21.80 -18.39 14.70
N ASN A 89 -22.83 -19.21 14.65
CA ASN A 89 -22.85 -20.54 15.30
C ASN A 89 -21.80 -21.44 14.65
N GLY A 90 -20.85 -21.92 15.46
CA GLY A 90 -19.70 -22.71 15.01
C GLY A 90 -18.43 -21.98 15.38
N TYR A 91 -18.54 -20.67 15.55
CA TYR A 91 -17.42 -19.74 15.83
C TYR A 91 -17.71 -18.85 17.05
N GLY A 92 -18.76 -19.15 17.83
CA GLY A 92 -19.04 -18.43 19.08
C GLY A 92 -20.43 -17.79 19.16
N GLY A 93 -21.27 -17.96 18.13
CA GLY A 93 -22.56 -17.25 18.00
C GLY A 93 -22.36 -15.76 18.15
N ALA A 94 -23.15 -15.14 19.05
CA ALA A 94 -23.11 -13.68 19.34
C ALA A 94 -22.07 -13.38 20.41
N ALA A 95 -21.60 -14.39 21.13
CA ALA A 95 -20.78 -14.24 22.36
C ALA A 95 -19.50 -13.47 22.03
N PRO A 96 -19.05 -12.53 22.89
CA PRO A 96 -17.80 -11.82 22.68
C PRO A 96 -16.58 -12.69 23.01
N ARG A 97 -15.49 -12.51 22.27
CA ARG A 97 -14.20 -13.16 22.61
C ARG A 97 -13.88 -12.82 24.07
N LEU A 98 -13.88 -11.53 24.42
CA LEU A 98 -13.52 -11.02 25.78
C LEU A 98 -14.76 -11.01 26.69
N SER A 99 -14.78 -11.86 27.70
CA SER A 99 -15.82 -11.88 28.78
C SER A 99 -15.92 -10.48 29.40
N GLY A 100 -17.16 -9.99 29.59
CA GLY A 100 -17.46 -8.66 30.16
C GLY A 100 -17.73 -7.59 29.11
N SER A 101 -17.49 -7.93 27.83
CA SER A 101 -17.78 -7.05 26.67
C SER A 101 -19.29 -6.85 26.57
N VAL A 102 -19.70 -5.67 26.11
CA VAL A 102 -21.13 -5.38 25.77
C VAL A 102 -21.34 -5.73 24.30
N ILE A 103 -22.29 -6.61 24.00
CA ILE A 103 -22.68 -6.92 22.60
C ILE A 103 -23.49 -5.73 22.07
N VAL A 104 -23.04 -5.13 20.98
CA VAL A 104 -23.85 -4.17 20.17
C VAL A 104 -24.55 -4.95 19.06
N LYS A 105 -25.77 -5.44 19.29
CA LYS A 105 -26.57 -6.11 18.23
C LYS A 105 -27.12 -5.06 17.28
N THR A 106 -26.35 -4.70 16.25
CA THR A 106 -26.75 -3.71 15.23
C THR A 106 -28.01 -4.21 14.50
N GLY A 107 -28.12 -5.51 14.31
CA GLY A 107 -29.08 -6.10 13.35
C GLY A 107 -30.50 -6.12 13.86
N GLU A 108 -30.70 -5.96 15.17
CA GLU A 108 -32.04 -6.06 15.81
C GLU A 108 -32.93 -4.98 15.20
N ARG A 109 -32.43 -3.74 15.13
CA ARG A 109 -33.21 -2.55 14.71
C ARG A 109 -32.66 -1.96 13.40
N MET A 110 -31.34 -1.99 13.18
CA MET A 110 -30.76 -1.58 11.87
C MET A 110 -30.84 -2.79 10.95
N ASN A 111 -32.04 -3.06 10.41
CA ASN A 111 -32.39 -4.29 9.64
C ASN A 111 -33.09 -3.90 8.34
N ARG A 112 -32.74 -2.73 7.79
CA ARG A 112 -33.45 -2.14 6.64
C ARG A 112 -32.68 -2.39 5.36
N ILE A 113 -33.38 -2.82 4.31
CA ILE A 113 -32.82 -2.87 2.94
C ILE A 113 -32.84 -1.45 2.43
N LEU A 114 -31.68 -0.82 2.25
CA LEU A 114 -31.60 0.62 1.86
C LEU A 114 -31.73 0.75 0.33
N GLU A 115 -31.23 -0.21 -0.44
CA GLU A 115 -31.35 -0.17 -1.91
C GLU A 115 -31.10 -1.55 -2.51
N VAL A 116 -31.94 -1.91 -3.46
CA VAL A 116 -31.68 -3.03 -4.39
C VAL A 116 -31.85 -2.45 -5.78
N ASN A 117 -30.74 -2.33 -6.50
CA ASN A 117 -30.65 -1.74 -7.86
C ASN A 117 -30.76 -2.89 -8.87
N GLU A 118 -31.89 -2.98 -9.56
CA GLU A 118 -32.08 -3.99 -10.64
C GLU A 118 -31.15 -3.71 -11.81
N LYS A 119 -30.89 -2.45 -12.14
CA LYS A 119 -30.12 -2.11 -13.38
C LYS A 119 -28.68 -2.57 -13.22
N TYR A 120 -28.03 -2.21 -12.12
CA TYR A 120 -26.57 -2.41 -11.92
C TYR A 120 -26.29 -3.67 -11.11
N GLY A 121 -27.31 -4.32 -10.56
CA GLY A 121 -27.18 -5.60 -9.85
C GLY A 121 -26.42 -5.47 -8.53
N TYR A 122 -26.98 -4.75 -7.58
CA TYR A 122 -26.37 -4.57 -6.25
C TYR A 122 -27.44 -4.26 -5.22
N ALA A 123 -27.06 -4.44 -3.96
CA ALA A 123 -27.83 -4.08 -2.76
C ALA A 123 -26.96 -3.23 -1.84
N LEU A 124 -27.58 -2.32 -1.11
CA LEU A 124 -26.99 -1.58 0.03
C LEU A 124 -27.82 -1.98 1.25
N LEU A 125 -27.19 -2.64 2.21
CA LEU A 125 -27.89 -3.35 3.30
C LEU A 125 -27.40 -2.86 4.64
N GLU A 126 -28.31 -2.86 5.62
CA GLU A 126 -27.98 -2.74 7.05
C GLU A 126 -27.70 -4.14 7.60
N PRO A 127 -26.95 -4.22 8.71
CA PRO A 127 -26.56 -5.51 9.29
C PRO A 127 -27.72 -6.48 9.54
N GLY A 128 -28.91 -5.96 9.85
CA GLY A 128 -30.06 -6.76 10.31
C GLY A 128 -30.71 -7.53 9.19
N VAL A 129 -30.36 -7.24 7.93
CA VAL A 129 -30.99 -7.87 6.75
C VAL A 129 -30.47 -9.31 6.62
N THR A 130 -31.34 -10.28 6.89
CA THR A 130 -31.03 -11.72 6.80
C THR A 130 -31.09 -12.14 5.34
N TYR A 131 -30.59 -13.33 5.04
CA TYR A 131 -30.66 -13.91 3.68
C TYR A 131 -32.13 -14.12 3.34
N PHE A 132 -32.94 -14.47 4.34
CA PHE A 132 -34.40 -14.72 4.16
C PHE A 132 -35.10 -13.39 3.85
N ASP A 133 -34.77 -12.33 4.57
CA ASP A 133 -35.26 -10.94 4.32
C ASP A 133 -34.97 -10.57 2.85
N LEU A 134 -33.71 -10.63 2.45
CA LEU A 134 -33.28 -10.20 1.09
C LEU A 134 -33.94 -11.11 0.04
N TYR A 135 -34.00 -12.43 0.27
CA TYR A 135 -34.69 -13.37 -0.65
C TYR A 135 -36.16 -12.94 -0.81
N GLU A 136 -36.89 -12.79 0.31
CA GLU A 136 -38.32 -12.35 0.32
C GLU A 136 -38.46 -11.03 -0.45
N TYR A 137 -37.55 -10.07 -0.26
CA TYR A 137 -37.58 -8.77 -0.98
C TYR A 137 -37.43 -8.98 -2.49
N LEU A 138 -36.48 -9.81 -2.93
CA LEU A 138 -36.25 -10.05 -4.37
C LEU A 138 -37.50 -10.72 -4.96
N GLN A 139 -38.06 -11.75 -4.30
CA GLN A 139 -39.34 -12.40 -4.72
C GLN A 139 -40.46 -11.35 -4.85
N SER A 140 -40.73 -10.58 -3.80
CA SER A 140 -41.76 -9.50 -3.73
C SER A 140 -41.66 -8.58 -4.95
N HIS A 141 -40.44 -8.19 -5.31
CA HIS A 141 -40.17 -7.16 -6.33
C HIS A 141 -39.91 -7.82 -7.69
N ASP A 142 -40.21 -9.11 -7.83
CA ASP A 142 -40.09 -9.84 -9.11
C ASP A 142 -38.70 -9.57 -9.68
N SER A 143 -37.68 -9.53 -8.82
CA SER A 143 -36.29 -9.15 -9.17
C SER A 143 -35.74 -10.09 -10.24
N GLY A 144 -34.83 -9.59 -11.07
CA GLY A 144 -34.00 -10.38 -12.01
C GLY A 144 -32.73 -10.91 -11.34
N LEU A 145 -32.50 -10.51 -10.09
CA LEU A 145 -31.27 -10.79 -9.29
C LEU A 145 -31.49 -12.00 -8.39
N MET A 146 -30.38 -12.61 -7.98
CA MET A 146 -30.34 -13.67 -6.96
C MET A 146 -29.22 -13.32 -5.99
N LEU A 147 -29.39 -13.74 -4.75
CA LEU A 147 -28.37 -13.52 -3.69
C LEU A 147 -27.47 -14.76 -3.62
N ASP A 148 -26.42 -14.67 -2.80
CA ASP A 148 -25.52 -15.80 -2.51
C ASP A 148 -25.53 -16.00 -1.00
N CYS A 149 -26.05 -17.14 -0.57
CA CYS A 149 -26.28 -17.49 0.85
C CYS A 149 -25.41 -18.66 1.25
N PRO A 150 -25.08 -18.76 2.56
CA PRO A 150 -24.44 -19.94 3.13
C PRO A 150 -25.53 -21.01 3.37
N GLU A 151 -25.18 -22.08 4.06
CA GLU A 151 -26.08 -23.25 4.27
C GLU A 151 -27.36 -22.84 5.01
N LEU A 152 -27.27 -21.79 5.86
CA LEU A 152 -28.35 -21.34 6.77
C LEU A 152 -28.75 -19.89 6.44
N GLY A 153 -30.04 -19.70 6.13
CA GLY A 153 -30.61 -18.44 5.65
C GLY A 153 -30.80 -17.38 6.74
N TRP A 154 -30.67 -17.75 8.03
CA TRP A 154 -31.06 -16.85 9.15
C TRP A 154 -29.93 -15.87 9.51
N GLY A 155 -28.77 -16.01 8.87
CA GLY A 155 -27.63 -15.12 9.11
C GLY A 155 -27.78 -13.80 8.39
N SER A 156 -26.86 -12.89 8.64
CA SER A 156 -26.80 -11.53 8.07
C SER A 156 -25.95 -11.55 6.78
N VAL A 157 -26.46 -10.99 5.69
CA VAL A 157 -25.66 -10.79 4.45
C VAL A 157 -24.40 -10.02 4.83
N VAL A 158 -24.53 -9.01 5.69
CA VAL A 158 -23.38 -8.14 6.08
C VAL A 158 -22.50 -8.91 7.04
N GLY A 159 -23.05 -9.33 8.17
CA GLY A 159 -22.31 -10.01 9.25
C GLY A 159 -21.48 -11.16 8.72
N ASN A 160 -22.11 -12.04 7.95
CA ASN A 160 -21.42 -13.16 7.26
C ASN A 160 -20.27 -12.60 6.41
N THR A 161 -20.52 -11.56 5.62
CA THR A 161 -19.44 -10.92 4.80
C THR A 161 -18.31 -10.43 5.70
N LEU A 162 -18.63 -9.91 6.89
CA LEU A 162 -17.62 -9.26 7.76
C LEU A 162 -16.72 -10.31 8.44
N ASP A 163 -17.12 -11.58 8.47
CA ASP A 163 -16.25 -12.70 8.94
C ASP A 163 -15.69 -13.45 7.72
N ARG A 164 -15.85 -12.89 6.51
CA ARG A 164 -15.45 -13.48 5.20
C ARG A 164 -16.06 -14.86 5.03
N GLY A 165 -17.36 -14.96 5.33
CA GLY A 165 -18.17 -16.16 5.06
C GLY A 165 -18.30 -16.37 3.57
N VAL A 166 -18.84 -17.52 3.17
CA VAL A 166 -18.85 -18.02 1.77
C VAL A 166 -20.20 -18.69 1.51
N GLY A 167 -20.68 -18.55 0.27
CA GLY A 167 -21.79 -19.36 -0.26
C GLY A 167 -21.33 -20.11 -1.50
N TYR A 168 -22.26 -20.53 -2.33
CA TYR A 168 -22.07 -21.67 -3.26
C TYR A 168 -22.55 -21.35 -4.68
N THR A 169 -22.89 -20.09 -4.95
CA THR A 169 -23.18 -19.62 -6.33
C THR A 169 -21.86 -19.09 -6.90
N PRO A 170 -21.80 -18.77 -8.21
CA PRO A 170 -20.63 -18.10 -8.78
C PRO A 170 -20.19 -16.85 -8.00
N TYR A 171 -21.07 -16.30 -7.14
CA TYR A 171 -20.80 -15.11 -6.29
C TYR A 171 -20.50 -15.51 -4.84
N GLY A 172 -19.97 -16.72 -4.64
CA GLY A 172 -19.78 -17.36 -3.33
C GLY A 172 -18.74 -16.68 -2.43
N ASP A 173 -17.80 -15.94 -3.01
CA ASP A 173 -16.80 -15.16 -2.22
C ASP A 173 -17.46 -13.84 -1.83
N HIS A 174 -18.13 -13.79 -0.69
CA HIS A 174 -19.00 -12.64 -0.30
C HIS A 174 -18.16 -11.37 -0.22
N PHE A 175 -16.92 -11.44 0.25
CA PHE A 175 -16.14 -10.21 0.52
C PHE A 175 -15.68 -9.59 -0.81
N MET A 176 -15.32 -10.42 -1.79
CA MET A 176 -14.97 -9.90 -3.15
C MET A 176 -16.10 -8.96 -3.61
N TRP A 177 -17.30 -9.51 -3.68
CA TRP A 177 -18.55 -8.86 -4.18
C TRP A 177 -19.01 -7.75 -3.24
N GLN A 178 -18.51 -7.72 -2.01
CA GLN A 178 -18.70 -6.56 -1.11
C GLN A 178 -18.18 -5.32 -1.84
N THR A 179 -19.00 -4.28 -1.90
CA THR A 179 -18.69 -3.02 -2.62
C THR A 179 -19.20 -1.83 -1.79
N GLY A 180 -18.26 -1.16 -1.12
CA GLY A 180 -18.52 0.01 -0.27
C GLY A 180 -19.05 -0.42 1.09
N LEU A 181 -18.58 0.23 2.15
CA LEU A 181 -19.21 0.09 3.48
C LEU A 181 -19.13 1.43 4.19
N GLU A 182 -20.06 1.62 5.14
CA GLU A 182 -20.03 2.67 6.17
C GLU A 182 -19.59 2.02 7.49
N VAL A 183 -18.73 2.68 8.24
CA VAL A 183 -18.17 2.10 9.49
C VAL A 183 -17.98 3.23 10.50
N VAL A 184 -18.39 2.97 11.74
CA VAL A 184 -18.08 3.81 12.91
C VAL A 184 -16.73 3.30 13.43
N LEU A 185 -15.72 4.16 13.37
CA LEU A 185 -14.35 3.84 13.83
C LEU A 185 -14.32 3.82 15.35
N PRO A 186 -13.26 3.30 15.97
CA PRO A 186 -13.30 2.95 17.40
C PRO A 186 -13.52 4.11 18.39
N GLN A 187 -13.33 5.36 17.97
CA GLN A 187 -13.60 6.56 18.82
C GLN A 187 -14.91 7.25 18.42
N GLY A 188 -15.67 6.71 17.47
CA GLY A 188 -17.03 7.19 17.17
C GLY A 188 -17.19 7.93 15.85
N GLU A 189 -16.13 8.42 15.21
CA GLU A 189 -16.31 9.13 13.90
C GLU A 189 -16.70 8.07 12.88
N VAL A 190 -17.38 8.51 11.83
CA VAL A 190 -18.03 7.62 10.83
C VAL A 190 -17.30 7.81 9.50
N MET A 191 -17.17 6.75 8.73
CA MET A 191 -16.39 6.77 7.47
C MET A 191 -17.10 5.93 6.40
N ARG A 192 -17.07 6.39 5.17
CA ARG A 192 -17.53 5.61 3.99
C ARG A 192 -16.30 5.30 3.14
N THR A 193 -16.20 4.04 2.71
CA THR A 193 -15.11 3.56 1.82
C THR A 193 -15.53 3.70 0.36
N GLY A 194 -14.53 3.68 -0.53
CA GLY A 194 -14.68 3.71 -1.99
C GLY A 194 -15.36 5.01 -2.43
N MET A 195 -16.27 4.91 -3.39
CA MET A 195 -16.95 6.09 -3.99
C MET A 195 -17.98 6.65 -3.00
N GLY A 196 -18.28 5.91 -1.93
CA GLY A 196 -19.03 6.43 -0.77
C GLY A 196 -18.38 7.67 -0.19
N ALA A 197 -17.06 7.79 -0.26
CA ALA A 197 -16.27 8.88 0.34
C ALA A 197 -16.39 10.16 -0.49
N LEU A 198 -16.92 10.07 -1.72
CA LEU A 198 -17.13 11.23 -2.62
C LEU A 198 -18.61 11.61 -2.58
N PRO A 199 -18.99 12.74 -1.94
CA PRO A 199 -20.41 13.05 -1.75
C PRO A 199 -21.15 13.13 -3.09
N GLY A 200 -22.32 12.48 -3.16
CA GLY A 200 -23.21 12.50 -4.33
C GLY A 200 -22.76 11.58 -5.45
N SER A 201 -21.78 10.71 -5.25
CA SER A 201 -21.44 9.67 -6.26
C SER A 201 -22.55 8.65 -6.26
N ASP A 202 -22.83 8.07 -7.45
CA ASP A 202 -23.78 6.95 -7.62
C ASP A 202 -23.02 5.64 -7.55
N ALA A 203 -21.69 5.68 -7.46
CA ALA A 203 -20.82 4.51 -7.75
C ALA A 203 -20.38 3.79 -6.47
N TRP A 204 -21.02 4.04 -5.33
CA TRP A 204 -20.66 3.42 -4.02
C TRP A 204 -20.59 1.89 -4.18
N GLN A 205 -21.61 1.32 -4.81
CA GLN A 205 -21.79 -0.15 -5.00
C GLN A 205 -21.39 -0.55 -6.44
N LEU A 206 -20.71 0.34 -7.18
CA LEU A 206 -20.29 0.04 -8.58
C LEU A 206 -18.78 -0.18 -8.66
N PHE A 207 -17.99 0.65 -7.97
CA PHE A 207 -16.50 0.62 -8.01
C PHE A 207 -15.96 0.34 -6.61
N PRO A 208 -15.33 -0.82 -6.35
CA PRO A 208 -14.93 -1.19 -5.00
C PRO A 208 -13.82 -0.33 -4.37
N TYR A 209 -12.86 0.14 -5.18
CA TYR A 209 -11.54 0.58 -4.65
C TYR A 209 -11.58 2.07 -4.24
N GLY A 210 -12.36 2.89 -4.93
CA GLY A 210 -12.21 4.35 -4.79
C GLY A 210 -10.78 4.77 -5.03
N PHE A 211 -10.25 5.65 -4.19
CA PHE A 211 -8.97 6.36 -4.44
C PHE A 211 -8.08 6.21 -3.22
N GLY A 212 -6.81 5.92 -3.47
CA GLY A 212 -5.79 5.69 -2.42
C GLY A 212 -5.87 4.27 -1.88
N PRO A 213 -5.29 4.03 -0.69
CA PRO A 213 -5.26 2.68 -0.12
C PRO A 213 -6.67 2.10 0.00
N PHE A 214 -6.81 0.82 -0.32
CA PHE A 214 -8.10 0.09 -0.27
C PHE A 214 -8.29 -0.52 1.11
N PRO A 215 -9.15 0.07 1.98
CA PRO A 215 -9.26 -0.34 3.37
C PRO A 215 -10.34 -1.36 3.73
N ASP A 216 -11.32 -1.61 2.86
CA ASP A 216 -12.50 -2.44 3.19
C ASP A 216 -12.07 -3.77 3.83
N GLY A 217 -11.03 -4.41 3.30
CA GLY A 217 -10.53 -5.68 3.84
C GLY A 217 -10.22 -5.61 5.33
N MET A 218 -9.70 -4.45 5.78
CA MET A 218 -9.26 -4.22 7.17
C MET A 218 -10.44 -4.26 8.15
N PHE A 219 -11.68 -4.32 7.66
CA PHE A 219 -12.91 -4.38 8.49
C PHE A 219 -13.54 -5.77 8.39
N THR A 220 -12.81 -6.78 7.92
CA THR A 220 -13.29 -8.18 7.88
C THR A 220 -12.44 -9.02 8.82
N GLN A 221 -13.05 -9.93 9.59
CA GLN A 221 -12.38 -10.67 10.68
C GLN A 221 -11.55 -9.65 11.48
N SER A 222 -12.17 -8.52 11.80
CA SER A 222 -11.48 -7.31 12.30
C SER A 222 -12.21 -6.74 13.51
N ASN A 223 -11.56 -5.77 14.17
CA ASN A 223 -12.07 -5.05 15.36
C ASN A 223 -11.67 -3.58 15.22
N LEU A 224 -11.72 -3.06 13.99
CA LEU A 224 -11.37 -1.64 13.72
C LEU A 224 -12.62 -0.79 13.57
N GLY A 225 -13.81 -1.34 13.79
CA GLY A 225 -15.00 -0.49 13.87
C GLY A 225 -16.28 -1.27 13.86
N ILE A 226 -17.39 -0.53 13.89
CA ILE A 226 -18.76 -1.10 13.83
C ILE A 226 -19.33 -0.69 12.49
N VAL A 227 -19.65 -1.68 11.66
CA VAL A 227 -20.17 -1.47 10.28
C VAL A 227 -21.68 -1.28 10.40
N THR A 228 -22.20 -0.26 9.74
CA THR A 228 -23.59 0.23 9.82
C THR A 228 -24.27 0.08 8.46
N LYS A 229 -23.50 0.17 7.38
CA LYS A 229 -24.00 -0.12 6.01
C LYS A 229 -22.90 -0.86 5.23
N MET A 230 -23.32 -1.72 4.32
CA MET A 230 -22.41 -2.45 3.41
C MET A 230 -23.14 -2.66 2.08
N GLY A 231 -22.44 -2.38 0.97
CA GLY A 231 -22.92 -2.71 -0.37
C GLY A 231 -22.46 -4.09 -0.75
N ILE A 232 -23.25 -4.80 -1.55
CA ILE A 232 -22.82 -6.09 -2.15
C ILE A 232 -23.39 -6.18 -3.57
N ALA A 233 -22.59 -6.67 -4.52
CA ALA A 233 -23.03 -7.00 -5.90
C ALA A 233 -23.97 -8.21 -5.83
N LEU A 234 -24.95 -8.24 -6.72
CA LEU A 234 -25.90 -9.36 -6.89
C LEU A 234 -25.87 -9.81 -8.36
N MET A 235 -25.63 -11.08 -8.56
CA MET A 235 -25.64 -11.75 -9.87
C MET A 235 -27.07 -11.70 -10.41
N GLN A 236 -27.22 -11.60 -11.73
CA GLN A 236 -28.50 -11.84 -12.43
C GLN A 236 -28.82 -13.33 -12.36
N ARG A 237 -30.06 -13.69 -12.07
CA ARG A 237 -30.46 -15.10 -12.09
C ARG A 237 -30.32 -15.58 -13.53
N PRO A 238 -29.68 -16.75 -13.75
CA PRO A 238 -29.63 -17.36 -15.08
C PRO A 238 -30.95 -17.99 -15.48
N PRO A 239 -31.20 -18.18 -16.80
CA PRO A 239 -32.48 -18.68 -17.29
C PRO A 239 -32.82 -20.11 -16.85
N ALA A 240 -31.81 -20.93 -16.55
CA ALA A 240 -32.05 -22.28 -15.97
C ALA A 240 -30.84 -22.72 -15.13
N SER A 241 -31.00 -23.82 -14.41
CA SER A 241 -29.95 -24.41 -13.56
C SER A 241 -30.21 -25.91 -13.37
N GLN A 242 -29.14 -26.67 -13.18
CA GLN A 242 -29.23 -28.12 -12.87
C GLN A 242 -28.23 -28.38 -11.75
N SER A 243 -28.70 -29.06 -10.71
CA SER A 243 -27.85 -29.55 -9.60
C SER A 243 -27.65 -31.04 -9.79
N PHE A 244 -26.46 -31.53 -9.45
CA PHE A 244 -26.06 -32.95 -9.60
C PHE A 244 -25.26 -33.39 -8.37
N LEU A 245 -25.44 -34.66 -8.05
CA LEU A 245 -24.67 -35.42 -7.04
C LEU A 245 -23.81 -36.46 -7.77
N ILE A 246 -22.53 -36.56 -7.39
CA ILE A 246 -21.65 -37.70 -7.78
C ILE A 246 -21.27 -38.44 -6.51
N THR A 247 -21.72 -39.70 -6.37
CA THR A 247 -21.36 -40.59 -5.23
C THR A 247 -20.08 -41.34 -5.61
N PHE A 248 -19.10 -41.33 -4.71
CA PHE A 248 -17.80 -42.06 -4.83
C PHE A 248 -17.70 -43.08 -3.71
N ASP A 249 -17.50 -44.35 -4.07
CA ASP A 249 -17.72 -45.52 -3.17
C ASP A 249 -16.65 -45.59 -2.08
N LYS A 250 -15.44 -45.09 -2.28
CA LYS A 250 -14.28 -45.42 -1.41
C LYS A 250 -13.66 -44.19 -0.76
N GLU A 251 -13.29 -44.37 0.52
CA GLU A 251 -12.54 -43.37 1.32
C GLU A 251 -11.36 -42.87 0.50
N GLU A 252 -10.67 -43.78 -0.19
CA GLU A 252 -9.39 -43.51 -0.90
C GLU A 252 -9.67 -42.71 -2.20
N ASP A 253 -10.91 -42.73 -2.72
CA ASP A 253 -11.27 -41.99 -3.95
C ASP A 253 -10.99 -40.48 -3.77
N LEU A 254 -10.93 -39.98 -2.53
CA LEU A 254 -10.71 -38.53 -2.25
C LEU A 254 -9.59 -37.97 -3.12
N GLU A 255 -8.49 -38.71 -3.25
CA GLU A 255 -7.26 -38.28 -3.99
C GLU A 255 -7.63 -37.94 -5.44
N GLN A 256 -8.28 -38.87 -6.15
CA GLN A 256 -8.61 -38.71 -7.59
C GLN A 256 -9.70 -37.64 -7.72
N ILE A 257 -10.64 -37.58 -6.79
CA ILE A 257 -11.80 -36.64 -6.86
C ILE A 257 -11.24 -35.21 -6.88
N VAL A 258 -10.37 -34.89 -5.94
CA VAL A 258 -9.79 -33.52 -5.79
C VAL A 258 -8.96 -33.23 -7.04
N ASP A 259 -8.23 -34.22 -7.54
CA ASP A 259 -7.26 -34.02 -8.66
C ASP A 259 -8.02 -33.81 -9.97
N ILE A 260 -9.21 -34.41 -10.12
CA ILE A 260 -10.12 -34.18 -11.28
C ILE A 260 -10.91 -32.87 -11.06
N MET A 261 -11.29 -32.56 -9.80
CA MET A 261 -12.06 -31.32 -9.44
C MET A 261 -11.37 -30.05 -9.92
N LEU A 262 -10.08 -29.90 -9.61
CA LEU A 262 -9.35 -28.63 -9.76
C LEU A 262 -9.29 -28.20 -11.23
N PRO A 263 -8.93 -29.07 -12.20
CA PRO A 263 -8.87 -28.64 -13.60
C PRO A 263 -10.26 -28.21 -14.10
N LEU A 264 -11.31 -28.86 -13.58
CA LEU A 264 -12.70 -28.58 -13.97
C LEU A 264 -13.18 -27.27 -13.34
N ARG A 265 -12.45 -26.72 -12.37
CA ARG A 265 -12.92 -25.55 -11.59
C ARG A 265 -12.10 -24.29 -11.91
N ILE A 266 -10.79 -24.41 -12.14
CA ILE A 266 -9.88 -23.23 -12.13
C ILE A 266 -10.30 -22.20 -13.20
N ASN A 267 -10.95 -22.63 -14.29
CA ASN A 267 -11.44 -21.73 -15.35
C ASN A 267 -12.94 -21.44 -15.16
N MET A 268 -13.48 -21.69 -13.96
CA MET A 268 -14.91 -21.44 -13.58
C MET A 268 -15.87 -22.17 -14.54
N ALA A 269 -15.39 -23.20 -15.25
CA ALA A 269 -16.17 -24.05 -16.16
C ALA A 269 -15.37 -25.31 -16.45
N PRO A 270 -16.01 -26.48 -16.58
CA PRO A 270 -17.46 -26.60 -16.50
C PRO A 270 -18.07 -26.51 -15.08
N LEU A 271 -17.25 -26.51 -14.03
CA LEU A 271 -17.73 -26.35 -12.63
C LEU A 271 -17.89 -24.86 -12.32
N GLN A 272 -19.11 -24.34 -12.55
CA GLN A 272 -19.43 -22.88 -12.55
C GLN A 272 -19.58 -22.41 -11.10
N ASN A 273 -20.11 -23.26 -10.23
CA ASN A 273 -20.37 -22.94 -8.81
C ASN A 273 -19.20 -23.48 -7.98
N VAL A 274 -19.27 -23.28 -6.67
CA VAL A 274 -18.26 -23.75 -5.68
C VAL A 274 -18.46 -25.26 -5.52
N PRO A 275 -17.45 -26.08 -5.88
CA PRO A 275 -17.58 -27.53 -5.79
C PRO A 275 -17.45 -27.91 -4.30
N VAL A 276 -18.42 -28.67 -3.79
CA VAL A 276 -18.37 -29.20 -2.40
C VAL A 276 -18.40 -30.74 -2.49
N LEU A 277 -17.47 -31.35 -1.75
CA LEU A 277 -17.32 -32.82 -1.61
C LEU A 277 -17.56 -33.12 -0.14
N ARG A 278 -18.65 -33.82 0.17
CA ARG A 278 -19.04 -34.08 1.57
C ARG A 278 -18.87 -35.57 1.83
N ASN A 279 -18.35 -35.94 3.01
CA ASN A 279 -18.22 -37.37 3.40
C ASN A 279 -19.59 -37.85 3.86
N ILE A 280 -19.80 -39.15 3.90
CA ILE A 280 -21.08 -39.84 4.24
C ILE A 280 -21.53 -39.40 5.63
N PHE A 281 -20.60 -39.04 6.52
CA PHE A 281 -20.94 -38.63 7.91
C PHE A 281 -21.76 -37.36 7.82
N MET A 282 -21.26 -36.39 7.06
CA MET A 282 -21.90 -35.07 6.85
C MET A 282 -23.31 -35.29 6.29
N ASP A 283 -23.44 -36.05 5.20
CA ASP A 283 -24.74 -36.30 4.53
C ASP A 283 -25.65 -37.14 5.43
N ALA A 284 -25.14 -38.13 6.15
CA ALA A 284 -25.95 -38.95 7.07
C ALA A 284 -26.49 -38.05 8.19
N ALA A 285 -25.66 -37.19 8.74
CA ALA A 285 -26.02 -36.28 9.85
C ALA A 285 -27.12 -35.30 9.41
N ALA A 286 -27.20 -35.00 8.12
CA ALA A 286 -28.21 -34.08 7.54
C ALA A 286 -29.59 -34.75 7.52
N VAL A 287 -29.67 -36.08 7.55
CA VAL A 287 -30.97 -36.81 7.35
C VAL A 287 -31.24 -37.86 8.44
N SER A 288 -30.37 -38.06 9.41
CA SER A 288 -30.48 -39.21 10.35
C SER A 288 -29.75 -38.94 11.66
N LYS A 289 -30.16 -39.67 12.70
CA LYS A 289 -29.51 -39.68 14.04
C LYS A 289 -28.36 -40.69 14.01
N ARG A 290 -27.27 -40.43 14.73
CA ARG A 290 -26.14 -41.40 14.85
C ARG A 290 -26.66 -42.79 15.22
N THR A 291 -27.58 -42.89 16.19
CA THR A 291 -28.13 -44.15 16.75
C THR A 291 -28.90 -44.98 15.72
N GLU A 292 -29.31 -44.40 14.59
CA GLU A 292 -29.92 -45.16 13.48
C GLU A 292 -28.90 -46.17 12.93
N TRP A 293 -27.61 -45.87 13.06
CA TRP A 293 -26.52 -46.63 12.42
C TRP A 293 -25.72 -47.40 13.47
N PHE A 294 -25.48 -46.81 14.64
CA PHE A 294 -24.56 -47.36 15.68
C PHE A 294 -24.92 -46.75 17.04
N ASP A 295 -25.26 -47.58 18.02
CA ASP A 295 -25.59 -47.16 19.40
C ASP A 295 -24.43 -47.54 20.34
N GLY A 296 -23.36 -48.11 19.79
CA GLY A 296 -22.15 -48.46 20.56
C GLY A 296 -21.36 -47.23 20.98
N ASP A 297 -20.34 -47.44 21.82
CA ASP A 297 -19.35 -46.42 22.23
C ASP A 297 -18.23 -46.30 21.20
N GLY A 298 -17.62 -45.13 21.11
CA GLY A 298 -16.37 -44.95 20.35
C GLY A 298 -16.63 -44.84 18.85
N PRO A 299 -15.55 -44.81 18.03
CA PRO A 299 -15.66 -44.50 16.61
C PRO A 299 -16.61 -45.45 15.88
N MET A 300 -17.24 -44.96 14.80
CA MET A 300 -18.25 -45.73 14.05
C MET A 300 -17.54 -46.82 13.26
N PRO A 301 -17.94 -48.11 13.41
CA PRO A 301 -17.28 -49.21 12.70
C PRO A 301 -17.63 -49.24 11.20
N ALA A 302 -16.83 -49.95 10.42
CA ALA A 302 -16.96 -50.11 8.95
C ALA A 302 -18.37 -50.59 8.56
N GLU A 303 -18.91 -51.57 9.30
CA GLU A 303 -20.25 -52.16 8.98
C GLU A 303 -21.29 -51.04 9.03
N ALA A 304 -21.20 -50.18 10.04
CA ALA A 304 -22.18 -49.08 10.25
C ALA A 304 -22.09 -48.11 9.06
N ILE A 305 -20.88 -47.72 8.68
CA ILE A 305 -20.62 -46.79 7.54
C ILE A 305 -21.20 -47.41 6.26
N GLU A 306 -21.04 -48.72 6.06
CA GLU A 306 -21.56 -49.39 4.83
C GLU A 306 -23.10 -49.32 4.82
N ARG A 307 -23.72 -49.44 6.00
CA ARG A 307 -25.19 -49.39 6.17
C ARG A 307 -25.67 -47.99 5.80
N MET A 308 -24.96 -46.95 6.23
CA MET A 308 -25.28 -45.54 5.88
C MET A 308 -25.29 -45.42 4.35
N LYS A 309 -24.16 -45.78 3.72
CA LYS A 309 -23.97 -45.70 2.25
C LYS A 309 -25.09 -46.44 1.52
N LYS A 310 -25.38 -47.66 1.97
CA LYS A 310 -26.36 -48.54 1.32
C LYS A 310 -27.77 -47.97 1.46
N ASP A 311 -28.20 -47.70 2.70
CA ASP A 311 -29.58 -47.24 3.02
C ASP A 311 -29.82 -45.91 2.31
N LEU A 312 -28.87 -44.96 2.35
CA LEU A 312 -29.05 -43.60 1.75
C LEU A 312 -28.71 -43.63 0.26
N ASP A 313 -28.16 -44.73 -0.26
CA ASP A 313 -27.65 -44.84 -1.65
C ASP A 313 -26.67 -43.69 -1.88
N LEU A 314 -25.71 -43.49 -0.96
CA LEU A 314 -24.63 -42.47 -1.08
C LEU A 314 -23.26 -43.17 -1.05
N GLY A 315 -22.22 -42.46 -1.48
CA GLY A 315 -20.82 -42.95 -1.42
C GLY A 315 -20.19 -42.51 -0.11
N PHE A 316 -18.92 -42.81 0.10
CA PHE A 316 -18.14 -42.28 1.23
C PHE A 316 -17.87 -40.79 1.02
N TRP A 317 -17.60 -40.41 -0.25
CA TRP A 317 -17.49 -38.99 -0.69
C TRP A 317 -18.57 -38.71 -1.71
N ASN A 318 -19.30 -37.60 -1.50
CA ASN A 318 -20.45 -37.18 -2.34
C ASN A 318 -20.16 -35.77 -2.83
N PHE A 319 -20.07 -35.62 -4.14
CA PHE A 319 -19.78 -34.35 -4.82
C PHE A 319 -21.10 -33.68 -5.19
N TYR A 320 -21.23 -32.40 -4.85
CA TYR A 320 -22.43 -31.58 -5.17
C TYR A 320 -22.01 -30.34 -5.95
N GLY A 321 -22.65 -30.15 -7.10
CA GLY A 321 -22.40 -28.99 -7.97
C GLY A 321 -23.69 -28.55 -8.62
N THR A 322 -23.69 -27.32 -9.12
CA THR A 322 -24.81 -26.74 -9.88
C THR A 322 -24.26 -26.06 -11.13
N LEU A 323 -25.01 -26.19 -12.22
CA LEU A 323 -24.70 -25.57 -13.54
C LEU A 323 -25.80 -24.57 -13.84
N TYR A 324 -25.44 -23.50 -14.56
CA TYR A 324 -26.31 -22.35 -14.87
C TYR A 324 -26.20 -22.00 -16.35
N GLY A 325 -27.34 -21.66 -16.96
CA GLY A 325 -27.42 -21.03 -18.29
C GLY A 325 -28.47 -21.73 -19.15
N PRO A 326 -28.46 -21.48 -20.47
CA PRO A 326 -29.36 -22.20 -21.39
C PRO A 326 -29.20 -23.71 -21.23
N PRO A 327 -30.27 -24.53 -21.32
CA PRO A 327 -30.15 -25.97 -21.20
C PRO A 327 -29.09 -26.65 -22.06
N PRO A 328 -28.83 -26.22 -23.32
CA PRO A 328 -27.71 -26.76 -24.08
C PRO A 328 -26.35 -26.60 -23.36
N LEU A 329 -26.11 -25.45 -22.74
CA LEU A 329 -24.81 -25.15 -22.09
C LEU A 329 -24.67 -26.04 -20.84
N ILE A 330 -25.74 -26.13 -20.08
CA ILE A 330 -25.84 -27.02 -18.88
C ILE A 330 -25.52 -28.45 -19.32
N GLU A 331 -26.07 -28.89 -20.46
CA GLU A 331 -25.93 -30.30 -20.86
C GLU A 331 -24.49 -30.54 -21.31
N MET A 332 -23.91 -29.56 -22.01
CA MET A 332 -22.51 -29.64 -22.47
C MET A 332 -21.58 -29.78 -21.26
N TYR A 333 -21.74 -28.91 -20.27
CA TYR A 333 -20.91 -28.86 -19.04
C TYR A 333 -21.09 -30.16 -18.25
N TYR A 334 -22.33 -30.63 -18.14
CA TYR A 334 -22.65 -31.86 -17.38
C TYR A 334 -21.94 -33.03 -18.07
N GLY A 335 -21.94 -33.05 -19.41
CA GLY A 335 -21.28 -34.09 -20.21
C GLY A 335 -19.78 -34.14 -19.94
N MET A 336 -19.15 -32.99 -19.86
CA MET A 336 -17.70 -32.88 -19.56
C MET A 336 -17.45 -33.44 -18.16
N ILE A 337 -18.28 -33.02 -17.20
CA ILE A 337 -18.20 -33.41 -15.76
C ILE A 337 -18.34 -34.93 -15.65
N LYS A 338 -19.29 -35.52 -16.36
CA LYS A 338 -19.52 -36.99 -16.35
C LYS A 338 -18.30 -37.71 -16.93
N GLU A 339 -17.69 -37.19 -17.99
CA GLU A 339 -16.53 -37.83 -18.67
C GLU A 339 -15.31 -37.81 -17.74
N ALA A 340 -15.03 -36.67 -17.11
CA ALA A 340 -13.85 -36.45 -16.24
C ALA A 340 -13.95 -37.28 -14.95
N PHE A 341 -15.02 -37.14 -14.16
CA PHE A 341 -15.27 -37.90 -12.90
C PHE A 341 -15.64 -39.36 -13.20
N GLY A 342 -16.08 -39.64 -14.42
CA GLY A 342 -16.43 -41.00 -14.89
C GLY A 342 -15.22 -41.92 -14.90
N LYS A 343 -14.00 -41.38 -14.97
CA LYS A 343 -12.75 -42.17 -15.00
C LYS A 343 -12.44 -42.74 -13.61
N ILE A 344 -13.19 -42.35 -12.58
CA ILE A 344 -13.08 -42.96 -11.22
C ILE A 344 -14.04 -44.13 -11.18
N PRO A 345 -13.54 -45.37 -11.02
CA PRO A 345 -14.43 -46.52 -10.92
C PRO A 345 -15.38 -46.29 -9.75
N GLY A 346 -16.67 -46.62 -9.93
CA GLY A 346 -17.74 -46.58 -8.92
C GLY A 346 -18.44 -45.24 -8.81
N ALA A 347 -17.97 -44.23 -9.53
CA ALA A 347 -18.64 -42.91 -9.64
C ALA A 347 -20.04 -43.13 -10.21
N ARG A 348 -21.07 -42.63 -9.52
CA ARG A 348 -22.47 -42.64 -10.00
C ARG A 348 -23.00 -41.22 -9.98
N PHE A 349 -23.85 -40.87 -10.94
CA PHE A 349 -24.32 -39.49 -11.24
C PHE A 349 -25.83 -39.43 -11.05
N PHE A 350 -26.28 -38.32 -10.46
CA PHE A 350 -27.71 -38.02 -10.26
C PHE A 350 -27.94 -36.51 -10.39
N THR A 351 -28.93 -36.11 -11.20
CA THR A 351 -29.43 -34.72 -11.27
C THR A 351 -30.45 -34.55 -10.15
N HIS A 352 -30.83 -33.31 -9.83
CA HIS A 352 -31.81 -32.99 -8.76
C HIS A 352 -33.18 -33.62 -9.10
N GLU A 353 -33.48 -33.85 -10.38
CA GLU A 353 -34.76 -34.46 -10.84
C GLU A 353 -34.78 -35.97 -10.57
N GLU A 354 -33.64 -36.60 -10.25
CA GLU A 354 -33.48 -38.07 -10.31
C GLU A 354 -33.49 -38.70 -8.91
N ARG A 355 -33.60 -37.94 -7.83
CA ARG A 355 -33.50 -38.50 -6.45
C ARG A 355 -34.43 -37.80 -5.47
N ASP A 356 -35.55 -38.46 -5.16
CA ASP A 356 -36.60 -37.96 -4.23
C ASP A 356 -36.53 -38.77 -2.93
N ASP A 357 -35.50 -39.60 -2.75
CA ASP A 357 -35.34 -40.48 -1.56
C ASP A 357 -34.63 -39.67 -0.45
N ARG A 358 -34.54 -40.24 0.74
CA ARG A 358 -33.95 -39.57 1.92
C ARG A 358 -32.50 -39.17 1.60
N GLY A 359 -31.74 -40.06 0.98
CA GLY A 359 -30.34 -39.80 0.59
C GLY A 359 -30.23 -38.59 -0.31
N GLY A 360 -31.30 -38.29 -1.05
CA GLY A 360 -31.37 -37.17 -2.00
C GLY A 360 -31.62 -35.82 -1.32
N HIS A 361 -32.00 -35.77 -0.05
CA HIS A 361 -32.46 -34.52 0.62
C HIS A 361 -31.35 -33.47 0.62
N VAL A 362 -30.09 -33.89 0.77
CA VAL A 362 -28.93 -32.95 0.74
C VAL A 362 -28.82 -32.36 -0.67
N LEU A 363 -28.87 -33.19 -1.72
CA LEU A 363 -28.85 -32.70 -3.12
C LEU A 363 -29.94 -31.65 -3.30
N GLN A 364 -31.16 -31.91 -2.78
CA GLN A 364 -32.32 -30.99 -2.93
C GLN A 364 -31.99 -29.68 -2.21
N ASP A 365 -31.27 -29.74 -1.10
CA ASP A 365 -30.90 -28.53 -0.31
C ASP A 365 -29.83 -27.75 -1.06
N ARG A 366 -28.87 -28.46 -1.66
CA ARG A 366 -27.80 -27.81 -2.46
C ARG A 366 -28.43 -27.11 -3.65
N HIS A 367 -29.42 -27.76 -4.28
CA HIS A 367 -30.17 -27.18 -5.42
C HIS A 367 -30.81 -25.85 -5.01
N LYS A 368 -31.23 -25.71 -3.75
CA LYS A 368 -31.81 -24.43 -3.23
C LYS A 368 -30.68 -23.43 -2.99
N ILE A 369 -29.77 -23.76 -2.08
CA ILE A 369 -28.64 -22.89 -1.66
C ILE A 369 -27.85 -22.45 -2.90
N ASN A 370 -27.56 -23.37 -3.83
CA ASN A 370 -26.71 -23.08 -5.01
C ASN A 370 -27.46 -22.15 -5.94
N ASN A 371 -28.78 -22.02 -5.78
CA ASN A 371 -29.66 -21.13 -6.60
C ASN A 371 -30.07 -19.88 -5.82
N GLY A 372 -29.39 -19.59 -4.71
CA GLY A 372 -29.63 -18.42 -3.86
C GLY A 372 -31.00 -18.43 -3.18
N ILE A 373 -31.54 -19.63 -2.92
CA ILE A 373 -32.79 -19.84 -2.14
C ILE A 373 -32.40 -20.25 -0.72
N PRO A 374 -32.49 -19.34 0.28
CA PRO A 374 -31.97 -19.64 1.61
C PRO A 374 -32.76 -20.80 2.23
N SER A 375 -32.10 -21.58 3.10
CA SER A 375 -32.66 -22.80 3.73
C SER A 375 -32.23 -22.85 5.20
N LEU A 376 -32.92 -23.66 6.00
CA LEU A 376 -32.46 -24.07 7.34
C LEU A 376 -32.48 -25.60 7.48
N ASP A 377 -32.64 -26.36 6.38
CA ASP A 377 -32.69 -27.84 6.40
C ASP A 377 -31.44 -28.41 7.07
N GLU A 378 -30.31 -27.73 6.90
CA GLU A 378 -28.97 -28.20 7.31
C GLU A 378 -28.82 -28.06 8.84
N LEU A 379 -29.78 -27.44 9.53
CA LEU A 379 -29.88 -27.47 11.02
C LEU A 379 -30.10 -28.90 11.48
N GLN A 380 -30.67 -29.74 10.63
CA GLN A 380 -30.92 -31.15 10.99
C GLN A 380 -29.59 -31.82 11.36
N LEU A 381 -28.47 -31.34 10.83
CA LEU A 381 -27.13 -31.83 11.25
C LEU A 381 -27.07 -32.01 12.78
N LEU A 382 -27.62 -31.06 13.55
CA LEU A 382 -27.42 -30.97 15.04
C LEU A 382 -28.27 -32.01 15.77
N ASP A 383 -29.07 -32.82 15.08
CA ASP A 383 -29.85 -33.93 15.67
C ASP A 383 -29.11 -35.26 15.50
N TRP A 384 -27.85 -35.20 15.05
CA TRP A 384 -26.94 -36.37 14.93
C TRP A 384 -26.81 -37.03 16.30
N VAL A 385 -26.62 -36.21 17.34
CA VAL A 385 -26.55 -36.61 18.77
C VAL A 385 -27.47 -35.69 19.56
N PRO A 386 -27.90 -36.06 20.78
CA PRO A 386 -28.74 -35.18 21.61
C PRO A 386 -28.05 -33.86 21.97
N ASN A 387 -28.80 -32.76 21.90
CA ASN A 387 -28.35 -31.42 22.36
C ASN A 387 -27.17 -30.98 21.49
N GLY A 388 -27.23 -31.35 20.21
CA GLY A 388 -26.10 -31.22 19.27
C GLY A 388 -25.72 -29.77 19.04
N GLY A 389 -24.44 -29.47 19.17
CA GLY A 389 -23.83 -28.24 18.69
C GLY A 389 -22.70 -28.60 17.74
N HIS A 390 -22.04 -27.60 17.16
CA HIS A 390 -20.86 -27.87 16.31
C HIS A 390 -19.83 -26.76 16.52
N ILE A 391 -18.57 -27.11 16.29
CA ILE A 391 -17.49 -26.13 16.08
C ILE A 391 -16.97 -26.32 14.65
N GLY A 392 -16.66 -25.21 14.00
CA GLY A 392 -16.04 -25.18 12.68
C GLY A 392 -14.53 -25.26 12.81
N PHE A 393 -13.94 -26.26 12.17
CA PHE A 393 -12.48 -26.34 11.96
C PHE A 393 -12.22 -26.41 10.47
N VAL A 394 -11.59 -25.37 9.90
CA VAL A 394 -11.46 -25.18 8.42
C VAL A 394 -10.05 -24.73 8.04
N PRO A 395 -9.07 -25.67 7.94
CA PRO A 395 -7.78 -25.32 7.37
C PRO A 395 -7.83 -25.12 5.85
N VAL A 396 -6.90 -24.28 5.37
CA VAL A 396 -6.74 -23.94 3.93
C VAL A 396 -5.52 -24.67 3.38
N SER A 397 -5.73 -25.31 2.27
CA SER A 397 -4.88 -26.36 1.68
C SER A 397 -4.69 -26.00 0.20
N ALA A 398 -3.65 -26.51 -0.46
CA ALA A 398 -3.56 -26.53 -1.94
C ALA A 398 -4.51 -27.60 -2.45
N PRO A 399 -5.23 -27.35 -3.56
CA PRO A 399 -6.19 -28.32 -4.10
C PRO A 399 -5.49 -29.49 -4.83
N ASP A 400 -4.78 -30.34 -4.07
CA ASP A 400 -4.11 -31.57 -4.54
C ASP A 400 -4.69 -32.78 -3.80
N GLY A 401 -4.90 -33.87 -4.53
CA GLY A 401 -5.47 -35.14 -4.02
C GLY A 401 -4.68 -35.71 -2.86
N ARG A 402 -3.35 -35.74 -2.95
CA ARG A 402 -2.52 -36.33 -1.88
C ARG A 402 -2.56 -35.42 -0.65
N GLU A 403 -2.58 -34.10 -0.88
CA GLU A 403 -2.67 -33.07 0.19
C GLU A 403 -4.02 -33.19 0.94
N ALA A 404 -5.12 -33.46 0.21
CA ALA A 404 -6.45 -33.74 0.80
C ALA A 404 -6.37 -35.02 1.61
N MET A 405 -5.74 -36.06 1.03
CA MET A 405 -5.62 -37.42 1.65
C MET A 405 -4.91 -37.32 3.00
N LYS A 406 -3.83 -36.54 3.06
CA LYS A 406 -3.01 -36.37 4.29
C LYS A 406 -3.88 -35.69 5.36
N GLN A 407 -4.66 -34.68 4.97
CA GLN A 407 -5.54 -33.91 5.88
C GLN A 407 -6.68 -34.78 6.36
N PHE A 408 -7.30 -35.53 5.45
CA PHE A 408 -8.33 -36.54 5.77
C PHE A 408 -7.84 -37.43 6.92
N GLU A 409 -6.70 -38.11 6.74
CA GLU A 409 -6.09 -39.05 7.73
C GLU A 409 -5.80 -38.33 9.05
N MET A 410 -4.98 -37.29 8.97
CA MET A 410 -4.51 -36.44 10.10
C MET A 410 -5.68 -36.03 11.01
N VAL A 411 -6.81 -35.59 10.45
CA VAL A 411 -7.95 -35.04 11.23
C VAL A 411 -8.83 -36.20 11.72
N ARG A 412 -9.13 -37.21 10.89
CA ARG A 412 -9.99 -38.35 11.30
C ARG A 412 -9.35 -39.09 12.48
N ASN A 413 -8.01 -39.18 12.44
CA ASN A 413 -7.15 -39.85 13.43
C ASN A 413 -7.31 -39.16 14.79
N ARG A 414 -7.09 -37.85 14.86
CA ARG A 414 -7.33 -37.03 16.08
C ARG A 414 -8.81 -37.07 16.46
N ALA A 415 -9.72 -36.98 15.50
CA ALA A 415 -11.16 -37.00 15.82
C ALA A 415 -11.43 -38.26 16.64
N ASN A 416 -10.98 -39.42 16.14
CA ASN A 416 -11.19 -40.77 16.75
C ASN A 416 -10.70 -40.73 18.20
N GLU A 417 -9.50 -40.17 18.42
CA GLU A 417 -8.80 -40.13 19.73
C GLU A 417 -9.63 -39.37 20.77
N TYR A 418 -10.35 -38.32 20.37
CA TYR A 418 -11.20 -37.48 21.28
C TYR A 418 -12.68 -37.86 21.15
N ASN A 419 -12.99 -39.01 20.54
CA ASN A 419 -14.35 -39.59 20.45
C ASN A 419 -15.33 -38.58 19.85
N LYS A 420 -14.93 -37.94 18.75
CA LYS A 420 -15.79 -37.08 17.91
C LYS A 420 -15.79 -37.65 16.50
N ASP A 421 -16.96 -37.76 15.88
CA ASP A 421 -17.11 -38.21 14.48
C ASP A 421 -16.46 -37.17 13.57
N TYR A 422 -16.04 -37.62 12.39
CA TYR A 422 -15.37 -36.83 11.33
C TYR A 422 -16.43 -36.42 10.29
N MET A 423 -17.16 -35.32 10.54
CA MET A 423 -18.02 -34.64 9.53
C MET A 423 -17.15 -33.66 8.78
N ALA A 424 -16.82 -33.96 7.52
CA ALA A 424 -15.88 -33.16 6.72
C ALA A 424 -16.40 -33.00 5.29
N SER A 425 -16.17 -31.80 4.76
CA SER A 425 -16.30 -31.42 3.34
C SER A 425 -14.95 -30.87 2.85
N PHE A 426 -14.58 -31.25 1.64
CA PHE A 426 -13.52 -30.59 0.86
C PHE A 426 -14.20 -29.69 -0.16
N ILE A 427 -13.91 -28.40 -0.05
CA ILE A 427 -14.49 -27.32 -0.90
C ILE A 427 -13.30 -26.62 -1.55
N ILE A 428 -13.51 -26.15 -2.78
CA ILE A 428 -12.47 -25.46 -3.59
C ILE A 428 -13.07 -24.15 -4.08
N GLY A 429 -12.39 -23.04 -3.85
CA GLY A 429 -12.59 -21.79 -4.61
C GLY A 429 -12.00 -21.95 -6.00
N LEU A 430 -11.14 -21.04 -6.45
CA LEU A 430 -10.44 -21.23 -7.74
C LEU A 430 -9.21 -22.10 -7.52
N ARG A 431 -8.31 -21.70 -6.62
CA ARG A 431 -6.93 -22.25 -6.49
C ARG A 431 -6.62 -22.68 -5.05
N GLU A 432 -7.58 -22.58 -4.14
CA GLU A 432 -7.38 -22.97 -2.72
C GLU A 432 -8.38 -24.07 -2.39
N MET A 433 -8.05 -24.86 -1.36
CA MET A 433 -8.92 -25.94 -0.83
C MET A 433 -9.22 -25.65 0.64
N TYR A 434 -10.47 -25.86 1.04
CA TYR A 434 -10.93 -25.73 2.45
C TYR A 434 -11.31 -27.12 2.92
N HIS A 435 -10.74 -27.53 4.04
CA HIS A 435 -11.12 -28.78 4.76
C HIS A 435 -12.12 -28.33 5.82
N VAL A 436 -13.41 -28.38 5.48
CA VAL A 436 -14.48 -27.87 6.36
C VAL A 436 -14.89 -29.02 7.26
N CYS A 437 -14.44 -28.98 8.51
CA CYS A 437 -14.74 -30.01 9.53
C CYS A 437 -15.73 -29.43 10.56
N LEU A 438 -16.92 -30.01 10.65
CA LEU A 438 -17.94 -29.70 11.69
C LEU A 438 -17.96 -30.84 12.71
N PHE A 439 -17.42 -30.62 13.91
CA PHE A 439 -17.48 -31.63 14.99
C PHE A 439 -18.79 -31.43 15.75
N ILE A 440 -19.66 -32.42 15.69
CA ILE A 440 -20.98 -32.42 16.35
C ILE A 440 -20.85 -33.18 17.67
N TYR A 441 -21.31 -32.55 18.76
CA TYR A 441 -21.16 -33.05 20.15
C TYR A 441 -22.38 -32.65 20.96
N ASP A 442 -22.52 -33.26 22.14
CA ASP A 442 -23.59 -32.95 23.11
C ASP A 442 -23.20 -31.69 23.90
N THR A 443 -23.88 -30.56 23.70
CA THR A 443 -23.52 -29.27 24.32
C THR A 443 -23.76 -29.31 25.84
N ALA A 444 -24.56 -30.28 26.31
CA ALA A 444 -24.97 -30.41 27.72
C ALA A 444 -23.87 -31.11 28.52
N ASP A 445 -22.96 -31.80 27.82
CA ASP A 445 -21.92 -32.68 28.42
C ASP A 445 -20.63 -31.89 28.58
N PRO A 446 -20.24 -31.50 29.82
CA PRO A 446 -19.02 -30.71 30.01
C PRO A 446 -17.78 -31.43 29.44
N GLU A 447 -17.79 -32.76 29.47
CA GLU A 447 -16.61 -33.58 29.06
C GLU A 447 -16.50 -33.48 27.54
N ALA A 448 -17.63 -33.64 26.83
CA ALA A 448 -17.71 -33.46 25.37
C ALA A 448 -17.25 -32.04 25.01
N ARG A 449 -17.67 -31.04 25.76
CA ARG A 449 -17.26 -29.64 25.48
C ARG A 449 -15.74 -29.53 25.60
N GLU A 450 -15.14 -30.11 26.65
CA GLU A 450 -13.68 -30.00 26.93
C GLU A 450 -12.92 -30.76 25.84
N GLU A 451 -13.34 -31.99 25.56
CA GLU A 451 -12.82 -32.83 24.45
C GLU A 451 -12.71 -31.99 23.17
N ILE A 452 -13.79 -31.26 22.83
CA ILE A 452 -13.85 -30.37 21.64
C ILE A 452 -12.74 -29.31 21.77
N LEU A 453 -12.66 -28.63 22.91
CA LEU A 453 -11.68 -27.52 23.05
C LEU A 453 -10.26 -28.09 22.90
N GLN A 454 -9.98 -29.24 23.53
CA GLN A 454 -8.60 -29.81 23.55
C GLN A 454 -8.28 -30.41 22.17
N MET A 455 -9.23 -31.09 21.57
CA MET A 455 -9.08 -31.69 20.23
C MET A 455 -8.75 -30.61 19.19
N THR A 456 -9.51 -29.51 19.15
CA THR A 456 -9.35 -28.47 18.11
C THR A 456 -8.05 -27.71 18.34
N LYS A 457 -7.63 -27.50 19.61
CA LYS A 457 -6.30 -26.93 19.94
C LYS A 457 -5.19 -27.77 19.31
N VAL A 458 -5.29 -29.10 19.45
CA VAL A 458 -4.36 -30.09 18.82
C VAL A 458 -4.48 -29.97 17.29
N LEU A 459 -5.70 -29.96 16.75
CA LEU A 459 -5.93 -29.97 15.28
C LEU A 459 -5.34 -28.70 14.65
N VAL A 460 -5.45 -27.56 15.34
CA VAL A 460 -4.89 -26.26 14.87
C VAL A 460 -3.38 -26.38 14.77
N ARG A 461 -2.75 -26.86 15.85
CA ARG A 461 -1.27 -26.92 15.98
C ARG A 461 -0.69 -27.88 14.95
N GLU A 462 -1.28 -29.09 14.82
CA GLU A 462 -0.85 -30.15 13.88
C GLU A 462 -1.03 -29.66 12.42
N ALA A 463 -2.16 -29.03 12.12
CA ALA A 463 -2.45 -28.48 10.78
C ALA A 463 -1.37 -27.44 10.43
N ALA A 464 -1.00 -26.58 11.39
CA ALA A 464 0.01 -25.51 11.20
C ALA A 464 1.41 -26.12 11.02
N GLU A 465 1.68 -27.23 11.73
CA GLU A 465 2.96 -27.97 11.62
C GLU A 465 3.09 -28.56 10.21
N ALA A 466 1.97 -28.86 9.55
CA ALA A 466 1.93 -29.41 8.17
C ALA A 466 1.79 -28.29 7.14
N GLY A 467 1.86 -27.01 7.56
CA GLY A 467 1.77 -25.84 6.68
C GLY A 467 0.35 -25.47 6.27
N TYR A 468 -0.65 -25.80 7.08
CA TYR A 468 -2.08 -25.47 6.83
C TYR A 468 -2.55 -24.41 7.83
N GLY A 469 -2.98 -23.25 7.35
CA GLY A 469 -3.60 -22.19 8.18
C GLY A 469 -5.12 -22.27 8.14
N GLU A 470 -5.79 -21.88 9.22
CA GLU A 470 -7.28 -21.80 9.26
C GLU A 470 -7.71 -20.49 8.59
N TYR A 471 -8.79 -20.54 7.83
CA TYR A 471 -9.36 -19.33 7.17
C TYR A 471 -10.23 -18.58 8.16
N ARG A 472 -10.72 -19.28 9.20
CA ARG A 472 -11.73 -18.78 10.15
C ARG A 472 -11.80 -19.71 11.35
N THR A 473 -12.06 -19.19 12.54
CA THR A 473 -12.07 -20.03 13.75
C THR A 473 -13.00 -19.47 14.84
N HIS A 474 -13.18 -20.27 15.88
CA HIS A 474 -14.01 -19.99 17.07
C HIS A 474 -13.26 -19.06 18.02
N ASN A 475 -14.02 -18.33 18.85
CA ASN A 475 -13.54 -17.49 19.97
C ASN A 475 -12.42 -18.20 20.75
N ALA A 476 -12.62 -19.48 21.07
CA ALA A 476 -11.72 -20.30 21.90
C ALA A 476 -10.34 -20.46 21.24
N LEU A 477 -10.22 -20.27 19.92
CA LEU A 477 -9.02 -20.67 19.13
C LEU A 477 -8.35 -19.47 18.45
N MET A 478 -8.88 -18.27 18.59
CA MET A 478 -8.39 -17.09 17.82
C MET A 478 -6.95 -16.78 18.19
N ASP A 479 -6.58 -16.92 19.46
CA ASP A 479 -5.18 -16.64 19.89
C ASP A 479 -4.27 -17.71 19.30
N ASP A 480 -4.65 -18.98 19.45
CA ASP A 480 -3.87 -20.15 18.97
C ASP A 480 -3.67 -20.03 17.46
N VAL A 481 -4.74 -19.73 16.71
CA VAL A 481 -4.68 -19.61 15.23
C VAL A 481 -3.80 -18.43 14.86
N MET A 482 -4.05 -17.23 15.41
CA MET A 482 -3.23 -16.05 15.03
C MET A 482 -1.74 -16.35 15.30
N ALA A 483 -1.44 -17.12 16.34
CA ALA A 483 -0.06 -17.49 16.75
C ALA A 483 0.64 -18.27 15.60
N THR A 484 -0.09 -19.03 14.80
CA THR A 484 0.46 -19.86 13.71
C THR A 484 0.96 -18.98 12.55
N PHE A 485 0.45 -17.76 12.39
CA PHE A 485 0.78 -16.83 11.27
C PHE A 485 1.95 -15.96 11.72
N ASN A 486 2.99 -16.60 12.24
CA ASN A 486 4.12 -15.95 12.96
C ASN A 486 5.35 -15.82 12.06
N TRP A 487 5.21 -15.83 10.74
CA TRP A 487 6.34 -15.55 9.80
C TRP A 487 6.97 -14.22 10.19
N GLY A 488 8.31 -14.15 10.16
CA GLY A 488 9.08 -12.93 10.41
C GLY A 488 8.95 -12.47 11.85
N ASP A 489 8.87 -13.42 12.79
CA ASP A 489 8.71 -13.15 14.24
C ASP A 489 7.35 -12.49 14.51
N GLY A 490 6.26 -13.12 14.07
CA GLY A 490 4.89 -12.55 14.18
C GLY A 490 4.83 -11.10 13.71
N ALA A 491 5.36 -10.83 12.52
CA ALA A 491 5.31 -9.52 11.81
C ALA A 491 3.84 -9.15 11.49
N LEU A 492 3.02 -10.13 11.08
CA LEU A 492 1.60 -9.87 10.73
C LEU A 492 0.87 -9.33 11.97
N LEU A 493 0.95 -10.04 13.10
CA LEU A 493 0.22 -9.66 14.34
C LEU A 493 0.71 -8.29 14.82
N LYS A 494 2.01 -8.00 14.70
CA LYS A 494 2.62 -6.71 15.13
C LYS A 494 2.06 -5.56 14.27
N PHE A 495 1.91 -5.82 12.98
CA PHE A 495 1.33 -4.89 11.99
C PHE A 495 -0.11 -4.56 12.41
N HIS A 496 -0.93 -5.59 12.69
CA HIS A 496 -2.36 -5.48 13.06
C HIS A 496 -2.52 -4.73 14.39
N GLU A 497 -1.72 -5.10 15.40
CA GLU A 497 -1.70 -4.48 16.74
C GLU A 497 -1.42 -2.98 16.60
N LYS A 498 -0.42 -2.66 15.81
CA LYS A 498 0.07 -1.29 15.60
C LYS A 498 -1.08 -0.43 15.06
N ILE A 499 -1.81 -0.94 14.07
CA ILE A 499 -3.00 -0.28 13.46
C ILE A 499 -4.14 -0.24 14.49
N LYS A 500 -4.42 -1.38 15.14
CA LYS A 500 -5.44 -1.47 16.21
C LYS A 500 -5.21 -0.37 17.25
N ASP A 501 -3.98 -0.11 17.66
CA ASP A 501 -3.70 0.86 18.75
C ASP A 501 -3.87 2.28 18.23
N ALA A 502 -3.56 2.51 16.94
CA ALA A 502 -3.66 3.83 16.28
C ALA A 502 -5.14 4.25 16.16
N LEU A 503 -6.03 3.31 15.81
CA LEU A 503 -7.47 3.61 15.58
C LEU A 503 -8.29 3.45 16.87
N ASP A 504 -7.81 2.64 17.82
CA ASP A 504 -8.55 2.31 19.05
C ASP A 504 -7.63 2.55 20.25
N PRO A 505 -7.22 3.81 20.50
CA PRO A 505 -6.29 4.11 21.59
C PRO A 505 -6.78 3.61 22.97
N ASN A 506 -8.09 3.56 23.20
CA ASN A 506 -8.70 3.12 24.48
C ASN A 506 -9.03 1.62 24.46
N GLY A 507 -8.72 0.90 23.37
CA GLY A 507 -8.92 -0.55 23.27
C GLY A 507 -10.36 -0.95 23.56
N ILE A 508 -11.30 -0.45 22.76
CA ILE A 508 -12.76 -0.62 22.98
C ILE A 508 -13.34 -1.76 22.13
N ILE A 509 -12.97 -1.87 20.85
CA ILE A 509 -13.73 -2.68 19.87
C ILE A 509 -13.21 -4.12 19.90
N ALA A 510 -14.13 -5.06 20.12
CA ALA A 510 -13.94 -6.54 20.18
C ALA A 510 -12.49 -6.90 20.45
N PRO A 511 -11.95 -6.59 21.64
CA PRO A 511 -10.57 -6.93 21.95
C PRO A 511 -10.45 -8.44 21.79
N GLY A 512 -9.41 -8.89 21.08
CA GLY A 512 -9.02 -10.30 20.95
C GLY A 512 -9.59 -10.98 19.73
N LYS A 513 -10.51 -10.32 19.02
CA LYS A 513 -11.02 -10.78 17.71
C LYS A 513 -9.80 -11.08 16.83
N SER A 514 -9.77 -12.28 16.26
CA SER A 514 -8.66 -12.75 15.37
C SER A 514 -7.31 -12.65 16.10
N GLY A 515 -7.30 -12.76 17.44
CA GLY A 515 -6.08 -12.73 18.27
C GLY A 515 -5.44 -11.35 18.35
N ILE A 516 -6.19 -10.29 18.00
CA ILE A 516 -5.65 -8.90 17.99
C ILE A 516 -6.16 -8.17 19.23
N TRP A 517 -5.28 -7.98 20.21
CA TRP A 517 -5.59 -7.33 21.51
C TRP A 517 -5.01 -5.93 21.47
N PRO A 518 -5.77 -4.89 21.88
CA PRO A 518 -5.22 -3.55 22.00
C PRO A 518 -4.26 -3.51 23.20
N GLN A 519 -3.42 -2.48 23.26
CA GLN A 519 -2.31 -2.40 24.22
C GLN A 519 -2.76 -2.75 25.65
N ARG A 520 -3.86 -2.16 26.13
CA ARG A 520 -4.21 -2.20 27.56
C ARG A 520 -4.49 -3.63 28.01
N PHE A 521 -4.65 -4.59 27.09
CA PHE A 521 -5.00 -5.99 27.41
C PHE A 521 -3.84 -6.95 27.12
N ARG A 522 -2.78 -6.49 26.47
CA ARG A 522 -1.74 -7.41 25.93
C ARG A 522 -0.90 -8.00 27.07
N GLY A 523 -0.90 -9.34 27.19
CA GLY A 523 -0.13 -10.12 28.17
C GLY A 523 -0.96 -10.62 29.36
N GLN A 524 -2.29 -10.42 29.36
CA GLN A 524 -3.14 -10.56 30.58
C GLN A 524 -3.93 -11.87 30.58
N ASN A 525 -3.75 -12.74 29.57
CA ASN A 525 -4.43 -14.06 29.50
C ASN A 525 -5.93 -13.85 29.76
N LEU A 526 -6.58 -13.04 28.91
CA LEU A 526 -7.98 -12.55 29.06
C LEU A 526 -8.02 -11.39 30.05
N THR B 2 -64.16 0.03 -30.92
CA THR B 2 -62.84 0.16 -31.61
C THR B 2 -61.70 0.01 -30.60
N ARG B 3 -60.48 0.24 -31.07
CA ARG B 3 -59.23 0.26 -30.26
C ARG B 3 -58.97 1.72 -29.89
N THR B 4 -58.71 2.01 -28.61
CA THR B 4 -58.43 3.38 -28.09
C THR B 4 -57.00 3.79 -28.48
N LEU B 5 -56.87 4.87 -29.26
CA LEU B 5 -55.55 5.40 -29.71
C LEU B 5 -55.36 6.81 -29.18
N PRO B 6 -54.10 7.20 -28.89
CA PRO B 6 -53.77 8.60 -28.60
C PRO B 6 -54.27 9.50 -29.74
N PRO B 7 -54.71 10.74 -29.46
CA PRO B 7 -55.16 11.66 -30.50
C PRO B 7 -54.06 11.85 -31.55
N GLY B 8 -54.43 11.72 -32.83
CA GLY B 8 -53.56 12.01 -34.00
C GLY B 8 -52.48 10.98 -34.19
N VAL B 9 -52.62 9.79 -33.61
CA VAL B 9 -51.58 8.72 -33.65
C VAL B 9 -52.21 7.46 -34.27
N SER B 10 -51.59 6.93 -35.32
CA SER B 10 -52.09 5.79 -36.13
C SER B 10 -51.87 4.48 -35.38
N ASP B 11 -52.56 3.42 -35.79
CA ASP B 11 -52.41 2.03 -35.27
C ASP B 11 -50.93 1.66 -35.25
N GLU B 12 -50.19 1.96 -36.32
CA GLU B 12 -48.85 1.37 -36.53
C GLU B 12 -47.79 2.29 -35.88
N ARG B 13 -48.09 3.57 -35.68
CA ARG B 13 -47.21 4.48 -34.87
C ARG B 13 -47.27 4.06 -33.39
N PHE B 14 -48.47 3.76 -32.90
CA PHE B 14 -48.74 3.37 -31.49
C PHE B 14 -48.14 2.01 -31.20
N ASP B 15 -48.27 1.06 -32.14
CA ASP B 15 -47.64 -0.29 -32.02
C ASP B 15 -46.13 -0.13 -31.87
N ALA B 16 -45.51 0.79 -32.62
CA ALA B 16 -44.06 1.12 -32.55
C ALA B 16 -43.73 1.64 -31.15
N ALA B 17 -44.52 2.61 -30.67
CA ALA B 17 -44.34 3.27 -29.36
C ALA B 17 -44.54 2.24 -28.24
N LEU B 18 -45.58 1.42 -28.31
CA LEU B 18 -45.81 0.33 -27.33
C LEU B 18 -44.54 -0.53 -27.23
N GLN B 19 -43.97 -0.93 -28.36
CA GLN B 19 -42.76 -1.78 -28.38
C GLN B 19 -41.61 -1.04 -27.69
N ARG B 20 -41.39 0.24 -28.01
CA ARG B 20 -40.33 1.08 -27.37
C ARG B 20 -40.55 1.08 -25.84
N PHE B 21 -41.81 1.24 -25.40
CA PHE B 21 -42.19 1.16 -23.97
C PHE B 21 -41.74 -0.19 -23.42
N ARG B 22 -42.06 -1.29 -24.12
CA ARG B 22 -41.67 -2.66 -23.72
C ARG B 22 -40.14 -2.76 -23.63
N ASP B 23 -39.41 -2.09 -24.51
CA ASP B 23 -37.92 -2.14 -24.52
C ASP B 23 -37.42 -1.59 -23.18
N VAL B 24 -38.14 -0.64 -22.60
CA VAL B 24 -37.68 0.13 -21.40
C VAL B 24 -38.03 -0.66 -20.12
N VAL B 25 -39.27 -1.12 -20.01
CA VAL B 25 -39.85 -1.67 -18.75
C VAL B 25 -40.07 -3.19 -18.84
N GLY B 26 -40.05 -3.80 -20.03
CA GLY B 26 -40.28 -5.24 -20.18
C GLY B 26 -41.70 -5.54 -20.63
N ASP B 27 -41.93 -6.65 -21.34
CA ASP B 27 -43.20 -6.84 -22.09
C ASP B 27 -44.35 -7.02 -21.09
N LYS B 28 -44.07 -7.56 -19.90
CA LYS B 28 -45.09 -7.81 -18.84
C LYS B 28 -45.76 -6.51 -18.39
N TRP B 29 -45.01 -5.42 -18.45
CA TRP B 29 -45.33 -4.15 -17.77
C TRP B 29 -45.89 -3.12 -18.76
N VAL B 30 -46.38 -3.58 -19.90
CA VAL B 30 -47.15 -2.76 -20.88
C VAL B 30 -48.45 -3.50 -21.17
N LEU B 31 -49.58 -2.90 -20.79
CA LEU B 31 -50.95 -3.42 -21.02
C LEU B 31 -51.61 -2.60 -22.14
N SER B 32 -52.18 -3.26 -23.14
CA SER B 32 -52.82 -2.57 -24.30
C SER B 32 -54.01 -3.35 -24.88
N THR B 33 -54.44 -4.48 -24.29
CA THR B 33 -55.68 -5.18 -24.73
C THR B 33 -56.86 -4.58 -23.97
N ALA B 34 -58.05 -4.56 -24.59
CA ALA B 34 -59.31 -4.08 -24.00
C ALA B 34 -59.53 -4.75 -22.63
N ASP B 35 -59.27 -6.05 -22.55
CA ASP B 35 -59.44 -6.84 -21.30
C ASP B 35 -58.51 -6.30 -20.22
N GLU B 36 -57.23 -6.12 -20.55
CA GLU B 36 -56.18 -5.64 -19.61
C GLU B 36 -56.56 -4.25 -19.07
N LEU B 37 -57.18 -3.41 -19.92
CA LEU B 37 -57.39 -1.96 -19.67
C LEU B 37 -58.65 -1.71 -18.86
N GLU B 38 -59.56 -2.68 -18.87
CA GLU B 38 -60.92 -2.51 -18.29
C GLU B 38 -60.77 -2.19 -16.78
N ALA B 39 -59.78 -2.79 -16.10
CA ALA B 39 -59.50 -2.57 -14.66
C ALA B 39 -59.04 -1.13 -14.40
N PHE B 40 -58.62 -0.37 -15.42
CA PHE B 40 -58.07 1.00 -15.30
C PHE B 40 -59.09 2.05 -15.76
N ARG B 41 -60.30 1.62 -16.09
CA ARG B 41 -61.45 2.54 -16.31
C ARG B 41 -61.85 3.15 -14.95
N ASP B 42 -62.31 4.39 -14.95
CA ASP B 42 -62.95 5.03 -13.76
C ASP B 42 -63.91 4.00 -13.16
N PRO B 43 -63.66 3.52 -11.93
CA PRO B 43 -64.57 2.55 -11.31
C PRO B 43 -65.92 3.19 -10.95
N TYR B 44 -65.95 4.51 -10.80
CA TYR B 44 -67.17 5.30 -10.56
C TYR B 44 -67.41 6.22 -11.75
N PRO B 45 -67.85 5.66 -12.91
CA PRO B 45 -67.99 6.42 -14.14
C PRO B 45 -69.04 7.53 -14.01
N VAL B 46 -68.75 8.68 -14.59
CA VAL B 46 -69.60 9.91 -14.54
C VAL B 46 -70.03 10.21 -15.98
N GLY B 47 -71.34 10.40 -16.22
CA GLY B 47 -71.91 10.60 -17.56
C GLY B 47 -72.24 9.28 -18.23
N ALA B 48 -73.28 9.26 -19.07
CA ALA B 48 -73.74 8.07 -19.81
C ALA B 48 -72.67 7.63 -20.80
N ALA B 49 -72.08 8.58 -21.51
CA ALA B 49 -71.12 8.34 -22.61
C ALA B 49 -69.81 7.80 -22.06
N GLU B 50 -69.18 6.88 -22.80
CA GLU B 50 -67.73 6.54 -22.74
C GLU B 50 -66.92 7.81 -22.56
N ALA B 51 -66.02 7.82 -21.58
CA ALA B 51 -65.06 8.93 -21.38
C ALA B 51 -63.82 8.39 -20.67
N ASN B 52 -62.74 9.17 -20.71
CA ASN B 52 -61.50 8.92 -19.92
C ASN B 52 -61.01 7.51 -20.25
N LEU B 53 -60.83 7.22 -21.54
CA LEU B 53 -60.35 5.91 -22.03
C LEU B 53 -58.83 5.93 -22.08
N PRO B 54 -58.16 5.02 -21.36
CA PRO B 54 -56.72 4.79 -21.54
C PRO B 54 -56.43 3.98 -22.81
N SER B 55 -55.31 4.25 -23.48
CA SER B 55 -54.84 3.50 -24.67
C SER B 55 -53.90 2.39 -24.24
N ALA B 56 -53.19 2.59 -23.11
CA ALA B 56 -52.22 1.63 -22.54
C ALA B 56 -51.91 1.95 -21.08
N VAL B 57 -51.33 0.98 -20.38
CA VAL B 57 -50.72 1.16 -19.02
C VAL B 57 -49.27 0.71 -19.09
N VAL B 58 -48.33 1.60 -18.80
CA VAL B 58 -46.88 1.29 -18.67
C VAL B 58 -46.51 1.40 -17.20
N SER B 59 -45.86 0.38 -16.64
CA SER B 59 -45.46 0.29 -15.21
C SER B 59 -43.94 0.35 -15.13
N PRO B 60 -43.34 1.54 -14.92
CA PRO B 60 -41.88 1.63 -14.84
C PRO B 60 -41.41 1.12 -13.48
N GLU B 61 -40.12 0.77 -13.41
CA GLU B 61 -39.46 0.18 -12.22
C GLU B 61 -38.53 1.19 -11.55
N SER B 62 -38.20 2.30 -12.21
CA SER B 62 -37.16 3.26 -11.76
C SER B 62 -37.41 4.67 -12.33
N THR B 63 -36.89 5.68 -11.66
CA THR B 63 -36.82 7.08 -12.17
C THR B 63 -36.32 7.05 -13.62
N GLU B 64 -35.18 6.43 -13.86
CA GLU B 64 -34.53 6.41 -15.19
C GLU B 64 -35.54 5.90 -16.23
N GLN B 65 -36.27 4.84 -15.91
CA GLN B 65 -37.29 4.26 -16.82
C GLN B 65 -38.36 5.31 -17.10
N VAL B 66 -38.78 6.06 -16.07
CA VAL B 66 -39.78 7.15 -16.24
C VAL B 66 -39.22 8.18 -17.23
N GLN B 67 -37.94 8.57 -17.12
CA GLN B 67 -37.32 9.49 -18.10
C GLN B 67 -37.47 8.90 -19.50
N ASP B 68 -37.11 7.61 -19.67
CA ASP B 68 -37.09 6.91 -20.98
C ASP B 68 -38.50 6.91 -21.57
N ILE B 69 -39.52 6.62 -20.75
CA ILE B 69 -40.95 6.60 -21.18
C ILE B 69 -41.35 8.00 -21.67
N VAL B 70 -41.00 9.02 -20.90
CA VAL B 70 -41.31 10.44 -21.19
C VAL B 70 -40.65 10.84 -22.51
N ARG B 71 -39.38 10.46 -22.70
CA ARG B 71 -38.63 10.80 -23.92
C ARG B 71 -39.29 10.14 -25.15
N ILE B 72 -39.74 8.90 -25.00
CA ILE B 72 -40.47 8.16 -26.06
C ILE B 72 -41.80 8.85 -26.33
N ALA B 73 -42.54 9.18 -25.29
CA ALA B 73 -43.86 9.85 -25.42
C ALA B 73 -43.69 11.16 -26.21
N ASN B 74 -42.66 11.94 -25.87
CA ASN B 74 -42.30 13.16 -26.64
C ASN B 74 -42.09 12.79 -28.11
N GLU B 75 -41.29 11.76 -28.37
CA GLU B 75 -40.92 11.27 -29.73
C GLU B 75 -42.19 11.06 -30.57
N TYR B 76 -43.20 10.40 -30.01
CA TYR B 76 -44.41 9.91 -30.73
C TYR B 76 -45.63 10.82 -30.46
N GLY B 77 -45.47 11.92 -29.73
CA GLY B 77 -46.62 12.76 -29.30
C GLY B 77 -47.70 11.95 -28.58
N ILE B 78 -47.31 10.97 -27.76
CA ILE B 78 -48.26 10.18 -26.91
C ILE B 78 -48.47 10.93 -25.60
N PRO B 79 -49.72 11.19 -25.18
CA PRO B 79 -49.98 11.79 -23.88
C PRO B 79 -49.87 10.78 -22.74
N LEU B 80 -49.24 11.19 -21.63
CA LEU B 80 -48.98 10.33 -20.45
C LEU B 80 -49.81 10.82 -19.27
N HIS B 81 -50.65 9.95 -18.68
CA HIS B 81 -51.31 10.25 -17.39
C HIS B 81 -50.56 9.54 -16.27
N PRO B 82 -49.65 10.23 -15.53
CA PRO B 82 -48.95 9.60 -14.42
C PRO B 82 -49.89 9.47 -13.23
N VAL B 83 -49.97 8.27 -12.65
CA VAL B 83 -50.61 8.00 -11.33
C VAL B 83 -49.57 7.35 -10.41
N SER B 84 -49.96 7.15 -9.15
CA SER B 84 -49.17 6.42 -8.14
C SER B 84 -49.79 5.03 -7.96
N THR B 85 -50.84 4.92 -7.16
CA THR B 85 -51.64 3.66 -6.99
C THR B 85 -52.89 3.71 -7.87
N GLY B 86 -53.30 4.89 -8.35
CA GLY B 86 -54.44 5.06 -9.26
C GLY B 86 -55.78 4.85 -8.57
N LYS B 87 -55.86 5.22 -7.29
CA LYS B 87 -57.06 4.98 -6.42
C LYS B 87 -57.85 6.28 -6.21
N ASN B 88 -57.80 7.21 -7.17
CA ASN B 88 -58.40 8.56 -7.04
C ASN B 88 -59.90 8.41 -7.24
N ASN B 89 -60.53 7.45 -6.58
CA ASN B 89 -61.95 7.08 -6.78
C ASN B 89 -62.82 8.20 -6.23
N GLY B 90 -63.76 8.72 -7.03
CA GLY B 90 -64.54 9.93 -6.73
C GLY B 90 -64.07 11.11 -7.57
N TYR B 91 -62.89 10.99 -8.19
CA TYR B 91 -62.28 12.02 -9.07
C TYR B 91 -61.75 11.41 -10.38
N GLY B 92 -62.12 10.16 -10.69
CA GLY B 92 -61.83 9.50 -11.98
C GLY B 92 -61.04 8.20 -11.82
N GLY B 93 -60.60 7.86 -10.61
CA GLY B 93 -59.74 6.69 -10.37
C GLY B 93 -58.39 6.88 -11.05
N ALA B 94 -57.98 5.91 -11.87
CA ALA B 94 -56.70 5.92 -12.61
C ALA B 94 -56.91 6.51 -14.00
N ALA B 95 -58.17 6.66 -14.45
CA ALA B 95 -58.54 7.04 -15.83
C ALA B 95 -57.99 8.42 -16.18
N PRO B 96 -57.45 8.62 -17.41
CA PRO B 96 -56.86 9.89 -17.78
C PRO B 96 -57.98 10.89 -18.11
N ARG B 97 -57.74 12.19 -17.86
CA ARG B 97 -58.66 13.26 -18.29
C ARG B 97 -58.88 13.12 -19.79
N LEU B 98 -57.80 13.12 -20.56
CA LEU B 98 -57.81 13.02 -22.05
C LEU B 98 -57.85 11.56 -22.48
N SER B 99 -58.91 11.15 -23.17
CA SER B 99 -59.02 9.81 -23.81
C SER B 99 -57.82 9.58 -24.74
N GLY B 100 -57.33 8.35 -24.82
CA GLY B 100 -56.17 7.93 -25.64
C GLY B 100 -54.84 8.08 -24.92
N SER B 101 -54.82 8.74 -23.76
CA SER B 101 -53.60 8.88 -22.92
C SER B 101 -53.16 7.50 -22.44
N VAL B 102 -51.85 7.29 -22.37
CA VAL B 102 -51.23 6.11 -21.72
C VAL B 102 -51.10 6.41 -20.23
N ILE B 103 -51.61 5.53 -19.37
CA ILE B 103 -51.43 5.64 -17.89
C ILE B 103 -50.04 5.11 -17.57
N VAL B 104 -49.21 5.94 -16.92
CA VAL B 104 -47.92 5.53 -16.34
C VAL B 104 -48.16 5.25 -14.85
N LYS B 105 -48.41 3.98 -14.50
CA LYS B 105 -48.63 3.56 -13.09
C LYS B 105 -47.27 3.38 -12.41
N THR B 106 -46.75 4.48 -11.87
CA THR B 106 -45.44 4.56 -11.20
C THR B 106 -45.47 3.63 -9.97
N GLY B 107 -46.60 3.49 -9.31
CA GLY B 107 -46.68 2.82 -7.99
C GLY B 107 -46.68 1.29 -8.09
N GLU B 108 -47.02 0.71 -9.23
CA GLU B 108 -47.01 -0.76 -9.40
C GLU B 108 -45.67 -1.31 -8.90
N ARG B 109 -44.55 -0.79 -9.44
CA ARG B 109 -43.20 -1.35 -9.19
C ARG B 109 -42.35 -0.35 -8.39
N MET B 110 -42.51 0.95 -8.59
CA MET B 110 -41.85 1.98 -7.73
C MET B 110 -42.68 2.13 -6.44
N ASN B 111 -42.52 1.18 -5.50
CA ASN B 111 -43.35 1.02 -4.28
C ASN B 111 -42.46 0.87 -3.05
N ARG B 112 -41.26 1.42 -3.09
CA ARG B 112 -40.25 1.15 -2.05
C ARG B 112 -40.23 2.33 -1.07
N ILE B 113 -40.22 2.00 0.22
CA ILE B 113 -39.93 2.96 1.33
C ILE B 113 -38.42 3.19 1.32
N LEU B 114 -37.98 4.38 0.88
CA LEU B 114 -36.54 4.68 0.71
C LEU B 114 -35.95 5.07 2.06
N GLU B 115 -36.71 5.75 2.92
CA GLU B 115 -36.21 6.15 4.24
C GLU B 115 -37.39 6.46 5.16
N VAL B 116 -37.28 6.00 6.41
CA VAL B 116 -38.09 6.45 7.58
C VAL B 116 -37.08 6.79 8.66
N ASN B 117 -36.85 8.08 8.87
CA ASN B 117 -35.87 8.65 9.84
C ASN B 117 -36.58 8.90 11.17
N GLU B 118 -36.22 8.13 12.20
CA GLU B 118 -36.92 8.20 13.51
C GLU B 118 -36.52 9.50 14.21
N LYS B 119 -35.28 9.93 14.05
CA LYS B 119 -34.75 11.05 14.85
C LYS B 119 -35.42 12.35 14.40
N TYR B 120 -35.57 12.58 13.09
CA TYR B 120 -36.11 13.86 12.57
C TYR B 120 -37.60 13.74 12.21
N GLY B 121 -38.14 12.53 12.17
CA GLY B 121 -39.56 12.25 11.96
C GLY B 121 -40.00 12.59 10.56
N TYR B 122 -39.46 11.87 9.56
CA TYR B 122 -39.85 12.00 8.14
C TYR B 122 -39.71 10.66 7.41
N ALA B 123 -40.39 10.55 6.28
CA ALA B 123 -40.36 9.39 5.36
C ALA B 123 -40.02 9.91 3.97
N LEU B 124 -39.13 9.23 3.24
CA LEU B 124 -38.88 9.47 1.80
C LEU B 124 -39.49 8.27 1.07
N LEU B 125 -40.47 8.51 0.20
CA LEU B 125 -41.32 7.43 -0.37
C LEU B 125 -41.33 7.49 -1.89
N GLU B 126 -41.45 6.31 -2.52
CA GLU B 126 -41.84 6.17 -3.93
C GLU B 126 -43.37 6.21 -3.99
N PRO B 127 -43.96 6.45 -5.17
CA PRO B 127 -45.42 6.52 -5.30
C PRO B 127 -46.21 5.26 -4.90
N GLY B 128 -45.63 4.07 -4.97
CA GLY B 128 -46.37 2.81 -4.73
C GLY B 128 -46.56 2.49 -3.25
N VAL B 129 -45.92 3.26 -2.34
CA VAL B 129 -46.08 3.03 -0.88
C VAL B 129 -47.49 3.45 -0.50
N THR B 130 -48.35 2.49 -0.19
CA THR B 130 -49.72 2.75 0.32
C THR B 130 -49.65 3.14 1.79
N TYR B 131 -50.72 3.73 2.31
CA TYR B 131 -50.90 3.99 3.76
C TYR B 131 -50.75 2.68 4.54
N PHE B 132 -51.34 1.58 4.07
CA PHE B 132 -51.19 0.25 4.70
C PHE B 132 -49.72 -0.16 4.73
N ASP B 133 -49.02 -0.04 3.59
CA ASP B 133 -47.58 -0.36 3.47
C ASP B 133 -46.83 0.42 4.56
N LEU B 134 -47.01 1.73 4.62
CA LEU B 134 -46.22 2.60 5.55
C LEU B 134 -46.63 2.28 7.00
N TYR B 135 -47.91 2.02 7.25
CA TYR B 135 -48.36 1.66 8.61
C TYR B 135 -47.70 0.35 9.04
N GLU B 136 -47.74 -0.67 8.18
CA GLU B 136 -47.10 -2.00 8.44
C GLU B 136 -45.62 -1.79 8.72
N TYR B 137 -44.96 -0.87 8.01
CA TYR B 137 -43.52 -0.56 8.19
C TYR B 137 -43.29 0.03 9.59
N LEU B 138 -44.09 1.03 9.96
CA LEU B 138 -43.98 1.70 11.29
C LEU B 138 -44.22 0.69 12.42
N GLN B 139 -45.18 -0.22 12.26
CA GLN B 139 -45.47 -1.33 13.20
C GLN B 139 -44.24 -2.23 13.33
N SER B 140 -43.79 -2.85 12.23
CA SER B 140 -42.59 -3.71 12.12
C SER B 140 -41.40 -3.11 12.87
N HIS B 141 -41.14 -1.81 12.71
CA HIS B 141 -39.90 -1.16 13.19
C HIS B 141 -40.15 -0.47 14.55
N ASP B 142 -41.26 -0.82 15.19
CA ASP B 142 -41.62 -0.29 16.54
C ASP B 142 -41.36 1.22 16.52
N SER B 143 -41.84 1.89 15.47
CA SER B 143 -41.63 3.34 15.21
C SER B 143 -42.30 4.15 16.33
N GLY B 144 -41.73 5.30 16.69
CA GLY B 144 -42.37 6.31 17.54
C GLY B 144 -43.21 7.29 16.73
N LEU B 145 -43.22 7.16 15.40
CA LEU B 145 -43.92 8.06 14.45
C LEU B 145 -45.28 7.47 14.08
N MET B 146 -46.20 8.33 13.65
CA MET B 146 -47.51 7.90 13.08
C MET B 146 -47.69 8.60 11.74
N LEU B 147 -48.42 7.95 10.84
CA LEU B 147 -48.75 8.55 9.52
C LEU B 147 -50.09 9.24 9.63
N ASP B 148 -50.44 9.95 8.57
CA ASP B 148 -51.71 10.69 8.46
C ASP B 148 -52.36 10.12 7.22
N CYS B 149 -53.49 9.44 7.37
CA CYS B 149 -54.15 8.76 6.23
C CYS B 149 -55.54 9.34 6.00
N PRO B 150 -56.01 9.32 4.74
CA PRO B 150 -57.41 9.61 4.44
C PRO B 150 -58.29 8.43 4.89
N GLU B 151 -59.57 8.45 4.51
CA GLU B 151 -60.57 7.45 4.97
C GLU B 151 -60.11 6.05 4.54
N LEU B 152 -59.57 5.92 3.32
CA LEU B 152 -59.22 4.62 2.71
C LEU B 152 -57.71 4.46 2.65
N GLY B 153 -57.20 3.31 3.09
CA GLY B 153 -55.77 3.08 3.34
C GLY B 153 -55.01 2.62 2.10
N TRP B 154 -55.72 2.21 1.05
CA TRP B 154 -55.12 1.57 -0.14
C TRP B 154 -54.55 2.62 -1.11
N GLY B 155 -54.78 3.91 -0.86
CA GLY B 155 -54.18 4.97 -1.67
C GLY B 155 -52.68 5.12 -1.42
N SER B 156 -52.08 6.07 -2.12
CA SER B 156 -50.63 6.35 -2.13
C SER B 156 -50.38 7.58 -1.26
N VAL B 157 -49.46 7.50 -0.31
CA VAL B 157 -49.02 8.65 0.52
C VAL B 157 -48.61 9.79 -0.44
N VAL B 158 -47.90 9.47 -1.53
CA VAL B 158 -47.40 10.47 -2.54
C VAL B 158 -48.57 10.90 -3.45
N GLY B 159 -49.33 9.96 -4.00
CA GLY B 159 -50.38 10.23 -4.99
C GLY B 159 -51.47 11.10 -4.40
N ASN B 160 -51.89 10.78 -3.16
CA ASN B 160 -52.87 11.56 -2.36
C ASN B 160 -52.32 12.97 -2.14
N THR B 161 -51.05 13.11 -1.74
CA THR B 161 -50.44 14.44 -1.54
C THR B 161 -50.48 15.23 -2.85
N LEU B 162 -50.26 14.58 -3.99
CA LEU B 162 -50.08 15.29 -5.30
C LEU B 162 -51.44 15.79 -5.80
N ASP B 163 -52.55 15.27 -5.27
CA ASP B 163 -53.91 15.83 -5.55
C ASP B 163 -54.39 16.65 -4.35
N ARG B 164 -53.46 17.09 -3.49
CA ARG B 164 -53.67 17.86 -2.23
C ARG B 164 -54.80 17.22 -1.42
N GLY B 165 -54.73 15.90 -1.23
CA GLY B 165 -55.63 15.13 -0.37
C GLY B 165 -55.38 15.45 1.09
N VAL B 166 -56.27 15.01 1.97
CA VAL B 166 -56.30 15.43 3.39
C VAL B 166 -56.56 14.21 4.28
N GLY B 167 -55.99 14.22 5.48
CA GLY B 167 -56.36 13.30 6.56
C GLY B 167 -56.80 14.07 7.79
N TYR B 168 -56.86 13.41 8.94
CA TYR B 168 -57.65 13.87 10.10
C TYR B 168 -56.84 13.89 11.40
N THR B 169 -55.52 13.70 11.34
CA THR B 169 -54.58 13.91 12.48
C THR B 169 -54.12 15.37 12.41
N PRO B 170 -53.39 15.89 13.41
CA PRO B 170 -52.86 17.26 13.33
C PRO B 170 -51.98 17.49 12.09
N TYR B 171 -51.48 16.43 11.46
CA TYR B 171 -50.68 16.48 10.18
C TYR B 171 -51.59 16.19 8.97
N GLY B 172 -52.87 16.59 9.06
CA GLY B 172 -53.94 16.32 8.06
C GLY B 172 -53.72 17.01 6.73
N ASP B 173 -53.04 18.16 6.72
CA ASP B 173 -52.71 18.90 5.46
C ASP B 173 -51.46 18.26 4.83
N HIS B 174 -51.64 17.21 4.04
CA HIS B 174 -50.56 16.38 3.47
C HIS B 174 -49.52 17.27 2.76
N PHE B 175 -49.96 18.18 1.90
CA PHE B 175 -49.05 18.97 1.03
C PHE B 175 -48.17 19.88 1.89
N MET B 176 -48.72 20.43 2.98
CA MET B 176 -47.91 21.27 3.91
C MET B 176 -46.68 20.47 4.33
N TRP B 177 -46.92 19.25 4.81
CA TRP B 177 -45.92 18.36 5.43
C TRP B 177 -45.06 17.66 4.37
N GLN B 178 -45.52 17.64 3.11
CA GLN B 178 -44.62 17.27 1.98
C GLN B 178 -43.38 18.14 2.13
N THR B 179 -42.22 17.49 2.04
CA THR B 179 -40.89 18.15 2.17
C THR B 179 -39.95 17.50 1.14
N GLY B 180 -39.70 18.21 0.04
CA GLY B 180 -38.81 17.76 -1.05
C GLY B 180 -39.49 16.73 -1.94
N LEU B 181 -39.21 16.77 -3.24
CA LEU B 181 -39.63 15.72 -4.18
C LEU B 181 -38.64 15.65 -5.34
N GLU B 182 -38.65 14.51 -6.01
CA GLU B 182 -37.96 14.29 -7.29
C GLU B 182 -39.03 14.17 -8.37
N VAL B 183 -38.85 14.88 -9.48
CA VAL B 183 -39.81 14.86 -10.60
C VAL B 183 -39.06 14.74 -11.93
N VAL B 184 -39.58 13.90 -12.82
CA VAL B 184 -39.22 13.87 -14.26
C VAL B 184 -40.08 14.93 -14.94
N LEU B 185 -39.43 16.00 -15.43
CA LEU B 185 -40.12 17.10 -16.12
C LEU B 185 -40.60 16.61 -17.49
N PRO B 186 -41.50 17.35 -18.18
CA PRO B 186 -42.23 16.82 -19.33
C PRO B 186 -41.41 16.38 -20.58
N GLN B 187 -40.13 16.74 -20.66
CA GLN B 187 -39.23 16.27 -21.77
C GLN B 187 -38.20 15.27 -21.23
N GLY B 188 -38.28 14.89 -19.96
CA GLY B 188 -37.57 13.70 -19.43
C GLY B 188 -36.40 14.02 -18.50
N GLU B 189 -35.94 15.28 -18.39
CA GLU B 189 -34.87 15.60 -17.40
C GLU B 189 -35.47 15.53 -15.99
N VAL B 190 -34.61 15.24 -15.03
CA VAL B 190 -35.05 14.92 -13.65
C VAL B 190 -34.53 16.04 -12.74
N MET B 191 -35.36 16.42 -11.77
CA MET B 191 -35.10 17.59 -10.91
C MET B 191 -35.49 17.24 -9.47
N ARG B 192 -34.72 17.72 -8.51
CA ARG B 192 -35.02 17.59 -7.06
C ARG B 192 -35.26 18.99 -6.51
N THR B 193 -36.28 19.13 -5.66
CA THR B 193 -36.66 20.42 -5.05
C THR B 193 -36.00 20.59 -3.68
N GLY B 194 -35.92 21.84 -3.24
CA GLY B 194 -35.41 22.21 -1.91
C GLY B 194 -33.99 21.75 -1.77
N MET B 195 -33.64 21.23 -0.59
CA MET B 195 -32.25 20.84 -0.22
C MET B 195 -31.80 19.59 -1.00
N GLY B 196 -32.72 18.84 -1.62
CA GLY B 196 -32.39 17.73 -2.54
C GLY B 196 -31.57 18.24 -3.73
N ALA B 197 -31.76 19.49 -4.13
CA ALA B 197 -31.04 20.14 -5.25
C ALA B 197 -29.57 20.37 -4.88
N LEU B 198 -29.23 20.37 -3.59
CA LEU B 198 -27.82 20.48 -3.11
C LEU B 198 -27.27 19.08 -2.86
N PRO B 199 -26.36 18.58 -3.73
CA PRO B 199 -25.82 17.23 -3.60
C PRO B 199 -25.24 16.98 -2.20
N GLY B 200 -25.61 15.85 -1.61
CA GLY B 200 -25.07 15.41 -0.30
C GLY B 200 -25.59 16.23 0.86
N SER B 201 -26.67 17.01 0.69
CA SER B 201 -27.40 17.62 1.83
C SER B 201 -28.20 16.52 2.54
N ASP B 202 -28.33 16.62 3.87
CA ASP B 202 -29.14 15.71 4.71
C ASP B 202 -30.53 16.32 4.93
N ALA B 203 -30.77 17.52 4.41
CA ALA B 203 -31.92 18.39 4.75
C ALA B 203 -33.07 18.29 3.73
N TRP B 204 -33.03 17.35 2.80
CA TRP B 204 -34.06 17.20 1.74
C TRP B 204 -35.46 17.17 2.39
N GLN B 205 -35.59 16.39 3.46
CA GLN B 205 -36.87 16.16 4.17
C GLN B 205 -36.92 16.99 5.46
N LEU B 206 -36.05 17.98 5.63
CA LEU B 206 -35.94 18.80 6.88
C LEU B 206 -36.35 20.25 6.63
N PHE B 207 -36.03 20.80 5.47
CA PHE B 207 -36.32 22.22 5.10
C PHE B 207 -37.05 22.22 3.77
N PRO B 208 -38.33 22.62 3.73
CA PRO B 208 -39.14 22.47 2.50
C PRO B 208 -38.70 23.38 1.34
N TYR B 209 -38.26 24.61 1.63
CA TYR B 209 -38.23 25.72 0.63
C TYR B 209 -36.95 25.65 -0.23
N GLY B 210 -35.83 25.20 0.33
CA GLY B 210 -34.54 25.41 -0.33
C GLY B 210 -34.29 26.89 -0.63
N PHE B 211 -33.84 27.20 -1.85
CA PHE B 211 -33.32 28.53 -2.23
C PHE B 211 -33.97 28.94 -3.55
N GLY B 212 -34.32 30.22 -3.66
CA GLY B 212 -35.02 30.76 -4.83
C GLY B 212 -36.50 30.38 -4.79
N PRO B 213 -37.19 30.46 -5.93
CA PRO B 213 -38.64 30.25 -5.96
C PRO B 213 -38.99 28.86 -5.43
N PHE B 214 -40.08 28.77 -4.66
CA PHE B 214 -40.57 27.52 -4.03
C PHE B 214 -41.51 26.82 -5.00
N PRO B 215 -41.07 25.74 -5.67
CA PRO B 215 -41.85 25.14 -6.75
C PRO B 215 -42.72 23.92 -6.41
N ASP B 216 -42.56 23.33 -5.23
CA ASP B 216 -43.16 22.01 -4.94
C ASP B 216 -44.67 22.09 -5.23
N GLY B 217 -45.32 23.18 -4.86
CA GLY B 217 -46.78 23.32 -5.04
C GLY B 217 -47.17 23.20 -6.50
N MET B 218 -46.26 23.52 -7.43
CA MET B 218 -46.59 23.57 -8.88
C MET B 218 -46.76 22.13 -9.41
N PHE B 219 -46.42 21.12 -8.61
CA PHE B 219 -46.51 19.70 -8.99
C PHE B 219 -47.72 19.05 -8.30
N THR B 220 -48.58 19.83 -7.64
CA THR B 220 -49.83 19.33 -7.00
C THR B 220 -51.03 19.78 -7.85
N GLN B 221 -52.04 18.93 -8.00
CA GLN B 221 -53.17 19.13 -8.94
C GLN B 221 -52.60 19.73 -10.24
N SER B 222 -51.58 19.06 -10.78
CA SER B 222 -50.65 19.60 -11.81
C SER B 222 -50.46 18.58 -12.93
N ASN B 223 -49.86 19.03 -14.02
CA ASN B 223 -49.41 18.17 -15.15
C ASN B 223 -48.07 18.70 -15.63
N LEU B 224 -47.19 19.05 -14.70
CA LEU B 224 -45.88 19.63 -15.01
C LEU B 224 -44.79 18.58 -14.84
N GLY B 225 -45.15 17.32 -14.58
CA GLY B 225 -44.12 16.27 -14.51
C GLY B 225 -44.62 14.99 -13.90
N ILE B 226 -43.76 13.98 -13.88
CA ILE B 226 -44.01 12.69 -13.21
C ILE B 226 -43.12 12.63 -11.98
N VAL B 227 -43.72 12.59 -10.80
CA VAL B 227 -43.01 12.58 -9.49
C VAL B 227 -42.62 11.12 -9.20
N THR B 228 -41.35 10.92 -8.81
CA THR B 228 -40.70 9.60 -8.64
C THR B 228 -40.31 9.36 -7.17
N LYS B 229 -40.01 10.43 -6.42
CA LYS B 229 -39.78 10.41 -4.96
C LYS B 229 -40.47 11.60 -4.31
N MET B 230 -40.95 11.42 -3.08
CA MET B 230 -41.53 12.52 -2.26
C MET B 230 -41.21 12.29 -0.78
N GLY B 231 -40.78 13.36 -0.14
CA GLY B 231 -40.51 13.43 1.31
C GLY B 231 -41.75 13.93 2.02
N ILE B 232 -42.02 13.44 3.23
CA ILE B 232 -43.17 13.90 4.06
C ILE B 232 -42.78 13.78 5.54
N ALA B 233 -42.99 14.85 6.31
CA ALA B 233 -42.82 14.86 7.77
C ALA B 233 -43.81 13.88 8.38
N LEU B 234 -43.38 13.20 9.43
CA LEU B 234 -44.21 12.27 10.24
C LEU B 234 -44.22 12.77 11.67
N MET B 235 -45.42 12.96 12.20
CA MET B 235 -45.66 13.37 13.60
C MET B 235 -45.25 12.22 14.54
N GLN B 236 -44.70 12.57 15.71
CA GLN B 236 -44.50 11.63 16.84
C GLN B 236 -45.85 11.20 17.42
N ARG B 237 -46.07 9.90 17.58
CA ARG B 237 -47.32 9.38 18.18
C ARG B 237 -47.38 9.87 19.63
N PRO B 238 -48.46 10.57 20.03
CA PRO B 238 -48.61 11.02 21.40
C PRO B 238 -48.86 9.86 22.34
N PRO B 239 -48.60 10.03 23.65
CA PRO B 239 -48.69 8.94 24.62
C PRO B 239 -50.09 8.32 24.71
N ALA B 240 -51.15 9.10 24.53
CA ALA B 240 -52.55 8.61 24.60
C ALA B 240 -53.43 9.45 23.67
N SER B 241 -54.61 8.92 23.34
CA SER B 241 -55.62 9.60 22.50
C SER B 241 -57.02 9.17 22.95
N GLN B 242 -58.00 10.04 22.76
CA GLN B 242 -59.45 9.73 22.96
C GLN B 242 -60.19 10.27 21.74
N SER B 243 -61.07 9.47 21.16
CA SER B 243 -61.98 9.89 20.07
C SER B 243 -63.38 10.06 20.66
N PHE B 244 -64.18 10.95 20.08
CA PHE B 244 -65.53 11.24 20.61
C PHE B 244 -66.47 11.54 19.45
N LEU B 245 -67.74 11.24 19.69
CA LEU B 245 -68.89 11.53 18.82
C LEU B 245 -69.80 12.48 19.60
N ILE B 246 -70.16 13.60 19.00
CA ILE B 246 -71.32 14.42 19.45
C ILE B 246 -72.44 14.24 18.42
N THR B 247 -73.61 13.71 18.85
CA THR B 247 -74.85 13.65 18.03
C THR B 247 -75.64 14.93 18.27
N PHE B 248 -76.17 15.52 17.20
CA PHE B 248 -77.05 16.69 17.22
C PHE B 248 -78.34 16.32 16.50
N ASP B 249 -79.48 16.60 17.11
CA ASP B 249 -80.78 15.99 16.75
C ASP B 249 -81.39 16.67 15.52
N LYS B 250 -81.09 17.96 15.28
CA LYS B 250 -81.85 18.79 14.31
C LYS B 250 -81.00 19.15 13.09
N GLU B 251 -81.59 19.08 11.90
CA GLU B 251 -81.03 19.65 10.65
C GLU B 251 -80.51 21.07 10.90
N GLU B 252 -81.28 21.87 11.65
CA GLU B 252 -81.04 23.32 11.82
C GLU B 252 -79.87 23.55 12.78
N ASP B 253 -79.45 22.52 13.53
CA ASP B 253 -78.33 22.62 14.51
C ASP B 253 -77.03 23.00 13.79
N LEU B 254 -76.86 22.60 12.53
CA LEU B 254 -75.63 22.87 11.72
C LEU B 254 -75.09 24.27 12.05
N GLU B 255 -75.95 25.28 12.03
CA GLU B 255 -75.51 26.71 12.14
C GLU B 255 -74.72 26.85 13.44
N GLN B 256 -75.31 26.44 14.57
CA GLN B 256 -74.70 26.66 15.92
C GLN B 256 -73.49 25.72 16.05
N ILE B 257 -73.57 24.51 15.50
CA ILE B 257 -72.45 23.52 15.54
C ILE B 257 -71.18 24.16 14.97
N VAL B 258 -71.25 24.63 13.72
CA VAL B 258 -70.09 25.26 13.00
C VAL B 258 -69.61 26.49 13.77
N ASP B 259 -70.52 27.33 14.27
CA ASP B 259 -70.15 28.63 14.90
C ASP B 259 -69.43 28.36 16.22
N ILE B 260 -69.73 27.26 16.89
CA ILE B 260 -69.05 26.82 18.16
C ILE B 260 -67.73 26.11 17.78
N MET B 261 -67.76 25.36 16.68
CA MET B 261 -66.64 24.53 16.17
C MET B 261 -65.43 25.42 15.84
N LEU B 262 -65.63 26.60 15.25
CA LEU B 262 -64.51 27.45 14.78
C LEU B 262 -63.67 27.94 15.96
N PRO B 263 -64.23 28.63 16.98
CA PRO B 263 -63.42 29.14 18.09
C PRO B 263 -62.57 28.05 18.78
N LEU B 264 -63.09 26.81 18.84
CA LEU B 264 -62.45 25.67 19.55
C LEU B 264 -61.33 25.07 18.68
N ARG B 265 -61.24 25.45 17.40
CA ARG B 265 -60.35 24.80 16.42
C ARG B 265 -59.26 25.77 15.96
N ILE B 266 -59.52 27.08 15.85
CA ILE B 266 -58.58 28.01 15.15
C ILE B 266 -57.24 28.04 15.87
N ASN B 267 -57.20 27.80 17.18
CA ASN B 267 -55.96 27.78 18.00
C ASN B 267 -55.48 26.33 18.17
N MET B 268 -55.99 25.40 17.36
CA MET B 268 -55.59 23.97 17.34
C MET B 268 -55.77 23.35 18.72
N ALA B 269 -56.69 23.90 19.51
CA ALA B 269 -57.02 23.44 20.88
C ALA B 269 -58.24 24.20 21.39
N PRO B 270 -59.22 23.54 22.03
CA PRO B 270 -59.16 22.12 22.34
C PRO B 270 -59.38 21.10 21.21
N LEU B 271 -59.82 21.54 20.04
CA LEU B 271 -60.00 20.64 18.87
C LEU B 271 -58.65 20.48 18.17
N GLN B 272 -57.91 19.43 18.54
CA GLN B 272 -56.49 19.27 18.15
C GLN B 272 -56.40 18.67 16.74
N ASN B 273 -57.39 17.86 16.35
CA ASN B 273 -57.42 17.19 15.03
C ASN B 273 -58.43 17.92 14.15
N VAL B 274 -58.57 17.46 12.91
CA VAL B 274 -59.51 18.03 11.91
C VAL B 274 -60.93 17.66 12.35
N PRO B 275 -61.78 18.65 12.70
CA PRO B 275 -63.16 18.37 13.08
C PRO B 275 -63.96 17.93 11.86
N VAL B 276 -64.61 16.77 11.91
CA VAL B 276 -65.54 16.33 10.82
C VAL B 276 -66.96 16.26 11.37
N LEU B 277 -67.90 16.87 10.67
CA LEU B 277 -69.35 16.83 10.97
C LEU B 277 -70.03 16.13 9.80
N ARG B 278 -70.53 14.93 10.04
CA ARG B 278 -71.18 14.09 9.00
C ARG B 278 -72.67 14.08 9.26
N ASN B 279 -73.47 14.16 8.19
CA ASN B 279 -74.94 14.09 8.28
C ASN B 279 -75.32 12.60 8.41
N ILE B 280 -76.55 12.32 8.85
CA ILE B 280 -77.06 10.95 9.11
C ILE B 280 -76.95 10.09 7.83
N PHE B 281 -77.12 10.70 6.66
CA PHE B 281 -77.03 9.99 5.35
C PHE B 281 -75.64 9.34 5.25
N MET B 282 -74.60 10.12 5.50
CA MET B 282 -73.19 9.66 5.45
C MET B 282 -73.01 8.47 6.41
N ASP B 283 -73.39 8.61 7.68
CA ASP B 283 -73.15 7.57 8.72
C ASP B 283 -74.04 6.34 8.45
N ALA B 284 -75.25 6.54 7.95
CA ALA B 284 -76.19 5.46 7.60
C ALA B 284 -75.60 4.62 6.47
N ALA B 285 -75.02 5.29 5.47
CA ALA B 285 -74.49 4.61 4.27
C ALA B 285 -73.23 3.85 4.64
N ALA B 286 -72.56 4.21 5.75
CA ALA B 286 -71.35 3.52 6.23
C ALA B 286 -71.70 2.16 6.85
N VAL B 287 -72.94 1.97 7.30
CA VAL B 287 -73.32 0.80 8.15
C VAL B 287 -74.57 0.08 7.63
N SER B 288 -75.18 0.52 6.52
CA SER B 288 -76.50 0.00 6.08
C SER B 288 -76.75 0.30 4.60
N LYS B 289 -77.72 -0.43 4.02
CA LYS B 289 -78.24 -0.22 2.65
C LYS B 289 -79.45 0.72 2.69
N ARG B 290 -79.65 1.48 1.62
CA ARG B 290 -80.77 2.45 1.49
C ARG B 290 -82.09 1.73 1.77
N THR B 291 -82.27 0.53 1.21
CA THR B 291 -83.55 -0.25 1.27
C THR B 291 -83.91 -0.62 2.72
N GLU B 292 -82.97 -0.60 3.66
CA GLU B 292 -83.25 -0.90 5.10
C GLU B 292 -84.17 0.18 5.68
N TRP B 293 -84.15 1.38 5.10
CA TRP B 293 -84.90 2.57 5.61
C TRP B 293 -86.10 2.91 4.72
N PHE B 294 -85.98 2.74 3.40
CA PHE B 294 -86.94 3.26 2.39
C PHE B 294 -86.70 2.53 1.06
N ASP B 295 -87.73 1.88 0.53
CA ASP B 295 -87.65 1.08 -0.72
C ASP B 295 -88.47 1.74 -1.84
N GLY B 296 -89.30 2.73 -1.51
CA GLY B 296 -89.90 3.62 -2.53
C GLY B 296 -88.80 4.45 -3.16
N ASP B 297 -89.01 4.96 -4.38
CA ASP B 297 -87.95 5.76 -5.06
C ASP B 297 -88.26 7.25 -4.83
N GLY B 298 -87.32 8.10 -5.23
CA GLY B 298 -87.38 9.54 -4.96
C GLY B 298 -86.76 9.86 -3.60
N PRO B 299 -86.75 11.15 -3.23
CA PRO B 299 -86.06 11.60 -2.02
C PRO B 299 -86.58 10.84 -0.79
N MET B 300 -85.69 10.59 0.17
CA MET B 300 -86.00 9.82 1.40
C MET B 300 -86.88 10.69 2.31
N PRO B 301 -88.09 10.22 2.69
CA PRO B 301 -88.99 11.02 3.51
C PRO B 301 -88.53 11.19 4.97
N ALA B 302 -89.10 12.19 5.67
CA ALA B 302 -88.79 12.55 7.06
C ALA B 302 -88.92 11.32 7.97
N GLU B 303 -89.97 10.49 7.81
CA GLU B 303 -90.22 9.27 8.63
C GLU B 303 -88.99 8.35 8.55
N ALA B 304 -88.47 8.12 7.34
CA ALA B 304 -87.30 7.25 7.06
C ALA B 304 -86.05 7.79 7.76
N ILE B 305 -85.78 9.10 7.63
CA ILE B 305 -84.63 9.79 8.30
C ILE B 305 -84.73 9.59 9.81
N GLU B 306 -85.92 9.73 10.40
CA GLU B 306 -86.10 9.59 11.87
C GLU B 306 -85.75 8.15 12.28
N ARG B 307 -86.15 7.17 11.47
CA ARG B 307 -85.89 5.73 11.75
C ARG B 307 -84.39 5.48 11.75
N MET B 308 -83.66 6.05 10.77
CA MET B 308 -82.18 5.95 10.66
C MET B 308 -81.55 6.47 11.96
N LYS B 309 -81.94 7.68 12.39
CA LYS B 309 -81.46 8.32 13.64
C LYS B 309 -81.78 7.42 14.85
N LYS B 310 -83.04 6.97 14.99
CA LYS B 310 -83.51 6.22 16.18
C LYS B 310 -82.75 4.89 16.24
N ASP B 311 -82.71 4.14 15.13
CA ASP B 311 -82.11 2.79 15.09
C ASP B 311 -80.60 2.85 15.34
N LEU B 312 -79.88 3.81 14.74
CA LEU B 312 -78.40 3.92 14.86
C LEU B 312 -78.04 4.74 16.11
N ASP B 313 -79.02 5.34 16.76
CA ASP B 313 -78.81 6.24 17.93
C ASP B 313 -77.83 7.34 17.50
N LEU B 314 -78.03 7.94 16.32
CA LEU B 314 -77.22 9.10 15.83
C LEU B 314 -78.13 10.31 15.64
N GLY B 315 -77.52 11.49 15.55
CA GLY B 315 -78.20 12.75 15.21
C GLY B 315 -78.32 12.96 13.70
N PHE B 316 -78.92 14.06 13.29
CA PHE B 316 -78.90 14.49 11.87
C PHE B 316 -77.47 14.88 11.52
N TRP B 317 -76.80 15.58 12.43
CA TRP B 317 -75.37 15.98 12.32
C TRP B 317 -74.57 15.26 13.41
N ASN B 318 -73.50 14.57 13.00
CA ASN B 318 -72.66 13.76 13.92
C ASN B 318 -71.23 14.32 13.84
N PHE B 319 -70.73 14.82 14.96
CA PHE B 319 -69.40 15.47 15.06
C PHE B 319 -68.41 14.44 15.59
N TYR B 320 -67.33 14.22 14.85
CA TYR B 320 -66.25 13.28 15.24
C TYR B 320 -64.95 14.05 15.40
N GLY B 321 -64.29 13.85 16.55
CA GLY B 321 -63.02 14.49 16.92
C GLY B 321 -62.14 13.51 17.67
N THR B 322 -60.86 13.84 17.80
CA THR B 322 -59.87 13.07 18.58
C THR B 322 -58.95 14.03 19.34
N LEU B 323 -58.65 13.66 20.57
CA LEU B 323 -57.72 14.41 21.43
C LEU B 323 -56.47 13.57 21.65
N TYR B 324 -55.34 14.24 21.82
CA TYR B 324 -54.00 13.63 21.95
C TYR B 324 -53.24 14.22 23.13
N GLY B 325 -52.53 13.35 23.86
CA GLY B 325 -51.49 13.75 24.82
C GLY B 325 -51.68 13.02 26.14
N PRO B 326 -51.09 13.53 27.24
CA PRO B 326 -51.28 12.96 28.57
C PRO B 326 -52.76 12.91 28.88
N PRO B 327 -53.29 11.85 29.53
CA PRO B 327 -54.72 11.80 29.85
C PRO B 327 -55.30 13.04 30.53
N PRO B 328 -54.62 13.72 31.50
CA PRO B 328 -55.15 14.96 32.05
C PRO B 328 -55.42 16.08 31.02
N LEU B 329 -54.55 16.25 30.02
CA LEU B 329 -54.80 17.23 28.92
C LEU B 329 -56.02 16.81 28.11
N ILE B 330 -56.16 15.51 27.81
CA ILE B 330 -57.32 14.96 27.05
C ILE B 330 -58.58 15.27 27.84
N GLU B 331 -58.64 14.90 29.13
CA GLU B 331 -59.77 15.18 30.07
C GLU B 331 -60.16 16.67 30.02
N MET B 332 -59.18 17.55 30.18
CA MET B 332 -59.38 19.01 30.25
C MET B 332 -60.06 19.46 28.95
N TYR B 333 -59.49 19.08 27.79
CA TYR B 333 -59.95 19.47 26.43
C TYR B 333 -61.36 18.92 26.16
N TYR B 334 -61.59 17.65 26.49
CA TYR B 334 -62.91 17.02 26.31
C TYR B 334 -63.94 17.78 27.15
N GLY B 335 -63.58 18.16 28.37
CA GLY B 335 -64.41 19.00 29.25
C GLY B 335 -64.81 20.31 28.58
N MET B 336 -63.86 21.00 27.94
CA MET B 336 -64.10 22.31 27.27
C MET B 336 -65.06 22.11 26.08
N ILE B 337 -64.92 20.97 25.40
CA ILE B 337 -65.70 20.59 24.19
C ILE B 337 -67.14 20.27 24.62
N LYS B 338 -67.32 19.58 25.75
CA LYS B 338 -68.65 19.25 26.31
C LYS B 338 -69.35 20.50 26.84
N GLU B 339 -68.63 21.43 27.48
CA GLU B 339 -69.19 22.72 27.93
C GLU B 339 -69.72 23.49 26.72
N ALA B 340 -68.92 23.62 25.66
CA ALA B 340 -69.19 24.50 24.50
C ALA B 340 -70.38 23.97 23.70
N PHE B 341 -70.32 22.69 23.28
CA PHE B 341 -71.30 22.02 22.39
C PHE B 341 -72.55 21.61 23.19
N GLY B 342 -72.45 21.60 24.52
CA GLY B 342 -73.57 21.29 25.42
C GLY B 342 -74.64 22.36 25.35
N LYS B 343 -74.26 23.58 24.95
CA LYS B 343 -75.16 24.76 24.84
C LYS B 343 -76.18 24.52 23.72
N ILE B 344 -75.97 23.50 22.88
CA ILE B 344 -76.95 23.10 21.83
C ILE B 344 -77.89 22.08 22.44
N PRO B 345 -79.20 22.40 22.57
CA PRO B 345 -80.18 21.43 23.05
C PRO B 345 -80.15 20.16 22.21
N GLY B 346 -80.18 18.99 22.83
CA GLY B 346 -80.25 17.67 22.17
C GLY B 346 -78.88 17.07 21.92
N ALA B 347 -77.79 17.83 22.12
CA ALA B 347 -76.40 17.36 21.93
C ALA B 347 -76.15 16.21 22.90
N ARG B 348 -75.66 15.07 22.41
CA ARG B 348 -75.28 13.91 23.27
C ARG B 348 -73.84 13.52 22.96
N PHE B 349 -73.08 13.14 23.99
CA PHE B 349 -71.63 12.89 23.90
C PHE B 349 -71.29 11.43 24.16
N PHE B 350 -70.38 10.90 23.36
CA PHE B 350 -69.82 9.53 23.49
C PHE B 350 -68.32 9.56 23.19
N THR B 351 -67.51 8.93 24.04
CA THR B 351 -66.11 8.55 23.73
C THR B 351 -66.15 7.21 22.99
N HIS B 352 -65.03 6.81 22.40
CA HIS B 352 -64.91 5.56 21.60
C HIS B 352 -65.09 4.32 22.49
N GLU B 353 -64.90 4.46 23.81
CA GLU B 353 -65.10 3.35 24.78
C GLU B 353 -66.60 3.10 25.01
N GLU B 354 -67.46 4.07 24.67
CA GLU B 354 -68.88 4.12 25.14
C GLU B 354 -69.87 3.63 24.07
N ARG B 355 -69.44 3.20 22.88
CA ARG B 355 -70.42 2.78 21.83
C ARG B 355 -69.91 1.58 21.02
N ASP B 356 -70.48 0.40 21.29
CA ASP B 356 -70.15 -0.89 20.61
C ASP B 356 -71.33 -1.35 19.72
N ASP B 357 -72.33 -0.48 19.51
CA ASP B 357 -73.48 -0.76 18.62
C ASP B 357 -73.13 -0.40 17.16
N ARG B 358 -74.02 -0.71 16.22
CA ARG B 358 -73.81 -0.47 14.77
C ARG B 358 -73.58 1.01 14.49
N GLY B 359 -74.34 1.91 15.12
CA GLY B 359 -74.19 3.37 14.96
C GLY B 359 -72.80 3.86 15.35
N GLY B 360 -72.13 3.13 16.25
CA GLY B 360 -70.81 3.51 16.78
C GLY B 360 -69.69 3.07 15.86
N HIS B 361 -69.99 2.31 14.81
CA HIS B 361 -69.00 1.73 13.86
C HIS B 361 -68.17 2.83 13.20
N VAL B 362 -68.80 3.97 12.91
CA VAL B 362 -68.14 5.13 12.23
C VAL B 362 -67.19 5.77 13.23
N LEU B 363 -67.65 6.02 14.47
CA LEU B 363 -66.78 6.50 15.57
C LEU B 363 -65.53 5.62 15.69
N GLN B 364 -65.71 4.29 15.66
CA GLN B 364 -64.60 3.32 15.79
C GLN B 364 -63.67 3.51 14.59
N ASP B 365 -64.22 3.77 13.40
CA ASP B 365 -63.39 4.00 12.19
C ASP B 365 -62.60 5.29 12.34
N ARG B 366 -63.22 6.34 12.89
CA ARG B 366 -62.55 7.66 13.08
C ARG B 366 -61.46 7.52 14.13
N HIS B 367 -61.68 6.68 15.15
CA HIS B 367 -60.67 6.45 16.21
C HIS B 367 -59.41 5.84 15.57
N LYS B 368 -59.59 4.95 14.59
CA LYS B 368 -58.46 4.39 13.81
C LYS B 368 -57.83 5.51 12.98
N ILE B 369 -58.59 6.04 12.00
CA ILE B 369 -58.11 7.04 11.00
C ILE B 369 -57.42 8.20 11.71
N ASN B 370 -58.01 8.73 12.78
CA ASN B 370 -57.51 9.92 13.52
C ASN B 370 -56.23 9.55 14.29
N ASN B 371 -55.96 8.25 14.45
CA ASN B 371 -54.72 7.76 15.10
C ASN B 371 -53.74 7.19 14.07
N GLY B 372 -53.90 7.55 12.79
CA GLY B 372 -52.99 7.15 11.70
C GLY B 372 -52.97 5.66 11.51
N ILE B 373 -54.09 4.98 11.82
CA ILE B 373 -54.32 3.53 11.55
C ILE B 373 -55.20 3.42 10.31
N PRO B 374 -54.64 3.06 9.14
CA PRO B 374 -55.41 3.07 7.90
C PRO B 374 -56.54 2.03 8.00
N SER B 375 -57.58 2.25 7.21
CA SER B 375 -58.83 1.45 7.23
C SER B 375 -59.39 1.36 5.80
N LEU B 376 -60.22 0.35 5.52
CA LEU B 376 -61.10 0.30 4.32
C LEU B 376 -62.58 0.16 4.71
N ASP B 377 -62.94 0.32 5.99
CA ASP B 377 -64.34 0.20 6.50
C ASP B 377 -65.27 1.12 5.68
N GLU B 378 -64.80 2.32 5.34
CA GLU B 378 -65.62 3.38 4.70
C GLU B 378 -65.96 3.00 3.24
N LEU B 379 -65.38 1.93 2.70
CA LEU B 379 -65.77 1.37 1.37
C LEU B 379 -67.22 0.90 1.41
N GLN B 380 -67.72 0.54 2.60
CA GLN B 380 -69.12 0.06 2.82
C GLN B 380 -70.10 1.13 2.32
N LEU B 381 -69.68 2.41 2.27
CA LEU B 381 -70.52 3.51 1.76
C LEU B 381 -71.14 3.07 0.43
N LEU B 382 -70.37 2.41 -0.42
CA LEU B 382 -70.80 2.12 -1.81
C LEU B 382 -71.82 0.97 -1.85
N ASP B 383 -72.17 0.37 -0.70
CA ASP B 383 -73.24 -0.66 -0.63
C ASP B 383 -74.60 -0.01 -0.37
N TRP B 384 -74.64 1.32 -0.23
CA TRP B 384 -75.88 2.12 -0.02
C TRP B 384 -76.93 1.73 -1.07
N VAL B 385 -76.52 1.66 -2.33
CA VAL B 385 -77.34 1.24 -3.50
C VAL B 385 -76.56 0.20 -4.29
N PRO B 386 -77.23 -0.67 -5.06
CA PRO B 386 -76.51 -1.64 -5.89
C PRO B 386 -75.54 -0.96 -6.86
N ASN B 387 -74.39 -1.61 -7.12
CA ASN B 387 -73.34 -1.14 -8.07
C ASN B 387 -72.97 0.29 -7.71
N GLY B 388 -72.96 0.61 -6.42
CA GLY B 388 -72.75 1.99 -5.94
C GLY B 388 -71.37 2.51 -6.29
N GLY B 389 -71.32 3.76 -6.72
CA GLY B 389 -70.06 4.52 -6.87
C GLY B 389 -70.32 5.92 -6.37
N HIS B 390 -69.29 6.74 -6.22
CA HIS B 390 -69.47 8.14 -5.77
C HIS B 390 -68.69 9.10 -6.65
N ILE B 391 -69.06 10.37 -6.57
CA ILE B 391 -68.31 11.51 -7.13
C ILE B 391 -68.10 12.48 -5.95
N GLY B 392 -66.95 13.13 -5.91
CA GLY B 392 -66.63 14.09 -4.85
C GLY B 392 -66.98 15.48 -5.29
N PHE B 393 -67.90 16.14 -4.59
CA PHE B 393 -68.20 17.58 -4.77
C PHE B 393 -67.85 18.32 -3.45
N VAL B 394 -66.84 19.19 -3.49
CA VAL B 394 -66.21 19.75 -2.27
C VAL B 394 -65.92 21.24 -2.44
N PRO B 395 -66.96 22.08 -2.37
CA PRO B 395 -66.74 23.53 -2.27
C PRO B 395 -66.08 23.97 -0.96
N VAL B 396 -65.30 25.04 -1.04
CA VAL B 396 -64.54 25.65 0.10
C VAL B 396 -65.31 26.89 0.55
N SER B 397 -65.65 26.91 1.83
CA SER B 397 -66.49 27.93 2.52
C SER B 397 -65.63 28.69 3.52
N ALA B 398 -66.15 29.80 4.01
CA ALA B 398 -65.81 30.35 5.34
C ALA B 398 -66.44 29.44 6.39
N PRO B 399 -65.74 29.18 7.52
CA PRO B 399 -66.30 28.42 8.63
C PRO B 399 -67.31 29.25 9.47
N ASP B 400 -68.47 29.57 8.86
CA ASP B 400 -69.61 30.31 9.47
C ASP B 400 -70.86 29.42 9.41
N GLY B 401 -71.65 29.44 10.48
CA GLY B 401 -72.86 28.60 10.60
C GLY B 401 -73.87 28.91 9.52
N ARG B 402 -74.11 30.19 9.24
CA ARG B 402 -75.16 30.58 8.30
C ARG B 402 -74.68 30.22 6.89
N GLU B 403 -73.39 30.40 6.64
CA GLU B 403 -72.73 30.03 5.36
C GLU B 403 -72.88 28.52 5.14
N ALA B 404 -72.70 27.73 6.21
CA ALA B 404 -72.88 26.25 6.19
C ALA B 404 -74.32 25.94 5.87
N MET B 405 -75.23 26.65 6.51
CA MET B 405 -76.70 26.47 6.39
C MET B 405 -77.12 26.73 4.93
N LYS B 406 -76.61 27.80 4.34
CA LYS B 406 -76.88 28.20 2.94
C LYS B 406 -76.46 27.04 2.03
N GLN B 407 -75.22 26.55 2.18
CA GLN B 407 -74.66 25.48 1.31
C GLN B 407 -75.47 24.19 1.46
N PHE B 408 -75.86 23.87 2.70
CA PHE B 408 -76.66 22.67 3.03
C PHE B 408 -77.96 22.67 2.20
N GLU B 409 -78.72 23.76 2.26
CA GLU B 409 -79.99 23.94 1.52
C GLU B 409 -79.74 23.85 0.00
N MET B 410 -78.85 24.70 -0.49
CA MET B 410 -78.46 24.85 -1.91
C MET B 410 -78.18 23.48 -2.55
N VAL B 411 -77.38 22.64 -1.90
CA VAL B 411 -76.93 21.34 -2.47
C VAL B 411 -78.06 20.34 -2.33
N ARG B 412 -78.69 20.26 -1.16
CA ARG B 412 -79.78 19.28 -0.91
C ARG B 412 -80.92 19.50 -1.91
N ASN B 413 -81.27 20.75 -2.21
CA ASN B 413 -82.33 21.09 -3.20
C ASN B 413 -82.01 20.44 -4.54
N ARG B 414 -80.84 20.75 -5.12
CA ARG B 414 -80.40 20.17 -6.42
C ARG B 414 -80.30 18.65 -6.31
N ALA B 415 -79.74 18.13 -5.21
CA ALA B 415 -79.65 16.67 -4.97
C ALA B 415 -81.05 16.06 -5.15
N ASN B 416 -82.05 16.62 -4.45
CA ASN B 416 -83.49 16.22 -4.54
C ASN B 416 -83.96 16.23 -6.00
N GLU B 417 -83.79 17.36 -6.67
CA GLU B 417 -84.19 17.60 -8.08
C GLU B 417 -83.66 16.48 -8.99
N TYR B 418 -82.39 16.05 -8.82
CA TYR B 418 -81.72 15.04 -9.69
C TYR B 418 -81.82 13.63 -9.10
N ASN B 419 -82.59 13.47 -8.02
CA ASN B 419 -82.93 12.16 -7.40
C ASN B 419 -81.65 11.45 -6.93
N LYS B 420 -80.78 12.21 -6.26
CA LYS B 420 -79.57 11.70 -5.56
C LYS B 420 -79.66 12.06 -4.08
N ASP B 421 -79.27 11.13 -3.21
CA ASP B 421 -79.23 11.36 -1.73
C ASP B 421 -78.10 12.33 -1.40
N TYR B 422 -78.29 13.11 -0.35
CA TYR B 422 -77.34 14.14 0.13
C TYR B 422 -76.48 13.54 1.26
N MET B 423 -75.39 12.84 0.90
CA MET B 423 -74.31 12.45 1.86
C MET B 423 -73.33 13.62 1.91
N ALA B 424 -73.29 14.34 3.03
CA ALA B 424 -72.39 15.51 3.20
C ALA B 424 -71.69 15.44 4.55
N SER B 425 -70.46 15.94 4.57
CA SER B 425 -69.68 16.26 5.78
C SER B 425 -69.27 17.73 5.68
N PHE B 426 -69.33 18.45 6.79
CA PHE B 426 -68.68 19.77 6.95
C PHE B 426 -67.41 19.56 7.76
N ILE B 427 -66.29 19.79 7.10
CA ILE B 427 -64.93 19.63 7.68
C ILE B 427 -64.30 21.02 7.77
N ILE B 428 -63.42 21.21 8.75
CA ILE B 428 -62.75 22.52 9.02
C ILE B 428 -61.25 22.27 9.22
N GLY B 429 -60.40 22.97 8.49
CA GLY B 429 -58.99 23.16 8.87
C GLY B 429 -58.89 24.29 9.87
N LEU B 430 -57.95 25.23 9.71
CA LEU B 430 -57.87 26.34 10.69
C LEU B 430 -58.95 27.38 10.38
N ARG B 431 -59.04 27.83 9.14
CA ARG B 431 -59.78 29.06 8.79
C ARG B 431 -60.68 28.83 7.58
N GLU B 432 -60.77 27.60 7.09
CA GLU B 432 -61.55 27.25 5.88
C GLU B 432 -62.48 26.09 6.21
N MET B 433 -63.58 25.98 5.48
CA MET B 433 -64.56 24.89 5.66
C MET B 433 -64.70 24.19 4.32
N TYR B 434 -64.75 22.85 4.35
CA TYR B 434 -64.98 22.00 3.17
C TYR B 434 -66.38 21.44 3.32
N HIS B 435 -67.19 21.56 2.27
CA HIS B 435 -68.51 20.92 2.18
C HIS B 435 -68.32 19.65 1.34
N VAL B 436 -67.89 18.57 2.00
CA VAL B 436 -67.54 17.29 1.33
C VAL B 436 -68.85 16.54 1.07
N CYS B 437 -69.34 16.60 -0.17
CA CYS B 437 -70.56 15.90 -0.64
C CYS B 437 -70.16 14.69 -1.49
N LEU B 438 -70.54 13.49 -1.05
CA LEU B 438 -70.35 12.23 -1.80
C LEU B 438 -71.72 11.81 -2.32
N PHE B 439 -71.93 11.92 -3.62
CA PHE B 439 -73.18 11.48 -4.27
C PHE B 439 -73.00 10.01 -4.67
N ILE B 440 -73.72 9.13 -3.99
CA ILE B 440 -73.68 7.66 -4.25
C ILE B 440 -74.77 7.31 -5.26
N TYR B 441 -74.45 6.55 -6.30
CA TYR B 441 -75.35 6.28 -7.45
C TYR B 441 -75.03 4.92 -8.07
N ASP B 442 -76.01 4.35 -8.77
CA ASP B 442 -75.89 3.08 -9.55
C ASP B 442 -74.96 3.39 -10.73
N THR B 443 -73.72 2.92 -10.69
CA THR B 443 -72.74 3.11 -11.79
C THR B 443 -73.20 2.36 -13.03
N ALA B 444 -74.11 1.38 -12.87
CA ALA B 444 -74.64 0.53 -13.96
C ALA B 444 -75.78 1.22 -14.72
N ASP B 445 -76.34 2.31 -14.19
CA ASP B 445 -77.50 3.03 -14.78
C ASP B 445 -76.97 4.24 -15.55
N PRO B 446 -76.90 4.19 -16.91
CA PRO B 446 -76.41 5.33 -17.69
C PRO B 446 -77.18 6.61 -17.36
N GLU B 447 -78.45 6.46 -16.97
CA GLU B 447 -79.33 7.62 -16.64
C GLU B 447 -78.85 8.28 -15.35
N ALA B 448 -78.63 7.48 -14.29
CA ALA B 448 -78.01 7.92 -13.01
C ALA B 448 -76.65 8.59 -13.29
N ARG B 449 -75.80 7.94 -14.09
CA ARG B 449 -74.48 8.51 -14.47
C ARG B 449 -74.67 9.91 -15.08
N GLU B 450 -75.62 10.09 -16.00
CA GLU B 450 -75.82 11.39 -16.68
C GLU B 450 -76.42 12.40 -15.67
N GLU B 451 -77.38 11.97 -14.85
CA GLU B 451 -77.93 12.81 -13.74
C GLU B 451 -76.76 13.36 -12.91
N ILE B 452 -75.82 12.49 -12.52
CA ILE B 452 -74.63 12.88 -11.69
C ILE B 452 -73.85 13.97 -12.43
N LEU B 453 -73.50 13.74 -13.70
CA LEU B 453 -72.70 14.70 -14.50
C LEU B 453 -73.47 16.03 -14.58
N GLN B 454 -74.76 16.00 -14.91
CA GLN B 454 -75.53 17.25 -15.10
C GLN B 454 -75.76 17.92 -13.74
N MET B 455 -76.07 17.14 -12.70
CA MET B 455 -76.33 17.69 -11.35
C MET B 455 -75.09 18.45 -10.87
N THR B 456 -73.87 17.89 -11.04
CA THR B 456 -72.62 18.45 -10.48
C THR B 456 -72.18 19.66 -11.30
N LYS B 457 -72.42 19.67 -12.61
CA LYS B 457 -72.20 20.87 -13.45
C LYS B 457 -73.03 22.04 -12.87
N VAL B 458 -74.28 21.78 -12.52
CA VAL B 458 -75.19 22.79 -11.92
C VAL B 458 -74.65 23.21 -10.55
N LEU B 459 -74.24 22.24 -9.72
CA LEU B 459 -73.75 22.49 -8.34
C LEU B 459 -72.44 23.29 -8.38
N VAL B 460 -71.56 23.04 -9.35
CA VAL B 460 -70.26 23.78 -9.52
C VAL B 460 -70.57 25.26 -9.80
N ARG B 461 -71.40 25.51 -10.81
CA ARG B 461 -71.73 26.88 -11.30
C ARG B 461 -72.47 27.65 -10.18
N GLU B 462 -73.44 26.99 -9.57
CA GLU B 462 -74.34 27.61 -8.57
C GLU B 462 -73.49 27.95 -7.34
N ALA B 463 -72.60 27.04 -6.94
CA ALA B 463 -71.64 27.24 -5.82
C ALA B 463 -70.73 28.42 -6.15
N ALA B 464 -70.26 28.49 -7.40
CA ALA B 464 -69.33 29.55 -7.87
C ALA B 464 -70.05 30.90 -7.84
N GLU B 465 -71.33 30.92 -8.22
CA GLU B 465 -72.21 32.13 -8.26
C GLU B 465 -72.40 32.68 -6.83
N ALA B 466 -72.37 31.81 -5.81
CA ALA B 466 -72.46 32.19 -4.37
C ALA B 466 -71.07 32.50 -3.78
N GLY B 467 -69.98 32.34 -4.55
CA GLY B 467 -68.60 32.68 -4.14
C GLY B 467 -67.84 31.50 -3.54
N TYR B 468 -68.23 30.26 -3.88
CA TYR B 468 -67.63 29.00 -3.37
C TYR B 468 -66.92 28.27 -4.51
N GLY B 469 -65.58 28.18 -4.43
CA GLY B 469 -64.75 27.39 -5.37
C GLY B 469 -64.54 25.99 -4.84
N GLU B 470 -64.34 25.01 -5.72
CA GLU B 470 -63.98 23.63 -5.33
C GLU B 470 -62.48 23.55 -5.06
N TYR B 471 -62.07 22.73 -4.08
CA TYR B 471 -60.65 22.50 -3.72
C TYR B 471 -60.06 21.40 -4.62
N ARG B 472 -60.94 20.55 -5.14
CA ARG B 472 -60.61 19.31 -5.88
C ARG B 472 -61.85 18.84 -6.66
N THR B 473 -61.67 18.22 -7.83
CA THR B 473 -62.82 17.69 -8.60
C THR B 473 -62.43 16.52 -9.50
N HIS B 474 -63.44 15.93 -10.13
CA HIS B 474 -63.41 14.75 -11.02
C HIS B 474 -63.01 15.20 -12.43
N ASN B 475 -62.39 14.31 -13.21
CA ASN B 475 -62.01 14.56 -14.61
C ASN B 475 -63.13 15.33 -15.31
N ALA B 476 -64.37 14.83 -15.21
CA ALA B 476 -65.55 15.29 -15.98
C ALA B 476 -65.89 16.76 -15.66
N LEU B 477 -65.34 17.35 -14.60
CA LEU B 477 -65.70 18.73 -14.14
C LEU B 477 -64.50 19.70 -14.16
N MET B 478 -63.32 19.26 -14.55
CA MET B 478 -62.07 20.04 -14.34
C MET B 478 -62.11 21.33 -15.16
N ASP B 479 -62.59 21.25 -16.39
CA ASP B 479 -62.79 22.44 -17.29
C ASP B 479 -63.77 23.41 -16.61
N ASP B 480 -64.95 22.92 -16.26
CA ASP B 480 -66.01 23.75 -15.64
C ASP B 480 -65.47 24.41 -14.38
N VAL B 481 -64.79 23.64 -13.52
CA VAL B 481 -64.26 24.14 -12.23
C VAL B 481 -63.21 25.21 -12.54
N MET B 482 -62.19 24.90 -13.33
CA MET B 482 -61.12 25.89 -13.61
C MET B 482 -61.74 27.15 -14.24
N ALA B 483 -62.84 27.00 -14.98
CA ALA B 483 -63.53 28.14 -15.64
C ALA B 483 -64.04 29.13 -14.58
N THR B 484 -64.38 28.66 -13.37
CA THR B 484 -64.91 29.51 -12.27
C THR B 484 -63.83 30.45 -11.72
N PHE B 485 -62.55 30.08 -11.79
CA PHE B 485 -61.44 30.89 -11.20
C PHE B 485 -60.97 31.93 -12.23
N ASN B 486 -61.94 32.66 -12.80
CA ASN B 486 -61.73 33.51 -13.99
C ASN B 486 -61.53 34.98 -13.61
N TRP B 487 -61.09 35.29 -12.41
CA TRP B 487 -60.74 36.69 -12.03
C TRP B 487 -59.72 37.23 -13.03
N GLY B 488 -59.82 38.52 -13.34
CA GLY B 488 -58.90 39.24 -14.25
C GLY B 488 -58.93 38.62 -15.63
N ASP B 489 -60.10 38.14 -16.06
CA ASP B 489 -60.32 37.56 -17.41
C ASP B 489 -59.49 36.29 -17.53
N GLY B 490 -59.65 35.36 -16.59
CA GLY B 490 -58.98 34.04 -16.57
C GLY B 490 -57.47 34.16 -16.52
N ALA B 491 -56.94 35.12 -15.76
CA ALA B 491 -55.49 35.34 -15.56
C ALA B 491 -54.81 34.09 -14.99
N LEU B 492 -55.45 33.40 -14.05
CA LEU B 492 -54.88 32.18 -13.41
C LEU B 492 -54.61 31.10 -14.48
N LEU B 493 -55.62 30.74 -15.27
CA LEU B 493 -55.47 29.66 -16.28
C LEU B 493 -54.46 30.09 -17.35
N LYS B 494 -54.39 31.38 -17.66
CA LYS B 494 -53.43 31.90 -18.69
C LYS B 494 -52.00 31.76 -18.18
N PHE B 495 -51.80 31.96 -16.88
CA PHE B 495 -50.48 31.81 -16.21
C PHE B 495 -50.09 30.33 -16.24
N HIS B 496 -51.03 29.44 -15.89
CA HIS B 496 -50.80 27.97 -15.83
C HIS B 496 -50.45 27.47 -17.24
N GLU B 497 -51.13 28.02 -18.24
CA GLU B 497 -50.99 27.59 -19.66
C GLU B 497 -49.58 27.98 -20.14
N LYS B 498 -49.11 29.18 -19.84
CA LYS B 498 -47.77 29.63 -20.30
C LYS B 498 -46.72 28.70 -19.72
N ILE B 499 -46.81 28.41 -18.42
CA ILE B 499 -45.85 27.53 -17.71
C ILE B 499 -45.96 26.13 -18.30
N LYS B 500 -47.19 25.64 -18.52
CA LYS B 500 -47.44 24.30 -19.13
C LYS B 500 -46.68 24.21 -20.46
N ASP B 501 -46.83 25.24 -21.32
CA ASP B 501 -46.29 25.26 -22.69
C ASP B 501 -44.76 25.46 -22.65
N ALA B 502 -44.23 26.13 -21.62
CA ALA B 502 -42.79 26.35 -21.44
C ALA B 502 -42.08 25.03 -21.09
N LEU B 503 -42.63 24.22 -20.17
CA LEU B 503 -42.01 22.97 -19.67
C LEU B 503 -42.44 21.81 -20.55
N ASP B 504 -43.62 21.88 -21.17
CA ASP B 504 -44.17 20.73 -21.95
C ASP B 504 -44.42 21.15 -23.40
N PRO B 505 -43.36 21.53 -24.16
CA PRO B 505 -43.55 22.08 -25.50
C PRO B 505 -44.30 21.16 -26.47
N ASN B 506 -44.30 19.85 -26.21
CA ASN B 506 -45.00 18.85 -27.07
C ASN B 506 -46.34 18.44 -26.44
N GLY B 507 -46.75 19.07 -25.33
CA GLY B 507 -48.03 18.82 -24.64
C GLY B 507 -48.25 17.34 -24.40
N ILE B 508 -47.46 16.75 -23.50
CA ILE B 508 -47.37 15.28 -23.29
C ILE B 508 -48.03 14.90 -21.97
N ILE B 509 -47.74 15.61 -20.88
CA ILE B 509 -48.14 15.19 -19.51
C ILE B 509 -49.60 15.61 -19.25
N ALA B 510 -50.45 14.60 -19.01
CA ALA B 510 -51.84 14.69 -18.48
C ALA B 510 -52.51 15.96 -18.99
N PRO B 511 -52.72 16.06 -20.31
CA PRO B 511 -53.42 17.21 -20.88
C PRO B 511 -54.82 17.33 -20.26
N GLY B 512 -55.17 18.53 -19.81
CA GLY B 512 -56.52 18.88 -19.32
C GLY B 512 -56.67 18.69 -17.82
N LYS B 513 -55.67 18.14 -17.15
CA LYS B 513 -55.62 18.06 -15.67
C LYS B 513 -55.80 19.48 -15.15
N SER B 514 -56.76 19.65 -14.24
CA SER B 514 -57.07 20.93 -13.56
C SER B 514 -57.46 22.00 -14.60
N GLY B 515 -57.98 21.55 -15.75
CA GLY B 515 -58.41 22.39 -16.87
C GLY B 515 -57.25 22.99 -17.64
N ILE B 516 -56.02 22.50 -17.42
CA ILE B 516 -54.81 23.06 -18.08
C ILE B 516 -54.48 22.18 -19.29
N TRP B 517 -54.78 22.67 -20.49
CA TRP B 517 -54.45 22.00 -21.78
C TRP B 517 -53.20 22.63 -22.38
N PRO B 518 -52.29 21.83 -22.95
CA PRO B 518 -51.15 22.39 -23.69
C PRO B 518 -51.63 22.93 -25.04
N GLN B 519 -50.80 23.74 -25.68
CA GLN B 519 -51.11 24.52 -26.90
C GLN B 519 -51.82 23.65 -27.95
N ARG B 520 -51.32 22.44 -28.22
CA ARG B 520 -51.78 21.63 -29.37
C ARG B 520 -53.20 21.10 -29.14
N PHE B 521 -53.76 21.22 -27.93
CA PHE B 521 -55.11 20.66 -27.62
C PHE B 521 -56.12 21.79 -27.33
N ARG B 522 -55.66 23.03 -27.19
CA ARG B 522 -56.52 24.16 -26.74
C ARG B 522 -57.53 24.55 -27.82
N GLY B 523 -58.83 24.38 -27.50
CA GLY B 523 -59.97 24.78 -28.34
C GLY B 523 -60.61 23.60 -29.05
N GLN B 524 -60.25 22.36 -28.69
CA GLN B 524 -60.62 21.15 -29.48
C GLN B 524 -61.76 20.35 -28.85
N ASN B 525 -62.29 20.73 -27.68
CA ASN B 525 -63.40 19.97 -27.04
C ASN B 525 -62.99 18.51 -26.87
N LEU B 526 -61.92 18.24 -26.11
CA LEU B 526 -61.27 16.90 -25.97
C LEU B 526 -60.46 16.58 -27.23
N ARG C 3 21.47 21.98 -6.62
CA ARG C 3 21.52 20.57 -6.15
C ARG C 3 20.24 20.28 -5.39
N THR C 4 19.47 19.27 -5.83
CA THR C 4 18.24 18.80 -5.16
C THR C 4 18.60 18.06 -3.86
N LEU C 5 18.13 18.57 -2.72
CA LEU C 5 18.29 17.95 -1.37
C LEU C 5 16.93 17.56 -0.79
N PRO C 6 16.88 16.52 0.07
CA PRO C 6 15.66 16.22 0.82
C PRO C 6 15.27 17.41 1.70
N PRO C 7 13.97 17.58 2.01
CA PRO C 7 13.55 18.68 2.90
C PRO C 7 14.25 18.61 4.25
N GLY C 8 14.79 19.73 4.74
CA GLY C 8 15.40 19.88 6.06
C GLY C 8 16.68 19.07 6.22
N VAL C 9 17.32 18.67 5.11
CA VAL C 9 18.57 17.85 5.12
C VAL C 9 19.67 18.63 4.39
N SER C 10 20.81 18.82 5.06
CA SER C 10 21.97 19.63 4.62
C SER C 10 22.78 18.86 3.57
N ASP C 11 23.64 19.57 2.84
CA ASP C 11 24.61 18.99 1.87
C ASP C 11 25.39 17.87 2.57
N GLU C 12 25.86 18.15 3.80
CA GLU C 12 26.79 17.28 4.57
C GLU C 12 26.06 16.05 5.13
N ARG C 13 24.81 16.19 5.58
CA ARG C 13 23.97 15.05 6.06
C ARG C 13 23.64 14.14 4.87
N PHE C 14 23.29 14.73 3.72
CA PHE C 14 22.85 13.95 2.53
C PHE C 14 24.03 13.14 2.00
N ASP C 15 25.21 13.77 1.89
CA ASP C 15 26.48 13.14 1.43
C ASP C 15 26.82 11.95 2.32
N ALA C 16 26.62 12.07 3.64
CA ALA C 16 26.79 10.96 4.61
C ALA C 16 25.81 9.84 4.24
N ALA C 17 24.53 10.17 4.05
CA ALA C 17 23.43 9.22 3.78
C ALA C 17 23.68 8.49 2.46
N LEU C 18 24.10 9.23 1.41
CA LEU C 18 24.42 8.65 0.08
C LEU C 18 25.51 7.58 0.23
N GLN C 19 26.52 7.85 1.06
CA GLN C 19 27.62 6.89 1.33
C GLN C 19 27.04 5.66 2.04
N ARG C 20 26.20 5.85 3.06
CA ARG C 20 25.56 4.73 3.81
C ARG C 20 24.79 3.85 2.81
N PHE C 21 24.06 4.47 1.88
CA PHE C 21 23.34 3.78 0.77
C PHE C 21 24.36 2.99 -0.06
N ARG C 22 25.47 3.63 -0.45
CA ARG C 22 26.56 2.96 -1.22
C ARG C 22 27.07 1.75 -0.44
N ASP C 23 27.23 1.86 0.88
CA ASP C 23 27.74 0.77 1.75
C ASP C 23 26.84 -0.46 1.65
N VAL C 24 25.55 -0.25 1.37
CA VAL C 24 24.50 -1.33 1.32
C VAL C 24 24.42 -1.92 -0.09
N VAL C 25 24.26 -1.09 -1.13
CA VAL C 25 23.84 -1.54 -2.48
C VAL C 25 25.03 -1.54 -3.46
N GLY C 26 26.18 -0.97 -3.06
CA GLY C 26 27.33 -0.82 -3.94
C GLY C 26 27.37 0.59 -4.54
N ASP C 27 28.57 1.01 -4.90
CA ASP C 27 28.97 2.38 -5.30
C ASP C 27 28.22 2.76 -6.59
N LYS C 28 28.08 1.77 -7.46
CA LYS C 28 27.54 1.87 -8.85
C LYS C 28 26.03 2.11 -8.82
N TRP C 29 25.37 1.72 -7.74
CA TRP C 29 23.89 1.57 -7.66
C TRP C 29 23.27 2.72 -6.86
N VAL C 30 24.02 3.81 -6.70
CA VAL C 30 23.54 5.10 -6.10
C VAL C 30 23.86 6.19 -7.12
N LEU C 31 22.85 6.79 -7.72
CA LEU C 31 22.99 7.93 -8.67
C LEU C 31 22.64 9.20 -7.91
N SER C 32 23.41 10.28 -8.09
CA SER C 32 23.13 11.58 -7.42
C SER C 32 23.67 12.79 -8.20
N THR C 33 24.20 12.62 -9.42
CA THR C 33 24.59 13.77 -10.29
C THR C 33 23.37 14.18 -11.10
N ALA C 34 23.26 15.47 -11.45
CA ALA C 34 22.15 16.06 -12.25
C ALA C 34 21.98 15.28 -13.57
N ASP C 35 23.08 14.89 -14.21
CA ASP C 35 23.07 14.12 -15.49
C ASP C 35 22.46 12.74 -15.26
N GLU C 36 22.85 12.06 -14.18
CA GLU C 36 22.38 10.69 -13.82
C GLU C 36 20.86 10.73 -13.55
N LEU C 37 20.36 11.83 -12.96
CA LEU C 37 18.97 11.95 -12.44
C LEU C 37 17.99 12.36 -13.55
N GLU C 38 18.47 13.06 -14.58
CA GLU C 38 17.68 13.50 -15.76
C GLU C 38 16.70 12.40 -16.19
N ALA C 39 17.19 11.18 -16.37
CA ALA C 39 16.45 10.02 -16.92
C ALA C 39 15.27 9.64 -16.01
N PHE C 40 15.29 10.05 -14.74
CA PHE C 40 14.28 9.70 -13.71
C PHE C 40 13.29 10.85 -13.48
N ARG C 41 13.46 11.97 -14.19
CA ARG C 41 12.43 13.03 -14.22
C ARG C 41 11.20 12.54 -15.00
N ASP C 42 10.02 13.03 -14.61
CA ASP C 42 8.72 12.78 -15.29
C ASP C 42 8.94 12.97 -16.79
N PRO C 43 8.89 11.90 -17.62
CA PRO C 43 9.06 12.06 -19.07
C PRO C 43 7.94 12.89 -19.74
N TYR C 44 6.77 12.97 -19.10
CA TYR C 44 5.62 13.80 -19.54
C TYR C 44 5.37 14.86 -18.46
N PRO C 45 6.28 15.86 -18.32
CA PRO C 45 6.18 16.84 -17.24
C PRO C 45 4.87 17.64 -17.34
N VAL C 46 4.30 17.91 -16.17
CA VAL C 46 3.02 18.65 -16.00
C VAL C 46 3.36 19.95 -15.27
N GLY C 47 2.79 21.08 -15.72
CA GLY C 47 3.07 22.41 -15.16
C GLY C 47 4.34 22.98 -15.76
N ALA C 48 4.38 24.31 -15.90
CA ALA C 48 5.52 25.10 -16.39
C ALA C 48 6.71 24.88 -15.45
N ALA C 49 6.49 25.12 -14.15
CA ALA C 49 7.55 25.08 -13.12
C ALA C 49 8.09 23.66 -12.98
N GLU C 50 9.37 23.57 -12.64
CA GLU C 50 10.02 22.36 -12.10
C GLU C 50 9.17 21.82 -10.94
N ALA C 51 9.01 20.51 -10.89
CA ALA C 51 8.31 19.78 -9.81
C ALA C 51 8.84 18.34 -9.79
N ASN C 52 8.66 17.63 -8.69
CA ASN C 52 8.82 16.15 -8.64
C ASN C 52 10.31 15.81 -8.92
N LEU C 53 11.22 16.52 -8.23
CA LEU C 53 12.68 16.39 -8.43
C LEU C 53 13.23 15.33 -7.50
N PRO C 54 13.83 14.24 -8.03
CA PRO C 54 14.56 13.28 -7.20
C PRO C 54 15.92 13.81 -6.74
N SER C 55 16.31 13.48 -5.52
CA SER C 55 17.61 13.88 -4.91
C SER C 55 18.68 12.83 -5.25
N ALA C 56 18.26 11.57 -5.39
CA ALA C 56 19.13 10.40 -5.66
C ALA C 56 18.30 9.23 -6.18
N VAL C 57 18.96 8.23 -6.76
CA VAL C 57 18.35 6.91 -7.11
C VAL C 57 19.21 5.82 -6.47
N VAL C 58 18.58 4.97 -5.68
CA VAL C 58 19.24 3.79 -5.05
C VAL C 58 18.55 2.55 -5.61
N SER C 59 19.34 1.60 -6.12
CA SER C 59 18.86 0.33 -6.74
C SER C 59 19.28 -0.84 -5.88
N PRO C 60 18.38 -1.35 -4.99
CA PRO C 60 18.73 -2.46 -4.11
C PRO C 60 18.69 -3.80 -4.86
N GLU C 61 19.41 -4.80 -4.35
CA GLU C 61 19.57 -6.12 -5.00
C GLU C 61 18.68 -7.15 -4.31
N SER C 62 18.21 -6.87 -3.11
CA SER C 62 17.57 -7.87 -2.21
C SER C 62 16.61 -7.18 -1.23
N THR C 63 15.68 -7.98 -0.68
CA THR C 63 14.75 -7.56 0.38
C THR C 63 15.58 -6.95 1.51
N GLU C 64 16.59 -7.69 1.95
CA GLU C 64 17.49 -7.28 3.07
C GLU C 64 18.04 -5.86 2.80
N GLN C 65 18.49 -5.60 1.58
CA GLN C 65 19.07 -4.27 1.20
C GLN C 65 17.96 -3.21 1.32
N VAL C 66 16.74 -3.52 0.91
CA VAL C 66 15.59 -2.59 1.03
C VAL C 66 15.44 -2.23 2.51
N GLN C 67 15.45 -3.22 3.41
CA GLN C 67 15.37 -3.02 4.87
C GLN C 67 16.45 -2.01 5.30
N ASP C 68 17.71 -2.27 4.93
CA ASP C 68 18.88 -1.45 5.32
C ASP C 68 18.69 -0.01 4.82
N ILE C 69 18.22 0.17 3.60
CA ILE C 69 18.02 1.52 3.00
C ILE C 69 16.95 2.26 3.81
N VAL C 70 15.82 1.61 4.09
CA VAL C 70 14.67 2.20 4.84
C VAL C 70 15.15 2.58 6.23
N ARG C 71 16.00 1.76 6.84
CA ARG C 71 16.56 2.02 8.19
C ARG C 71 17.45 3.26 8.14
N ILE C 72 18.27 3.37 7.10
CA ILE C 72 19.18 4.54 6.92
C ILE C 72 18.32 5.78 6.69
N ALA C 73 17.29 5.66 5.86
CA ALA C 73 16.33 6.75 5.56
C ALA C 73 15.72 7.24 6.87
N ASN C 74 15.31 6.32 7.74
CA ASN C 74 14.68 6.66 9.05
C ASN C 74 15.68 7.50 9.85
N GLU C 75 16.94 7.07 9.89
CA GLU C 75 18.04 7.72 10.67
C GLU C 75 18.20 9.19 10.27
N TYR C 76 18.18 9.44 8.97
CA TYR C 76 18.55 10.75 8.36
C TYR C 76 17.30 11.54 7.96
N GLY C 77 16.10 11.00 8.14
CA GLY C 77 14.85 11.65 7.70
C GLY C 77 14.82 11.87 6.19
N ILE C 78 15.40 10.96 5.41
CA ILE C 78 15.36 11.03 3.92
C ILE C 78 14.04 10.41 3.45
N PRO C 79 13.21 11.10 2.63
CA PRO C 79 12.02 10.49 2.06
C PRO C 79 12.41 9.55 0.92
N LEU C 80 11.77 8.39 0.87
CA LEU C 80 11.99 7.33 -0.14
C LEU C 80 10.73 7.20 -1.02
N HIS C 81 10.91 7.25 -2.34
CA HIS C 81 9.86 6.95 -3.35
C HIS C 81 10.15 5.58 -3.96
N PRO C 82 9.53 4.49 -3.46
CA PRO C 82 9.74 3.16 -4.04
C PRO C 82 9.01 3.01 -5.37
N VAL C 83 9.72 2.62 -6.41
CA VAL C 83 9.12 2.24 -7.73
C VAL C 83 9.60 0.83 -8.07
N SER C 84 8.96 0.20 -9.05
CA SER C 84 9.39 -1.10 -9.61
C SER C 84 10.29 -0.82 -10.82
N THR C 85 9.68 -0.53 -11.98
CA THR C 85 10.33 -0.18 -13.27
C THR C 85 10.30 1.35 -13.47
N GLY C 86 9.35 2.04 -12.83
CA GLY C 86 9.23 3.51 -12.89
C GLY C 86 8.65 3.99 -14.21
N LYS C 87 7.76 3.21 -14.81
CA LYS C 87 7.15 3.53 -16.13
C LYS C 87 5.72 4.04 -15.96
N ASN C 88 5.43 4.74 -14.85
CA ASN C 88 4.05 5.17 -14.53
C ASN C 88 3.73 6.43 -15.36
N ASN C 89 4.09 6.40 -16.65
CA ASN C 89 4.01 7.55 -17.59
C ASN C 89 2.55 7.96 -17.74
N GLY C 90 2.25 9.24 -17.55
CA GLY C 90 0.88 9.77 -17.51
C GLY C 90 0.46 10.07 -16.09
N TYR C 91 1.19 9.53 -15.10
CA TYR C 91 0.96 9.76 -13.66
C TYR C 91 2.25 10.19 -12.96
N GLY C 92 3.28 10.56 -13.72
CA GLY C 92 4.53 11.14 -13.17
C GLY C 92 5.76 10.32 -13.50
N GLY C 93 5.59 9.15 -14.11
CA GLY C 93 6.70 8.24 -14.43
C GLY C 93 7.35 7.69 -13.16
N ALA C 94 8.64 7.95 -12.97
CA ALA C 94 9.42 7.50 -11.80
C ALA C 94 9.51 8.63 -10.78
N ALA C 95 9.17 9.86 -11.16
CA ALA C 95 9.41 11.07 -10.35
C ALA C 95 8.63 10.96 -9.04
N PRO C 96 9.22 11.39 -7.91
CA PRO C 96 8.51 11.36 -6.63
C PRO C 96 7.48 12.48 -6.53
N ARG C 97 6.39 12.25 -5.79
CA ARG C 97 5.42 13.32 -5.45
C ARG C 97 6.17 14.47 -4.78
N LEU C 98 6.90 14.16 -3.70
CA LEU C 98 7.66 15.15 -2.89
C LEU C 98 9.06 15.34 -3.49
N SER C 99 9.39 16.59 -3.85
CA SER C 99 10.74 16.97 -4.36
C SER C 99 11.76 16.75 -3.24
N GLY C 100 12.91 16.18 -3.59
CA GLY C 100 14.00 15.88 -2.64
C GLY C 100 13.96 14.43 -2.18
N SER C 101 12.92 13.68 -2.55
CA SER C 101 12.78 12.23 -2.22
C SER C 101 13.86 11.45 -2.99
N VAL C 102 14.40 10.41 -2.37
CA VAL C 102 15.29 9.42 -3.04
C VAL C 102 14.38 8.36 -3.69
N ILE C 103 14.53 8.13 -4.99
CA ILE C 103 13.85 7.01 -5.70
C ILE C 103 14.57 5.72 -5.30
N VAL C 104 13.83 4.75 -4.78
CA VAL C 104 14.32 3.36 -4.58
C VAL C 104 13.82 2.52 -5.75
N LYS C 105 14.64 2.38 -6.79
CA LYS C 105 14.27 1.58 -7.99
C LYS C 105 14.48 0.10 -7.66
N THR C 106 13.45 -0.54 -7.10
CA THR C 106 13.52 -1.97 -6.71
C THR C 106 13.73 -2.83 -7.96
N GLY C 107 13.15 -2.43 -9.09
CA GLY C 107 13.06 -3.29 -10.28
C GLY C 107 14.38 -3.42 -11.03
N GLU C 108 15.26 -2.44 -10.91
CA GLU C 108 16.56 -2.44 -11.63
C GLU C 108 17.24 -3.80 -11.41
N ARG C 109 17.44 -4.19 -10.14
CA ARG C 109 18.20 -5.44 -9.81
C ARG C 109 17.28 -6.52 -9.23
N MET C 110 16.20 -6.14 -8.55
CA MET C 110 15.21 -7.13 -8.03
C MET C 110 14.20 -7.39 -9.15
N ASN C 111 14.61 -8.19 -10.13
CA ASN C 111 13.88 -8.40 -11.41
C ASN C 111 13.73 -9.90 -11.71
N ARG C 112 13.65 -10.74 -10.69
CA ARG C 112 13.72 -12.21 -10.87
C ARG C 112 12.32 -12.78 -10.76
N ILE C 113 11.96 -13.63 -11.70
CA ILE C 113 10.75 -14.50 -11.63
C ILE C 113 11.03 -15.59 -10.61
N LEU C 114 10.43 -15.50 -9.40
CA LEU C 114 10.74 -16.43 -8.28
C LEU C 114 9.97 -17.73 -8.47
N GLU C 115 8.78 -17.70 -9.09
CA GLU C 115 8.01 -18.94 -9.37
C GLU C 115 6.91 -18.68 -10.41
N VAL C 116 6.75 -19.61 -11.33
CA VAL C 116 5.54 -19.74 -12.18
C VAL C 116 5.02 -21.16 -12.00
N ASN C 117 3.86 -21.31 -11.37
CA ASN C 117 3.28 -22.63 -11.06
C ASN C 117 2.27 -22.99 -12.16
N GLU C 118 2.61 -23.98 -12.99
CA GLU C 118 1.73 -24.45 -14.10
C GLU C 118 0.48 -25.11 -13.53
N LYS C 119 0.60 -25.83 -12.42
CA LYS C 119 -0.54 -26.62 -11.87
C LYS C 119 -1.64 -25.66 -11.38
N TYR C 120 -1.27 -24.69 -10.55
CA TYR C 120 -2.22 -23.81 -9.82
C TYR C 120 -2.39 -22.47 -10.55
N GLY C 121 -1.59 -22.22 -11.59
CA GLY C 121 -1.75 -21.03 -12.43
C GLY C 121 -1.50 -19.76 -11.65
N TYR C 122 -0.26 -19.53 -11.25
CA TYR C 122 0.17 -18.29 -10.56
C TYR C 122 1.66 -18.04 -10.79
N ALA C 123 2.05 -16.79 -10.58
CA ALA C 123 3.44 -16.30 -10.55
C ALA C 123 3.71 -15.63 -9.20
N LEU C 124 4.92 -15.81 -8.68
CA LEU C 124 5.48 -15.02 -7.57
C LEU C 124 6.64 -14.23 -8.18
N LEU C 125 6.56 -12.90 -8.11
CA LEU C 125 7.40 -11.99 -8.92
C LEU C 125 8.07 -10.96 -8.03
N GLU C 126 9.28 -10.57 -8.38
CA GLU C 126 9.93 -9.33 -7.87
C GLU C 126 9.41 -8.16 -8.70
N PRO C 127 9.65 -6.91 -8.24
CA PRO C 127 9.18 -5.72 -8.96
C PRO C 127 9.70 -5.53 -10.40
N GLY C 128 10.92 -5.97 -10.70
CA GLY C 128 11.60 -5.65 -11.97
C GLY C 128 11.13 -6.51 -13.14
N VAL C 129 10.30 -7.53 -12.89
CA VAL C 129 9.77 -8.41 -13.96
C VAL C 129 8.77 -7.59 -14.78
N THR C 130 9.14 -7.28 -16.03
CA THR C 130 8.25 -6.57 -16.99
C THR C 130 7.32 -7.59 -17.62
N TYR C 131 6.26 -7.10 -18.27
CA TYR C 131 5.27 -7.94 -18.98
C TYR C 131 6.00 -8.69 -20.09
N PHE C 132 7.01 -8.06 -20.70
CA PHE C 132 7.85 -8.68 -21.74
C PHE C 132 8.64 -9.83 -21.10
N ASP C 133 9.32 -9.55 -19.98
CA ASP C 133 10.09 -10.57 -19.22
C ASP C 133 9.18 -11.78 -18.98
N LEU C 134 7.99 -11.57 -18.42
CA LEU C 134 7.10 -12.67 -17.98
C LEU C 134 6.50 -13.36 -19.20
N TYR C 135 6.20 -12.62 -20.27
CA TYR C 135 5.75 -13.22 -21.55
C TYR C 135 6.85 -14.11 -22.13
N GLU C 136 8.07 -13.59 -22.22
CA GLU C 136 9.25 -14.35 -22.70
C GLU C 136 9.35 -15.66 -21.91
N TYR C 137 9.26 -15.60 -20.57
CA TYR C 137 9.35 -16.78 -19.68
C TYR C 137 8.29 -17.80 -20.09
N LEU C 138 7.04 -17.35 -20.24
CA LEU C 138 5.90 -18.26 -20.49
C LEU C 138 6.11 -18.95 -21.84
N GLN C 139 6.56 -18.21 -22.85
CA GLN C 139 6.89 -18.75 -24.21
C GLN C 139 8.02 -19.78 -24.07
N SER C 140 9.16 -19.39 -23.48
CA SER C 140 10.32 -20.28 -23.18
C SER C 140 9.85 -21.62 -22.62
N HIS C 141 8.95 -21.59 -21.63
CA HIS C 141 8.60 -22.78 -20.81
C HIS C 141 7.36 -23.47 -21.37
N ASP C 142 6.92 -23.08 -22.58
CA ASP C 142 5.76 -23.69 -23.28
C ASP C 142 4.57 -23.66 -22.33
N SER C 143 4.41 -22.56 -21.58
CA SER C 143 3.38 -22.43 -20.50
C SER C 143 1.97 -22.67 -21.06
N GLY C 144 1.09 -23.25 -20.25
CA GLY C 144 -0.36 -23.28 -20.52
C GLY C 144 -1.03 -21.97 -20.13
N LEU C 145 -0.28 -21.04 -19.52
CA LEU C 145 -0.83 -19.85 -18.84
C LEU C 145 -0.63 -18.63 -19.72
N MET C 146 -1.50 -17.65 -19.57
CA MET C 146 -1.32 -16.32 -20.20
C MET C 146 -1.31 -15.25 -19.11
N LEU C 147 -0.59 -14.16 -19.37
CA LEU C 147 -0.58 -13.00 -18.46
C LEU C 147 -1.65 -11.99 -18.89
N ASP C 148 -1.84 -10.97 -18.06
CA ASP C 148 -2.76 -9.84 -18.33
C ASP C 148 -1.93 -8.57 -18.28
N CYS C 149 -1.80 -7.90 -19.41
CA CYS C 149 -0.95 -6.71 -19.57
C CYS C 149 -1.81 -5.50 -19.90
N PRO C 150 -1.33 -4.31 -19.48
CA PRO C 150 -1.89 -3.04 -19.94
C PRO C 150 -1.42 -2.79 -21.38
N GLU C 151 -1.61 -1.59 -21.91
CA GLU C 151 -1.34 -1.24 -23.33
C GLU C 151 0.15 -1.42 -23.63
N LEU C 152 1.01 -1.10 -22.66
CA LEU C 152 2.49 -1.06 -22.84
C LEU C 152 3.14 -2.16 -22.00
N GLY C 153 3.93 -3.01 -22.66
CA GLY C 153 4.57 -4.20 -22.06
C GLY C 153 5.77 -3.87 -21.19
N TRP C 154 6.30 -2.65 -21.24
CA TRP C 154 7.58 -2.32 -20.56
C TRP C 154 7.39 -1.96 -19.08
N GLY C 155 6.15 -1.99 -18.60
CA GLY C 155 5.88 -1.74 -17.17
C GLY C 155 6.12 -2.98 -16.33
N SER C 156 5.97 -2.82 -15.02
CA SER C 156 6.13 -3.90 -14.00
C SER C 156 4.78 -4.59 -13.75
N VAL C 157 4.76 -5.92 -13.74
CA VAL C 157 3.55 -6.68 -13.30
C VAL C 157 3.18 -6.20 -11.89
N VAL C 158 4.19 -6.09 -11.02
CA VAL C 158 4.02 -5.69 -9.59
C VAL C 158 3.65 -4.21 -9.50
N GLY C 159 4.48 -3.33 -10.03
CA GLY C 159 4.34 -1.87 -9.90
C GLY C 159 3.01 -1.40 -10.46
N ASN C 160 2.58 -1.94 -11.60
CA ASN C 160 1.25 -1.64 -12.21
C ASN C 160 0.15 -2.11 -11.24
N THR C 161 0.28 -3.30 -10.65
CA THR C 161 -0.69 -3.81 -9.67
C THR C 161 -0.74 -2.88 -8.46
N LEU C 162 0.41 -2.35 -8.04
CA LEU C 162 0.47 -1.50 -6.82
C LEU C 162 -0.16 -0.13 -7.09
N ASP C 163 -0.34 0.30 -8.35
CA ASP C 163 -1.14 1.54 -8.65
C ASP C 163 -2.54 1.14 -9.14
N ARG C 164 -2.96 -0.11 -8.87
CA ARG C 164 -4.27 -0.73 -9.27
C ARG C 164 -4.51 -0.52 -10.77
N GLY C 165 -3.49 -0.77 -11.58
CA GLY C 165 -3.57 -0.72 -13.05
C GLY C 165 -4.49 -1.80 -13.56
N VAL C 166 -4.80 -1.75 -14.85
CA VAL C 166 -5.81 -2.64 -15.49
C VAL C 166 -5.25 -3.16 -16.82
N GLY C 167 -5.63 -4.38 -17.16
CA GLY C 167 -5.47 -4.94 -18.51
C GLY C 167 -6.84 -5.26 -19.08
N TYR C 168 -6.90 -6.16 -20.06
CA TYR C 168 -8.06 -6.29 -20.98
C TYR C 168 -8.45 -7.75 -21.23
N THR C 169 -7.82 -8.72 -20.55
CA THR C 169 -8.25 -10.14 -20.55
C THR C 169 -9.27 -10.30 -19.44
N PRO C 170 -9.94 -11.46 -19.29
CA PRO C 170 -10.84 -11.68 -18.17
C PRO C 170 -10.20 -11.44 -16.80
N TYR C 171 -8.86 -11.40 -16.74
CA TYR C 171 -8.06 -11.16 -15.50
C TYR C 171 -7.54 -9.71 -15.53
N GLY C 172 -8.37 -8.81 -16.07
CA GLY C 172 -8.03 -7.39 -16.27
C GLY C 172 -7.81 -6.64 -14.98
N ASP C 173 -8.57 -6.98 -13.93
CA ASP C 173 -8.43 -6.38 -12.59
C ASP C 173 -7.17 -6.97 -11.93
N HIS C 174 -6.01 -6.33 -12.11
CA HIS C 174 -4.71 -6.83 -11.60
C HIS C 174 -4.78 -7.05 -10.07
N PHE C 175 -5.28 -6.07 -9.33
CA PHE C 175 -5.27 -6.13 -7.85
C PHE C 175 -6.12 -7.32 -7.36
N MET C 176 -7.26 -7.58 -7.99
CA MET C 176 -8.12 -8.73 -7.62
C MET C 176 -7.23 -9.98 -7.56
N TRP C 177 -6.51 -10.22 -8.66
CA TRP C 177 -5.76 -11.47 -8.94
C TRP C 177 -4.42 -11.48 -8.20
N GLN C 178 -3.97 -10.33 -7.71
CA GLN C 178 -2.83 -10.24 -6.76
C GLN C 178 -3.18 -11.16 -5.61
N THR C 179 -2.23 -12.00 -5.21
CA THR C 179 -2.42 -13.04 -4.17
C THR C 179 -1.10 -13.20 -3.41
N GLY C 180 -1.04 -12.60 -2.22
CA GLY C 180 0.15 -12.59 -1.37
C GLY C 180 1.09 -11.47 -1.77
N LEU C 181 1.64 -10.77 -0.80
CA LEU C 181 2.86 -9.96 -1.07
C LEU C 181 3.81 -10.00 0.14
N GLU C 182 5.04 -9.58 -0.10
CA GLU C 182 6.06 -9.32 0.92
C GLU C 182 6.30 -7.82 0.87
N VAL C 183 6.39 -7.16 2.01
CA VAL C 183 6.59 -5.70 2.05
C VAL C 183 7.54 -5.35 3.20
N VAL C 184 8.37 -4.36 2.95
CA VAL C 184 9.22 -3.72 3.98
C VAL C 184 8.43 -2.53 4.46
N LEU C 185 7.95 -2.58 5.71
CA LEU C 185 7.17 -1.51 6.35
C LEU C 185 8.08 -0.31 6.65
N PRO C 186 7.52 0.87 6.98
CA PRO C 186 8.28 2.12 6.87
C PRO C 186 9.49 2.29 7.80
N GLN C 187 9.66 1.38 8.76
CA GLN C 187 10.78 1.42 9.73
C GLN C 187 11.75 0.26 9.48
N GLY C 188 11.49 -0.58 8.48
CA GLY C 188 12.47 -1.56 7.97
C GLY C 188 12.12 -3.00 8.28
N GLU C 189 11.09 -3.27 9.10
CA GLU C 189 10.69 -4.69 9.33
C GLU C 189 10.00 -5.18 8.06
N VAL C 190 10.06 -6.49 7.83
CA VAL C 190 9.51 -7.14 6.61
C VAL C 190 8.32 -8.01 7.02
N MET C 191 7.28 -8.02 6.18
CA MET C 191 6.00 -8.71 6.48
C MET C 191 5.49 -9.42 5.24
N ARG C 192 4.92 -10.60 5.42
CA ARG C 192 4.22 -11.35 4.35
C ARG C 192 2.74 -11.43 4.68
N THR C 193 1.91 -11.15 3.69
CA THR C 193 0.44 -11.14 3.82
C THR C 193 -0.10 -12.53 3.49
N GLY C 194 -1.29 -12.81 3.98
CA GLY C 194 -2.08 -13.99 3.64
C GLY C 194 -1.43 -15.24 4.17
N MET C 195 -1.41 -16.29 3.36
CA MET C 195 -0.79 -17.58 3.76
C MET C 195 0.73 -17.42 3.78
N GLY C 196 1.24 -16.32 3.22
CA GLY C 196 2.67 -15.97 3.32
C GLY C 196 3.11 -15.89 4.77
N ALA C 197 2.18 -15.50 5.66
CA ALA C 197 2.43 -15.26 7.11
C ALA C 197 2.49 -16.60 7.86
N LEU C 198 2.03 -17.69 7.26
CA LEU C 198 2.10 -19.04 7.88
C LEU C 198 3.33 -19.79 7.36
N PRO C 199 4.40 -19.94 8.16
CA PRO C 199 5.64 -20.54 7.64
C PRO C 199 5.37 -21.92 7.03
N GLY C 200 5.83 -22.11 5.80
CA GLY C 200 5.83 -23.42 5.14
C GLY C 200 4.50 -23.74 4.48
N SER C 201 3.55 -22.81 4.45
CA SER C 201 2.30 -22.95 3.66
C SER C 201 2.65 -22.94 2.16
N ASP C 202 1.90 -23.68 1.35
CA ASP C 202 2.04 -23.71 -0.13
C ASP C 202 1.10 -22.69 -0.77
N ALA C 203 0.20 -22.10 0.01
CA ALA C 203 -1.00 -21.38 -0.48
C ALA C 203 -0.76 -19.87 -0.48
N TRP C 204 0.49 -19.39 -0.43
CA TRP C 204 0.76 -17.93 -0.48
C TRP C 204 0.01 -17.33 -1.66
N GLN C 205 0.13 -17.97 -2.83
CA GLN C 205 -0.48 -17.51 -4.10
C GLN C 205 -1.78 -18.27 -4.41
N LEU C 206 -2.41 -18.92 -3.44
CA LEU C 206 -3.63 -19.74 -3.70
C LEU C 206 -4.85 -19.12 -3.02
N PHE C 207 -4.67 -18.54 -1.84
CA PHE C 207 -5.75 -18.00 -0.97
C PHE C 207 -5.33 -16.58 -0.59
N PRO C 208 -6.07 -15.55 -1.03
CA PRO C 208 -5.63 -14.16 -0.87
C PRO C 208 -5.69 -13.64 0.58
N TYR C 209 -6.69 -14.04 1.35
CA TYR C 209 -7.12 -13.34 2.59
C TYR C 209 -6.25 -13.73 3.79
N GLY C 210 -5.83 -14.98 3.87
CA GLY C 210 -5.24 -15.54 5.10
C GLY C 210 -6.20 -15.41 6.27
N PHE C 211 -5.71 -14.91 7.41
CA PHE C 211 -6.45 -14.89 8.70
C PHE C 211 -6.40 -13.48 9.28
N GLY C 212 -7.56 -13.02 9.76
CA GLY C 212 -7.72 -11.71 10.42
C GLY C 212 -7.93 -10.64 9.38
N PRO C 213 -7.65 -9.36 9.68
CA PRO C 213 -7.92 -8.30 8.72
C PRO C 213 -7.10 -8.51 7.45
N PHE C 214 -7.70 -8.19 6.30
CA PHE C 214 -7.12 -8.33 4.93
C PHE C 214 -6.40 -7.04 4.54
N PRO C 215 -5.05 -6.98 4.60
CA PRO C 215 -4.32 -5.72 4.42
C PRO C 215 -3.83 -5.40 3.01
N ASP C 216 -3.79 -6.37 2.10
CA ASP C 216 -3.03 -6.23 0.83
C ASP C 216 -3.46 -4.94 0.14
N GLY C 217 -4.76 -4.66 0.14
CA GLY C 217 -5.34 -3.44 -0.46
C GLY C 217 -4.68 -2.17 0.04
N MET C 218 -4.24 -2.14 1.31
CA MET C 218 -3.64 -0.94 1.95
C MET C 218 -2.26 -0.63 1.35
N PHE C 219 -1.71 -1.50 0.49
CA PHE C 219 -0.37 -1.31 -0.09
C PHE C 219 -0.46 -0.97 -1.57
N THR C 220 -1.68 -0.65 -2.05
CA THR C 220 -1.97 -0.24 -3.44
C THR C 220 -2.40 1.23 -3.41
N GLN C 221 -1.92 2.03 -4.37
CA GLN C 221 -2.02 3.51 -4.36
C GLN C 221 -1.67 4.00 -2.95
N SER C 222 -0.56 3.50 -2.41
CA SER C 222 -0.25 3.59 -0.95
C SER C 222 1.21 4.03 -0.73
N ASN C 223 1.50 4.48 0.49
CA ASN C 223 2.89 4.82 0.91
C ASN C 223 3.17 4.18 2.28
N LEU C 224 2.71 2.94 2.50
CA LEU C 224 2.85 2.23 3.80
C LEU C 224 3.97 1.20 3.73
N GLY C 225 4.78 1.19 2.67
CA GLY C 225 5.95 0.29 2.59
C GLY C 225 6.51 0.13 1.20
N ILE C 226 7.58 -0.67 1.12
CA ILE C 226 8.26 -1.03 -0.17
C ILE C 226 8.04 -2.52 -0.42
N VAL C 227 7.27 -2.85 -1.46
CA VAL C 227 6.89 -4.25 -1.77
C VAL C 227 8.08 -4.90 -2.47
N THR C 228 8.48 -6.09 -2.03
CA THR C 228 9.70 -6.77 -2.52
C THR C 228 9.37 -8.07 -3.25
N LYS C 229 8.22 -8.68 -2.94
CA LYS C 229 7.64 -9.79 -3.73
C LYS C 229 6.13 -9.59 -3.84
N MET C 230 5.54 -10.09 -4.92
CA MET C 230 4.07 -10.11 -5.08
C MET C 230 3.68 -11.34 -5.90
N GLY C 231 2.65 -12.03 -5.45
CA GLY C 231 2.03 -13.12 -6.23
C GLY C 231 0.95 -12.54 -7.10
N ILE C 232 0.62 -13.25 -8.18
CA ILE C 232 -0.56 -12.94 -9.04
C ILE C 232 -1.04 -14.22 -9.69
N ALA C 233 -2.35 -14.47 -9.70
CA ALA C 233 -2.93 -15.58 -10.46
C ALA C 233 -2.71 -15.32 -11.95
N LEU C 234 -2.45 -16.39 -12.71
CA LEU C 234 -2.41 -16.35 -14.19
C LEU C 234 -3.49 -17.29 -14.70
N MET C 235 -4.26 -16.80 -15.66
CA MET C 235 -5.38 -17.50 -16.33
C MET C 235 -4.80 -18.51 -17.33
N GLN C 236 -5.44 -19.68 -17.44
CA GLN C 236 -5.11 -20.68 -18.47
C GLN C 236 -5.46 -20.08 -19.83
N ARG C 237 -4.54 -20.15 -20.79
CA ARG C 237 -4.83 -19.72 -22.18
C ARG C 237 -5.92 -20.63 -22.72
N PRO C 238 -7.02 -20.04 -23.23
CA PRO C 238 -8.11 -20.82 -23.81
C PRO C 238 -7.75 -21.34 -25.21
N PRO C 239 -8.45 -22.38 -25.69
CA PRO C 239 -8.10 -23.05 -26.94
C PRO C 239 -8.12 -22.15 -28.18
N ALA C 240 -9.04 -21.18 -28.25
CA ALA C 240 -9.06 -20.18 -29.34
C ALA C 240 -9.53 -18.82 -28.82
N SER C 241 -9.24 -17.76 -29.59
CA SER C 241 -9.73 -16.39 -29.33
C SER C 241 -10.07 -15.69 -30.64
N GLN C 242 -11.02 -14.75 -30.59
CA GLN C 242 -11.37 -13.89 -31.76
C GLN C 242 -11.54 -12.46 -31.24
N SER C 243 -10.82 -11.52 -31.82
CA SER C 243 -10.96 -10.07 -31.52
C SER C 243 -11.85 -9.45 -32.59
N PHE C 244 -12.58 -8.39 -32.26
CA PHE C 244 -13.57 -7.76 -33.16
C PHE C 244 -13.61 -6.26 -32.88
N LEU C 245 -13.93 -5.50 -33.93
CA LEU C 245 -14.08 -4.04 -33.92
C LEU C 245 -15.51 -3.75 -34.37
N ILE C 246 -16.24 -2.94 -33.59
CA ILE C 246 -17.52 -2.34 -34.05
C ILE C 246 -17.28 -0.84 -34.22
N THR C 247 -17.44 -0.36 -35.45
CA THR C 247 -17.39 1.08 -35.78
C THR C 247 -18.80 1.64 -35.63
N PHE C 248 -18.89 2.84 -35.09
CA PHE C 248 -20.14 3.60 -34.89
C PHE C 248 -19.92 5.01 -35.44
N ASP C 249 -20.80 5.42 -36.35
CA ASP C 249 -20.58 6.58 -37.26
C ASP C 249 -20.70 7.91 -36.48
N LYS C 250 -21.51 7.98 -35.43
CA LYS C 250 -21.97 9.29 -34.85
C LYS C 250 -21.44 9.50 -33.44
N GLU C 251 -21.03 10.73 -33.14
CA GLU C 251 -20.76 11.24 -31.77
C GLU C 251 -21.87 10.80 -30.81
N GLU C 252 -23.12 10.97 -31.23
CA GLU C 252 -24.33 10.75 -30.39
C GLU C 252 -24.60 9.24 -30.19
N ASP C 253 -23.94 8.37 -30.95
CA ASP C 253 -24.12 6.89 -30.78
C ASP C 253 -23.63 6.45 -29.39
N LEU C 254 -22.79 7.25 -28.73
CA LEU C 254 -22.15 6.90 -27.43
C LEU C 254 -23.20 6.40 -26.44
N GLU C 255 -24.34 7.08 -26.39
CA GLU C 255 -25.42 6.80 -25.42
C GLU C 255 -25.86 5.35 -25.59
N GLN C 256 -26.23 4.96 -26.82
CA GLN C 256 -26.83 3.64 -27.10
C GLN C 256 -25.74 2.56 -27.02
N ILE C 257 -24.48 2.91 -27.32
CA ILE C 257 -23.35 1.94 -27.29
C ILE C 257 -23.22 1.48 -25.83
N VAL C 258 -22.98 2.43 -24.94
CA VAL C 258 -22.81 2.17 -23.48
C VAL C 258 -24.03 1.41 -22.93
N ASP C 259 -25.25 1.75 -23.35
CA ASP C 259 -26.49 1.15 -22.81
C ASP C 259 -26.68 -0.30 -23.30
N ILE C 260 -26.17 -0.65 -24.48
CA ILE C 260 -26.20 -2.03 -25.03
C ILE C 260 -25.02 -2.82 -24.45
N MET C 261 -23.94 -2.11 -24.15
CA MET C 261 -22.64 -2.64 -23.68
C MET C 261 -22.77 -3.22 -22.27
N LEU C 262 -23.53 -2.58 -21.39
CA LEU C 262 -23.67 -3.00 -19.98
C LEU C 262 -24.36 -4.36 -19.89
N PRO C 263 -25.57 -4.55 -20.47
CA PRO C 263 -26.24 -5.85 -20.37
C PRO C 263 -25.43 -7.04 -20.89
N LEU C 264 -24.55 -6.84 -21.87
CA LEU C 264 -23.74 -7.92 -22.51
C LEU C 264 -22.48 -8.19 -21.68
N ARG C 265 -22.19 -7.35 -20.69
CA ARG C 265 -20.91 -7.37 -19.93
C ARG C 265 -21.11 -7.85 -18.48
N ILE C 266 -22.21 -7.52 -17.84
CA ILE C 266 -22.38 -7.65 -16.36
C ILE C 266 -22.33 -9.14 -15.93
N ASN C 267 -22.79 -10.05 -16.77
CA ASN C 267 -22.70 -11.53 -16.55
C ASN C 267 -21.42 -12.09 -17.18
N MET C 268 -20.44 -11.23 -17.52
CA MET C 268 -19.12 -11.62 -18.09
C MET C 268 -19.31 -12.48 -19.35
N ALA C 269 -20.43 -12.29 -20.06
CA ALA C 269 -20.78 -12.98 -21.31
C ALA C 269 -22.04 -12.34 -21.90
N PRO C 270 -22.12 -12.10 -23.22
CA PRO C 270 -21.10 -12.52 -24.18
C PRO C 270 -19.81 -11.70 -24.24
N LEU C 271 -19.77 -10.51 -23.63
CA LEU C 271 -18.53 -9.72 -23.58
C LEU C 271 -17.63 -10.27 -22.46
N GLN C 272 -16.71 -11.16 -22.83
CA GLN C 272 -15.92 -11.98 -21.87
C GLN C 272 -14.73 -11.19 -21.35
N ASN C 273 -14.21 -10.25 -22.15
CA ASN C 273 -13.04 -9.41 -21.79
C ASN C 273 -13.54 -8.01 -21.48
N VAL C 274 -12.62 -7.10 -21.18
CA VAL C 274 -12.94 -5.71 -20.78
C VAL C 274 -13.32 -4.97 -22.04
N PRO C 275 -14.58 -4.51 -22.20
CA PRO C 275 -15.00 -3.75 -23.37
C PRO C 275 -14.35 -2.35 -23.40
N VAL C 276 -13.67 -2.00 -24.50
CA VAL C 276 -13.09 -0.63 -24.69
C VAL C 276 -13.71 0.02 -25.93
N LEU C 277 -14.25 1.22 -25.74
CA LEU C 277 -14.79 2.11 -26.78
C LEU C 277 -13.82 3.27 -26.94
N ARG C 278 -13.17 3.37 -28.10
CA ARG C 278 -12.19 4.44 -28.38
C ARG C 278 -12.83 5.42 -29.36
N ASN C 279 -12.59 6.71 -29.17
CA ASN C 279 -13.06 7.76 -30.12
C ASN C 279 -12.02 7.84 -31.25
N ILE C 280 -12.41 8.39 -32.40
CA ILE C 280 -11.56 8.47 -33.61
C ILE C 280 -10.22 9.16 -33.30
N PHE C 281 -10.21 10.13 -32.39
CA PHE C 281 -8.96 10.84 -32.00
C PHE C 281 -7.94 9.81 -31.48
N MET C 282 -8.39 8.93 -30.59
CA MET C 282 -7.56 7.88 -29.94
C MET C 282 -6.97 6.97 -31.02
N ASP C 283 -7.81 6.47 -31.92
CA ASP C 283 -7.40 5.49 -32.96
C ASP C 283 -6.57 6.19 -34.04
N ALA C 284 -6.82 7.47 -34.32
CA ALA C 284 -6.05 8.23 -35.33
C ALA C 284 -4.65 8.49 -34.78
N ALA C 285 -4.54 8.95 -33.53
CA ALA C 285 -3.23 9.26 -32.89
C ALA C 285 -2.37 7.99 -32.77
N ALA C 286 -3.00 6.81 -32.81
CA ALA C 286 -2.30 5.50 -32.72
C ALA C 286 -1.60 5.21 -34.05
N VAL C 287 -2.05 5.78 -35.16
CA VAL C 287 -1.56 5.38 -36.52
C VAL C 287 -1.10 6.57 -37.37
N SER C 288 -1.17 7.81 -36.88
CA SER C 288 -0.94 9.02 -37.70
C SER C 288 -0.59 10.21 -36.82
N LYS C 289 0.03 11.22 -37.43
CA LYS C 289 0.33 12.53 -36.79
C LYS C 289 -0.87 13.46 -36.96
N ARG C 290 -1.01 14.46 -36.07
CA ARG C 290 -2.11 15.45 -36.11
C ARG C 290 -2.07 16.18 -37.47
N THR C 291 -0.87 16.52 -37.96
CA THR C 291 -0.67 17.37 -39.17
C THR C 291 -1.13 16.65 -40.45
N GLU C 292 -1.35 15.32 -40.42
CA GLU C 292 -1.89 14.57 -41.59
C GLU C 292 -3.34 15.01 -41.86
N TRP C 293 -4.05 15.44 -40.82
CA TRP C 293 -5.50 15.75 -40.86
C TRP C 293 -5.74 17.28 -40.81
N PHE C 294 -4.94 18.04 -40.06
CA PHE C 294 -5.18 19.47 -39.75
C PHE C 294 -3.90 20.13 -39.21
N ASP C 295 -3.41 21.15 -39.92
CA ASP C 295 -2.18 21.90 -39.56
C ASP C 295 -2.55 23.28 -39.00
N GLY C 296 -3.83 23.66 -39.04
CA GLY C 296 -4.33 24.94 -38.48
C GLY C 296 -4.20 24.97 -36.97
N ASP C 297 -4.40 26.14 -36.35
CA ASP C 297 -4.35 26.32 -34.87
C ASP C 297 -5.74 25.99 -34.30
N GLY C 298 -5.80 25.59 -33.04
CA GLY C 298 -7.06 25.44 -32.28
C GLY C 298 -7.71 24.09 -32.53
N PRO C 299 -8.98 23.91 -32.10
CA PRO C 299 -9.61 22.59 -32.09
C PRO C 299 -9.78 22.06 -33.53
N MET C 300 -9.82 20.74 -33.68
CA MET C 300 -9.88 20.08 -35.01
C MET C 300 -11.28 20.20 -35.59
N PRO C 301 -11.45 20.73 -36.82
CA PRO C 301 -12.77 20.95 -37.40
C PRO C 301 -13.45 19.66 -37.86
N ALA C 302 -14.79 19.69 -37.93
CA ALA C 302 -15.67 18.58 -38.35
C ALA C 302 -15.14 17.91 -39.63
N GLU C 303 -14.82 18.72 -40.65
CA GLU C 303 -14.22 18.28 -41.94
C GLU C 303 -13.08 17.29 -41.66
N ALA C 304 -12.16 17.67 -40.77
CA ALA C 304 -10.90 16.94 -40.46
C ALA C 304 -11.23 15.61 -39.80
N ILE C 305 -12.22 15.61 -38.90
CA ILE C 305 -12.73 14.40 -38.21
C ILE C 305 -13.30 13.43 -39.25
N GLU C 306 -14.12 13.94 -40.18
CA GLU C 306 -14.74 13.12 -41.25
C GLU C 306 -13.67 12.52 -42.16
N ARG C 307 -12.55 13.23 -42.37
CA ARG C 307 -11.42 12.73 -43.19
C ARG C 307 -10.78 11.55 -42.45
N MET C 308 -10.51 11.72 -41.15
CA MET C 308 -9.95 10.66 -40.26
C MET C 308 -10.81 9.40 -40.39
N LYS C 309 -12.12 9.53 -40.23
CA LYS C 309 -13.08 8.40 -40.29
C LYS C 309 -12.96 7.72 -41.66
N LYS C 310 -13.14 8.46 -42.76
CA LYS C 310 -13.12 7.92 -44.15
C LYS C 310 -11.83 7.14 -44.37
N ASP C 311 -10.70 7.83 -44.16
CA ASP C 311 -9.35 7.37 -44.56
C ASP C 311 -9.07 6.06 -43.84
N LEU C 312 -9.29 6.03 -42.51
CA LEU C 312 -9.00 4.86 -41.64
C LEU C 312 -10.16 3.87 -41.67
N ASP C 313 -11.27 4.21 -42.32
CA ASP C 313 -12.49 3.37 -42.35
C ASP C 313 -12.90 3.00 -40.92
N LEU C 314 -12.94 3.99 -40.02
CA LEU C 314 -13.38 3.85 -38.59
C LEU C 314 -14.57 4.77 -38.33
N GLY C 315 -15.27 4.55 -37.23
CA GLY C 315 -16.35 5.42 -36.75
C GLY C 315 -15.82 6.51 -35.81
N PHE C 316 -16.71 7.37 -35.30
CA PHE C 316 -16.36 8.35 -34.25
C PHE C 316 -16.06 7.58 -32.97
N TRP C 317 -16.86 6.54 -32.72
CA TRP C 317 -16.67 5.58 -31.60
C TRP C 317 -16.40 4.18 -32.14
N ASN C 318 -15.31 3.58 -31.67
CA ASN C 318 -14.80 2.27 -32.11
C ASN C 318 -14.74 1.36 -30.90
N PHE C 319 -15.50 0.26 -30.94
CA PHE C 319 -15.62 -0.73 -29.84
C PHE C 319 -14.70 -1.92 -30.13
N TYR C 320 -13.79 -2.24 -29.21
CA TYR C 320 -12.87 -3.39 -29.35
C TYR C 320 -13.11 -4.39 -28.23
N GLY C 321 -13.37 -5.63 -28.62
CA GLY C 321 -13.59 -6.74 -27.69
C GLY C 321 -12.85 -7.97 -28.15
N THR C 322 -12.71 -8.96 -27.27
CA THR C 322 -12.16 -10.30 -27.58
C THR C 322 -13.03 -11.35 -26.92
N LEU C 323 -13.20 -12.47 -27.62
CA LEU C 323 -13.94 -13.67 -27.16
C LEU C 323 -12.94 -14.79 -27.02
N TYR C 324 -13.24 -15.76 -26.17
CA TYR C 324 -12.34 -16.89 -25.81
C TYR C 324 -13.11 -18.19 -25.64
N GLY C 325 -12.58 -19.28 -26.19
CA GLY C 325 -13.03 -20.65 -25.89
C GLY C 325 -13.09 -21.47 -27.16
N PRO C 326 -13.88 -22.56 -27.16
CA PRO C 326 -14.08 -23.36 -28.38
C PRO C 326 -14.70 -22.48 -29.47
N PRO C 327 -14.36 -22.67 -30.77
CA PRO C 327 -14.93 -21.85 -31.85
C PRO C 327 -16.47 -21.76 -31.86
N PRO C 328 -17.23 -22.85 -31.58
CA PRO C 328 -18.68 -22.74 -31.46
C PRO C 328 -19.16 -21.73 -30.40
N LEU C 329 -18.47 -21.61 -29.26
CA LEU C 329 -18.80 -20.63 -28.19
C LEU C 329 -18.52 -19.20 -28.69
N ILE C 330 -17.33 -18.99 -29.22
CA ILE C 330 -16.91 -17.69 -29.81
C ILE C 330 -17.95 -17.23 -30.83
N GLU C 331 -18.40 -18.12 -31.73
CA GLU C 331 -19.36 -17.80 -32.81
C GLU C 331 -20.72 -17.42 -32.22
N MET C 332 -21.18 -18.16 -31.22
CA MET C 332 -22.48 -17.91 -30.56
C MET C 332 -22.45 -16.51 -29.95
N TYR C 333 -21.40 -16.22 -29.17
CA TYR C 333 -21.21 -14.94 -28.44
C TYR C 333 -21.10 -13.78 -29.43
N TYR C 334 -20.28 -13.93 -30.46
CA TYR C 334 -20.11 -12.90 -31.52
C TYR C 334 -21.48 -12.62 -32.15
N GLY C 335 -22.29 -13.65 -32.39
CA GLY C 335 -23.63 -13.52 -32.97
C GLY C 335 -24.53 -12.68 -32.08
N MET C 336 -24.51 -12.92 -30.77
CA MET C 336 -25.31 -12.14 -29.78
C MET C 336 -24.84 -10.68 -29.83
N ILE C 337 -23.53 -10.46 -29.86
CA ILE C 337 -22.90 -9.11 -29.91
C ILE C 337 -23.37 -8.39 -31.17
N LYS C 338 -23.46 -9.11 -32.30
CA LYS C 338 -23.81 -8.52 -33.62
C LYS C 338 -25.29 -8.14 -33.61
N GLU C 339 -26.15 -8.99 -33.03
CA GLU C 339 -27.61 -8.73 -32.95
C GLU C 339 -27.86 -7.53 -32.04
N ALA C 340 -27.14 -7.43 -30.94
CA ALA C 340 -27.38 -6.39 -29.93
C ALA C 340 -26.91 -5.03 -30.46
N PHE C 341 -25.63 -4.89 -30.79
CA PHE C 341 -25.03 -3.62 -31.27
C PHE C 341 -25.52 -3.28 -32.68
N GLY C 342 -26.05 -4.28 -33.38
CA GLY C 342 -26.60 -4.12 -34.74
C GLY C 342 -27.81 -3.22 -34.77
N LYS C 343 -28.47 -3.05 -33.62
CA LYS C 343 -29.69 -2.20 -33.47
C LYS C 343 -29.34 -0.72 -33.53
N ILE C 344 -28.05 -0.38 -33.45
CA ILE C 344 -27.57 1.01 -33.71
C ILE C 344 -27.35 1.15 -35.22
N PRO C 345 -28.10 2.04 -35.91
CA PRO C 345 -27.86 2.32 -37.33
C PRO C 345 -26.43 2.84 -37.58
N GLY C 346 -25.76 2.32 -38.62
CA GLY C 346 -24.40 2.69 -39.01
C GLY C 346 -23.33 1.80 -38.38
N ALA C 347 -23.72 0.95 -37.43
CA ALA C 347 -22.83 -0.03 -36.78
C ALA C 347 -22.27 -0.96 -37.87
N ARG C 348 -20.96 -1.14 -37.91
CA ARG C 348 -20.26 -2.10 -38.79
C ARG C 348 -19.32 -2.97 -37.95
N PHE C 349 -19.21 -4.26 -38.31
CA PHE C 349 -18.50 -5.33 -37.59
C PHE C 349 -17.33 -5.88 -38.41
N PHE C 350 -16.18 -6.06 -37.73
CA PHE C 350 -14.94 -6.64 -38.28
C PHE C 350 -14.30 -7.54 -37.23
N THR C 351 -13.95 -8.77 -37.59
CA THR C 351 -13.03 -9.62 -36.78
C THR C 351 -11.60 -9.19 -37.12
N HIS C 352 -10.63 -9.62 -36.31
CA HIS C 352 -9.18 -9.31 -36.46
C HIS C 352 -8.67 -9.83 -37.82
N GLU C 353 -9.30 -10.86 -38.38
CA GLU C 353 -8.92 -11.48 -39.69
C GLU C 353 -9.34 -10.59 -40.87
N GLU C 354 -10.26 -9.63 -40.67
CA GLU C 354 -10.94 -8.91 -41.78
C GLU C 354 -10.38 -7.49 -41.98
N ARG C 355 -9.30 -7.10 -41.31
CA ARG C 355 -8.78 -5.71 -41.47
C ARG C 355 -7.26 -5.67 -41.38
N ASP C 356 -6.59 -5.61 -42.54
CA ASP C 356 -5.12 -5.50 -42.66
C ASP C 356 -4.73 -4.08 -43.10
N ASP C 357 -5.68 -3.14 -43.15
CA ASP C 357 -5.41 -1.71 -43.47
C ASP C 357 -4.89 -0.99 -42.22
N ARG C 358 -4.43 0.25 -42.40
CA ARG C 358 -3.87 1.12 -41.33
C ARG C 358 -4.90 1.32 -40.21
N GLY C 359 -6.17 1.52 -40.57
CA GLY C 359 -7.28 1.71 -39.60
C GLY C 359 -7.41 0.51 -38.67
N GLY C 360 -7.08 -0.68 -39.19
CA GLY C 360 -7.15 -1.96 -38.47
C GLY C 360 -5.97 -2.19 -37.54
N HIS C 361 -4.99 -1.28 -37.47
CA HIS C 361 -3.72 -1.50 -36.71
C HIS C 361 -4.06 -1.55 -35.22
N VAL C 362 -4.96 -0.69 -34.77
CA VAL C 362 -5.43 -0.70 -33.35
C VAL C 362 -6.10 -2.05 -33.08
N LEU C 363 -7.04 -2.48 -33.91
CA LEU C 363 -7.68 -3.81 -33.73
C LEU C 363 -6.59 -4.87 -33.54
N GLN C 364 -5.56 -4.87 -34.38
CA GLN C 364 -4.45 -5.88 -34.33
C GLN C 364 -3.72 -5.77 -32.99
N ASP C 365 -3.48 -4.54 -32.51
CA ASP C 365 -2.78 -4.33 -31.21
C ASP C 365 -3.67 -4.82 -30.07
N ARG C 366 -4.99 -4.65 -30.15
CA ARG C 366 -5.95 -5.13 -29.11
C ARG C 366 -5.96 -6.67 -29.12
N HIS C 367 -5.94 -7.29 -30.30
CA HIS C 367 -5.91 -8.76 -30.45
C HIS C 367 -4.70 -9.32 -29.72
N LYS C 368 -3.58 -8.59 -29.73
CA LYS C 368 -2.37 -9.01 -29.00
C LYS C 368 -2.64 -8.82 -27.50
N ILE C 369 -2.90 -7.59 -27.08
CA ILE C 369 -3.08 -7.17 -25.66
C ILE C 369 -4.15 -8.05 -24.98
N ASN C 370 -5.29 -8.25 -25.64
CA ASN C 370 -6.44 -8.99 -25.07
C ASN C 370 -6.10 -10.49 -24.98
N ASN C 371 -4.97 -10.92 -25.57
CA ASN C 371 -4.50 -12.33 -25.53
C ASN C 371 -3.21 -12.42 -24.72
N GLY C 372 -2.89 -11.39 -23.94
CA GLY C 372 -1.73 -11.43 -23.04
C GLY C 372 -0.41 -11.45 -23.79
N ILE C 373 -0.39 -10.86 -25.00
CA ILE C 373 0.85 -10.65 -25.79
C ILE C 373 1.22 -9.18 -25.65
N PRO C 374 2.24 -8.84 -24.82
CA PRO C 374 2.58 -7.44 -24.58
C PRO C 374 2.98 -6.79 -25.92
N SER C 375 2.88 -5.47 -25.97
CA SER C 375 3.12 -4.63 -27.17
C SER C 375 3.66 -3.28 -26.72
N LEU C 376 4.26 -2.52 -27.63
CA LEU C 376 4.57 -1.07 -27.43
C LEU C 376 3.98 -0.23 -28.55
N ASP C 377 3.11 -0.82 -29.38
CA ASP C 377 2.49 -0.15 -30.56
C ASP C 377 1.83 1.17 -30.11
N GLU C 378 1.16 1.17 -28.95
CA GLU C 378 0.38 2.33 -28.47
C GLU C 378 1.31 3.51 -28.12
N LEU C 379 2.64 3.31 -28.06
CA LEU C 379 3.61 4.43 -27.87
C LEU C 379 3.52 5.40 -29.04
N GLN C 380 3.03 4.94 -30.18
CA GLN C 380 2.85 5.77 -31.40
C GLN C 380 1.89 6.93 -31.11
N LEU C 381 0.98 6.80 -30.14
CA LEU C 381 0.08 7.90 -29.70
C LEU C 381 0.89 9.17 -29.48
N LEU C 382 2.13 9.06 -28.99
CA LEU C 382 2.95 10.21 -28.53
C LEU C 382 3.59 10.91 -29.74
N ASP C 383 3.40 10.40 -30.95
CA ASP C 383 3.84 11.04 -32.22
C ASP C 383 2.77 11.99 -32.78
N TRP C 384 1.61 12.07 -32.14
CA TRP C 384 0.46 12.91 -32.56
C TRP C 384 0.92 14.34 -32.79
N VAL C 385 1.78 14.84 -31.90
CA VAL C 385 2.40 16.20 -31.97
C VAL C 385 3.86 16.06 -31.56
N PRO C 386 4.74 17.00 -31.98
CA PRO C 386 6.14 16.95 -31.59
C PRO C 386 6.33 16.94 -30.06
N ASN C 387 7.32 16.18 -29.61
CA ASN C 387 7.75 16.02 -28.18
C ASN C 387 6.55 15.55 -27.35
N GLY C 388 5.68 14.75 -27.98
CA GLY C 388 4.42 14.29 -27.38
C GLY C 388 4.62 13.68 -26.02
N GLY C 389 3.83 14.13 -25.04
CA GLY C 389 3.58 13.45 -23.77
C GLY C 389 2.10 13.33 -23.53
N HIS C 390 1.68 12.58 -22.51
CA HIS C 390 0.26 12.52 -22.10
C HIS C 390 0.16 12.64 -20.58
N ILE C 391 -1.02 13.05 -20.13
CA ILE C 391 -1.48 12.92 -18.72
C ILE C 391 -2.73 12.04 -18.73
N GLY C 392 -2.89 11.21 -17.70
CA GLY C 392 -4.05 10.33 -17.52
C GLY C 392 -5.12 11.00 -16.67
N PHE C 393 -6.29 11.24 -17.25
CA PHE C 393 -7.48 11.75 -16.53
C PHE C 393 -8.59 10.72 -16.71
N VAL C 394 -9.00 10.05 -15.62
CA VAL C 394 -9.88 8.85 -15.69
C VAL C 394 -10.91 8.89 -14.57
N PRO C 395 -11.98 9.71 -14.68
CA PRO C 395 -13.12 9.63 -13.76
C PRO C 395 -13.90 8.31 -13.91
N VAL C 396 -14.45 7.85 -12.79
CA VAL C 396 -15.25 6.60 -12.67
C VAL C 396 -16.70 7.03 -12.60
N SER C 397 -17.53 6.31 -13.32
CA SER C 397 -18.86 6.73 -13.80
C SER C 397 -19.79 5.53 -13.62
N ALA C 398 -21.11 5.74 -13.62
CA ALA C 398 -22.07 4.63 -13.82
C ALA C 398 -22.00 4.23 -15.28
N PRO C 399 -22.11 2.93 -15.62
CA PRO C 399 -22.14 2.51 -17.02
C PRO C 399 -23.52 2.76 -17.64
N ASP C 400 -23.81 4.06 -17.87
CA ASP C 400 -25.10 4.55 -18.40
C ASP C 400 -24.83 5.45 -19.60
N GLY C 401 -25.65 5.31 -20.64
CA GLY C 401 -25.50 6.06 -21.89
C GLY C 401 -25.46 7.55 -21.63
N ARG C 402 -26.42 8.04 -20.86
CA ARG C 402 -26.65 9.49 -20.70
C ARG C 402 -25.54 10.06 -19.80
N GLU C 403 -25.09 9.30 -18.81
CA GLU C 403 -23.89 9.66 -18.01
C GLU C 403 -22.65 9.74 -18.91
N ALA C 404 -22.44 8.78 -19.80
CA ALA C 404 -21.30 8.78 -20.74
C ALA C 404 -21.40 10.05 -21.60
N MET C 405 -22.60 10.36 -22.05
CA MET C 405 -22.86 11.50 -22.97
C MET C 405 -22.55 12.82 -22.25
N LYS C 406 -23.03 12.98 -21.02
CA LYS C 406 -22.76 14.18 -20.17
C LYS C 406 -21.25 14.32 -20.01
N GLN C 407 -20.58 13.22 -19.71
CA GLN C 407 -19.13 13.18 -19.37
C GLN C 407 -18.33 13.55 -20.61
N PHE C 408 -18.75 13.04 -21.77
CA PHE C 408 -18.17 13.31 -23.11
C PHE C 408 -18.19 14.83 -23.37
N GLU C 409 -19.36 15.46 -23.33
CA GLU C 409 -19.53 16.94 -23.53
C GLU C 409 -18.65 17.70 -22.53
N MET C 410 -18.83 17.43 -21.24
CA MET C 410 -18.19 18.11 -20.11
C MET C 410 -16.68 18.23 -20.36
N VAL C 411 -16.04 17.12 -20.76
CA VAL C 411 -14.55 17.00 -20.89
C VAL C 411 -14.10 17.62 -22.22
N ARG C 412 -14.79 17.33 -23.32
CA ARG C 412 -14.41 17.87 -24.66
C ARG C 412 -14.45 19.40 -24.63
N ASN C 413 -15.47 19.99 -24.00
CA ASN C 413 -15.65 21.46 -23.88
C ASN C 413 -14.42 22.09 -23.23
N ARG C 414 -13.97 21.54 -22.11
CA ARG C 414 -12.79 22.04 -21.33
C ARG C 414 -11.51 21.77 -22.10
N ALA C 415 -11.42 20.60 -22.74
CA ALA C 415 -10.28 20.25 -23.63
C ALA C 415 -10.17 21.33 -24.71
N ASN C 416 -11.29 21.65 -25.38
CA ASN C 416 -11.42 22.73 -26.40
C ASN C 416 -10.90 24.07 -25.82
N GLU C 417 -11.40 24.46 -24.66
CA GLU C 417 -11.10 25.75 -23.97
C GLU C 417 -9.58 25.90 -23.76
N TYR C 418 -8.88 24.81 -23.42
CA TYR C 418 -7.43 24.80 -23.11
C TYR C 418 -6.60 24.34 -24.31
N ASN C 419 -7.23 24.19 -25.48
CA ASN C 419 -6.56 23.90 -26.77
C ASN C 419 -5.79 22.58 -26.64
N LYS C 420 -6.45 21.55 -26.13
CA LYS C 420 -5.96 20.15 -26.13
C LYS C 420 -7.01 19.30 -26.85
N ASP C 421 -6.54 18.32 -27.62
CA ASP C 421 -7.43 17.36 -28.33
C ASP C 421 -8.01 16.37 -27.32
N TYR C 422 -9.20 15.86 -27.63
CA TYR C 422 -10.00 14.95 -26.77
C TYR C 422 -9.80 13.50 -27.23
N MET C 423 -8.67 12.91 -26.81
CA MET C 423 -8.40 11.45 -26.93
C MET C 423 -9.05 10.75 -25.73
N ALA C 424 -10.14 10.01 -25.97
CA ALA C 424 -10.92 9.40 -24.87
C ALA C 424 -11.33 7.98 -25.24
N SER C 425 -11.29 7.09 -24.25
CA SER C 425 -11.93 5.75 -24.26
C SER C 425 -12.96 5.69 -23.13
N PHE C 426 -14.09 5.04 -23.37
CA PHE C 426 -15.02 4.57 -22.33
C PHE C 426 -14.79 3.07 -22.17
N ILE C 427 -14.30 2.68 -21.00
CA ILE C 427 -13.99 1.28 -20.61
C ILE C 427 -14.94 0.87 -19.50
N ILE C 428 -15.28 -0.41 -19.41
CA ILE C 428 -16.27 -0.92 -18.43
C ILE C 428 -15.74 -2.21 -17.82
N GLY C 429 -15.59 -2.26 -16.49
CA GLY C 429 -15.47 -3.51 -15.72
C GLY C 429 -16.82 -4.19 -15.69
N LEU C 430 -17.29 -4.62 -14.52
CA LEU C 430 -18.60 -5.32 -14.44
C LEU C 430 -19.70 -4.27 -14.36
N ARG C 431 -19.57 -3.31 -13.43
CA ARG C 431 -20.66 -2.38 -13.05
C ARG C 431 -20.15 -0.95 -13.04
N GLU C 432 -18.88 -0.72 -13.35
CA GLU C 432 -18.28 0.63 -13.29
C GLU C 432 -17.78 0.99 -14.69
N MET C 433 -17.69 2.29 -14.96
CA MET C 433 -17.22 2.83 -16.26
C MET C 433 -16.07 3.81 -15.99
N TYR C 434 -14.99 3.66 -16.75
CA TYR C 434 -13.81 4.56 -16.75
C TYR C 434 -13.92 5.42 -18.01
N HIS C 435 -13.90 6.75 -17.85
CA HIS C 435 -13.72 7.71 -18.96
C HIS C 435 -12.23 7.98 -19.07
N VAL C 436 -11.52 7.16 -19.81
CA VAL C 436 -10.04 7.26 -19.94
C VAL C 436 -9.75 8.36 -20.96
N CYS C 437 -9.24 9.50 -20.49
CA CYS C 437 -8.86 10.68 -21.31
C CYS C 437 -7.33 10.84 -21.26
N LEU C 438 -6.65 10.62 -22.39
CA LEU C 438 -5.21 10.90 -22.60
C LEU C 438 -5.12 12.24 -23.31
N PHE C 439 -4.60 13.25 -22.64
CA PHE C 439 -4.34 14.58 -23.23
C PHE C 439 -2.88 14.61 -23.72
N ILE C 440 -2.69 14.53 -25.04
CA ILE C 440 -1.35 14.54 -25.68
C ILE C 440 -0.99 16.00 -25.96
N TYR C 441 0.24 16.37 -25.61
CA TYR C 441 0.71 17.78 -25.64
C TYR C 441 2.23 17.82 -25.85
N ASP C 442 2.71 18.99 -26.29
CA ASP C 442 4.15 19.28 -26.46
C ASP C 442 4.80 19.44 -25.07
N THR C 443 5.67 18.53 -24.68
CA THR C 443 6.32 18.52 -23.34
C THR C 443 7.43 19.59 -23.29
N ALA C 444 7.91 20.07 -24.44
CA ALA C 444 8.96 21.11 -24.57
C ALA C 444 8.36 22.52 -24.44
N ASP C 445 7.03 22.67 -24.51
CA ASP C 445 6.31 23.97 -24.48
C ASP C 445 5.82 24.24 -23.06
N PRO C 446 6.46 25.16 -22.30
CA PRO C 446 6.05 25.44 -20.92
C PRO C 446 4.58 25.85 -20.76
N GLU C 447 4.00 26.44 -21.79
CA GLU C 447 2.59 26.90 -21.71
C GLU C 447 1.67 25.70 -21.92
N ALA C 448 2.01 24.79 -22.84
CA ALA C 448 1.26 23.53 -23.07
C ALA C 448 1.26 22.75 -21.74
N ARG C 449 2.41 22.71 -21.06
CA ARG C 449 2.56 22.06 -19.74
C ARG C 449 1.62 22.74 -18.73
N GLU C 450 1.63 24.08 -18.64
CA GLU C 450 0.78 24.79 -17.65
C GLU C 450 -0.70 24.59 -18.04
N GLU C 451 -1.04 24.71 -19.32
CA GLU C 451 -2.41 24.47 -19.85
C GLU C 451 -2.91 23.11 -19.34
N ILE C 452 -2.07 22.06 -19.41
CA ILE C 452 -2.41 20.67 -18.97
C ILE C 452 -2.73 20.68 -17.47
N LEU C 453 -1.86 21.25 -16.65
CA LEU C 453 -2.03 21.29 -15.16
C LEU C 453 -3.34 22.01 -14.83
N GLN C 454 -3.56 23.21 -15.38
CA GLN C 454 -4.73 24.04 -15.04
C GLN C 454 -6.00 23.38 -15.59
N MET C 455 -5.93 22.82 -16.80
CA MET C 455 -7.08 22.14 -17.46
C MET C 455 -7.53 20.96 -16.60
N THR C 456 -6.59 20.13 -16.13
CA THR C 456 -6.90 18.87 -15.39
C THR C 456 -7.40 19.23 -13.99
N LYS C 457 -6.86 20.28 -13.36
CA LYS C 457 -7.35 20.78 -12.05
C LYS C 457 -8.85 21.10 -12.18
N VAL C 458 -9.20 21.76 -13.28
CA VAL C 458 -10.59 22.19 -13.58
C VAL C 458 -11.42 20.92 -13.79
N LEU C 459 -10.92 19.99 -14.61
CA LEU C 459 -11.65 18.74 -14.96
C LEU C 459 -11.93 17.95 -13.69
N VAL C 460 -10.95 17.93 -12.76
CA VAL C 460 -11.02 17.13 -11.50
C VAL C 460 -12.18 17.65 -10.63
N ARG C 461 -12.25 18.96 -10.37
CA ARG C 461 -13.27 19.47 -9.41
C ARG C 461 -14.63 19.51 -10.14
N GLU C 462 -14.64 19.69 -11.46
CA GLU C 462 -15.89 19.75 -12.26
C GLU C 462 -16.50 18.35 -12.32
N ALA C 463 -15.65 17.33 -12.48
CA ALA C 463 -16.04 15.90 -12.46
C ALA C 463 -16.61 15.55 -11.08
N ALA C 464 -15.92 15.99 -10.02
CA ALA C 464 -16.29 15.76 -8.60
C ALA C 464 -17.65 16.43 -8.32
N GLU C 465 -17.87 17.65 -8.82
CA GLU C 465 -19.15 18.39 -8.70
C GLU C 465 -20.28 17.60 -9.39
N ALA C 466 -19.96 16.77 -10.37
CA ALA C 466 -20.97 15.95 -11.07
C ALA C 466 -21.11 14.57 -10.40
N GLY C 467 -20.31 14.29 -9.36
CA GLY C 467 -20.35 13.04 -8.59
C GLY C 467 -19.43 11.96 -9.15
N TYR C 468 -18.43 12.34 -9.96
CA TYR C 468 -17.44 11.41 -10.57
C TYR C 468 -16.08 11.55 -9.87
N GLY C 469 -15.58 10.46 -9.29
CA GLY C 469 -14.23 10.42 -8.68
C GLY C 469 -13.25 9.83 -9.65
N GLU C 470 -11.96 10.15 -9.51
CA GLU C 470 -10.87 9.58 -10.34
C GLU C 470 -10.47 8.23 -9.71
N TYR C 471 -10.12 7.24 -10.52
CA TYR C 471 -9.64 5.93 -10.00
C TYR C 471 -8.13 6.01 -9.76
N ARG C 472 -7.47 6.99 -10.40
CA ARG C 472 -6.00 7.08 -10.49
C ARG C 472 -5.61 8.42 -11.11
N THR C 473 -4.54 9.04 -10.64
CA THR C 473 -4.15 10.39 -11.09
C THR C 473 -2.64 10.61 -10.97
N HIS C 474 -2.18 11.73 -11.52
CA HIS C 474 -0.78 12.19 -11.62
C HIS C 474 -0.38 12.87 -10.31
N ASN C 475 0.91 12.80 -9.97
CA ASN C 475 1.56 13.50 -8.84
C ASN C 475 0.92 14.87 -8.63
N ALA C 476 0.79 15.66 -9.70
CA ALA C 476 0.42 17.09 -9.65
C ALA C 476 -1.03 17.26 -9.20
N LEU C 477 -1.84 16.20 -9.16
CA LEU C 477 -3.30 16.30 -8.92
C LEU C 477 -3.73 15.51 -7.67
N MET C 478 -2.82 14.78 -7.02
CA MET C 478 -3.17 13.81 -5.95
C MET C 478 -3.85 14.53 -4.78
N ASP C 479 -3.33 15.69 -4.38
CA ASP C 479 -3.90 16.53 -3.29
C ASP C 479 -5.33 16.95 -3.68
N ASP C 480 -5.49 17.53 -4.87
CA ASP C 480 -6.81 17.95 -5.42
C ASP C 480 -7.75 16.75 -5.48
N VAL C 481 -7.29 15.62 -5.99
CA VAL C 481 -8.17 14.42 -6.16
C VAL C 481 -8.61 13.92 -4.78
N MET C 482 -7.69 13.69 -3.83
CA MET C 482 -8.02 13.16 -2.49
C MET C 482 -9.00 14.12 -1.79
N ALA C 483 -8.81 15.42 -1.96
CA ALA C 483 -9.70 16.46 -1.38
C ALA C 483 -11.16 16.25 -1.80
N THR C 484 -11.43 15.65 -2.98
CA THR C 484 -12.81 15.42 -3.50
C THR C 484 -13.49 14.27 -2.74
N PHE C 485 -12.72 13.38 -2.10
CA PHE C 485 -13.27 12.22 -1.33
C PHE C 485 -13.50 12.62 0.14
N ASN C 486 -14.21 13.73 0.35
CA ASN C 486 -14.24 14.46 1.64
C ASN C 486 -15.57 14.19 2.37
N TRP C 487 -16.22 13.05 2.12
CA TRP C 487 -17.44 12.66 2.87
C TRP C 487 -17.11 12.62 4.37
N GLY C 488 -18.09 12.96 5.23
CA GLY C 488 -17.91 13.00 6.69
C GLY C 488 -16.76 13.91 7.09
N ASP C 489 -16.60 15.05 6.42
CA ASP C 489 -15.56 16.06 6.74
C ASP C 489 -14.17 15.42 6.56
N GLY C 490 -13.93 14.81 5.39
CA GLY C 490 -12.61 14.25 5.03
C GLY C 490 -12.19 13.10 5.94
N ALA C 491 -13.17 12.32 6.41
CA ALA C 491 -13.00 11.14 7.29
C ALA C 491 -12.03 10.13 6.66
N LEU C 492 -12.10 9.90 5.35
CA LEU C 492 -11.29 8.87 4.64
C LEU C 492 -9.81 9.26 4.76
N LEU C 493 -9.44 10.49 4.38
CA LEU C 493 -8.03 10.96 4.46
C LEU C 493 -7.56 10.93 5.92
N LYS C 494 -8.42 11.30 6.88
CA LYS C 494 -8.08 11.29 8.33
C LYS C 494 -7.71 9.87 8.77
N PHE C 495 -8.51 8.89 8.36
CA PHE C 495 -8.29 7.45 8.61
C PHE C 495 -6.93 7.04 8.03
N HIS C 496 -6.68 7.39 6.76
CA HIS C 496 -5.41 7.07 6.03
C HIS C 496 -4.23 7.74 6.74
N GLU C 497 -4.43 8.94 7.31
CA GLU C 497 -3.35 9.74 7.93
C GLU C 497 -2.94 9.08 9.25
N LYS C 498 -3.90 8.62 10.07
CA LYS C 498 -3.61 7.96 11.36
C LYS C 498 -2.81 6.68 11.12
N ILE C 499 -3.16 5.92 10.07
CA ILE C 499 -2.49 4.63 9.72
C ILE C 499 -1.09 4.91 9.19
N LYS C 500 -0.95 5.88 8.28
CA LYS C 500 0.36 6.41 7.81
C LYS C 500 1.25 6.75 9.02
N ASP C 501 0.75 7.53 9.99
CA ASP C 501 1.55 8.02 11.13
C ASP C 501 1.89 6.84 12.06
N ALA C 502 1.01 5.86 12.18
CA ALA C 502 1.23 4.68 13.05
C ALA C 502 2.37 3.82 12.49
N LEU C 503 2.39 3.58 11.18
CA LEU C 503 3.39 2.69 10.54
C LEU C 503 4.64 3.47 10.16
N ASP C 504 4.53 4.79 9.94
CA ASP C 504 5.64 5.65 9.43
C ASP C 504 5.84 6.84 10.35
N PRO C 505 6.26 6.61 11.61
CA PRO C 505 6.37 7.70 12.59
C PRO C 505 7.38 8.78 12.20
N ASN C 506 8.35 8.47 11.34
CA ASN C 506 9.36 9.45 10.85
C ASN C 506 8.94 10.03 9.49
N GLY C 507 7.82 9.57 8.94
CA GLY C 507 7.29 10.06 7.65
C GLY C 507 8.33 9.92 6.55
N ILE C 508 8.66 8.68 6.20
CA ILE C 508 9.76 8.36 5.25
C ILE C 508 9.20 7.98 3.87
N ILE C 509 8.20 7.11 3.80
CA ILE C 509 7.78 6.44 2.55
C ILE C 509 6.84 7.36 1.74
N ALA C 510 7.30 7.76 0.55
CA ALA C 510 6.51 8.44 -0.51
C ALA C 510 5.51 9.41 0.10
N PRO C 511 5.96 10.48 0.79
CA PRO C 511 5.05 11.46 1.34
C PRO C 511 4.22 12.11 0.21
N GLY C 512 2.90 12.21 0.44
CA GLY C 512 1.95 12.87 -0.47
C GLY C 512 1.37 11.93 -1.51
N LYS C 513 1.85 10.68 -1.59
CA LYS C 513 1.24 9.67 -2.48
C LYS C 513 -0.24 9.55 -2.11
N SER C 514 -1.13 9.69 -3.11
CA SER C 514 -2.61 9.67 -2.96
C SER C 514 -3.08 10.76 -1.99
N GLY C 515 -2.31 11.84 -1.83
CA GLY C 515 -2.66 12.97 -0.95
C GLY C 515 -2.44 12.66 0.53
N ILE C 516 -1.73 11.58 0.84
CA ILE C 516 -1.53 11.11 2.24
C ILE C 516 -0.14 11.57 2.68
N TRP C 517 -0.08 12.65 3.46
CA TRP C 517 1.16 13.24 4.02
C TRP C 517 1.31 12.78 5.48
N PRO C 518 2.52 12.37 5.91
CA PRO C 518 2.77 12.08 7.32
C PRO C 518 2.85 13.39 8.12
N GLN C 519 2.80 13.30 9.46
CA GLN C 519 2.60 14.43 10.41
C GLN C 519 3.59 15.58 10.13
N ARG C 520 4.85 15.27 9.87
CA ARG C 520 5.93 16.29 9.82
C ARG C 520 5.79 17.19 8.57
N PHE C 521 5.01 16.78 7.56
CA PHE C 521 4.84 17.52 6.27
C PHE C 521 3.47 18.20 6.17
N ARG C 522 2.53 17.88 7.04
CA ARG C 522 1.12 18.31 6.87
C ARG C 522 1.00 19.83 7.12
N GLY C 523 0.58 20.56 6.07
CA GLY C 523 0.24 22.01 6.12
C GLY C 523 1.30 22.87 5.45
N GLN C 524 2.33 22.28 4.84
CA GLN C 524 3.55 22.99 4.39
C GLN C 524 3.52 23.34 2.90
N ASN C 525 2.46 22.98 2.16
CA ASN C 525 2.35 23.24 0.71
C ASN C 525 3.64 22.75 0.03
N LEU C 526 3.88 21.43 0.07
CA LEU C 526 5.14 20.76 -0.35
C LEU C 526 6.23 21.00 0.70
N ARG D 3 10.36 -54.23 -30.89
CA ARG D 3 9.94 -53.13 -29.97
C ARG D 3 10.64 -53.31 -28.62
N THR D 4 11.43 -52.32 -28.19
CA THR D 4 12.15 -52.33 -26.89
C THR D 4 11.12 -52.25 -25.74
N LEU D 5 11.06 -53.31 -24.94
CA LEU D 5 10.17 -53.43 -23.75
C LEU D 5 11.01 -53.55 -22.49
N PRO D 6 10.53 -53.02 -21.34
CA PRO D 6 11.16 -53.29 -20.06
C PRO D 6 11.21 -54.80 -19.82
N PRO D 7 12.23 -55.32 -19.07
CA PRO D 7 12.32 -56.75 -18.78
C PRO D 7 11.08 -57.28 -18.03
N GLY D 8 10.48 -58.36 -18.53
CA GLY D 8 9.33 -59.03 -17.91
C GLY D 8 8.05 -58.21 -17.96
N VAL D 9 7.93 -57.26 -18.90
CA VAL D 9 6.71 -56.42 -19.08
C VAL D 9 6.19 -56.60 -20.50
N SER D 10 4.94 -57.02 -20.64
CA SER D 10 4.26 -57.30 -21.94
C SER D 10 3.95 -56.00 -22.67
N ASP D 11 3.64 -56.10 -23.97
CA ASP D 11 3.22 -54.97 -24.84
C ASP D 11 2.02 -54.28 -24.18
N GLU D 12 1.05 -55.06 -23.71
CA GLU D 12 -0.32 -54.56 -23.37
C GLU D 12 -0.19 -53.99 -21.95
N ARG D 13 0.79 -54.44 -21.18
CA ARG D 13 1.12 -53.89 -19.84
C ARG D 13 1.90 -52.56 -19.99
N PHE D 14 2.87 -52.50 -20.90
CA PHE D 14 3.73 -51.31 -21.13
C PHE D 14 2.88 -50.17 -21.74
N ASP D 15 2.00 -50.50 -22.69
CA ASP D 15 1.07 -49.53 -23.30
C ASP D 15 0.19 -48.89 -22.22
N ALA D 16 -0.24 -49.67 -21.22
CA ALA D 16 -1.01 -49.17 -20.06
C ALA D 16 -0.16 -48.18 -19.25
N ALA D 17 1.10 -48.54 -18.92
CA ALA D 17 2.01 -47.72 -18.10
C ALA D 17 2.36 -46.42 -18.85
N LEU D 18 2.55 -46.51 -20.16
CA LEU D 18 2.83 -45.33 -21.02
C LEU D 18 1.65 -44.36 -20.88
N GLN D 19 0.41 -44.84 -20.95
CA GLN D 19 -0.79 -43.97 -20.82
C GLN D 19 -0.82 -43.32 -19.43
N ARG D 20 -0.54 -44.09 -18.37
CA ARG D 20 -0.45 -43.55 -17.00
C ARG D 20 0.57 -42.41 -16.99
N PHE D 21 1.73 -42.60 -17.63
CA PHE D 21 2.80 -41.58 -17.70
C PHE D 21 2.25 -40.33 -18.39
N ARG D 22 1.55 -40.53 -19.52
CA ARG D 22 0.90 -39.45 -20.30
C ARG D 22 -0.08 -38.69 -19.40
N ASP D 23 -0.89 -39.43 -18.62
CA ASP D 23 -1.87 -38.85 -17.67
C ASP D 23 -1.14 -37.88 -16.74
N VAL D 24 0.12 -38.17 -16.36
CA VAL D 24 0.88 -37.33 -15.38
C VAL D 24 1.50 -36.11 -16.08
N VAL D 25 2.24 -36.31 -17.19
CA VAL D 25 3.13 -35.26 -17.77
C VAL D 25 2.52 -34.66 -19.03
N GLY D 26 1.52 -35.30 -19.63
CA GLY D 26 0.91 -34.86 -20.90
C GLY D 26 1.36 -35.72 -22.07
N ASP D 27 0.55 -35.78 -23.13
CA ASP D 27 0.74 -36.69 -24.28
C ASP D 27 2.09 -36.44 -24.95
N LYS D 28 2.45 -35.17 -25.14
CA LYS D 28 3.62 -34.81 -25.99
C LYS D 28 4.93 -35.05 -25.24
N TRP D 29 4.89 -35.26 -23.93
CA TRP D 29 6.11 -35.40 -23.07
C TRP D 29 6.39 -36.87 -22.75
N VAL D 30 5.73 -37.79 -23.45
CA VAL D 30 6.04 -39.26 -23.47
C VAL D 30 6.45 -39.64 -24.90
N LEU D 31 7.74 -39.95 -25.13
CA LEU D 31 8.26 -40.47 -26.43
C LEU D 31 8.34 -41.99 -26.36
N SER D 32 7.86 -42.70 -27.37
CA SER D 32 7.94 -44.19 -27.37
C SER D 32 8.05 -44.80 -28.77
N THR D 33 8.14 -44.02 -29.86
CA THR D 33 8.39 -44.56 -31.22
C THR D 33 9.91 -44.60 -31.48
N ALA D 34 10.36 -45.59 -32.24
CA ALA D 34 11.78 -45.84 -32.60
C ALA D 34 12.41 -44.51 -33.06
N ASP D 35 11.72 -43.75 -33.91
CA ASP D 35 12.24 -42.48 -34.47
C ASP D 35 12.49 -41.51 -33.32
N GLU D 36 11.52 -41.36 -32.40
CA GLU D 36 11.57 -40.42 -31.26
C GLU D 36 12.76 -40.78 -30.35
N LEU D 37 13.02 -42.08 -30.17
CA LEU D 37 14.01 -42.64 -29.20
C LEU D 37 15.44 -42.60 -29.76
N GLU D 38 15.59 -42.55 -31.10
CA GLU D 38 16.89 -42.50 -31.81
C GLU D 38 17.80 -41.46 -31.14
N ALA D 39 17.28 -40.26 -30.82
CA ALA D 39 18.06 -39.13 -30.26
C ALA D 39 18.53 -39.41 -28.81
N PHE D 40 17.99 -40.43 -28.15
CA PHE D 40 18.32 -40.78 -26.74
C PHE D 40 19.22 -42.01 -26.66
N ARG D 41 19.56 -42.62 -27.78
CA ARG D 41 20.60 -43.67 -27.79
C ARG D 41 21.96 -43.01 -27.57
N ASP D 42 22.90 -43.78 -27.02
CA ASP D 42 24.30 -43.36 -26.78
C ASP D 42 24.84 -42.83 -28.10
N PRO D 43 25.21 -41.53 -28.18
CA PRO D 43 25.75 -40.97 -29.43
C PRO D 43 27.13 -41.55 -29.79
N TYR D 44 27.87 -42.04 -28.80
CA TYR D 44 29.18 -42.72 -28.97
C TYR D 44 29.04 -44.17 -28.55
N PRO D 45 28.30 -45.00 -29.32
CA PRO D 45 28.03 -46.39 -28.94
C PRO D 45 29.34 -47.17 -28.77
N VAL D 46 29.31 -48.14 -27.86
CA VAL D 46 30.46 -48.99 -27.47
C VAL D 46 30.03 -50.43 -27.66
N GLY D 47 30.84 -51.25 -28.31
CA GLY D 47 30.42 -52.60 -28.70
C GLY D 47 29.77 -52.62 -30.07
N ALA D 48 29.96 -53.72 -30.80
CA ALA D 48 29.33 -53.97 -32.11
C ALA D 48 27.82 -54.08 -31.91
N ALA D 49 27.41 -54.87 -30.91
CA ALA D 49 26.00 -55.27 -30.64
C ALA D 49 25.21 -54.09 -30.07
N GLU D 50 23.91 -54.03 -30.40
CA GLU D 50 22.90 -53.16 -29.72
C GLU D 50 23.09 -53.27 -28.21
N ALA D 51 23.10 -52.15 -27.51
CA ALA D 51 23.09 -52.13 -26.03
C ALA D 51 22.53 -50.79 -25.55
N ASN D 52 22.00 -50.78 -24.33
CA ASN D 52 21.58 -49.55 -23.62
C ASN D 52 20.38 -48.93 -24.36
N LEU D 53 19.39 -49.75 -24.69
CA LEU D 53 18.20 -49.32 -25.47
C LEU D 53 17.14 -48.80 -24.50
N PRO D 54 16.70 -47.52 -24.63
CA PRO D 54 15.53 -47.05 -23.90
C PRO D 54 14.25 -47.61 -24.53
N SER D 55 13.24 -47.87 -23.69
CA SER D 55 11.85 -48.27 -24.08
C SER D 55 10.97 -47.03 -24.30
N ALA D 56 11.31 -45.91 -23.64
CA ALA D 56 10.55 -44.64 -23.70
C ALA D 56 11.35 -43.54 -23.00
N VAL D 57 10.94 -42.29 -23.20
CA VAL D 57 11.42 -41.09 -22.45
C VAL D 57 10.19 -40.35 -21.90
N VAL D 58 10.18 -40.09 -20.60
CA VAL D 58 9.16 -39.28 -19.90
C VAL D 58 9.84 -37.98 -19.44
N SER D 59 9.25 -36.82 -19.73
CA SER D 59 9.79 -35.50 -19.35
C SER D 59 8.82 -34.85 -18.35
N PRO D 60 9.08 -34.97 -17.03
CA PRO D 60 8.20 -34.38 -16.01
C PRO D 60 8.44 -32.87 -15.88
N GLU D 61 7.44 -32.15 -15.37
CA GLU D 61 7.45 -30.67 -15.26
C GLU D 61 7.74 -30.20 -13.83
N SER D 62 7.67 -31.09 -12.84
CA SER D 62 7.67 -30.72 -11.41
C SER D 62 8.11 -31.90 -10.53
N THR D 63 8.55 -31.62 -9.32
CA THR D 63 8.85 -32.68 -8.31
C THR D 63 7.62 -33.62 -8.20
N GLU D 64 6.40 -33.07 -8.09
CA GLU D 64 5.13 -33.86 -7.99
C GLU D 64 5.17 -34.97 -9.02
N GLN D 65 5.38 -34.58 -10.28
CA GLN D 65 5.24 -35.47 -11.46
C GLN D 65 6.29 -36.58 -11.35
N VAL D 66 7.51 -36.21 -10.98
CA VAL D 66 8.59 -37.22 -10.76
C VAL D 66 8.03 -38.26 -9.79
N GLN D 67 7.40 -37.80 -8.70
CA GLN D 67 6.85 -38.72 -7.65
C GLN D 67 5.81 -39.64 -8.29
N ASP D 68 4.90 -39.06 -9.07
CA ASP D 68 3.78 -39.81 -9.69
C ASP D 68 4.39 -40.84 -10.66
N ILE D 69 5.43 -40.46 -11.41
CA ILE D 69 6.08 -41.35 -12.42
C ILE D 69 6.70 -42.53 -11.70
N VAL D 70 7.51 -42.26 -10.66
CA VAL D 70 8.19 -43.28 -9.83
C VAL D 70 7.15 -44.26 -9.26
N ARG D 71 6.00 -43.76 -8.80
CA ARG D 71 4.94 -44.59 -8.21
C ARG D 71 4.36 -45.53 -9.26
N ILE D 72 4.16 -45.02 -10.48
CA ILE D 72 3.64 -45.84 -11.60
C ILE D 72 4.69 -46.89 -11.98
N ALA D 73 5.96 -46.49 -12.04
CA ALA D 73 7.09 -47.42 -12.31
C ALA D 73 7.04 -48.56 -11.29
N ASN D 74 6.86 -48.24 -10.01
CA ASN D 74 6.79 -49.24 -8.91
C ASN D 74 5.61 -50.19 -9.17
N GLU D 75 4.43 -49.65 -9.49
CA GLU D 75 3.22 -50.44 -9.79
C GLU D 75 3.52 -51.48 -10.86
N TYR D 76 4.16 -51.08 -11.95
CA TYR D 76 4.29 -51.87 -13.20
C TYR D 76 5.65 -52.58 -13.28
N GLY D 77 6.57 -52.33 -12.35
CA GLY D 77 7.93 -52.88 -12.39
C GLY D 77 8.71 -52.39 -13.60
N ILE D 78 8.48 -51.13 -13.99
CA ILE D 78 9.21 -50.41 -15.08
C ILE D 78 10.47 -49.79 -14.49
N PRO D 79 11.68 -50.12 -15.01
CA PRO D 79 12.90 -49.48 -14.56
C PRO D 79 13.05 -48.06 -15.14
N LEU D 80 13.54 -47.13 -14.34
CA LEU D 80 13.64 -45.70 -14.69
C LEU D 80 15.11 -45.28 -14.67
N HIS D 81 15.57 -44.66 -15.76
CA HIS D 81 16.92 -44.05 -15.81
C HIS D 81 16.77 -42.53 -15.70
N PRO D 82 16.92 -41.95 -14.51
CA PRO D 82 16.81 -40.50 -14.37
C PRO D 82 18.05 -39.79 -14.92
N VAL D 83 17.87 -38.83 -15.81
CA VAL D 83 18.95 -37.92 -16.31
C VAL D 83 18.52 -36.47 -16.06
N SER D 84 19.45 -35.55 -16.24
CA SER D 84 19.20 -34.08 -16.24
C SER D 84 19.11 -33.63 -17.69
N THR D 85 20.23 -33.34 -18.34
CA THR D 85 20.30 -32.93 -19.77
C THR D 85 20.61 -34.16 -20.64
N GLY D 86 21.11 -35.25 -20.06
CA GLY D 86 21.44 -36.50 -20.78
C GLY D 86 22.63 -36.35 -21.73
N LYS D 87 23.56 -35.46 -21.41
CA LYS D 87 24.78 -35.18 -22.23
C LYS D 87 25.99 -35.91 -21.65
N ASN D 88 25.82 -37.13 -21.11
CA ASN D 88 26.92 -37.86 -20.42
C ASN D 88 27.77 -38.56 -21.49
N ASN D 89 28.20 -37.79 -22.50
CA ASN D 89 28.88 -38.34 -23.70
C ASN D 89 30.29 -38.80 -23.30
N GLY D 90 30.63 -40.03 -23.64
CA GLY D 90 31.84 -40.73 -23.17
C GLY D 90 31.46 -41.84 -22.22
N TYR D 91 30.35 -41.67 -21.51
CA TYR D 91 29.92 -42.60 -20.43
C TYR D 91 28.54 -43.20 -20.73
N GLY D 92 28.01 -43.00 -21.94
CA GLY D 92 26.73 -43.63 -22.36
C GLY D 92 25.72 -42.60 -22.85
N GLY D 93 26.04 -41.30 -22.75
CA GLY D 93 25.10 -40.20 -23.01
C GLY D 93 23.91 -40.28 -22.07
N ALA D 94 22.70 -40.26 -22.62
CA ALA D 94 21.42 -40.38 -21.89
C ALA D 94 20.91 -41.82 -21.84
N ALA D 95 21.60 -42.78 -22.47
CA ALA D 95 21.11 -44.17 -22.60
C ALA D 95 21.20 -44.86 -21.24
N PRO D 96 20.23 -45.73 -20.91
CA PRO D 96 20.22 -46.44 -19.64
C PRO D 96 21.20 -47.63 -19.68
N ARG D 97 21.84 -47.90 -18.55
CA ARG D 97 22.67 -49.12 -18.42
C ARG D 97 21.81 -50.32 -18.78
N LEU D 98 20.61 -50.44 -18.22
CA LEU D 98 19.69 -51.59 -18.44
C LEU D 98 18.77 -51.30 -19.62
N SER D 99 18.92 -52.07 -20.70
CA SER D 99 18.02 -52.03 -21.87
C SER D 99 16.57 -52.26 -21.40
N GLY D 100 15.63 -51.52 -21.98
CA GLY D 100 14.20 -51.59 -21.66
C GLY D 100 13.79 -50.57 -20.62
N SER D 101 14.77 -49.87 -20.02
CA SER D 101 14.52 -48.81 -19.00
C SER D 101 13.87 -47.62 -19.68
N VAL D 102 13.02 -46.90 -18.95
CA VAL D 102 12.44 -45.61 -19.40
C VAL D 102 13.37 -44.50 -18.90
N ILE D 103 13.83 -43.63 -19.79
CA ILE D 103 14.59 -42.43 -19.38
C ILE D 103 13.58 -41.45 -18.80
N VAL D 104 13.90 -40.89 -17.64
CA VAL D 104 13.18 -39.73 -17.05
C VAL D 104 14.05 -38.50 -17.26
N LYS D 105 13.87 -37.81 -18.38
CA LYS D 105 14.65 -36.59 -18.66
C LYS D 105 14.05 -35.47 -17.80
N THR D 106 14.60 -35.26 -16.60
CA THR D 106 14.12 -34.22 -15.67
C THR D 106 14.43 -32.84 -16.25
N GLY D 107 15.53 -32.69 -17.01
CA GLY D 107 16.08 -31.37 -17.40
C GLY D 107 15.33 -30.70 -18.54
N GLU D 108 14.53 -31.44 -19.31
CA GLU D 108 13.77 -30.91 -20.48
C GLU D 108 12.88 -29.75 -20.01
N ARG D 109 12.05 -29.99 -18.99
CA ARG D 109 11.04 -29.02 -18.46
C ARG D 109 11.44 -28.49 -17.08
N MET D 110 11.96 -29.33 -16.17
CA MET D 110 12.52 -28.83 -14.89
C MET D 110 13.89 -28.23 -15.19
N ASN D 111 13.92 -26.98 -15.68
CA ASN D 111 15.16 -26.31 -16.15
C ASN D 111 15.26 -24.92 -15.54
N ARG D 112 14.72 -24.73 -14.34
CA ARG D 112 14.56 -23.39 -13.74
C ARG D 112 15.71 -23.13 -12.77
N ILE D 113 16.33 -21.97 -12.89
CA ILE D 113 17.17 -21.37 -11.83
C ILE D 113 16.22 -20.90 -10.72
N LEU D 114 16.21 -21.58 -9.57
CA LEU D 114 15.29 -21.30 -8.43
C LEU D 114 15.87 -20.17 -7.58
N GLU D 115 17.18 -20.12 -7.41
CA GLU D 115 17.80 -18.99 -6.66
C GLU D 115 19.29 -18.87 -6.99
N VAL D 116 19.74 -17.63 -7.13
CA VAL D 116 21.19 -17.24 -7.14
C VAL D 116 21.36 -16.17 -6.07
N ASN D 117 22.03 -16.53 -4.98
CA ASN D 117 22.25 -15.64 -3.82
C ASN D 117 23.59 -14.92 -3.99
N GLU D 118 23.55 -13.61 -4.23
CA GLU D 118 24.75 -12.77 -4.44
C GLU D 118 25.50 -12.63 -3.12
N LYS D 119 24.77 -12.51 -2.01
CA LYS D 119 25.36 -12.22 -0.68
C LYS D 119 26.20 -13.41 -0.20
N TYR D 120 25.66 -14.63 -0.24
CA TYR D 120 26.29 -15.85 0.31
C TYR D 120 26.99 -16.65 -0.78
N GLY D 121 26.81 -16.26 -2.05
CA GLY D 121 27.47 -16.89 -3.21
C GLY D 121 27.08 -18.35 -3.37
N TYR D 122 25.83 -18.61 -3.72
CA TYR D 122 25.34 -19.97 -4.07
C TYR D 122 24.23 -19.89 -5.11
N ALA D 123 23.85 -21.07 -5.61
CA ALA D 123 22.73 -21.26 -6.55
C ALA D 123 21.97 -22.50 -6.10
N LEU D 124 20.65 -22.44 -6.22
CA LEU D 124 19.73 -23.61 -6.12
C LEU D 124 19.12 -23.81 -7.50
N LEU D 125 19.30 -25.01 -8.07
CA LEU D 125 19.09 -25.27 -9.51
C LEU D 125 18.25 -26.52 -9.68
N GLU D 126 17.44 -26.52 -10.73
CA GLU D 126 16.78 -27.74 -11.26
C GLU D 126 17.77 -28.43 -12.20
N PRO D 127 17.54 -29.72 -12.53
CA PRO D 127 18.45 -30.47 -13.40
C PRO D 127 18.67 -29.90 -14.82
N GLY D 128 17.69 -29.18 -15.36
CA GLY D 128 17.73 -28.69 -16.75
C GLY D 128 18.60 -27.46 -16.93
N VAL D 129 19.07 -26.82 -15.85
CA VAL D 129 19.93 -25.61 -15.96
C VAL D 129 21.29 -26.06 -16.50
N THR D 130 21.64 -25.62 -17.71
CA THR D 130 22.96 -25.88 -18.34
C THR D 130 23.95 -24.82 -17.85
N TYR D 131 25.24 -25.05 -18.09
CA TYR D 131 26.30 -24.09 -17.75
C TYR D 131 26.10 -22.81 -18.56
N PHE D 132 25.71 -22.92 -19.84
CA PHE D 132 25.32 -21.74 -20.68
C PHE D 132 24.18 -21.00 -19.98
N ASP D 133 23.13 -21.72 -19.57
CA ASP D 133 21.92 -21.10 -18.94
C ASP D 133 22.41 -20.31 -17.73
N LEU D 134 23.21 -20.93 -16.85
CA LEU D 134 23.63 -20.30 -15.58
C LEU D 134 24.60 -19.15 -15.87
N TYR D 135 25.44 -19.31 -16.90
CA TYR D 135 26.42 -18.27 -17.28
C TYR D 135 25.64 -17.07 -17.81
N GLU D 136 24.66 -17.31 -18.68
CA GLU D 136 23.80 -16.25 -19.23
C GLU D 136 23.12 -15.55 -18.06
N TYR D 137 22.59 -16.31 -17.08
CA TYR D 137 21.92 -15.74 -15.88
C TYR D 137 22.88 -14.81 -15.14
N LEU D 138 24.11 -15.26 -14.89
CA LEU D 138 25.09 -14.48 -14.10
C LEU D 138 25.43 -13.20 -14.85
N GLN D 139 25.69 -13.30 -16.15
CA GLN D 139 25.94 -12.12 -17.03
C GLN D 139 24.75 -11.17 -16.95
N SER D 140 23.52 -11.65 -17.22
CA SER D 140 22.28 -10.83 -17.24
C SER D 140 22.20 -9.99 -15.96
N HIS D 141 22.41 -10.60 -14.79
CA HIS D 141 22.20 -9.96 -13.47
C HIS D 141 23.47 -9.27 -12.97
N ASP D 142 24.49 -9.09 -13.83
CA ASP D 142 25.74 -8.39 -13.48
C ASP D 142 26.30 -9.00 -12.18
N SER D 143 26.23 -10.32 -12.05
CA SER D 143 26.63 -11.08 -10.83
C SER D 143 28.10 -10.79 -10.51
N GLY D 144 28.47 -10.74 -9.23
CA GLY D 144 29.87 -10.80 -8.76
C GLY D 144 30.38 -12.25 -8.69
N LEU D 145 29.52 -13.23 -8.98
CA LEU D 145 29.87 -14.67 -8.89
C LEU D 145 30.30 -15.20 -10.25
N MET D 146 30.96 -16.36 -10.24
CA MET D 146 31.31 -17.14 -11.46
C MET D 146 30.98 -18.61 -11.20
N LEU D 147 30.70 -19.37 -12.25
CA LEU D 147 30.41 -20.82 -12.13
C LEU D 147 31.70 -21.60 -12.36
N ASP D 148 31.60 -22.90 -12.24
CA ASP D 148 32.70 -23.83 -12.57
C ASP D 148 32.14 -24.85 -13.56
N CYS D 149 32.64 -24.84 -14.81
CA CYS D 149 32.14 -25.69 -15.93
C CYS D 149 33.18 -26.70 -16.36
N PRO D 150 32.73 -27.87 -16.85
CA PRO D 150 33.61 -28.80 -17.57
C PRO D 150 33.95 -28.24 -18.97
N GLU D 151 34.54 -29.06 -19.84
CA GLU D 151 34.98 -28.65 -21.20
C GLU D 151 33.79 -28.20 -22.04
N LEU D 152 32.65 -28.88 -21.92
CA LEU D 152 31.45 -28.63 -22.75
C LEU D 152 30.34 -28.00 -21.92
N GLY D 153 29.85 -26.82 -22.36
CA GLY D 153 28.89 -25.96 -21.64
C GLY D 153 27.47 -26.49 -21.67
N TRP D 154 27.14 -27.44 -22.55
CA TRP D 154 25.74 -27.85 -22.81
C TRP D 154 25.23 -28.88 -21.79
N GLY D 155 26.08 -29.29 -20.85
CA GLY D 155 25.71 -30.24 -19.77
C GLY D 155 24.94 -29.55 -18.65
N SER D 156 24.46 -30.32 -17.69
CA SER D 156 23.70 -29.87 -16.49
C SER D 156 24.66 -29.63 -15.32
N VAL D 157 24.56 -28.48 -14.65
CA VAL D 157 25.30 -28.20 -13.38
C VAL D 157 24.97 -29.31 -12.37
N VAL D 158 23.71 -29.72 -12.32
CA VAL D 158 23.24 -30.82 -11.42
C VAL D 158 23.77 -32.15 -11.95
N GLY D 159 23.36 -32.55 -13.15
CA GLY D 159 23.60 -33.90 -13.69
C GLY D 159 25.09 -34.23 -13.72
N ASN D 160 25.92 -33.24 -14.04
CA ASN D 160 27.39 -33.35 -14.00
C ASN D 160 27.82 -33.63 -12.56
N THR D 161 27.30 -32.87 -11.59
CA THR D 161 27.63 -33.06 -10.16
C THR D 161 27.21 -34.46 -9.72
N LEU D 162 26.08 -34.97 -10.21
CA LEU D 162 25.53 -36.26 -9.75
C LEU D 162 26.35 -37.42 -10.33
N ASP D 163 27.23 -37.18 -11.30
CA ASP D 163 28.20 -38.20 -11.78
C ASP D 163 29.61 -37.80 -11.31
N ARG D 164 29.69 -36.91 -10.31
CA ARG D 164 30.93 -36.39 -9.68
C ARG D 164 31.91 -35.87 -10.76
N GLY D 165 31.38 -35.22 -11.79
CA GLY D 165 32.18 -34.50 -12.80
C GLY D 165 33.00 -33.37 -12.19
N VAL D 166 33.85 -32.74 -13.00
CA VAL D 166 34.90 -31.80 -12.53
C VAL D 166 35.05 -30.65 -13.54
N GLY D 167 35.35 -29.46 -13.03
CA GLY D 167 35.80 -28.31 -13.82
C GLY D 167 37.20 -27.93 -13.37
N TYR D 168 37.59 -26.67 -13.58
CA TYR D 168 39.02 -26.29 -13.67
C TYR D 168 39.27 -24.93 -13.00
N THR D 169 38.27 -24.39 -12.31
CA THR D 169 38.44 -23.20 -11.43
C THR D 169 38.80 -23.74 -10.05
N PRO D 170 39.20 -22.87 -9.11
CA PRO D 170 39.40 -23.31 -7.73
C PRO D 170 38.21 -24.11 -7.18
N TYR D 171 37.02 -24.00 -7.79
CA TYR D 171 35.78 -24.74 -7.38
C TYR D 171 35.53 -25.95 -8.30
N GLY D 172 36.60 -26.59 -8.81
CA GLY D 172 36.54 -27.69 -9.81
C GLY D 172 35.90 -28.96 -9.28
N ASP D 173 36.02 -29.24 -7.98
CA ASP D 173 35.35 -30.41 -7.35
C ASP D 173 33.86 -30.08 -7.17
N HIS D 174 33.03 -30.46 -8.13
CA HIS D 174 31.59 -30.05 -8.16
C HIS D 174 30.86 -30.64 -6.94
N PHE D 175 31.09 -31.91 -6.63
CA PHE D 175 30.38 -32.58 -5.51
C PHE D 175 30.76 -31.93 -4.17
N MET D 176 32.02 -31.53 -3.99
CA MET D 176 32.42 -30.82 -2.75
C MET D 176 31.46 -29.65 -2.54
N TRP D 177 31.41 -28.75 -3.52
CA TRP D 177 30.67 -27.45 -3.46
C TRP D 177 29.16 -27.65 -3.58
N GLN D 178 28.70 -28.83 -3.97
CA GLN D 178 27.28 -29.24 -3.84
C GLN D 178 26.88 -29.02 -2.37
N THR D 179 25.75 -28.36 -2.15
CA THR D 179 25.24 -27.98 -0.82
C THR D 179 23.71 -28.10 -0.82
N GLY D 180 23.21 -29.19 -0.25
CA GLY D 180 21.78 -29.51 -0.20
C GLY D 180 21.32 -30.08 -1.52
N LEU D 181 20.47 -31.09 -1.47
CA LEU D 181 19.67 -31.51 -2.64
C LEU D 181 18.27 -31.96 -2.17
N GLU D 182 17.34 -32.00 -3.13
CA GLU D 182 15.99 -32.61 -2.98
C GLU D 182 16.00 -33.84 -3.87
N VAL D 183 15.45 -34.96 -3.41
CA VAL D 183 15.51 -36.23 -4.17
C VAL D 183 14.19 -36.97 -3.96
N VAL D 184 13.68 -37.57 -5.03
CA VAL D 184 12.52 -38.50 -4.98
C VAL D 184 13.11 -39.89 -4.79
N LEU D 185 12.89 -40.50 -3.63
CA LEU D 185 13.45 -41.83 -3.34
C LEU D 185 12.70 -42.88 -4.15
N PRO D 186 13.27 -44.09 -4.34
CA PRO D 186 12.78 -45.02 -5.36
C PRO D 186 11.33 -45.51 -5.27
N GLN D 187 10.60 -45.23 -4.18
CA GLN D 187 9.17 -45.63 -4.06
C GLN D 187 8.25 -44.41 -4.17
N GLY D 188 8.81 -43.20 -4.21
CA GLY D 188 8.06 -41.98 -4.58
C GLY D 188 8.12 -40.87 -3.54
N GLU D 189 8.47 -41.16 -2.28
CA GLU D 189 8.53 -40.07 -1.27
C GLU D 189 9.71 -39.18 -1.61
N VAL D 190 9.58 -37.90 -1.26
CA VAL D 190 10.59 -36.84 -1.52
C VAL D 190 11.28 -36.49 -0.21
N MET D 191 12.58 -36.21 -0.28
CA MET D 191 13.43 -35.89 0.90
C MET D 191 14.30 -34.69 0.56
N ARG D 192 14.65 -33.87 1.54
CA ARG D 192 15.67 -32.80 1.40
C ARG D 192 16.79 -33.06 2.41
N THR D 193 18.03 -32.86 1.98
CA THR D 193 19.25 -33.14 2.77
C THR D 193 19.72 -31.88 3.48
N GLY D 194 20.49 -32.09 4.53
CA GLY D 194 21.17 -31.03 5.29
C GLY D 194 20.14 -30.15 5.95
N MET D 195 20.36 -28.84 5.89
CA MET D 195 19.48 -27.83 6.50
C MET D 195 18.18 -27.70 5.69
N GLY D 196 18.12 -28.32 4.51
CA GLY D 196 16.87 -28.42 3.74
C GLY D 196 15.82 -29.21 4.50
N ALA D 197 16.29 -30.12 5.37
CA ALA D 197 15.44 -31.02 6.19
C ALA D 197 14.79 -30.26 7.35
N LEU D 198 15.29 -29.05 7.67
CA LEU D 198 14.72 -28.22 8.77
C LEU D 198 13.86 -27.11 8.19
N PRO D 199 12.51 -27.24 8.24
CA PRO D 199 11.62 -26.31 7.56
C PRO D 199 11.94 -24.86 7.96
N GLY D 200 12.01 -23.96 6.98
CA GLY D 200 12.17 -22.51 7.21
C GLY D 200 13.60 -22.15 7.55
N SER D 201 14.56 -23.08 7.40
CA SER D 201 16.02 -22.80 7.47
C SER D 201 16.47 -22.02 6.22
N ASP D 202 17.33 -21.02 6.41
CA ASP D 202 17.94 -20.22 5.32
C ASP D 202 19.23 -20.88 4.83
N ALA D 203 19.69 -21.95 5.47
CA ALA D 203 21.09 -22.45 5.38
C ALA D 203 21.20 -23.69 4.48
N TRP D 204 20.15 -24.02 3.71
CA TRP D 204 20.13 -25.21 2.81
C TRP D 204 21.42 -25.24 1.99
N GLN D 205 21.82 -24.09 1.46
CA GLN D 205 22.97 -23.93 0.53
C GLN D 205 24.18 -23.35 1.28
N LEU D 206 24.13 -23.26 2.62
CA LEU D 206 25.20 -22.61 3.43
C LEU D 206 25.99 -23.65 4.20
N PHE D 207 25.30 -24.64 4.76
CA PHE D 207 25.87 -25.72 5.61
C PHE D 207 25.53 -27.07 4.99
N PRO D 208 26.53 -27.83 4.48
CA PRO D 208 26.23 -29.05 3.73
C PRO D 208 25.67 -30.22 4.55
N TYR D 209 26.18 -30.42 5.77
CA TYR D 209 26.05 -31.71 6.49
C TYR D 209 24.68 -31.84 7.14
N GLY D 210 24.11 -30.74 7.65
CA GLY D 210 22.94 -30.83 8.54
C GLY D 210 23.25 -31.65 9.77
N PHE D 211 22.37 -32.59 10.11
CA PHE D 211 22.42 -33.35 11.39
C PHE D 211 22.32 -34.84 11.10
N GLY D 212 23.14 -35.61 11.81
CA GLY D 212 23.19 -37.07 11.68
C GLY D 212 24.03 -37.48 10.48
N PRO D 213 23.87 -38.73 9.98
CA PRO D 213 24.69 -39.18 8.86
C PRO D 213 24.55 -38.23 7.67
N PHE D 214 25.66 -38.01 6.96
CA PHE D 214 25.75 -37.14 5.75
C PHE D 214 25.47 -37.97 4.51
N PRO D 215 24.27 -37.85 3.88
CA PRO D 215 23.85 -38.75 2.81
C PRO D 215 24.07 -38.28 1.36
N ASP D 216 24.37 -37.00 1.13
CA ASP D 216 24.35 -36.38 -0.23
C ASP D 216 25.21 -37.20 -1.19
N GLY D 217 26.39 -37.62 -0.73
CA GLY D 217 27.33 -38.48 -1.49
C GLY D 217 26.67 -39.73 -2.03
N MET D 218 25.70 -40.29 -1.30
CA MET D 218 25.06 -41.57 -1.70
C MET D 218 24.15 -41.36 -2.92
N PHE D 219 23.95 -40.12 -3.39
CA PHE D 219 23.09 -39.80 -4.57
C PHE D 219 23.96 -39.44 -5.78
N THR D 220 25.28 -39.60 -5.68
CA THR D 220 26.27 -39.34 -6.76
C THR D 220 26.82 -40.69 -7.25
N GLN D 221 26.97 -40.85 -8.57
CA GLN D 221 27.24 -42.14 -9.25
C GLN D 221 26.34 -43.21 -8.62
N SER D 222 25.08 -42.88 -8.42
CA SER D 222 24.14 -43.65 -7.57
C SER D 222 22.83 -43.89 -8.31
N ASN D 223 22.03 -44.82 -7.81
CA ASN D 223 20.67 -45.11 -8.34
C ASN D 223 19.71 -45.19 -7.15
N LEU D 224 19.82 -44.28 -6.19
CA LEU D 224 19.01 -44.30 -4.94
C LEU D 224 17.91 -43.23 -5.02
N GLY D 225 17.62 -42.71 -6.20
CA GLY D 225 16.52 -41.75 -6.36
C GLY D 225 16.69 -40.83 -7.55
N ILE D 226 15.69 -39.98 -7.75
CA ILE D 226 15.66 -38.96 -8.82
C ILE D 226 15.77 -37.59 -8.16
N VAL D 227 16.90 -36.92 -8.37
CA VAL D 227 17.17 -35.58 -7.80
C VAL D 227 16.36 -34.57 -8.60
N THR D 228 15.72 -33.65 -7.89
CA THR D 228 14.80 -32.64 -8.47
C THR D 228 15.32 -31.23 -8.21
N LYS D 229 16.13 -31.04 -7.18
CA LYS D 229 16.81 -29.74 -6.91
C LYS D 229 18.19 -30.04 -6.32
N MET D 230 19.11 -29.11 -6.51
CA MET D 230 20.46 -29.20 -5.94
C MET D 230 21.01 -27.79 -5.76
N GLY D 231 21.67 -27.58 -4.64
CA GLY D 231 22.39 -26.32 -4.39
C GLY D 231 23.84 -26.49 -4.75
N ILE D 232 24.51 -25.39 -5.03
CA ILE D 232 25.98 -25.40 -5.25
C ILE D 232 26.51 -24.02 -4.88
N ALA D 233 27.62 -24.02 -4.15
CA ALA D 233 28.37 -22.79 -3.84
C ALA D 233 28.92 -22.24 -5.16
N LEU D 234 29.03 -20.92 -5.25
CA LEU D 234 29.62 -20.21 -6.41
C LEU D 234 30.70 -19.27 -5.85
N MET D 235 31.91 -19.40 -6.38
CA MET D 235 33.06 -18.54 -6.03
C MET D 235 32.80 -17.12 -6.53
N GLN D 236 33.29 -16.12 -5.81
CA GLN D 236 33.33 -14.71 -6.28
C GLN D 236 34.34 -14.61 -7.43
N ARG D 237 33.99 -13.96 -8.55
CA ARG D 237 34.96 -13.70 -9.65
C ARG D 237 36.07 -12.85 -9.07
N PRO D 238 37.35 -13.27 -9.22
CA PRO D 238 38.49 -12.45 -8.82
C PRO D 238 38.70 -11.28 -9.77
N PRO D 239 39.45 -10.23 -9.35
CA PRO D 239 39.53 -8.98 -10.13
C PRO D 239 40.22 -9.12 -11.51
N ALA D 240 41.16 -10.04 -11.65
CA ALA D 240 41.86 -10.31 -12.93
C ALA D 240 42.30 -11.78 -12.93
N SER D 241 42.63 -12.29 -14.11
CA SER D 241 43.11 -13.69 -14.30
C SER D 241 44.12 -13.69 -15.44
N GLN D 242 45.09 -14.58 -15.34
CA GLN D 242 46.05 -14.87 -16.44
C GLN D 242 46.12 -16.39 -16.63
N SER D 243 45.90 -16.83 -17.87
CA SER D 243 46.08 -18.23 -18.31
C SER D 243 47.43 -18.34 -19.03
N PHE D 244 48.05 -19.51 -18.94
CA PHE D 244 49.38 -19.80 -19.53
C PHE D 244 49.42 -21.23 -20.06
N LEU D 245 50.27 -21.42 -21.06
CA LEU D 245 50.65 -22.73 -21.64
C LEU D 245 52.15 -22.92 -21.41
N ILE D 246 52.56 -24.09 -20.91
CA ILE D 246 53.98 -24.55 -20.92
C ILE D 246 54.03 -25.77 -21.84
N THR D 247 54.81 -25.64 -22.92
CA THR D 247 55.10 -26.74 -23.88
C THR D 247 56.35 -27.46 -23.38
N PHE D 248 56.31 -28.79 -23.43
CA PHE D 248 57.41 -29.70 -23.06
C PHE D 248 57.71 -30.61 -24.26
N ASP D 249 58.95 -30.59 -24.74
CA ASP D 249 59.35 -31.14 -26.06
C ASP D 249 59.27 -32.68 -26.07
N LYS D 250 59.57 -33.36 -24.96
CA LYS D 250 59.80 -34.83 -24.97
C LYS D 250 58.65 -35.58 -24.31
N GLU D 251 58.31 -36.76 -24.86
CA GLU D 251 57.47 -37.78 -24.18
C GLU D 251 57.97 -38.00 -22.74
N GLU D 252 59.29 -38.11 -22.55
CA GLU D 252 59.93 -38.53 -21.27
C GLU D 252 59.78 -37.42 -20.22
N ASP D 253 59.50 -36.18 -20.65
CA ASP D 253 59.39 -35.00 -19.76
C ASP D 253 58.24 -35.17 -18.75
N LEU D 254 57.25 -36.02 -19.04
CA LEU D 254 56.07 -36.25 -18.16
C LEU D 254 56.51 -36.45 -16.71
N GLU D 255 57.58 -37.22 -16.49
CA GLU D 255 58.07 -37.60 -15.14
C GLU D 255 58.40 -36.33 -14.35
N GLN D 256 59.29 -35.48 -14.86
CA GLN D 256 59.69 -34.23 -14.15
C GLN D 256 58.47 -33.29 -14.04
N ILE D 257 57.61 -33.24 -15.07
CA ILE D 257 56.48 -32.26 -15.14
C ILE D 257 55.57 -32.50 -13.93
N VAL D 258 55.12 -33.75 -13.76
CA VAL D 258 54.23 -34.19 -12.66
C VAL D 258 54.93 -33.97 -11.30
N ASP D 259 56.20 -34.30 -11.17
CA ASP D 259 56.98 -34.20 -9.90
C ASP D 259 57.24 -32.73 -9.54
N ILE D 260 57.25 -31.82 -10.52
CA ILE D 260 57.35 -30.35 -10.28
C ILE D 260 55.94 -29.79 -10.02
N MET D 261 54.89 -30.30 -10.66
CA MET D 261 53.55 -29.65 -10.50
C MET D 261 52.91 -30.00 -9.16
N LEU D 262 53.24 -31.14 -8.52
CA LEU D 262 52.61 -31.56 -7.23
C LEU D 262 52.98 -30.59 -6.10
N PRO D 263 54.27 -30.26 -5.86
CA PRO D 263 54.61 -29.26 -4.84
C PRO D 263 53.97 -27.89 -5.08
N LEU D 264 53.80 -27.50 -6.34
CA LEU D 264 53.25 -26.16 -6.70
C LEU D 264 51.73 -26.15 -6.55
N ARG D 265 51.09 -27.30 -6.38
CA ARG D 265 49.62 -27.43 -6.40
C ARG D 265 49.04 -27.75 -5.01
N ILE D 266 49.72 -28.58 -4.21
CA ILE D 266 49.13 -29.18 -2.97
C ILE D 266 48.69 -28.07 -1.99
N ASN D 267 49.36 -26.92 -1.95
CA ASN D 267 48.99 -25.74 -1.11
C ASN D 267 48.11 -24.77 -1.90
N MET D 268 47.54 -25.21 -3.04
CA MET D 268 46.61 -24.42 -3.88
C MET D 268 47.26 -23.09 -4.28
N ALA D 269 48.59 -23.02 -4.29
CA ALA D 269 49.39 -21.86 -4.73
C ALA D 269 50.84 -22.33 -4.89
N PRO D 270 51.59 -21.84 -5.92
CA PRO D 270 51.09 -20.88 -6.91
C PRO D 270 50.13 -21.41 -7.99
N LEU D 271 49.93 -22.73 -8.09
CA LEU D 271 48.94 -23.35 -9.03
C LEU D 271 47.55 -23.32 -8.38
N GLN D 272 46.84 -22.19 -8.54
CA GLN D 272 45.54 -21.91 -7.86
C GLN D 272 44.42 -22.76 -8.45
N ASN D 273 44.48 -23.07 -9.76
CA ASN D 273 43.41 -23.79 -10.49
C ASN D 273 43.82 -25.25 -10.67
N VAL D 274 42.95 -26.06 -11.28
CA VAL D 274 43.21 -27.50 -11.56
C VAL D 274 44.20 -27.55 -12.73
N PRO D 275 45.45 -28.00 -12.50
CA PRO D 275 46.45 -28.06 -13.56
C PRO D 275 46.11 -29.23 -14.49
N VAL D 276 46.07 -28.95 -15.79
CA VAL D 276 45.88 -29.97 -16.86
C VAL D 276 47.15 -30.04 -17.70
N LEU D 277 47.62 -31.27 -17.92
CA LEU D 277 48.72 -31.62 -18.85
C LEU D 277 48.11 -32.47 -19.98
N ARG D 278 48.11 -31.94 -21.20
CA ARG D 278 47.52 -32.64 -22.37
C ARG D 278 48.66 -33.04 -23.30
N ASN D 279 48.58 -34.25 -23.86
CA ASN D 279 49.54 -34.72 -24.89
C ASN D 279 49.16 -34.12 -26.24
N ILE D 280 50.12 -34.04 -27.15
CA ILE D 280 49.99 -33.43 -28.51
C ILE D 280 48.78 -34.01 -29.24
N PHE D 281 48.48 -35.31 -29.07
CA PHE D 281 47.30 -35.95 -29.72
C PHE D 281 46.02 -35.22 -29.30
N MET D 282 45.83 -35.04 -27.99
CA MET D 282 44.67 -34.31 -27.41
C MET D 282 44.59 -32.93 -28.06
N ASP D 283 45.67 -32.15 -28.01
CA ASP D 283 45.67 -30.74 -28.51
C ASP D 283 45.48 -30.74 -30.03
N ALA D 284 46.00 -31.74 -30.75
CA ALA D 284 45.96 -31.75 -32.23
C ALA D 284 44.51 -32.00 -32.63
N ALA D 285 43.88 -32.99 -32.01
CA ALA D 285 42.48 -33.38 -32.25
C ALA D 285 41.51 -32.22 -31.96
N ALA D 286 41.88 -31.30 -31.08
CA ALA D 286 41.07 -30.10 -30.77
C ALA D 286 41.09 -29.10 -31.93
N VAL D 287 42.08 -29.13 -32.80
CA VAL D 287 42.29 -28.06 -33.84
C VAL D 287 42.46 -28.65 -35.25
N SER D 288 42.47 -29.97 -35.42
CA SER D 288 42.84 -30.59 -36.71
C SER D 288 42.30 -32.02 -36.82
N LYS D 289 42.08 -32.49 -38.05
CA LYS D 289 41.73 -33.90 -38.34
C LYS D 289 43.03 -34.73 -38.44
N ARG D 290 42.93 -36.03 -38.17
CA ARG D 290 44.05 -37.00 -38.23
C ARG D 290 44.74 -36.92 -39.59
N THR D 291 43.98 -36.87 -40.69
CA THR D 291 44.50 -36.98 -42.07
C THR D 291 45.35 -35.76 -42.42
N GLU D 292 45.25 -34.66 -41.69
CA GLU D 292 46.19 -33.52 -41.88
C GLU D 292 47.64 -33.97 -41.61
N TRP D 293 47.84 -34.97 -40.75
CA TRP D 293 49.18 -35.40 -40.24
C TRP D 293 49.61 -36.74 -40.83
N PHE D 294 48.68 -37.69 -40.99
CA PHE D 294 49.00 -39.09 -41.35
C PHE D 294 47.74 -39.75 -41.91
N ASP D 295 47.82 -40.26 -43.14
CA ASP D 295 46.68 -40.90 -43.86
C ASP D 295 46.92 -42.41 -43.95
N GLY D 296 48.03 -42.90 -43.40
CA GLY D 296 48.34 -44.34 -43.35
C GLY D 296 47.44 -45.05 -42.34
N ASP D 297 47.40 -46.37 -42.40
CA ASP D 297 46.72 -47.23 -41.39
C ASP D 297 47.68 -47.45 -40.21
N GLY D 298 47.11 -47.70 -39.03
CA GLY D 298 47.87 -48.08 -37.82
C GLY D 298 48.34 -46.86 -37.03
N PRO D 299 49.10 -47.08 -35.93
CA PRO D 299 49.48 -46.01 -35.02
C PRO D 299 50.34 -44.95 -35.73
N MET D 300 50.27 -43.72 -35.23
CA MET D 300 50.86 -42.55 -35.91
C MET D 300 52.38 -42.58 -35.71
N PRO D 301 53.18 -42.58 -36.81
CA PRO D 301 54.64 -42.65 -36.69
C PRO D 301 55.25 -41.36 -36.11
N ALA D 302 56.52 -41.47 -35.67
CA ALA D 302 57.29 -40.40 -35.00
C ALA D 302 57.34 -39.14 -35.87
N GLU D 303 57.52 -39.30 -37.18
CA GLU D 303 57.63 -38.17 -38.16
C GLU D 303 56.34 -37.35 -38.12
N ALA D 304 55.19 -38.03 -38.08
CA ALA D 304 53.84 -37.41 -38.03
C ALA D 304 53.67 -36.60 -36.75
N ILE D 305 54.03 -37.19 -35.60
CA ILE D 305 53.98 -36.53 -34.26
C ILE D 305 54.84 -35.27 -34.29
N GLU D 306 56.06 -35.35 -34.84
CA GLU D 306 56.98 -34.18 -34.93
C GLU D 306 56.32 -33.08 -35.76
N ARG D 307 55.59 -33.44 -36.82
CA ARG D 307 54.95 -32.45 -37.73
C ARG D 307 53.85 -31.71 -36.97
N MET D 308 53.08 -32.45 -36.14
CA MET D 308 52.01 -31.88 -35.26
C MET D 308 52.65 -30.88 -34.29
N LYS D 309 53.70 -31.30 -33.58
CA LYS D 309 54.40 -30.42 -32.61
C LYS D 309 54.83 -29.15 -33.34
N LYS D 310 55.46 -29.30 -34.49
CA LYS D 310 56.12 -28.15 -35.14
C LYS D 310 55.09 -27.20 -35.75
N ASP D 311 54.10 -27.73 -36.46
CA ASP D 311 53.09 -26.93 -37.19
C ASP D 311 52.27 -26.13 -36.16
N LEU D 312 51.86 -26.77 -35.06
CA LEU D 312 51.05 -26.16 -33.97
C LEU D 312 51.94 -25.40 -32.98
N ASP D 313 53.27 -25.52 -33.03
CA ASP D 313 54.21 -24.90 -32.07
C ASP D 313 53.85 -25.35 -30.64
N LEU D 314 53.51 -26.63 -30.48
CA LEU D 314 53.26 -27.27 -29.15
C LEU D 314 54.31 -28.35 -28.88
N GLY D 315 54.39 -28.78 -27.62
CA GLY D 315 55.25 -29.89 -27.16
C GLY D 315 54.50 -31.20 -27.25
N PHE D 316 55.13 -32.30 -26.81
CA PHE D 316 54.44 -33.60 -26.66
C PHE D 316 53.49 -33.54 -25.46
N TRP D 317 53.91 -32.87 -24.39
CA TRP D 317 53.09 -32.54 -23.20
C TRP D 317 52.91 -31.03 -23.15
N ASN D 318 51.66 -30.60 -23.00
CA ASN D 318 51.27 -29.17 -22.93
C ASN D 318 50.54 -28.94 -21.61
N PHE D 319 51.07 -28.04 -20.79
CA PHE D 319 50.54 -27.71 -19.45
C PHE D 319 49.74 -26.41 -19.54
N TYR D 320 48.47 -26.46 -19.13
CA TYR D 320 47.55 -25.29 -19.08
C TYR D 320 47.13 -25.01 -17.64
N GLY D 321 47.25 -23.76 -17.24
CA GLY D 321 46.90 -23.27 -15.90
C GLY D 321 46.43 -21.83 -15.96
N THR D 322 45.67 -21.41 -14.94
CA THR D 322 45.15 -20.05 -14.80
C THR D 322 45.47 -19.55 -13.39
N LEU D 323 45.87 -18.29 -13.30
CA LEU D 323 46.18 -17.58 -12.04
C LEU D 323 45.12 -16.51 -11.85
N TYR D 324 44.75 -16.24 -10.60
CA TYR D 324 43.67 -15.28 -10.23
C TYR D 324 44.18 -14.27 -9.18
N GLY D 325 43.70 -13.04 -9.30
CA GLY D 325 43.80 -12.02 -8.23
C GLY D 325 44.43 -10.73 -8.74
N PRO D 326 44.90 -9.86 -7.83
CA PRO D 326 45.54 -8.61 -8.22
C PRO D 326 46.73 -8.91 -9.14
N PRO D 327 47.01 -8.08 -10.16
CA PRO D 327 48.13 -8.33 -11.07
C PRO D 327 49.46 -8.61 -10.38
N PRO D 328 49.87 -7.90 -9.32
CA PRO D 328 51.05 -8.28 -8.53
C PRO D 328 51.08 -9.73 -8.04
N LEU D 329 49.95 -10.29 -7.57
CA LEU D 329 49.90 -11.69 -7.09
C LEU D 329 50.03 -12.66 -8.27
N ILE D 330 49.37 -12.36 -9.38
CA ILE D 330 49.43 -13.18 -10.63
C ILE D 330 50.91 -13.25 -11.05
N GLU D 331 51.59 -12.11 -11.02
CA GLU D 331 52.97 -12.00 -11.53
C GLU D 331 53.91 -12.80 -10.62
N MET D 332 53.76 -12.64 -9.30
CA MET D 332 54.56 -13.39 -8.31
C MET D 332 54.41 -14.90 -8.58
N TYR D 333 53.17 -15.39 -8.72
CA TYR D 333 52.84 -16.82 -8.91
C TYR D 333 53.35 -17.31 -10.27
N TYR D 334 53.21 -16.50 -11.31
CA TYR D 334 53.70 -16.85 -12.66
C TYR D 334 55.23 -17.04 -12.61
N GLY D 335 55.93 -16.10 -11.94
CA GLY D 335 57.38 -16.12 -11.70
C GLY D 335 57.85 -17.40 -11.01
N MET D 336 57.11 -17.88 -10.01
CA MET D 336 57.42 -19.15 -9.27
C MET D 336 57.22 -20.35 -10.20
N ILE D 337 56.18 -20.31 -11.04
CA ILE D 337 55.80 -21.37 -12.01
C ILE D 337 56.86 -21.48 -13.11
N LYS D 338 57.44 -20.34 -13.51
CA LYS D 338 58.54 -20.27 -14.51
C LYS D 338 59.86 -20.80 -13.92
N GLU D 339 60.29 -20.37 -12.72
CA GLU D 339 61.48 -20.93 -12.03
C GLU D 339 61.43 -22.45 -12.02
N ALA D 340 60.31 -22.98 -11.52
CA ALA D 340 60.13 -24.40 -11.17
C ALA D 340 60.16 -25.22 -12.46
N PHE D 341 59.31 -24.89 -13.44
CA PHE D 341 59.12 -25.68 -14.69
C PHE D 341 60.23 -25.38 -15.69
N GLY D 342 60.86 -24.21 -15.55
CA GLY D 342 62.03 -23.78 -16.35
C GLY D 342 63.19 -24.74 -16.23
N LYS D 343 63.28 -25.50 -15.13
CA LYS D 343 64.39 -26.45 -14.85
C LYS D 343 64.28 -27.65 -15.80
N ILE D 344 63.15 -27.80 -16.48
CA ILE D 344 63.00 -28.86 -17.52
C ILE D 344 63.56 -28.27 -18.81
N PRO D 345 64.63 -28.87 -19.39
CA PRO D 345 65.18 -28.41 -20.66
C PRO D 345 64.11 -28.50 -21.75
N GLY D 346 64.00 -27.45 -22.58
CA GLY D 346 63.05 -27.41 -23.70
C GLY D 346 61.71 -26.78 -23.32
N ALA D 347 61.46 -26.49 -22.04
CA ALA D 347 60.19 -25.89 -21.55
C ALA D 347 60.06 -24.48 -22.15
N ARG D 348 58.91 -24.16 -22.75
CA ARG D 348 58.62 -22.80 -23.27
C ARG D 348 57.26 -22.33 -22.73
N PHE D 349 57.16 -21.01 -22.49
CA PHE D 349 56.07 -20.37 -21.71
C PHE D 349 55.32 -19.36 -22.58
N PHE D 350 53.99 -19.40 -22.51
CA PHE D 350 53.08 -18.49 -23.24
C PHE D 350 51.90 -18.14 -22.34
N THR D 351 51.64 -16.84 -22.17
CA THR D 351 50.36 -16.34 -21.56
C THR D 351 49.29 -16.38 -22.66
N HIS D 352 48.02 -16.27 -22.26
CA HIS D 352 46.84 -16.26 -23.18
C HIS D 352 46.95 -15.09 -24.16
N GLU D 353 47.70 -14.04 -23.80
CA GLU D 353 47.90 -12.82 -24.64
C GLU D 353 48.91 -13.08 -25.77
N GLU D 354 49.74 -14.14 -25.68
CA GLU D 354 50.97 -14.32 -26.49
C GLU D 354 50.80 -15.32 -27.65
N ARG D 355 49.61 -15.89 -27.88
CA ARG D 355 49.43 -16.95 -28.91
C ARG D 355 48.03 -16.91 -29.53
N ASP D 356 47.96 -16.34 -30.74
CA ASP D 356 46.70 -16.16 -31.53
C ASP D 356 46.75 -17.09 -32.75
N ASP D 357 47.71 -18.02 -32.78
CA ASP D 357 47.84 -19.04 -33.85
C ASP D 357 46.94 -20.23 -33.51
N ARG D 358 46.85 -21.19 -34.43
CA ARG D 358 45.94 -22.36 -34.32
C ARG D 358 46.32 -23.18 -33.09
N GLY D 359 47.62 -23.41 -32.85
CA GLY D 359 48.09 -24.18 -31.68
C GLY D 359 47.64 -23.58 -30.35
N GLY D 360 47.49 -22.25 -30.32
CA GLY D 360 47.06 -21.47 -29.14
C GLY D 360 45.55 -21.51 -28.92
N HIS D 361 44.79 -22.21 -29.78
CA HIS D 361 43.31 -22.26 -29.72
C HIS D 361 42.88 -23.00 -28.45
N VAL D 362 43.62 -24.04 -28.05
CA VAL D 362 43.30 -24.80 -26.79
C VAL D 362 43.59 -23.90 -25.58
N LEU D 363 44.70 -23.16 -25.58
CA LEU D 363 45.01 -22.17 -24.52
C LEU D 363 43.83 -21.19 -24.39
N GLN D 364 43.34 -20.64 -25.51
CA GLN D 364 42.21 -19.67 -25.50
C GLN D 364 40.95 -20.34 -24.96
N ASP D 365 40.78 -21.64 -25.21
CA ASP D 365 39.63 -22.41 -24.69
C ASP D 365 39.77 -22.55 -23.17
N ARG D 366 40.98 -22.84 -22.66
CA ARG D 366 41.20 -23.05 -21.20
C ARG D 366 41.01 -21.71 -20.48
N HIS D 367 41.46 -20.61 -21.09
CA HIS D 367 41.30 -19.25 -20.52
C HIS D 367 39.81 -18.93 -20.33
N LYS D 368 38.94 -19.44 -21.21
CA LYS D 368 37.47 -19.34 -21.05
C LYS D 368 37.03 -20.28 -19.90
N ILE D 369 37.18 -21.59 -20.09
CA ILE D 369 36.76 -22.66 -19.13
C ILE D 369 37.30 -22.39 -17.72
N ASN D 370 38.58 -22.02 -17.58
CA ASN D 370 39.24 -21.75 -16.27
C ASN D 370 38.73 -20.46 -15.64
N ASN D 371 37.94 -19.64 -16.36
CA ASN D 371 37.33 -18.38 -15.84
C ASN D 371 35.80 -18.52 -15.76
N GLY D 372 35.29 -19.76 -15.85
CA GLY D 372 33.85 -20.04 -15.69
C GLY D 372 33.04 -19.50 -16.86
N ILE D 373 33.66 -19.45 -18.04
CA ILE D 373 32.99 -19.09 -19.33
C ILE D 373 32.79 -20.39 -20.12
N PRO D 374 31.55 -20.92 -20.22
CA PRO D 374 31.32 -22.21 -20.86
C PRO D 374 31.68 -22.17 -22.35
N SER D 375 31.96 -23.33 -22.93
CA SER D 375 32.47 -23.48 -24.31
C SER D 375 32.00 -24.80 -24.91
N LEU D 376 31.85 -24.86 -26.24
CA LEU D 376 31.70 -26.13 -27.01
C LEU D 376 32.89 -26.35 -27.96
N ASP D 377 33.93 -25.51 -27.91
CA ASP D 377 35.11 -25.61 -28.82
C ASP D 377 35.65 -27.05 -28.80
N GLU D 378 35.75 -27.67 -27.63
CA GLU D 378 36.36 -29.04 -27.46
C GLU D 378 35.50 -30.10 -28.18
N LEU D 379 34.33 -29.76 -28.73
CA LEU D 379 33.56 -30.71 -29.61
C LEU D 379 34.36 -31.01 -30.89
N GLN D 380 35.28 -30.12 -31.25
CA GLN D 380 36.13 -30.31 -32.46
C GLN D 380 36.91 -31.62 -32.34
N LEU D 381 37.24 -32.06 -31.12
CA LEU D 381 37.96 -33.35 -30.87
C LEU D 381 37.32 -34.46 -31.70
N LEU D 382 36.00 -34.46 -31.89
CA LEU D 382 35.29 -35.61 -32.53
C LEU D 382 35.42 -35.56 -34.06
N ASP D 383 36.04 -34.51 -34.62
CA ASP D 383 36.32 -34.40 -36.08
C ASP D 383 37.69 -35.03 -36.41
N TRP D 384 38.41 -35.55 -35.40
CA TRP D 384 39.72 -36.23 -35.56
C TRP D 384 39.60 -37.29 -36.66
N VAL D 385 38.55 -38.10 -36.59
CA VAL D 385 38.24 -39.13 -37.63
C VAL D 385 36.79 -38.97 -38.04
N PRO D 386 36.37 -39.50 -39.20
CA PRO D 386 34.97 -39.44 -39.61
C PRO D 386 34.09 -40.15 -38.56
N ASN D 387 32.89 -39.62 -38.37
CA ASN D 387 31.84 -40.20 -37.48
C ASN D 387 32.40 -40.38 -36.07
N GLY D 388 33.22 -39.42 -35.62
CA GLY D 388 33.91 -39.45 -34.32
C GLY D 388 32.96 -39.68 -33.15
N GLY D 389 33.26 -40.68 -32.33
CA GLY D 389 32.78 -40.76 -30.95
C GLY D 389 33.97 -40.82 -30.01
N HIS D 390 33.73 -40.84 -28.71
CA HIS D 390 34.79 -41.08 -27.69
C HIS D 390 34.21 -41.88 -26.52
N ILE D 391 35.10 -42.59 -25.85
CA ILE D 391 34.83 -43.21 -24.52
C ILE D 391 35.82 -42.58 -23.54
N GLY D 392 35.40 -42.43 -22.30
CA GLY D 392 36.23 -41.88 -21.20
C GLY D 392 36.82 -43.01 -20.40
N PHE D 393 38.15 -43.05 -20.34
CA PHE D 393 38.91 -43.99 -19.48
C PHE D 393 39.79 -43.16 -18.57
N VAL D 394 39.48 -43.14 -17.28
CA VAL D 394 40.10 -42.20 -16.30
C VAL D 394 40.48 -42.94 -15.02
N PRO D 395 41.62 -43.67 -14.99
CA PRO D 395 42.15 -44.19 -13.74
C PRO D 395 42.67 -43.08 -12.81
N VAL D 396 42.53 -43.33 -11.50
CA VAL D 396 43.02 -42.43 -10.42
C VAL D 396 44.39 -42.94 -9.97
N SER D 397 45.33 -42.00 -9.90
CA SER D 397 46.77 -42.27 -9.74
C SER D 397 47.27 -41.43 -8.57
N ALA D 398 48.39 -41.81 -7.95
CA ALA D 398 49.16 -40.92 -7.08
C ALA D 398 49.86 -39.89 -7.96
N PRO D 399 49.95 -38.60 -7.54
CA PRO D 399 50.66 -37.59 -8.33
C PRO D 399 52.19 -37.74 -8.28
N ASP D 400 52.69 -38.85 -8.82
CA ASP D 400 54.15 -39.14 -8.93
C ASP D 400 54.53 -39.27 -10.41
N GLY D 401 55.70 -38.73 -10.77
CA GLY D 401 56.27 -38.72 -12.13
C GLY D 401 56.44 -40.13 -12.69
N ARG D 402 57.03 -41.03 -11.92
CA ARG D 402 57.32 -42.41 -12.39
C ARG D 402 55.99 -43.15 -12.53
N GLU D 403 55.02 -42.85 -11.67
CA GLU D 403 53.68 -43.49 -11.68
C GLU D 403 52.86 -43.00 -12.88
N ALA D 404 53.01 -41.73 -13.27
CA ALA D 404 52.42 -41.17 -14.50
C ALA D 404 53.05 -41.87 -15.72
N MET D 405 54.38 -42.00 -15.71
CA MET D 405 55.18 -42.65 -16.78
C MET D 405 54.69 -44.09 -17.00
N LYS D 406 54.58 -44.87 -15.93
CA LYS D 406 54.08 -46.26 -15.93
C LYS D 406 52.71 -46.30 -16.63
N GLN D 407 51.80 -45.41 -16.24
CA GLN D 407 50.40 -45.36 -16.78
C GLN D 407 50.42 -44.97 -18.25
N PHE D 408 51.15 -43.88 -18.56
CA PHE D 408 51.36 -43.41 -19.94
C PHE D 408 51.66 -44.63 -20.84
N GLU D 409 52.70 -45.41 -20.51
CA GLU D 409 53.18 -46.49 -21.41
C GLU D 409 52.24 -47.69 -21.42
N MET D 410 51.67 -48.01 -20.27
CA MET D 410 50.70 -49.12 -20.10
C MET D 410 49.51 -48.92 -21.02
N VAL D 411 48.98 -47.70 -21.10
CA VAL D 411 47.76 -47.39 -21.89
C VAL D 411 48.14 -47.25 -23.36
N ARG D 412 49.18 -46.45 -23.68
CA ARG D 412 49.62 -46.22 -25.08
C ARG D 412 49.86 -47.57 -25.77
N ASN D 413 50.48 -48.52 -25.07
CA ASN D 413 50.80 -49.88 -25.61
C ASN D 413 49.52 -50.60 -25.99
N ARG D 414 48.50 -50.56 -25.12
CA ARG D 414 47.19 -51.22 -25.36
C ARG D 414 46.41 -50.47 -26.44
N ALA D 415 46.57 -49.15 -26.50
CA ALA D 415 45.97 -48.28 -27.54
C ALA D 415 46.51 -48.67 -28.91
N ASN D 416 47.84 -48.81 -29.01
CA ASN D 416 48.57 -49.21 -30.24
C ASN D 416 48.07 -50.58 -30.73
N GLU D 417 47.87 -51.52 -29.80
CA GLU D 417 47.46 -52.93 -30.09
C GLU D 417 46.05 -52.95 -30.71
N TYR D 418 45.12 -52.15 -30.20
CA TYR D 418 43.71 -52.10 -30.71
C TYR D 418 43.58 -50.98 -31.76
N ASN D 419 44.70 -50.31 -32.08
CA ASN D 419 44.79 -49.35 -33.22
C ASN D 419 43.86 -48.16 -32.94
N LYS D 420 43.91 -47.65 -31.72
CA LYS D 420 43.24 -46.38 -31.30
C LYS D 420 44.34 -45.41 -30.89
N ASP D 421 44.18 -44.13 -31.23
CA ASP D 421 45.15 -43.09 -30.84
C ASP D 421 45.01 -42.84 -29.35
N TYR D 422 46.12 -42.44 -28.71
CA TYR D 422 46.24 -42.19 -27.26
C TYR D 422 46.11 -40.67 -27.01
N MET D 423 44.87 -40.17 -26.99
CA MET D 423 44.53 -38.79 -26.52
C MET D 423 44.43 -38.84 -25.01
N ALA D 424 45.36 -38.19 -24.27
CA ALA D 424 45.45 -38.27 -22.79
C ALA D 424 45.81 -36.90 -22.18
N SER D 425 45.14 -36.61 -21.07
CA SER D 425 45.47 -35.52 -20.11
C SER D 425 45.83 -36.16 -18.76
N PHE D 426 46.90 -35.68 -18.13
CA PHE D 426 47.20 -35.91 -16.69
C PHE D 426 46.73 -34.68 -15.92
N ILE D 427 45.65 -34.85 -15.17
CA ILE D 427 45.03 -33.79 -14.31
C ILE D 427 45.30 -34.14 -12.85
N ILE D 428 45.43 -33.10 -12.01
CA ILE D 428 45.72 -33.22 -10.56
C ILE D 428 44.83 -32.27 -9.77
N GLY D 429 44.04 -32.79 -8.83
CA GLY D 429 43.44 -32.00 -7.74
C GLY D 429 44.51 -31.64 -6.73
N LEU D 430 44.32 -31.93 -5.45
CA LEU D 430 45.36 -31.61 -4.44
C LEU D 430 46.36 -32.76 -4.39
N ARG D 431 45.86 -33.98 -4.16
CA ARG D 431 46.67 -35.14 -3.74
C ARG D 431 46.45 -36.33 -4.68
N GLU D 432 45.58 -36.19 -5.68
CA GLU D 432 45.23 -37.32 -6.57
C GLU D 432 45.53 -36.90 -8.01
N MET D 433 45.71 -37.89 -8.87
CA MET D 433 46.00 -37.68 -10.30
C MET D 433 45.00 -38.50 -11.11
N TYR D 434 44.39 -37.85 -12.11
CA TYR D 434 43.47 -38.48 -13.09
C TYR D 434 44.21 -38.64 -14.41
N HIS D 435 44.26 -39.87 -14.92
CA HIS D 435 44.76 -40.17 -16.29
C HIS D 435 43.55 -40.14 -17.22
N VAL D 436 43.21 -38.96 -17.74
CA VAL D 436 42.02 -38.79 -18.60
C VAL D 436 42.41 -39.21 -20.01
N CYS D 437 41.95 -40.39 -20.45
CA CYS D 437 42.19 -40.95 -21.81
C CYS D 437 40.90 -40.94 -22.62
N LEU D 438 40.83 -40.11 -23.67
CA LEU D 438 39.72 -40.08 -24.65
C LEU D 438 40.13 -40.88 -25.88
N PHE D 439 39.48 -42.01 -26.13
CA PHE D 439 39.70 -42.85 -27.32
C PHE D 439 38.67 -42.46 -28.38
N ILE D 440 39.12 -41.73 -29.39
CA ILE D 440 38.27 -41.27 -30.51
C ILE D 440 38.23 -42.39 -31.57
N TYR D 441 37.05 -42.74 -32.05
CA TYR D 441 36.86 -43.88 -32.98
C TYR D 441 35.68 -43.63 -33.91
N ASP D 442 35.60 -44.41 -34.98
CA ASP D 442 34.53 -44.34 -36.00
C ASP D 442 33.31 -45.07 -35.45
N THR D 443 32.25 -44.34 -35.10
CA THR D 443 31.04 -44.90 -34.43
C THR D 443 30.24 -45.73 -35.43
N ALA D 444 30.47 -45.54 -36.73
CA ALA D 444 29.76 -46.25 -37.82
C ALA D 444 30.34 -47.65 -38.06
N ASP D 445 31.54 -47.90 -37.55
CA ASP D 445 32.31 -49.14 -37.78
C ASP D 445 32.05 -50.08 -36.62
N PRO D 446 31.30 -51.19 -36.78
CA PRO D 446 31.02 -52.10 -35.67
C PRO D 446 32.32 -52.70 -35.11
N GLU D 447 33.33 -52.88 -35.95
CA GLU D 447 34.64 -53.44 -35.54
C GLU D 447 35.34 -52.42 -34.64
N ALA D 448 35.41 -51.14 -35.04
CA ALA D 448 36.01 -50.06 -34.23
C ALA D 448 35.29 -49.96 -32.87
N ARG D 449 33.96 -50.09 -32.87
CA ARG D 449 33.15 -50.08 -31.64
C ARG D 449 33.58 -51.25 -30.73
N GLU D 450 33.63 -52.48 -31.27
CA GLU D 450 33.98 -53.70 -30.49
C GLU D 450 35.44 -53.61 -30.01
N GLU D 451 36.36 -53.14 -30.86
CA GLU D 451 37.77 -52.86 -30.48
C GLU D 451 37.79 -51.97 -29.23
N ILE D 452 36.97 -50.92 -29.18
CA ILE D 452 36.90 -49.98 -28.04
C ILE D 452 36.42 -50.72 -26.78
N LEU D 453 35.36 -51.54 -26.89
CA LEU D 453 34.81 -52.29 -25.74
C LEU D 453 35.92 -53.19 -25.20
N GLN D 454 36.54 -53.99 -26.07
CA GLN D 454 37.54 -55.00 -25.65
C GLN D 454 38.76 -54.27 -25.11
N MET D 455 39.22 -53.22 -25.79
CA MET D 455 40.41 -52.46 -25.36
C MET D 455 40.20 -51.90 -23.95
N THR D 456 39.06 -51.25 -23.68
CA THR D 456 38.79 -50.60 -22.37
C THR D 456 38.61 -51.68 -21.29
N LYS D 457 37.97 -52.81 -21.59
CA LYS D 457 37.85 -53.96 -20.65
C LYS D 457 39.25 -54.39 -20.21
N VAL D 458 40.18 -54.55 -21.15
CA VAL D 458 41.60 -54.91 -20.88
C VAL D 458 42.24 -53.77 -20.07
N LEU D 459 42.06 -52.51 -20.49
CA LEU D 459 42.69 -51.34 -19.82
C LEU D 459 42.23 -51.27 -18.37
N VAL D 460 40.96 -51.59 -18.11
CA VAL D 460 40.33 -51.52 -16.76
C VAL D 460 41.02 -52.56 -15.87
N ARG D 461 41.14 -53.78 -16.36
CA ARG D 461 41.70 -54.94 -15.64
C ARG D 461 43.19 -54.69 -15.37
N GLU D 462 43.94 -54.29 -16.41
CA GLU D 462 45.39 -54.01 -16.29
C GLU D 462 45.59 -52.88 -15.28
N ALA D 463 44.78 -51.82 -15.36
CA ALA D 463 44.95 -50.62 -14.52
C ALA D 463 44.72 -51.00 -13.04
N ALA D 464 43.79 -51.93 -12.79
CA ALA D 464 43.40 -52.39 -11.44
C ALA D 464 44.47 -53.32 -10.88
N GLU D 465 45.10 -54.12 -11.76
CA GLU D 465 46.20 -55.06 -11.40
C GLU D 465 47.45 -54.26 -11.01
N ALA D 466 47.61 -53.04 -11.52
CA ALA D 466 48.69 -52.10 -11.13
C ALA D 466 48.23 -51.17 -9.99
N GLY D 467 47.05 -51.43 -9.41
CA GLY D 467 46.50 -50.69 -8.25
C GLY D 467 45.91 -49.32 -8.59
N TYR D 468 45.39 -49.14 -9.82
CA TYR D 468 44.68 -47.92 -10.26
C TYR D 468 43.20 -48.24 -10.48
N GLY D 469 42.32 -47.49 -9.82
CA GLY D 469 40.87 -47.58 -10.03
C GLY D 469 40.37 -46.41 -10.85
N GLU D 470 39.27 -46.63 -11.58
CA GLU D 470 38.62 -45.56 -12.38
C GLU D 470 37.74 -44.74 -11.44
N TYR D 471 37.72 -43.41 -11.63
CA TYR D 471 36.85 -42.47 -10.88
C TYR D 471 35.45 -42.44 -11.50
N ARG D 472 35.35 -42.85 -12.77
CA ARG D 472 34.12 -42.71 -13.60
C ARG D 472 34.25 -43.60 -14.84
N THR D 473 33.16 -44.23 -15.25
CA THR D 473 33.20 -45.12 -16.43
C THR D 473 31.85 -45.14 -17.16
N HIS D 474 31.88 -45.77 -18.34
CA HIS D 474 30.78 -45.93 -19.32
C HIS D 474 29.87 -47.08 -18.91
N ASN D 475 28.61 -47.05 -19.33
CA ASN D 475 27.61 -48.11 -19.05
C ASN D 475 28.20 -49.50 -19.28
N ALA D 476 28.93 -49.66 -20.39
CA ALA D 476 29.44 -50.97 -20.88
C ALA D 476 30.50 -51.55 -19.93
N LEU D 477 31.12 -50.74 -19.06
CA LEU D 477 32.27 -51.13 -18.19
C LEU D 477 31.94 -51.03 -16.70
N MET D 478 30.70 -50.70 -16.34
CA MET D 478 30.33 -50.39 -14.94
C MET D 478 30.50 -51.63 -14.07
N ASP D 479 30.02 -52.79 -14.54
CA ASP D 479 30.16 -54.10 -13.85
C ASP D 479 31.65 -54.43 -13.67
N ASP D 480 32.42 -54.33 -14.76
CA ASP D 480 33.88 -54.64 -14.76
C ASP D 480 34.60 -53.71 -13.79
N VAL D 481 34.29 -52.41 -13.79
CA VAL D 481 34.96 -51.44 -12.87
C VAL D 481 34.57 -51.78 -11.43
N MET D 482 33.28 -51.83 -11.10
CA MET D 482 32.84 -52.12 -9.70
C MET D 482 33.49 -53.41 -9.20
N ALA D 483 33.64 -54.40 -10.09
CA ALA D 483 34.26 -55.72 -9.77
C ALA D 483 35.70 -55.53 -9.28
N THR D 484 36.39 -54.44 -9.68
CA THR D 484 37.80 -54.18 -9.30
C THR D 484 37.90 -53.69 -7.84
N PHE D 485 36.82 -53.16 -7.26
CA PHE D 485 36.80 -52.59 -5.89
C PHE D 485 36.32 -53.66 -4.91
N ASN D 486 36.91 -54.86 -5.02
CA ASN D 486 36.44 -56.13 -4.40
C ASN D 486 37.21 -56.42 -3.09
N TRP D 487 37.86 -55.43 -2.47
CA TRP D 487 38.53 -55.62 -1.16
C TRP D 487 37.53 -56.28 -0.20
N GLY D 488 38.02 -57.15 0.69
CA GLY D 488 37.20 -57.86 1.68
C GLY D 488 36.11 -58.65 1.00
N ASP D 489 36.42 -59.25 -0.13
CA ASP D 489 35.51 -60.17 -0.88
C ASP D 489 34.29 -59.36 -1.35
N GLY D 490 34.52 -58.25 -2.07
CA GLY D 490 33.49 -57.36 -2.62
C GLY D 490 32.55 -56.84 -1.54
N ALA D 491 33.11 -56.38 -0.42
CA ALA D 491 32.34 -55.82 0.73
C ALA D 491 31.63 -54.54 0.30
N LEU D 492 32.30 -53.69 -0.48
CA LEU D 492 31.77 -52.35 -0.89
C LEU D 492 30.50 -52.55 -1.71
N LEU D 493 30.52 -53.44 -2.71
CA LEU D 493 29.33 -53.73 -3.57
C LEU D 493 28.21 -54.31 -2.71
N LYS D 494 28.53 -55.24 -1.81
CA LYS D 494 27.55 -55.91 -0.91
C LYS D 494 26.89 -54.83 -0.05
N PHE D 495 27.67 -53.86 0.44
CA PHE D 495 27.17 -52.72 1.23
C PHE D 495 26.15 -51.96 0.38
N HIS D 496 26.59 -51.52 -0.80
CA HIS D 496 25.77 -50.75 -1.78
C HIS D 496 24.51 -51.53 -2.14
N GLU D 497 24.62 -52.85 -2.30
CA GLU D 497 23.48 -53.71 -2.69
C GLU D 497 22.42 -53.68 -1.59
N LYS D 498 22.84 -53.81 -0.32
CA LYS D 498 21.88 -53.91 0.81
C LYS D 498 21.10 -52.60 0.89
N ILE D 499 21.78 -51.46 0.73
CA ILE D 499 21.14 -50.11 0.76
C ILE D 499 20.17 -49.99 -0.43
N LYS D 500 20.64 -50.31 -1.63
CA LYS D 500 19.82 -50.32 -2.87
C LYS D 500 18.51 -51.10 -2.63
N ASP D 501 18.61 -52.32 -2.11
CA ASP D 501 17.43 -53.19 -1.88
C ASP D 501 16.56 -52.59 -0.77
N ALA D 502 17.16 -51.90 0.20
CA ALA D 502 16.44 -51.28 1.33
C ALA D 502 15.53 -50.18 0.78
N LEU D 503 16.08 -49.29 -0.04
CA LEU D 503 15.39 -48.05 -0.53
C LEU D 503 14.57 -48.35 -1.80
N ASP D 504 14.91 -49.41 -2.53
CA ASP D 504 14.32 -49.72 -3.86
C ASP D 504 13.85 -51.18 -3.86
N PRO D 505 12.88 -51.55 -3.01
CA PRO D 505 12.48 -52.96 -2.91
C PRO D 505 11.95 -53.56 -4.23
N ASN D 506 11.48 -52.73 -5.15
CA ASN D 506 10.93 -53.19 -6.46
C ASN D 506 11.98 -53.09 -7.58
N GLY D 507 13.20 -52.64 -7.27
CA GLY D 507 14.31 -52.57 -8.23
C GLY D 507 13.93 -51.72 -9.44
N ILE D 508 13.65 -50.44 -9.20
CA ILE D 508 13.08 -49.49 -10.20
C ILE D 508 14.17 -48.58 -10.75
N ILE D 509 14.94 -47.90 -9.90
CA ILE D 509 15.81 -46.78 -10.35
C ILE D 509 17.13 -47.31 -10.92
N ALA D 510 17.42 -46.95 -12.18
CA ALA D 510 18.71 -47.13 -12.90
C ALA D 510 19.40 -48.42 -12.47
N PRO D 511 18.78 -49.60 -12.68
CA PRO D 511 19.43 -50.86 -12.33
C PRO D 511 20.78 -50.98 -13.05
N GLY D 512 21.83 -51.29 -12.30
CA GLY D 512 23.19 -51.60 -12.79
C GLY D 512 24.07 -50.37 -12.86
N LYS D 513 23.54 -49.20 -12.49
CA LYS D 513 24.36 -47.96 -12.41
C LYS D 513 25.49 -48.22 -11.41
N SER D 514 26.74 -47.94 -11.80
CA SER D 514 27.94 -48.18 -10.97
C SER D 514 28.01 -49.65 -10.51
N GLY D 515 27.43 -50.55 -11.32
CA GLY D 515 27.48 -52.02 -11.10
C GLY D 515 26.56 -52.48 -9.99
N ILE D 516 25.66 -51.60 -9.54
CA ILE D 516 24.77 -51.86 -8.37
C ILE D 516 23.42 -52.29 -8.91
N TRP D 517 23.15 -53.60 -8.92
CA TRP D 517 21.87 -54.20 -9.38
C TRP D 517 21.00 -54.48 -8.17
N PRO D 518 19.68 -54.16 -8.22
CA PRO D 518 18.74 -54.60 -7.19
C PRO D 518 18.35 -56.08 -7.31
N GLN D 519 17.88 -56.65 -6.20
CA GLN D 519 17.73 -58.12 -5.96
C GLN D 519 17.17 -58.81 -7.21
N ARG D 520 16.13 -58.25 -7.82
CA ARG D 520 15.35 -58.99 -8.86
C ARG D 520 16.21 -59.20 -10.10
N PHE D 521 17.29 -58.44 -10.28
CA PHE D 521 18.13 -58.48 -11.51
C PHE D 521 19.47 -59.20 -11.28
N ARG D 522 19.83 -59.51 -10.03
CA ARG D 522 21.19 -60.02 -9.71
C ARG D 522 21.35 -61.46 -10.23
N GLY D 523 22.37 -61.67 -11.07
CA GLY D 523 22.78 -62.97 -11.62
C GLY D 523 22.31 -63.21 -13.05
N GLN D 524 21.67 -62.22 -13.69
CA GLN D 524 20.91 -62.42 -14.95
C GLN D 524 21.67 -61.96 -16.20
N ASN D 525 22.87 -61.36 -16.08
CA ASN D 525 23.67 -60.91 -17.26
C ASN D 525 22.79 -60.00 -18.13
N LEU D 526 22.31 -58.87 -17.59
CA LEU D 526 21.31 -57.95 -18.22
C LEU D 526 19.91 -58.61 -18.16
N ARG E 3 -23.46 58.52 -15.44
CA ARG E 3 -24.95 58.39 -15.34
C ARG E 3 -25.32 56.91 -15.50
N THR E 4 -25.92 56.30 -14.47
CA THR E 4 -26.33 54.88 -14.46
C THR E 4 -27.49 54.69 -15.46
N LEU E 5 -27.26 53.87 -16.49
CA LEU E 5 -28.28 53.56 -17.53
C LEU E 5 -28.61 52.07 -17.47
N PRO E 6 -29.85 51.70 -17.84
CA PRO E 6 -30.19 50.29 -18.07
C PRO E 6 -29.28 49.71 -19.15
N PRO E 7 -28.90 48.41 -19.06
CA PRO E 7 -28.08 47.78 -20.09
C PRO E 7 -28.69 47.91 -21.49
N GLY E 8 -27.89 48.43 -22.44
CA GLY E 8 -28.25 48.53 -23.87
C GLY E 8 -29.33 49.56 -24.12
N VAL E 9 -29.46 50.55 -23.24
CA VAL E 9 -30.48 51.64 -23.36
C VAL E 9 -29.72 52.97 -23.32
N SER E 10 -29.99 53.81 -24.32
CA SER E 10 -29.31 55.12 -24.56
C SER E 10 -29.82 56.18 -23.60
N ASP E 11 -29.09 57.30 -23.48
CA ASP E 11 -29.50 58.50 -22.72
C ASP E 11 -30.88 58.95 -23.18
N GLU E 12 -31.08 58.96 -24.50
CA GLU E 12 -32.27 59.53 -25.17
C GLU E 12 -33.47 58.60 -24.95
N ARG E 13 -33.30 57.28 -25.11
CA ARG E 13 -34.37 56.28 -24.87
C ARG E 13 -34.78 56.31 -23.38
N PHE E 14 -33.83 56.33 -22.47
CA PHE E 14 -34.10 56.27 -21.00
C PHE E 14 -34.84 57.55 -20.58
N ASP E 15 -34.44 58.71 -21.15
CA ASP E 15 -35.14 60.00 -20.92
C ASP E 15 -36.60 59.86 -21.35
N ALA E 16 -36.85 59.22 -22.50
CA ALA E 16 -38.20 58.97 -23.04
C ALA E 16 -39.01 58.11 -22.05
N ALA E 17 -38.42 57.00 -21.56
CA ALA E 17 -39.08 56.04 -20.64
C ALA E 17 -39.34 56.71 -19.28
N LEU E 18 -38.40 57.48 -18.75
CA LEU E 18 -38.58 58.26 -17.50
C LEU E 18 -39.83 59.14 -17.62
N GLN E 19 -40.00 59.83 -18.74
CA GLN E 19 -41.17 60.72 -18.97
C GLN E 19 -42.44 59.86 -18.94
N ARG E 20 -42.43 58.71 -19.62
CA ARG E 20 -43.60 57.79 -19.67
C ARG E 20 -43.96 57.40 -18.24
N PHE E 21 -42.94 57.11 -17.41
CA PHE E 21 -43.10 56.75 -15.98
C PHE E 21 -43.77 57.92 -15.25
N ARG E 22 -43.28 59.15 -15.47
CA ARG E 22 -43.86 60.39 -14.90
C ARG E 22 -45.33 60.54 -15.34
N ASP E 23 -45.65 60.26 -16.60
CA ASP E 23 -47.03 60.31 -17.16
C ASP E 23 -47.95 59.37 -16.36
N VAL E 24 -47.44 58.25 -15.84
CA VAL E 24 -48.25 57.24 -15.09
C VAL E 24 -48.36 57.62 -13.62
N VAL E 25 -47.25 57.90 -12.94
CA VAL E 25 -47.21 58.04 -11.45
C VAL E 25 -47.19 59.52 -11.03
N GLY E 26 -46.79 60.43 -11.93
CA GLY E 26 -46.56 61.86 -11.60
C GLY E 26 -45.08 62.19 -11.46
N ASP E 27 -44.73 63.44 -11.74
CA ASP E 27 -43.33 63.93 -11.93
C ASP E 27 -42.51 63.69 -10.65
N LYS E 28 -43.20 63.61 -9.52
CA LYS E 28 -42.62 63.74 -8.17
C LYS E 28 -42.22 62.36 -7.64
N TRP E 29 -42.73 61.31 -8.27
CA TRP E 29 -42.64 59.90 -7.87
C TRP E 29 -41.76 59.15 -8.86
N VAL E 30 -40.96 59.89 -9.63
CA VAL E 30 -39.84 59.37 -10.49
C VAL E 30 -38.56 60.06 -10.04
N LEU E 31 -37.62 59.31 -9.47
CA LEU E 31 -36.29 59.80 -9.02
C LEU E 31 -35.24 59.31 -10.02
N SER E 32 -34.32 60.16 -10.46
CA SER E 32 -33.24 59.75 -11.41
C SER E 32 -31.97 60.61 -11.30
N THR E 33 -31.84 61.55 -10.35
CA THR E 33 -30.56 62.25 -10.10
C THR E 33 -29.74 61.38 -9.13
N ALA E 34 -28.41 61.36 -9.30
CA ALA E 34 -27.44 60.65 -8.43
C ALA E 34 -27.79 60.90 -6.96
N ASP E 35 -28.05 62.17 -6.57
CA ASP E 35 -28.36 62.58 -5.17
C ASP E 35 -29.65 61.91 -4.66
N GLU E 36 -30.69 61.86 -5.49
CA GLU E 36 -32.02 61.27 -5.16
C GLU E 36 -31.82 59.75 -4.93
N LEU E 37 -30.83 59.17 -5.62
CA LEU E 37 -30.64 57.70 -5.74
C LEU E 37 -29.77 57.15 -4.61
N GLU E 38 -29.01 58.00 -3.93
CA GLU E 38 -28.06 57.53 -2.89
C GLU E 38 -28.78 56.77 -1.78
N ALA E 39 -29.97 57.25 -1.38
CA ALA E 39 -30.75 56.64 -0.28
C ALA E 39 -31.14 55.20 -0.65
N PHE E 40 -31.14 54.86 -1.95
CA PHE E 40 -31.60 53.55 -2.50
C PHE E 40 -30.40 52.65 -2.83
N ARG E 41 -29.19 53.13 -2.58
CA ARG E 41 -27.99 52.25 -2.65
C ARG E 41 -27.95 51.36 -1.42
N ASP E 42 -27.41 50.15 -1.60
CA ASP E 42 -27.17 49.17 -0.51
C ASP E 42 -26.53 49.90 0.67
N PRO E 43 -27.27 50.11 1.79
CA PRO E 43 -26.69 50.81 2.94
C PRO E 43 -25.49 50.07 3.56
N TYR E 44 -25.44 48.74 3.42
CA TYR E 44 -24.32 47.86 3.84
C TYR E 44 -23.62 47.31 2.61
N PRO E 45 -22.83 48.15 1.89
CA PRO E 45 -22.23 47.74 0.62
C PRO E 45 -21.20 46.61 0.78
N VAL E 46 -21.25 45.64 -0.14
CA VAL E 46 -20.39 44.42 -0.16
C VAL E 46 -19.45 44.51 -1.36
N GLY E 47 -18.15 44.33 -1.14
CA GLY E 47 -17.12 44.50 -2.18
C GLY E 47 -16.64 45.95 -2.24
N ALA E 48 -15.36 46.14 -2.53
CA ALA E 48 -14.71 47.46 -2.69
C ALA E 48 -15.40 48.17 -3.86
N ALA E 49 -15.56 47.46 -4.98
CA ALA E 49 -16.09 48.01 -6.24
C ALA E 49 -17.56 48.43 -6.09
N GLU E 50 -17.89 49.48 -6.84
CA GLU E 50 -19.23 50.01 -7.21
C GLU E 50 -20.10 48.85 -7.72
N ALA E 51 -21.28 48.62 -7.15
CA ALA E 51 -22.18 47.53 -7.60
C ALA E 51 -23.64 47.85 -7.24
N ASN E 52 -24.57 47.16 -7.91
CA ASN E 52 -26.02 47.18 -7.56
C ASN E 52 -26.55 48.61 -7.68
N LEU E 53 -26.29 49.26 -8.82
CA LEU E 53 -26.59 50.69 -9.05
C LEU E 53 -27.97 50.85 -9.71
N PRO E 54 -28.95 51.46 -9.02
CA PRO E 54 -30.25 51.75 -9.64
C PRO E 54 -30.12 52.94 -10.60
N SER E 55 -30.82 52.91 -11.74
CA SER E 55 -30.90 53.98 -12.77
C SER E 55 -31.98 55.01 -12.39
N ALA E 56 -33.01 54.57 -11.67
CA ALA E 56 -34.14 55.42 -11.24
C ALA E 56 -34.97 54.70 -10.17
N VAL E 57 -35.84 55.44 -9.50
CA VAL E 57 -36.89 54.92 -8.59
C VAL E 57 -38.24 55.45 -9.07
N VAL E 58 -39.19 54.55 -9.28
CA VAL E 58 -40.61 54.88 -9.60
C VAL E 58 -41.48 54.37 -8.46
N SER E 59 -42.32 55.25 -7.87
CA SER E 59 -43.25 54.92 -6.77
C SER E 59 -44.68 54.95 -7.29
N PRO E 60 -45.29 53.79 -7.61
CA PRO E 60 -46.65 53.75 -8.13
C PRO E 60 -47.66 53.85 -6.98
N GLU E 61 -48.88 54.29 -7.32
CA GLU E 61 -49.98 54.57 -6.36
C GLU E 61 -50.97 53.40 -6.31
N SER E 62 -51.05 52.60 -7.36
CA SER E 62 -52.14 51.60 -7.54
C SER E 62 -51.59 50.40 -8.31
N THR E 63 -52.28 49.26 -8.21
CA THR E 63 -52.04 48.07 -9.06
C THR E 63 -51.99 48.52 -10.52
N GLU E 64 -52.98 49.29 -10.97
CA GLU E 64 -53.11 49.70 -12.39
C GLU E 64 -51.84 50.43 -12.82
N GLN E 65 -51.30 51.29 -11.97
CA GLN E 65 -50.04 52.05 -12.27
C GLN E 65 -48.87 51.05 -12.38
N VAL E 66 -48.84 50.03 -11.53
CA VAL E 66 -47.79 48.99 -11.62
C VAL E 66 -47.89 48.32 -13.00
N GLN E 67 -49.10 47.99 -13.48
CA GLN E 67 -49.30 47.39 -14.81
C GLN E 67 -48.74 48.33 -15.88
N ASP E 68 -49.07 49.62 -15.78
CA ASP E 68 -48.66 50.68 -16.76
C ASP E 68 -47.12 50.79 -16.80
N ILE E 69 -46.45 50.72 -15.63
CA ILE E 69 -44.97 50.80 -15.52
C ILE E 69 -44.35 49.56 -16.18
N VAL E 70 -44.85 48.37 -15.83
CA VAL E 70 -44.38 47.07 -16.37
C VAL E 70 -44.50 47.10 -17.90
N ARG E 71 -45.58 47.68 -18.42
CA ARG E 71 -45.81 47.72 -19.88
C ARG E 71 -44.81 48.67 -20.54
N ILE E 72 -44.52 49.80 -19.90
CA ILE E 72 -43.52 50.76 -20.43
C ILE E 72 -42.17 50.07 -20.45
N ALA E 73 -41.78 49.43 -19.35
CA ALA E 73 -40.49 48.71 -19.19
C ALA E 73 -40.33 47.66 -20.29
N ASN E 74 -41.40 46.91 -20.60
CA ASN E 74 -41.41 45.90 -21.71
C ASN E 74 -41.06 46.61 -23.03
N GLU E 75 -41.72 47.72 -23.31
CA GLU E 75 -41.58 48.52 -24.56
C GLU E 75 -40.12 48.98 -24.72
N TYR E 76 -39.44 49.35 -23.64
CA TYR E 76 -38.11 50.03 -23.64
C TYR E 76 -36.98 49.08 -23.22
N GLY E 77 -37.29 47.83 -22.88
CA GLY E 77 -36.31 46.86 -22.36
C GLY E 77 -35.66 47.34 -21.08
N ILE E 78 -36.39 48.07 -20.23
CA ILE E 78 -35.90 48.56 -18.91
C ILE E 78 -36.13 47.46 -17.88
N PRO E 79 -35.08 47.01 -17.16
CA PRO E 79 -35.25 46.07 -16.07
C PRO E 79 -35.84 46.76 -14.84
N LEU E 80 -36.79 46.11 -14.16
CA LEU E 80 -37.45 46.62 -12.93
C LEU E 80 -37.05 45.75 -11.75
N HIS E 81 -36.60 46.36 -10.66
CA HIS E 81 -36.39 45.70 -9.35
C HIS E 81 -37.53 46.13 -8.42
N PRO E 82 -38.58 45.29 -8.25
CA PRO E 82 -39.71 45.66 -7.39
C PRO E 82 -39.37 45.37 -5.93
N VAL E 83 -39.50 46.38 -5.07
CA VAL E 83 -39.38 46.24 -3.59
C VAL E 83 -40.68 46.75 -2.99
N SER E 84 -40.85 46.48 -1.69
CA SER E 84 -41.96 47.02 -0.86
C SER E 84 -41.42 48.27 -0.14
N THR E 85 -40.78 48.09 1.02
CA THR E 85 -40.17 49.20 1.81
C THR E 85 -38.68 49.33 1.47
N GLY E 86 -38.08 48.31 0.88
CA GLY E 86 -36.67 48.29 0.43
C GLY E 86 -35.72 48.27 1.61
N LYS E 87 -36.09 47.58 2.70
CA LYS E 87 -35.28 47.47 3.95
C LYS E 87 -34.63 46.08 4.05
N ASN E 88 -34.24 45.48 2.92
CA ASN E 88 -33.65 44.11 2.89
C ASN E 88 -32.18 44.20 3.30
N ASN E 89 -31.90 44.88 4.41
CA ASN E 89 -30.52 45.23 4.85
C ASN E 89 -29.86 43.94 5.33
N GLY E 90 -28.65 43.64 4.82
CA GLY E 90 -27.95 42.37 4.99
C GLY E 90 -27.94 41.58 3.70
N TYR E 91 -28.86 41.90 2.77
CA TYR E 91 -29.05 41.16 1.50
C TYR E 91 -29.11 42.11 0.30
N GLY E 92 -28.76 43.40 0.49
CA GLY E 92 -28.64 44.37 -0.61
C GLY E 92 -29.47 45.64 -0.40
N GLY E 93 -30.30 45.67 0.65
CA GLY E 93 -31.25 46.78 0.92
C GLY E 93 -32.31 46.85 -0.17
N ALA E 94 -32.44 48.01 -0.82
CA ALA E 94 -33.36 48.23 -1.96
C ALA E 94 -32.62 48.01 -3.29
N ALA E 95 -31.28 47.95 -3.27
CA ALA E 95 -30.44 47.97 -4.50
C ALA E 95 -30.77 46.76 -5.37
N PRO E 96 -30.81 46.94 -6.71
CA PRO E 96 -31.12 45.84 -7.62
C PRO E 96 -29.89 44.97 -7.80
N ARG E 97 -30.10 43.67 -8.02
CA ARG E 97 -29.02 42.72 -8.38
C ARG E 97 -28.30 43.29 -9.61
N LEU E 98 -29.07 43.60 -10.65
CA LEU E 98 -28.55 44.09 -11.95
C LEU E 98 -28.46 45.62 -11.91
N SER E 99 -27.25 46.16 -12.06
CA SER E 99 -26.99 47.61 -12.17
C SER E 99 -27.67 48.14 -13.44
N GLY E 100 -28.31 49.31 -13.34
CA GLY E 100 -29.07 49.94 -14.42
C GLY E 100 -30.56 49.69 -14.30
N SER E 101 -30.98 48.83 -13.36
CA SER E 101 -32.40 48.53 -13.10
C SER E 101 -33.10 49.74 -12.48
N VAL E 102 -34.35 49.96 -12.82
CA VAL E 102 -35.24 50.95 -12.14
C VAL E 102 -35.87 50.22 -10.96
N ILE E 103 -35.73 50.77 -9.75
CA ILE E 103 -36.43 50.26 -8.54
C ILE E 103 -37.89 50.69 -8.63
N VAL E 104 -38.82 49.74 -8.49
CA VAL E 104 -40.27 50.04 -8.33
C VAL E 104 -40.59 49.95 -6.83
N LYS E 105 -40.51 51.07 -6.12
CA LYS E 105 -40.86 51.10 -4.67
C LYS E 105 -42.38 51.15 -4.54
N THR E 106 -43.01 49.98 -4.47
CA THR E 106 -44.47 49.81 -4.33
C THR E 106 -44.92 50.37 -2.99
N GLY E 107 -44.09 50.26 -1.95
CA GLY E 107 -44.48 50.52 -0.55
C GLY E 107 -44.56 51.99 -0.20
N GLU E 108 -43.99 52.88 -1.02
CA GLU E 108 -43.96 54.34 -0.73
C GLU E 108 -45.41 54.82 -0.64
N ARG E 109 -46.21 54.49 -1.65
CA ARG E 109 -47.61 54.99 -1.81
C ARG E 109 -48.63 53.87 -1.68
N MET E 110 -48.28 52.63 -2.07
CA MET E 110 -49.15 51.44 -1.85
C MET E 110 -48.84 50.91 -0.45
N ASN E 111 -49.40 51.56 0.57
CA ASN E 111 -49.05 51.38 2.00
C ASN E 111 -50.33 51.26 2.82
N ARG E 112 -51.41 50.82 2.18
CA ARG E 112 -52.73 50.78 2.85
C ARG E 112 -52.96 49.39 3.44
N ILE E 113 -53.43 49.33 4.68
CA ILE E 113 -54.04 48.11 5.26
C ILE E 113 -55.43 47.94 4.66
N LEU E 114 -55.62 46.95 3.79
CA LEU E 114 -56.89 46.80 3.02
C LEU E 114 -57.92 46.10 3.90
N GLU E 115 -57.50 45.18 4.75
CA GLU E 115 -58.44 44.46 5.65
C GLU E 115 -57.67 43.83 6.80
N VAL E 116 -58.24 43.92 8.00
CA VAL E 116 -57.88 43.07 9.16
C VAL E 116 -59.17 42.45 9.66
N ASN E 117 -59.29 41.13 9.53
CA ASN E 117 -60.49 40.35 9.88
C ASN E 117 -60.29 39.74 11.27
N GLU E 118 -61.02 40.23 12.27
CA GLU E 118 -60.95 39.78 13.69
C GLU E 118 -61.51 38.36 13.81
N LYS E 119 -62.58 38.02 13.08
CA LYS E 119 -63.30 36.75 13.26
C LYS E 119 -62.42 35.59 12.77
N TYR E 120 -61.85 35.70 11.58
CA TYR E 120 -61.07 34.61 10.93
C TYR E 120 -59.56 34.77 11.18
N GLY E 121 -59.11 35.93 11.66
CA GLY E 121 -57.71 36.16 12.04
C GLY E 121 -56.82 36.21 10.82
N TYR E 122 -56.99 37.23 9.98
CA TYR E 122 -56.10 37.50 8.84
C TYR E 122 -56.08 38.99 8.48
N ALA E 123 -55.04 39.38 7.75
CA ALA E 123 -54.87 40.74 7.17
C ALA E 123 -54.65 40.59 5.65
N LEU E 124 -55.24 41.48 4.87
CA LEU E 124 -54.89 41.71 3.45
C LEU E 124 -54.18 43.05 3.37
N LEU E 125 -52.96 43.07 2.83
CA LEU E 125 -52.03 44.21 2.97
C LEU E 125 -51.49 44.61 1.61
N GLU E 126 -51.18 45.90 1.48
CA GLU E 126 -50.32 46.43 0.39
C GLU E 126 -48.88 46.30 0.87
N PRO E 127 -47.88 46.37 -0.05
CA PRO E 127 -46.47 46.26 0.32
C PRO E 127 -45.91 47.30 1.30
N GLY E 128 -46.48 48.51 1.35
CA GLY E 128 -46.00 49.62 2.19
C GLY E 128 -46.33 49.46 3.67
N VAL E 129 -47.20 48.54 4.06
CA VAL E 129 -47.58 48.35 5.49
C VAL E 129 -46.39 47.74 6.23
N THR E 130 -45.73 48.52 7.07
CA THR E 130 -44.62 48.08 7.96
C THR E 130 -45.21 47.27 9.11
N TYR E 131 -44.36 46.58 9.86
CA TYR E 131 -44.76 45.85 11.09
C TYR E 131 -45.26 46.87 12.12
N PHE E 132 -44.63 48.04 12.18
CA PHE E 132 -45.03 49.18 13.04
C PHE E 132 -46.44 49.63 12.64
N ASP E 133 -46.63 49.91 11.35
CA ASP E 133 -47.95 50.29 10.78
C ASP E 133 -49.02 49.30 11.23
N LEU E 134 -48.78 47.99 11.03
CA LEU E 134 -49.79 46.93 11.35
C LEU E 134 -49.94 46.80 12.87
N TYR E 135 -48.87 46.99 13.64
CA TYR E 135 -48.95 46.90 15.12
C TYR E 135 -49.82 48.06 15.62
N GLU E 136 -49.51 49.28 15.13
CA GLU E 136 -50.28 50.50 15.47
C GLU E 136 -51.75 50.25 15.17
N TYR E 137 -52.08 49.66 14.02
CA TYR E 137 -53.47 49.41 13.59
C TYR E 137 -54.14 48.44 14.58
N LEU E 138 -53.46 47.36 14.96
CA LEU E 138 -54.01 46.34 15.90
C LEU E 138 -54.27 46.97 17.27
N GLN E 139 -53.37 47.85 17.74
CA GLN E 139 -53.48 48.61 19.02
C GLN E 139 -54.70 49.52 18.95
N SER E 140 -54.79 50.35 17.90
CA SER E 140 -55.89 51.31 17.62
C SER E 140 -57.25 50.63 17.72
N HIS E 141 -57.39 49.44 17.13
CA HIS E 141 -58.68 48.72 16.95
C HIS E 141 -58.87 47.66 18.02
N ASP E 142 -58.10 47.73 19.11
CA ASP E 142 -58.24 46.82 20.29
C ASP E 142 -58.33 45.38 19.78
N SER E 143 -57.50 45.05 18.79
CA SER E 143 -57.52 43.73 18.08
C SER E 143 -57.24 42.63 19.09
N GLY E 144 -57.88 41.47 18.93
CA GLY E 144 -57.55 40.23 19.65
C GLY E 144 -56.44 39.45 18.96
N LEU E 145 -55.86 40.03 17.90
CA LEU E 145 -54.83 39.37 17.04
C LEU E 145 -53.46 39.96 17.38
N MET E 146 -52.41 39.22 17.05
CA MET E 146 -51.01 39.70 17.13
C MET E 146 -50.37 39.41 15.79
N LEU E 147 -49.34 40.18 15.45
CA LEU E 147 -48.57 39.97 14.21
C LEU E 147 -47.34 39.15 14.55
N ASP E 148 -46.60 38.71 13.53
CA ASP E 148 -45.30 38.01 13.72
C ASP E 148 -44.24 38.84 12.99
N CYS E 149 -43.31 39.45 13.72
CA CYS E 149 -42.31 40.39 13.15
C CYS E 149 -40.91 39.80 13.24
N PRO E 150 -40.00 40.20 12.31
CA PRO E 150 -38.57 39.97 12.47
C PRO E 150 -37.99 40.90 13.56
N GLU E 151 -36.66 40.92 13.68
CA GLU E 151 -35.95 41.71 14.71
C GLU E 151 -36.29 43.19 14.52
N LEU E 152 -36.37 43.67 13.28
CA LEU E 152 -36.59 45.11 12.97
C LEU E 152 -38.01 45.34 12.44
N GLY E 153 -38.71 46.31 13.02
CA GLY E 153 -40.13 46.60 12.78
C GLY E 153 -40.36 47.44 11.54
N TRP E 154 -39.31 48.03 10.95
CA TRP E 154 -39.47 49.02 9.84
C TRP E 154 -39.63 48.31 8.50
N GLY E 155 -39.49 46.98 8.47
CA GLY E 155 -39.64 46.16 7.26
C GLY E 155 -41.09 46.06 6.86
N SER E 156 -41.35 45.54 5.66
CA SER E 156 -42.70 45.30 5.09
C SER E 156 -43.17 43.88 5.44
N VAL E 157 -44.37 43.74 6.00
CA VAL E 157 -44.99 42.40 6.20
C VAL E 157 -44.87 41.63 4.88
N VAL E 158 -45.32 42.23 3.77
CA VAL E 158 -45.35 41.63 2.41
C VAL E 158 -43.92 41.36 1.93
N GLY E 159 -43.09 42.40 1.87
CA GLY E 159 -41.72 42.35 1.30
C GLY E 159 -40.85 41.35 2.02
N ASN E 160 -40.96 41.27 3.36
CA ASN E 160 -40.26 40.27 4.19
C ASN E 160 -40.77 38.85 3.84
N THR E 161 -42.09 38.64 3.75
CA THR E 161 -42.67 37.35 3.33
C THR E 161 -42.19 36.98 1.93
N LEU E 162 -41.97 37.94 1.03
CA LEU E 162 -41.64 37.64 -0.39
C LEU E 162 -40.16 37.24 -0.54
N ASP E 163 -39.33 37.42 0.50
CA ASP E 163 -37.94 36.88 0.57
C ASP E 163 -37.91 35.73 1.59
N ARG E 164 -39.08 35.16 1.90
CA ARG E 164 -39.29 34.07 2.89
C ARG E 164 -38.55 34.38 4.20
N GLY E 165 -38.73 35.61 4.71
CA GLY E 165 -38.23 36.04 6.02
C GLY E 165 -38.95 35.33 7.16
N VAL E 166 -38.47 35.51 8.39
CA VAL E 166 -38.93 34.75 9.59
C VAL E 166 -39.10 35.69 10.78
N GLY E 167 -40.07 35.36 11.64
CA GLY E 167 -40.22 35.93 12.98
C GLY E 167 -40.19 34.83 14.01
N TYR E 168 -40.57 35.13 15.25
CA TYR E 168 -40.21 34.28 16.42
C TYR E 168 -41.42 33.94 17.29
N THR E 169 -42.66 34.21 16.83
CA THR E 169 -43.90 33.72 17.48
C THR E 169 -44.20 32.36 16.87
N PRO E 170 -45.22 31.62 17.33
CA PRO E 170 -45.58 30.36 16.69
C PRO E 170 -45.92 30.53 15.20
N TYR E 171 -46.17 31.76 14.74
CA TYR E 171 -46.45 32.09 13.31
C TYR E 171 -45.20 32.64 12.62
N GLY E 172 -44.01 32.20 13.05
CA GLY E 172 -42.70 32.67 12.57
C GLY E 172 -42.45 32.39 11.09
N ASP E 173 -43.02 31.31 10.55
CA ASP E 173 -42.87 30.97 9.11
C ASP E 173 -43.83 31.88 8.33
N HIS E 174 -43.37 33.04 7.90
CA HIS E 174 -44.23 34.09 7.29
C HIS E 174 -44.87 33.54 6.02
N PHE E 175 -44.09 32.88 5.17
CA PHE E 175 -44.59 32.39 3.86
C PHE E 175 -45.71 31.36 4.09
N MET E 176 -45.53 30.46 5.04
CA MET E 176 -46.56 29.44 5.34
C MET E 176 -47.91 30.12 5.54
N TRP E 177 -47.95 31.15 6.41
CA TRP E 177 -49.18 31.87 6.84
C TRP E 177 -49.64 32.87 5.78
N GLN E 178 -48.77 33.22 4.82
CA GLN E 178 -49.20 33.90 3.57
C GLN E 178 -50.36 33.08 3.00
N THR E 179 -51.43 33.79 2.67
CA THR E 179 -52.68 33.21 2.11
C THR E 179 -53.21 34.21 1.10
N GLY E 180 -53.08 33.88 -0.19
CA GLY E 180 -53.55 34.69 -1.31
C GLY E 180 -52.60 35.85 -1.57
N LEU E 181 -52.39 36.18 -2.84
CA LEU E 181 -51.68 37.41 -3.24
C LEU E 181 -52.15 37.85 -4.62
N GLU E 182 -52.01 39.14 -4.89
CA GLU E 182 -52.25 39.79 -6.20
C GLU E 182 -50.87 40.11 -6.75
N VAL E 183 -50.65 39.78 -8.02
CA VAL E 183 -49.34 39.99 -8.68
C VAL E 183 -49.57 40.50 -10.09
N VAL E 184 -48.78 41.49 -10.48
CA VAL E 184 -48.60 41.94 -11.88
C VAL E 184 -47.50 41.07 -12.48
N LEU E 185 -47.84 40.25 -13.48
CA LEU E 185 -46.88 39.35 -14.18
C LEU E 185 -46.02 40.19 -15.10
N PRO E 186 -44.89 39.65 -15.63
CA PRO E 186 -43.85 40.49 -16.23
C PRO E 186 -44.21 41.27 -17.51
N GLN E 187 -45.31 40.90 -18.18
CA GLN E 187 -45.83 41.63 -19.37
C GLN E 187 -47.02 42.53 -19.00
N GLY E 188 -47.39 42.63 -17.71
CA GLY E 188 -48.29 43.68 -17.19
C GLY E 188 -49.68 43.16 -16.81
N GLU E 189 -50.00 41.90 -17.12
CA GLU E 189 -51.28 41.26 -16.72
C GLU E 189 -51.32 41.18 -15.19
N VAL E 190 -52.50 41.27 -14.60
CA VAL E 190 -52.66 41.10 -13.13
C VAL E 190 -53.38 39.77 -12.88
N MET E 191 -53.01 39.10 -11.79
CA MET E 191 -53.52 37.75 -11.43
C MET E 191 -53.69 37.70 -9.91
N ARG E 192 -54.68 36.96 -9.44
CA ARG E 192 -54.89 36.64 -8.01
C ARG E 192 -54.78 35.14 -7.85
N THR E 193 -54.06 34.72 -6.81
CA THR E 193 -53.84 33.29 -6.47
C THR E 193 -54.96 32.79 -5.57
N GLY E 194 -55.11 31.47 -5.51
CA GLY E 194 -56.01 30.78 -4.58
C GLY E 194 -57.45 31.17 -4.84
N MET E 195 -58.23 31.36 -3.77
CA MET E 195 -59.67 31.69 -3.86
C MET E 195 -59.84 33.15 -4.34
N GLY E 196 -58.77 33.94 -4.35
CA GLY E 196 -58.76 35.25 -5.02
C GLY E 196 -59.17 35.14 -6.48
N ALA E 197 -58.82 34.04 -7.16
CA ALA E 197 -59.06 33.82 -8.60
C ALA E 197 -60.55 33.64 -8.89
N LEU E 198 -61.36 33.30 -7.88
CA LEU E 198 -62.84 33.11 -8.01
C LEU E 198 -63.54 34.39 -7.58
N PRO E 199 -64.08 35.20 -8.51
CA PRO E 199 -64.65 36.50 -8.16
C PRO E 199 -65.73 36.39 -7.08
N GLY E 200 -65.61 37.23 -6.04
CA GLY E 200 -66.58 37.35 -4.95
C GLY E 200 -66.54 36.19 -3.98
N SER E 201 -65.41 35.48 -3.90
CA SER E 201 -65.12 34.53 -2.79
C SER E 201 -64.66 35.33 -1.58
N ASP E 202 -65.07 34.91 -0.39
CA ASP E 202 -64.62 35.51 0.90
C ASP E 202 -63.40 34.74 1.41
N ALA E 203 -62.94 33.71 0.70
CA ALA E 203 -61.96 32.73 1.24
C ALA E 203 -60.53 33.05 0.79
N TRP E 204 -60.30 34.21 0.15
CA TRP E 204 -58.97 34.62 -0.38
C TRP E 204 -57.89 34.48 0.70
N GLN E 205 -58.18 34.91 1.92
CA GLN E 205 -57.25 34.80 3.06
C GLN E 205 -57.62 33.61 3.96
N LEU E 206 -58.49 32.70 3.53
CA LEU E 206 -58.92 31.56 4.38
C LEU E 206 -58.31 30.24 3.91
N PHE E 207 -58.25 30.00 2.60
CA PHE E 207 -57.79 28.71 2.00
C PHE E 207 -56.65 29.01 1.06
N PRO E 208 -55.41 28.56 1.36
CA PRO E 208 -54.24 29.02 0.63
C PRO E 208 -54.15 28.55 -0.83
N TYR E 209 -54.62 27.33 -1.11
CA TYR E 209 -54.20 26.54 -2.30
C TYR E 209 -55.05 26.87 -3.53
N GLY E 210 -56.32 27.22 -3.32
CA GLY E 210 -57.26 27.35 -4.44
C GLY E 210 -57.32 26.06 -5.23
N PHE E 211 -57.36 26.16 -6.56
CA PHE E 211 -57.58 25.00 -7.48
C PHE E 211 -56.45 24.89 -8.50
N GLY E 212 -56.04 23.66 -8.78
CA GLY E 212 -54.94 23.39 -9.71
C GLY E 212 -53.58 23.65 -9.06
N PRO E 213 -52.50 23.84 -9.83
CA PRO E 213 -51.17 23.99 -9.25
C PRO E 213 -51.13 25.16 -8.28
N PHE E 214 -50.39 25.00 -7.19
CA PHE E 214 -50.20 26.01 -6.12
C PHE E 214 -49.00 26.91 -6.46
N PRO E 215 -49.25 28.15 -6.95
CA PRO E 215 -48.17 29.00 -7.46
C PRO E 215 -47.52 30.00 -6.50
N ASP E 216 -48.11 30.25 -5.33
CA ASP E 216 -47.70 31.38 -4.44
C ASP E 216 -46.22 31.31 -4.08
N GLY E 217 -45.69 30.10 -3.85
CA GLY E 217 -44.26 29.88 -3.59
C GLY E 217 -43.37 30.38 -4.72
N MET E 218 -43.87 30.39 -5.95
CA MET E 218 -43.06 30.81 -7.13
C MET E 218 -42.86 32.34 -7.16
N PHE E 219 -43.48 33.08 -6.24
CA PHE E 219 -43.38 34.56 -6.16
C PHE E 219 -42.57 34.93 -4.92
N THR E 220 -41.95 33.96 -4.25
CA THR E 220 -41.02 34.21 -3.12
C THR E 220 -39.57 33.96 -3.59
N GLN E 221 -38.63 34.80 -3.15
CA GLN E 221 -37.20 34.81 -3.60
C GLN E 221 -37.18 34.69 -5.12
N SER E 222 -38.06 35.44 -5.77
CA SER E 222 -38.49 35.25 -7.17
C SER E 222 -38.45 36.58 -7.93
N ASN E 223 -38.53 36.48 -9.26
CA ASN E 223 -38.55 37.61 -10.21
C ASN E 223 -39.59 37.32 -11.30
N LEU E 224 -40.73 36.75 -10.91
CA LEU E 224 -41.82 36.38 -11.85
C LEU E 224 -43.00 37.36 -11.73
N GLY E 225 -42.82 38.50 -11.07
CA GLY E 225 -43.87 39.53 -11.00
C GLY E 225 -43.68 40.58 -9.91
N ILE E 226 -44.57 41.56 -9.90
CA ILE E 226 -44.60 42.66 -8.90
C ILE E 226 -45.86 42.45 -8.06
N VAL E 227 -45.69 42.10 -6.79
CA VAL E 227 -46.82 41.79 -5.86
C VAL E 227 -47.39 43.12 -5.40
N THR E 228 -48.71 43.27 -5.50
CA THR E 228 -49.45 44.52 -5.20
C THR E 228 -50.34 44.31 -3.97
N LYS E 229 -50.79 43.07 -3.72
CA LYS E 229 -51.56 42.69 -2.51
C LYS E 229 -51.06 41.34 -2.01
N MET E 230 -51.14 41.11 -0.70
CA MET E 230 -50.82 39.80 -0.08
C MET E 230 -51.64 39.63 1.20
N GLY E 231 -52.23 38.45 1.36
CA GLY E 231 -52.91 38.07 2.61
C GLY E 231 -51.94 37.37 3.53
N ILE E 232 -52.16 37.48 4.84
CA ILE E 232 -51.42 36.68 5.85
C ILE E 232 -52.38 36.39 7.00
N ALA E 233 -52.39 35.14 7.47
CA ALA E 233 -53.05 34.74 8.73
C ALA E 233 -52.37 35.47 9.90
N LEU E 234 -53.16 35.84 10.89
CA LEU E 234 -52.73 36.47 12.15
C LEU E 234 -53.22 35.59 13.29
N MET E 235 -52.32 35.24 14.18
CA MET E 235 -52.59 34.39 15.37
C MET E 235 -53.42 35.20 16.37
N GLN E 236 -54.34 34.56 17.08
CA GLN E 236 -54.98 35.15 18.29
C GLN E 236 -53.92 35.33 19.40
N ARG E 237 -53.85 36.51 20.01
CA ARG E 237 -52.94 36.75 21.16
C ARG E 237 -53.37 35.83 22.29
N PRO E 238 -52.43 35.08 22.89
CA PRO E 238 -52.75 34.24 24.05
C PRO E 238 -52.90 35.07 25.31
N PRO E 239 -53.60 34.54 26.34
CA PRO E 239 -53.94 35.31 27.54
C PRO E 239 -52.71 35.80 28.33
N ALA E 240 -51.64 35.02 28.36
CA ALA E 240 -50.36 35.39 29.03
C ALA E 240 -49.16 34.83 28.26
N SER E 241 -47.98 35.38 28.53
CA SER E 241 -46.68 34.96 27.94
C SER E 241 -45.55 35.18 28.96
N GLN E 242 -44.55 34.31 28.93
CA GLN E 242 -43.30 34.44 29.73
C GLN E 242 -42.09 34.17 28.83
N SER E 243 -41.22 35.16 28.68
CA SER E 243 -39.91 35.00 27.99
C SER E 243 -38.86 34.61 29.03
N PHE E 244 -37.84 33.87 28.61
CA PHE E 244 -36.75 33.37 29.48
C PHE E 244 -35.45 33.39 28.69
N LEU E 245 -34.35 33.57 29.43
CA LEU E 245 -32.94 33.47 28.94
C LEU E 245 -32.29 32.28 29.64
N ILE E 246 -31.62 31.39 28.89
CA ILE E 246 -30.72 30.37 29.49
C ILE E 246 -29.30 30.72 29.03
N THR E 247 -28.42 31.02 29.98
CA THR E 247 -26.98 31.30 29.73
C THR E 247 -26.24 29.96 29.83
N PHE E 248 -25.33 29.72 28.89
CA PHE E 248 -24.44 28.53 28.85
C PHE E 248 -22.99 29.00 28.86
N ASP E 249 -22.18 28.49 29.80
CA ASP E 249 -20.86 29.08 30.12
C ASP E 249 -19.84 28.82 28.99
N LYS E 250 -19.96 27.71 28.26
CA LYS E 250 -18.83 27.25 27.40
C LYS E 250 -19.19 27.12 25.91
N GLU E 251 -18.21 27.48 25.08
CA GLU E 251 -18.21 27.29 23.61
C GLU E 251 -18.69 25.87 23.29
N GLU E 252 -18.18 24.87 24.00
CA GLU E 252 -18.37 23.42 23.69
C GLU E 252 -19.78 22.96 24.09
N ASP E 253 -20.51 23.78 24.86
CA ASP E 253 -21.91 23.50 25.29
C ASP E 253 -22.85 23.50 24.08
N LEU E 254 -22.47 24.14 22.96
CA LEU E 254 -23.32 24.25 21.74
C LEU E 254 -23.88 22.87 21.37
N GLU E 255 -23.05 21.84 21.41
CA GLU E 255 -23.44 20.46 21.04
C GLU E 255 -24.64 20.01 21.88
N GLN E 256 -24.55 20.03 23.21
CA GLN E 256 -25.61 19.47 24.09
C GLN E 256 -26.84 20.41 24.09
N ILE E 257 -26.64 21.70 23.82
CA ILE E 257 -27.75 22.71 23.78
C ILE E 257 -28.71 22.31 22.64
N VAL E 258 -28.17 22.25 21.43
CA VAL E 258 -28.91 21.86 20.19
C VAL E 258 -29.55 20.48 20.39
N ASP E 259 -28.83 19.50 20.95
CA ASP E 259 -29.35 18.12 21.04
C ASP E 259 -30.51 18.08 22.04
N ILE E 260 -30.56 19.03 22.98
CA ILE E 260 -31.68 19.14 23.96
C ILE E 260 -32.79 20.01 23.35
N MET E 261 -32.44 21.05 22.59
CA MET E 261 -33.42 21.94 21.91
C MET E 261 -34.41 21.13 21.08
N LEU E 262 -33.91 20.23 20.24
CA LEU E 262 -34.72 19.59 19.17
C LEU E 262 -35.87 18.79 19.78
N PRO E 263 -35.65 17.87 20.74
CA PRO E 263 -36.77 17.09 21.29
C PRO E 263 -37.83 17.99 21.94
N LEU E 264 -37.43 19.15 22.47
CA LEU E 264 -38.37 20.10 23.16
C LEU E 264 -39.12 20.95 22.13
N ARG E 265 -38.72 20.92 20.86
CA ARG E 265 -39.24 21.84 19.82
C ARG E 265 -40.03 21.10 18.73
N ILE E 266 -39.67 19.87 18.38
CA ILE E 266 -40.22 19.17 17.19
C ILE E 266 -41.74 18.99 17.35
N ASN E 267 -42.24 18.91 18.57
CA ASN E 267 -43.70 18.76 18.84
C ASN E 267 -44.32 20.11 19.20
N MET E 268 -43.60 21.22 18.95
CA MET E 268 -44.05 22.63 19.16
C MET E 268 -44.39 22.86 20.65
N ALA E 269 -43.83 22.03 21.53
CA ALA E 269 -44.06 22.06 22.99
C ALA E 269 -43.04 21.13 23.66
N PRO E 270 -42.42 21.49 24.80
CA PRO E 270 -42.67 22.77 25.48
C PRO E 270 -42.11 24.05 24.84
N LEU E 271 -41.23 23.95 23.84
CA LEU E 271 -40.68 25.13 23.11
C LEU E 271 -41.69 25.56 22.05
N GLN E 272 -42.62 26.45 22.43
CA GLN E 272 -43.82 26.86 21.65
C GLN E 272 -43.45 27.86 20.56
N ASN E 273 -42.40 28.65 20.79
CA ASN E 273 -41.93 29.66 19.80
C ASN E 273 -40.63 29.16 19.14
N VAL E 274 -40.09 29.96 18.23
CA VAL E 274 -38.82 29.67 17.52
C VAL E 274 -37.69 29.84 18.52
N PRO E 275 -36.98 28.75 18.87
CA PRO E 275 -35.85 28.86 19.80
C PRO E 275 -34.66 29.54 19.12
N VAL E 276 -34.11 30.60 19.73
CA VAL E 276 -32.87 31.25 19.22
C VAL E 276 -31.77 31.06 20.25
N LEU E 277 -30.60 30.58 19.79
CA LEU E 277 -29.34 30.49 20.56
C LEU E 277 -28.37 31.51 19.96
N ARG E 278 -27.99 32.53 20.72
CA ARG E 278 -27.08 33.62 20.26
C ARG E 278 -25.76 33.50 21.02
N ASN E 279 -24.64 33.70 20.33
CA ASN E 279 -23.30 33.70 20.97
C ASN E 279 -23.09 35.05 21.65
N ILE E 280 -22.12 35.14 22.56
CA ILE E 280 -21.84 36.36 23.38
C ILE E 280 -21.54 37.55 22.45
N PHE E 281 -20.95 37.31 21.29
CA PHE E 281 -20.57 38.36 20.29
C PHE E 281 -21.85 39.08 19.85
N MET E 282 -22.90 38.31 19.54
CA MET E 282 -24.25 38.79 19.11
C MET E 282 -24.86 39.67 20.21
N ASP E 283 -24.91 39.17 21.45
CA ASP E 283 -25.58 39.85 22.59
C ASP E 283 -24.75 41.05 23.07
N ALA E 284 -23.43 40.97 22.97
CA ALA E 284 -22.50 42.07 23.31
C ALA E 284 -22.68 43.22 22.32
N ALA E 285 -22.70 42.93 21.01
CA ALA E 285 -22.86 43.93 19.93
C ALA E 285 -24.24 44.62 20.03
N ALA E 286 -25.25 43.98 20.64
CA ALA E 286 -26.60 44.55 20.80
C ALA E 286 -26.62 45.64 21.89
N VAL E 287 -25.62 45.65 22.80
CA VAL E 287 -25.63 46.53 24.00
C VAL E 287 -24.30 47.27 24.20
N SER E 288 -23.31 47.14 23.31
CA SER E 288 -21.95 47.71 23.52
C SER E 288 -21.17 47.81 22.22
N LYS E 289 -20.17 48.70 22.20
CA LYS E 289 -19.15 48.83 21.13
C LYS E 289 -18.03 47.79 21.33
N ARG E 290 -17.31 47.49 20.25
CA ARG E 290 -16.14 46.55 20.26
C ARG E 290 -15.09 47.10 21.23
N THR E 291 -14.80 48.39 21.12
CA THR E 291 -13.70 49.11 21.82
C THR E 291 -13.90 49.11 23.35
N GLU E 292 -15.09 48.78 23.86
CA GLU E 292 -15.34 48.60 25.32
C GLU E 292 -14.51 47.39 25.82
N TRP E 293 -14.31 46.39 24.96
CA TRP E 293 -13.76 45.05 25.34
C TRP E 293 -12.33 44.89 24.81
N PHE E 294 -12.01 45.44 23.64
CA PHE E 294 -10.72 45.19 22.94
C PHE E 294 -10.52 46.25 21.85
N ASP E 295 -9.41 46.99 21.95
CA ASP E 295 -9.04 48.07 21.01
C ASP E 295 -7.84 47.64 20.16
N GLY E 296 -7.27 46.45 20.42
CA GLY E 296 -6.20 45.84 19.61
C GLY E 296 -6.70 45.47 18.23
N ASP E 297 -5.80 44.99 17.35
CA ASP E 297 -6.16 44.51 15.99
C ASP E 297 -6.36 43.00 16.02
N GLY E 298 -7.11 42.49 15.02
CA GLY E 298 -7.29 41.06 14.80
C GLY E 298 -8.29 40.45 15.77
N PRO E 299 -8.51 39.13 15.69
CA PRO E 299 -9.52 38.44 16.49
C PRO E 299 -9.53 38.88 17.97
N MET E 300 -10.70 38.84 18.59
CA MET E 300 -10.90 39.19 20.02
C MET E 300 -10.34 38.07 20.88
N PRO E 301 -9.37 38.35 21.79
CA PRO E 301 -8.76 37.31 22.61
C PRO E 301 -9.69 36.73 23.69
N ALA E 302 -9.30 35.57 24.24
CA ALA E 302 -10.07 34.83 25.26
C ALA E 302 -10.41 35.73 26.47
N GLU E 303 -9.44 36.49 27.00
CA GLU E 303 -9.64 37.37 28.19
C GLU E 303 -10.79 38.33 27.91
N ALA E 304 -10.81 38.90 26.69
CA ALA E 304 -11.79 39.90 26.21
C ALA E 304 -13.20 39.29 26.23
N ILE E 305 -13.34 38.08 25.67
CA ILE E 305 -14.62 37.30 25.65
C ILE E 305 -15.07 37.06 27.09
N GLU E 306 -14.15 36.70 28.01
CA GLU E 306 -14.47 36.41 29.43
C GLU E 306 -14.99 37.69 30.12
N ARG E 307 -14.47 38.86 29.73
CA ARG E 307 -14.87 40.17 30.30
C ARG E 307 -16.29 40.53 29.83
N MET E 308 -16.60 40.29 28.55
CA MET E 308 -17.97 40.43 27.98
C MET E 308 -18.95 39.59 28.80
N LYS E 309 -18.63 38.31 29.03
CA LYS E 309 -19.49 37.33 29.73
C LYS E 309 -19.74 37.82 31.17
N LYS E 310 -18.67 38.21 31.87
CA LYS E 310 -18.72 38.66 33.29
C LYS E 310 -19.54 39.93 33.42
N ASP E 311 -19.18 40.94 32.64
CA ASP E 311 -19.79 42.29 32.75
C ASP E 311 -21.29 42.16 32.46
N LEU E 312 -21.65 41.51 31.35
CA LEU E 312 -23.06 41.38 30.90
C LEU E 312 -23.78 40.25 31.67
N ASP E 313 -23.05 39.40 32.40
CA ASP E 313 -23.62 38.24 33.16
C ASP E 313 -24.32 37.32 32.14
N LEU E 314 -23.69 37.07 31.00
CA LEU E 314 -24.20 36.16 29.94
C LEU E 314 -23.23 34.99 29.76
N GLY E 315 -23.71 33.91 29.13
CA GLY E 315 -22.90 32.77 28.69
C GLY E 315 -22.22 33.05 27.36
N PHE E 316 -21.45 32.08 26.85
CA PHE E 316 -20.94 32.11 25.45
C PHE E 316 -22.14 31.92 24.53
N TRP E 317 -23.02 30.97 24.89
CA TRP E 317 -24.30 30.69 24.19
C TRP E 317 -25.46 31.09 25.10
N ASN E 318 -26.38 31.87 24.53
CA ASN E 318 -27.53 32.48 25.24
C ASN E 318 -28.80 32.06 24.51
N PHE E 319 -29.64 31.28 25.20
CA PHE E 319 -30.88 30.70 24.66
C PHE E 319 -32.04 31.57 25.08
N TYR E 320 -32.83 32.06 24.13
CA TYR E 320 -34.02 32.92 24.36
C TYR E 320 -35.24 32.21 23.79
N GLY E 321 -36.25 32.03 24.64
CA GLY E 321 -37.53 31.42 24.28
C GLY E 321 -38.70 32.16 24.91
N THR E 322 -39.91 31.92 24.40
CA THR E 322 -41.15 32.50 24.95
C THR E 322 -42.21 31.39 25.05
N LEU E 323 -43.00 31.43 26.12
CA LEU E 323 -44.12 30.50 26.37
C LEU E 323 -45.40 31.31 26.28
N TYR E 324 -46.51 30.68 25.93
CA TYR E 324 -47.81 31.34 25.73
C TYR E 324 -48.94 30.49 26.32
N GLY E 325 -49.89 31.16 27.02
CA GLY E 325 -51.19 30.58 27.40
C GLY E 325 -51.48 30.77 28.88
N PRO E 326 -52.40 29.98 29.47
CA PRO E 326 -52.71 30.09 30.90
C PRO E 326 -51.43 29.99 31.72
N PRO E 327 -51.25 30.76 32.81
CA PRO E 327 -50.07 30.64 33.68
C PRO E 327 -49.72 29.22 34.13
N PRO E 328 -50.70 28.34 34.49
CA PRO E 328 -50.39 26.94 34.80
C PRO E 328 -49.67 26.20 33.66
N LEU E 329 -50.05 26.44 32.40
CA LEU E 329 -49.41 25.82 31.21
C LEU E 329 -47.99 26.37 31.05
N ILE E 330 -47.81 27.69 31.20
CA ILE E 330 -46.49 28.37 31.10
C ILE E 330 -45.54 27.74 32.12
N GLU E 331 -46.00 27.59 33.36
CA GLU E 331 -45.19 27.02 34.48
C GLU E 331 -44.81 25.57 34.16
N MET E 332 -45.76 24.75 33.69
CA MET E 332 -45.53 23.32 33.36
C MET E 332 -44.41 23.25 32.32
N TYR E 333 -44.56 23.99 31.21
CA TYR E 333 -43.62 24.03 30.07
C TYR E 333 -42.26 24.53 30.58
N TYR E 334 -42.24 25.63 31.33
CA TYR E 334 -40.99 26.24 31.86
C TYR E 334 -40.29 25.25 32.79
N GLY E 335 -41.07 24.46 33.53
CA GLY E 335 -40.58 23.40 34.43
C GLY E 335 -39.79 22.36 33.67
N MET E 336 -40.38 21.88 32.57
CA MET E 336 -39.76 20.86 31.67
C MET E 336 -38.47 21.41 31.03
N ILE E 337 -38.48 22.68 30.62
CA ILE E 337 -37.34 23.36 29.93
C ILE E 337 -36.15 23.45 30.90
N LYS E 338 -36.41 23.76 32.17
CA LYS E 338 -35.37 23.87 33.23
C LYS E 338 -34.78 22.48 33.52
N GLU E 339 -35.61 21.47 33.69
CA GLU E 339 -35.17 20.07 33.91
C GLU E 339 -34.28 19.61 32.76
N ALA E 340 -34.76 19.77 31.53
CA ALA E 340 -34.06 19.31 30.31
C ALA E 340 -32.72 20.05 30.16
N PHE E 341 -32.72 21.39 30.12
CA PHE E 341 -31.49 22.20 29.89
C PHE E 341 -30.63 22.26 31.15
N GLY E 342 -31.22 21.98 32.31
CA GLY E 342 -30.52 21.97 33.62
C GLY E 342 -29.42 20.92 33.66
N LYS E 343 -29.51 19.91 32.80
CA LYS E 343 -28.55 18.77 32.74
C LYS E 343 -27.26 19.20 32.03
N ILE E 344 -27.22 20.42 31.49
CA ILE E 344 -25.93 21.04 31.08
C ILE E 344 -25.38 21.77 32.31
N PRO E 345 -24.19 21.37 32.82
CA PRO E 345 -23.54 22.11 33.91
C PRO E 345 -23.26 23.57 33.50
N GLY E 346 -23.49 24.51 34.43
CA GLY E 346 -23.23 25.95 34.23
C GLY E 346 -24.44 26.68 33.67
N ALA E 347 -25.48 25.96 33.27
CA ALA E 347 -26.74 26.53 32.74
C ALA E 347 -27.44 27.34 33.84
N ARG E 348 -27.72 28.61 33.58
CA ARG E 348 -28.47 29.50 34.51
C ARG E 348 -29.68 30.11 33.80
N PHE E 349 -30.79 30.22 34.53
CA PHE E 349 -32.14 30.56 34.02
C PHE E 349 -32.60 31.93 34.56
N PHE E 350 -33.17 32.74 33.68
CA PHE E 350 -33.76 34.06 33.99
C PHE E 350 -35.05 34.22 33.18
N THR E 351 -36.16 34.59 33.83
CA THR E 351 -37.39 35.09 33.16
C THR E 351 -37.18 36.58 32.84
N HIS E 352 -38.13 37.16 32.10
CA HIS E 352 -38.10 38.58 31.62
C HIS E 352 -38.30 39.53 32.81
N GLU E 353 -38.86 39.02 33.90
CA GLU E 353 -39.09 39.79 35.16
C GLU E 353 -37.82 39.86 36.02
N GLU E 354 -36.79 39.04 35.75
CA GLU E 354 -35.65 38.79 36.67
C GLU E 354 -34.36 39.47 36.21
N ARG E 355 -34.35 40.24 35.11
CA ARG E 355 -33.09 40.86 34.60
C ARG E 355 -33.34 42.21 33.94
N ASP E 356 -33.00 43.28 34.67
CA ASP E 356 -33.17 44.70 34.27
C ASP E 356 -31.78 45.33 34.06
N ASP E 357 -30.72 44.51 34.08
CA ASP E 357 -29.33 44.96 33.85
C ASP E 357 -29.13 45.14 32.33
N ARG E 358 -27.93 45.57 31.90
CA ARG E 358 -27.60 45.82 30.47
C ARG E 358 -27.53 44.50 29.70
N GLY E 359 -27.05 43.42 30.33
CA GLY E 359 -27.06 42.08 29.72
C GLY E 359 -28.47 41.59 29.39
N GLY E 360 -29.46 42.03 30.19
CA GLY E 360 -30.88 41.64 30.06
C GLY E 360 -31.61 42.36 28.93
N HIS E 361 -30.95 43.34 28.28
CA HIS E 361 -31.58 44.24 27.26
C HIS E 361 -31.99 43.42 26.04
N VAL E 362 -31.21 42.40 25.68
CA VAL E 362 -31.53 41.46 24.57
C VAL E 362 -32.76 40.63 24.97
N LEU E 363 -32.79 40.10 26.20
CA LEU E 363 -33.96 39.32 26.71
C LEU E 363 -35.23 40.18 26.62
N GLN E 364 -35.14 41.46 26.96
CA GLN E 364 -36.29 42.39 26.96
C GLN E 364 -36.74 42.61 25.52
N ASP E 365 -35.80 42.68 24.57
CA ASP E 365 -36.10 42.83 23.12
C ASP E 365 -36.82 41.58 22.60
N ARG E 366 -36.37 40.39 23.03
CA ARG E 366 -36.97 39.10 22.60
C ARG E 366 -38.39 39.00 23.15
N HIS E 367 -38.64 39.45 24.38
CA HIS E 367 -39.99 39.43 25.01
C HIS E 367 -40.97 40.30 24.20
N LYS E 368 -40.50 41.42 23.62
CA LYS E 368 -41.31 42.25 22.69
C LYS E 368 -41.56 41.48 21.39
N ILE E 369 -40.48 41.16 20.67
CA ILE E 369 -40.49 40.49 19.32
C ILE E 369 -41.33 39.22 19.39
N ASN E 370 -41.07 38.36 20.37
CA ASN E 370 -41.74 37.04 20.50
C ASN E 370 -43.22 37.25 20.88
N ASN E 371 -43.64 38.48 21.17
CA ASN E 371 -45.06 38.81 21.48
C ASN E 371 -45.62 39.72 20.38
N GLY E 372 -44.94 39.78 19.24
CA GLY E 372 -45.46 40.50 18.06
C GLY E 372 -45.48 41.99 18.30
N ILE E 373 -44.62 42.48 19.19
CA ILE E 373 -44.37 43.93 19.42
C ILE E 373 -43.12 44.29 18.65
N PRO E 374 -43.22 45.09 17.56
CA PRO E 374 -42.07 45.37 16.73
C PRO E 374 -41.10 46.24 17.54
N SER E 375 -39.81 46.16 17.19
CA SER E 375 -38.69 46.89 17.83
C SER E 375 -37.67 47.33 16.77
N LEU E 376 -36.82 48.29 17.14
CA LEU E 376 -35.59 48.68 16.38
C LEU E 376 -34.34 48.59 17.27
N ASP E 377 -34.45 48.01 18.47
CA ASP E 377 -33.33 47.93 19.46
C ASP E 377 -32.13 47.21 18.84
N GLU E 378 -32.36 46.15 18.06
CA GLU E 378 -31.29 45.35 17.41
C GLU E 378 -30.48 46.21 16.42
N LEU E 379 -30.94 47.40 16.03
CA LEU E 379 -30.14 48.31 15.16
C LEU E 379 -28.83 48.66 15.86
N GLN E 380 -28.81 48.58 17.20
CA GLN E 380 -27.61 48.93 18.01
C GLN E 380 -26.44 48.01 17.64
N LEU E 381 -26.72 46.80 17.11
CA LEU E 381 -25.67 45.87 16.63
C LEU E 381 -24.66 46.63 15.74
N LEU E 382 -25.12 47.59 14.92
CA LEU E 382 -24.29 48.25 13.88
C LEU E 382 -23.38 49.30 14.53
N ASP E 383 -23.50 49.54 15.84
CA ASP E 383 -22.63 50.46 16.61
C ASP E 383 -21.41 49.69 17.16
N TRP E 384 -21.34 48.38 16.93
CA TRP E 384 -20.19 47.51 17.29
C TRP E 384 -18.88 48.14 16.82
N VAL E 385 -18.83 48.59 15.55
CA VAL E 385 -17.66 49.27 14.93
C VAL E 385 -18.18 50.51 14.22
N PRO E 386 -17.33 51.54 13.98
CA PRO E 386 -17.79 52.75 13.30
C PRO E 386 -18.30 52.44 11.89
N ASN E 387 -19.35 53.16 11.44
CA ASN E 387 -19.94 53.05 10.07
C ASN E 387 -20.39 51.61 9.85
N GLY E 388 -20.89 50.96 10.90
CA GLY E 388 -21.24 49.53 10.91
C GLY E 388 -22.27 49.19 9.86
N GLY E 389 -22.01 48.13 9.09
CA GLY E 389 -23.01 47.41 8.28
C GLY E 389 -22.95 45.93 8.61
N HIS E 390 -23.90 45.12 8.12
CA HIS E 390 -23.82 43.64 8.19
C HIS E 390 -24.13 43.02 6.83
N ILE E 391 -23.67 41.79 6.66
CA ILE E 391 -24.12 40.87 5.59
C ILE E 391 -24.67 39.62 6.29
N GLY E 392 -25.77 39.07 5.76
CA GLY E 392 -26.39 37.82 6.25
C GLY E 392 -25.80 36.61 5.56
N PHE E 393 -25.24 35.70 6.35
CA PHE E 393 -24.79 34.35 5.91
C PHE E 393 -25.51 33.30 6.77
N VAL E 394 -26.42 32.53 6.16
CA VAL E 394 -27.37 31.66 6.93
C VAL E 394 -27.50 30.30 6.24
N PRO E 395 -26.51 29.39 6.41
CA PRO E 395 -26.69 28.01 5.95
C PRO E 395 -27.72 27.23 6.78
N VAL E 396 -28.38 26.28 6.12
CA VAL E 396 -29.43 25.41 6.70
C VAL E 396 -28.79 24.06 7.01
N SER E 397 -28.84 23.65 8.29
CA SER E 397 -28.26 22.41 8.86
C SER E 397 -29.35 21.41 9.17
N ALA E 398 -28.95 20.20 9.56
CA ALA E 398 -29.78 19.32 10.42
C ALA E 398 -29.67 19.86 11.83
N PRO E 399 -30.73 19.80 12.66
CA PRO E 399 -30.67 20.25 14.06
C PRO E 399 -29.97 19.21 14.95
N ASP E 400 -28.67 19.02 14.74
CA ASP E 400 -27.82 18.06 15.48
C ASP E 400 -26.68 18.83 16.13
N GLY E 401 -26.38 18.50 17.38
CA GLY E 401 -25.35 19.18 18.20
C GLY E 401 -23.99 19.12 17.55
N ARG E 402 -23.62 17.96 17.01
CA ARG E 402 -22.28 17.80 16.40
C ARG E 402 -22.24 18.58 15.07
N GLU E 403 -23.34 18.60 14.31
CA GLU E 403 -23.43 19.40 13.05
C GLU E 403 -23.29 20.89 13.38
N ALA E 404 -23.89 21.31 14.50
CA ALA E 404 -23.79 22.70 15.00
C ALA E 404 -22.31 23.00 15.27
N MET E 405 -21.60 22.10 15.99
CA MET E 405 -20.17 22.31 16.37
C MET E 405 -19.31 22.47 15.12
N LYS E 406 -19.50 21.59 14.13
CA LYS E 406 -18.74 21.61 12.86
C LYS E 406 -18.94 22.96 12.17
N GLN E 407 -20.19 23.44 12.08
CA GLN E 407 -20.49 24.76 11.46
C GLN E 407 -19.86 25.89 12.27
N PHE E 408 -20.05 25.85 13.59
CA PHE E 408 -19.42 26.80 14.54
C PHE E 408 -17.96 27.01 14.12
N GLU E 409 -17.19 25.92 14.08
CA GLU E 409 -15.72 25.98 13.90
C GLU E 409 -15.34 26.37 12.48
N MET E 410 -15.99 25.76 11.50
CA MET E 410 -15.83 26.06 10.06
C MET E 410 -15.96 27.58 9.80
N VAL E 411 -16.96 28.24 10.39
CA VAL E 411 -17.28 29.66 10.10
C VAL E 411 -16.35 30.58 10.91
N ARG E 412 -16.13 30.29 12.19
CA ARG E 412 -15.26 31.13 13.06
C ARG E 412 -13.83 31.16 12.50
N ASN E 413 -13.30 30.01 12.06
CA ASN E 413 -11.94 29.89 11.45
C ASN E 413 -11.79 30.88 10.28
N ARG E 414 -12.74 30.87 9.35
CA ARG E 414 -12.76 31.73 8.14
C ARG E 414 -13.01 33.19 8.53
N ALA E 415 -13.92 33.43 9.48
CA ALA E 415 -14.16 34.76 10.08
C ALA E 415 -12.83 35.31 10.61
N ASN E 416 -12.12 34.53 11.43
CA ASN E 416 -10.78 34.85 12.01
C ASN E 416 -9.81 35.24 10.89
N GLU E 417 -9.70 34.39 9.86
CA GLU E 417 -8.77 34.53 8.71
C GLU E 417 -8.99 35.87 7.98
N TYR E 418 -10.25 36.33 7.87
CA TYR E 418 -10.61 37.58 7.14
C TYR E 418 -10.86 38.73 8.14
N ASN E 419 -10.42 38.56 9.39
CA ASN E 419 -10.47 39.58 10.48
C ASN E 419 -11.87 40.20 10.56
N LYS E 420 -12.90 39.36 10.58
CA LYS E 420 -14.28 39.75 10.96
C LYS E 420 -14.66 38.97 12.21
N ASP E 421 -15.43 39.59 13.10
CA ASP E 421 -15.98 38.95 14.33
C ASP E 421 -17.12 37.99 13.96
N TYR E 422 -17.22 36.89 14.71
CA TYR E 422 -18.19 35.79 14.51
C TYR E 422 -19.43 36.09 15.39
N MET E 423 -20.34 36.91 14.86
CA MET E 423 -21.70 37.09 15.44
C MET E 423 -22.63 36.09 14.78
N ALA E 424 -23.06 35.10 15.56
CA ALA E 424 -23.87 33.97 15.06
C ALA E 424 -24.99 33.66 16.06
N SER E 425 -26.14 33.27 15.53
CA SER E 425 -27.23 32.57 16.27
C SER E 425 -27.42 31.20 15.61
N PHE E 426 -27.78 30.19 16.41
CA PHE E 426 -28.34 28.90 15.93
C PHE E 426 -29.83 28.85 16.24
N ILE E 427 -30.64 28.96 15.19
CA ILE E 427 -32.14 29.03 15.27
C ILE E 427 -32.70 27.71 14.71
N ILE E 428 -33.87 27.30 15.19
CA ILE E 428 -34.50 26.01 14.79
C ILE E 428 -36.00 26.25 14.54
N GLY E 429 -36.50 25.86 13.36
CA GLY E 429 -37.93 25.62 13.10
C GLY E 429 -38.32 24.28 13.72
N LEU E 430 -39.09 23.44 13.02
CA LEU E 430 -39.43 22.08 13.54
C LEU E 430 -38.22 21.17 13.37
N ARG E 431 -37.74 21.03 12.12
CA ARG E 431 -36.81 19.96 11.71
C ARG E 431 -35.53 20.54 11.10
N GLU E 432 -35.42 21.85 10.92
CA GLU E 432 -34.25 22.45 10.24
C GLU E 432 -33.57 23.42 11.22
N MET E 433 -32.28 23.67 10.99
CA MET E 433 -31.46 24.58 11.81
C MET E 433 -30.89 25.66 10.90
N TYR E 434 -30.90 26.90 11.35
CA TYR E 434 -30.29 28.04 10.63
C TYR E 434 -29.06 28.47 11.40
N HIS E 435 -27.93 28.60 10.72
CA HIS E 435 -26.69 29.19 11.29
C HIS E 435 -26.66 30.65 10.85
N VAL E 436 -27.39 31.50 11.54
CA VAL E 436 -27.53 32.94 11.20
C VAL E 436 -26.25 33.64 11.64
N CYS E 437 -25.40 33.99 10.67
CA CYS E 437 -24.13 34.72 10.90
C CYS E 437 -24.25 36.14 10.35
N LEU E 438 -24.22 37.15 11.25
CA LEU E 438 -24.16 38.59 10.88
C LEU E 438 -22.72 39.08 11.03
N PHE E 439 -22.07 39.38 9.90
CA PHE E 439 -20.67 39.88 9.86
C PHE E 439 -20.74 41.40 9.81
N ILE E 440 -20.44 42.05 10.93
CA ILE E 440 -20.49 43.53 11.09
C ILE E 440 -19.10 44.06 10.72
N TYR E 441 -19.05 45.11 9.90
CA TYR E 441 -17.82 45.66 9.31
C TYR E 441 -18.00 47.15 9.04
N ASP E 442 -16.87 47.83 8.88
CA ASP E 442 -16.80 49.28 8.51
C ASP E 442 -17.18 49.38 7.03
N THR E 443 -18.36 49.91 6.73
CA THR E 443 -18.88 50.09 5.35
C THR E 443 -18.06 51.15 4.60
N ALA E 444 -17.36 52.04 5.33
CA ALA E 444 -16.55 53.13 4.75
C ALA E 444 -15.19 52.61 4.25
N ASP E 445 -14.76 51.42 4.72
CA ASP E 445 -13.40 50.86 4.45
C ASP E 445 -13.46 49.92 3.25
N PRO E 446 -12.93 50.29 2.05
CA PRO E 446 -13.05 49.45 0.85
C PRO E 446 -12.40 48.07 1.02
N GLU E 447 -11.39 47.99 1.88
CA GLU E 447 -10.67 46.72 2.17
C GLU E 447 -11.61 45.79 2.97
N ALA E 448 -12.29 46.33 3.99
CA ALA E 448 -13.26 45.59 4.84
C ALA E 448 -14.44 45.08 3.98
N ARG E 449 -14.95 45.93 3.08
CA ARG E 449 -16.02 45.56 2.11
C ARG E 449 -15.57 44.36 1.25
N GLU E 450 -14.35 44.41 0.71
CA GLU E 450 -13.79 43.33 -0.17
C GLU E 450 -13.55 42.07 0.68
N GLU E 451 -13.01 42.21 1.88
CA GLU E 451 -12.83 41.09 2.85
C GLU E 451 -14.18 40.38 3.02
N ILE E 452 -15.26 41.13 3.22
CA ILE E 452 -16.63 40.57 3.42
C ILE E 452 -17.00 39.76 2.17
N LEU E 453 -16.87 40.33 0.97
CA LEU E 453 -17.25 39.67 -0.31
C LEU E 453 -16.45 38.37 -0.46
N GLN E 454 -15.12 38.45 -0.40
CA GLN E 454 -14.23 37.27 -0.60
C GLN E 454 -14.51 36.21 0.48
N MET E 455 -14.61 36.63 1.74
CA MET E 455 -14.85 35.72 2.89
C MET E 455 -16.17 34.96 2.69
N THR E 456 -17.25 35.66 2.33
CA THR E 456 -18.61 35.05 2.24
C THR E 456 -18.63 34.11 1.03
N LYS E 457 -17.94 34.49 -0.04
CA LYS E 457 -17.73 33.64 -1.25
C LYS E 457 -17.11 32.30 -0.81
N VAL E 458 -16.10 32.38 0.06
CA VAL E 458 -15.39 31.17 0.61
C VAL E 458 -16.35 30.40 1.52
N LEU E 459 -17.05 31.09 2.42
CA LEU E 459 -17.95 30.47 3.41
C LEU E 459 -19.07 29.69 2.69
N VAL E 460 -19.64 30.28 1.62
CA VAL E 460 -20.76 29.71 0.81
C VAL E 460 -20.33 28.38 0.20
N ARG E 461 -19.16 28.36 -0.41
CA ARG E 461 -18.68 27.21 -1.21
C ARG E 461 -18.15 26.15 -0.24
N GLU E 462 -17.59 26.58 0.89
CA GLU E 462 -17.13 25.66 1.95
C GLU E 462 -18.36 24.97 2.57
N ALA E 463 -19.39 25.74 2.89
CA ALA E 463 -20.65 25.25 3.49
C ALA E 463 -21.32 24.25 2.55
N ALA E 464 -21.32 24.53 1.25
CA ALA E 464 -21.91 23.68 0.19
C ALA E 464 -21.10 22.39 0.05
N GLU E 465 -19.78 22.44 0.22
CA GLU E 465 -18.90 21.24 0.18
C GLU E 465 -19.20 20.36 1.40
N ALA E 466 -19.70 20.94 2.49
CA ALA E 466 -20.08 20.22 3.73
C ALA E 466 -21.56 19.81 3.69
N GLY E 467 -22.28 20.11 2.60
CA GLY E 467 -23.69 19.69 2.39
C GLY E 467 -24.71 20.66 2.97
N TYR E 468 -24.31 21.91 3.24
CA TYR E 468 -25.15 22.99 3.82
C TYR E 468 -25.49 24.03 2.74
N GLY E 469 -26.79 24.19 2.44
CA GLY E 469 -27.28 25.24 1.51
C GLY E 469 -27.73 26.48 2.26
N GLU E 470 -27.64 27.66 1.63
CA GLU E 470 -28.13 28.93 2.21
C GLU E 470 -29.62 29.06 1.94
N TYR E 471 -30.39 29.54 2.92
CA TYR E 471 -31.86 29.75 2.82
C TYR E 471 -32.15 31.10 2.17
N ARG E 472 -31.17 32.01 2.25
CA ARG E 472 -31.30 33.42 1.82
C ARG E 472 -29.91 34.04 1.76
N THR E 473 -29.65 34.93 0.79
CA THR E 473 -28.31 35.54 0.60
C THR E 473 -28.41 36.93 -0.04
N HIS E 474 -27.24 37.58 -0.14
CA HIS E 474 -27.05 38.97 -0.63
C HIS E 474 -26.94 38.94 -2.16
N ASN E 475 -27.24 40.07 -2.80
CA ASN E 475 -27.13 40.29 -4.27
C ASN E 475 -25.78 39.78 -4.79
N ALA E 476 -24.70 40.02 -4.05
CA ALA E 476 -23.30 39.73 -4.43
C ALA E 476 -23.07 38.20 -4.50
N LEU E 477 -23.92 37.39 -3.87
CA LEU E 477 -23.68 35.93 -3.65
C LEU E 477 -24.76 35.08 -4.31
N MET E 478 -25.73 35.71 -4.96
CA MET E 478 -26.94 34.99 -5.47
C MET E 478 -26.52 33.98 -6.55
N ASP E 479 -25.62 34.36 -7.46
CA ASP E 479 -25.08 33.47 -8.53
C ASP E 479 -24.35 32.29 -7.87
N ASP E 480 -23.41 32.59 -6.97
CA ASP E 480 -22.61 31.54 -6.28
C ASP E 480 -23.55 30.60 -5.54
N VAL E 481 -24.55 31.12 -4.85
CA VAL E 481 -25.44 30.29 -3.99
C VAL E 481 -26.29 29.39 -4.91
N MET E 482 -26.91 29.94 -5.94
CA MET E 482 -27.78 29.15 -6.84
C MET E 482 -26.92 28.07 -7.49
N ALA E 483 -25.67 28.39 -7.83
CA ALA E 483 -24.70 27.46 -8.44
C ALA E 483 -24.52 26.20 -7.57
N THR E 484 -24.64 26.32 -6.23
CA THR E 484 -24.45 25.20 -5.27
C THR E 484 -25.61 24.19 -5.37
N PHE E 485 -26.77 24.59 -5.86
CA PHE E 485 -27.97 23.71 -5.94
C PHE E 485 -27.99 23.01 -7.29
N ASN E 486 -26.88 22.38 -7.66
CA ASN E 486 -26.60 21.93 -9.05
C ASN E 486 -26.85 20.43 -9.23
N TRP E 487 -27.66 19.80 -8.38
CA TRP E 487 -28.04 18.38 -8.55
C TRP E 487 -28.62 18.20 -9.96
N GLY E 488 -28.43 17.02 -10.53
CA GLY E 488 -28.92 16.64 -11.87
C GLY E 488 -28.41 17.59 -12.95
N ASP E 489 -27.19 18.11 -12.78
CA ASP E 489 -26.52 19.02 -13.74
C ASP E 489 -27.29 20.34 -13.79
N GLY E 490 -27.49 20.96 -12.62
CA GLY E 490 -28.16 22.28 -12.48
C GLY E 490 -29.59 22.26 -12.99
N ALA E 491 -30.31 21.15 -12.76
CA ALA E 491 -31.70 20.93 -13.22
C ALA E 491 -32.63 22.02 -12.65
N LEU E 492 -32.45 22.39 -11.38
CA LEU E 492 -33.32 23.34 -10.66
C LEU E 492 -33.22 24.70 -11.36
N LEU E 493 -32.02 25.24 -11.54
CA LEU E 493 -31.83 26.54 -12.23
C LEU E 493 -32.39 26.49 -13.66
N LYS E 494 -32.23 25.38 -14.39
CA LYS E 494 -32.77 25.25 -15.78
C LYS E 494 -34.30 25.29 -15.73
N PHE E 495 -34.89 24.68 -14.71
CA PHE E 495 -36.36 24.68 -14.48
C PHE E 495 -36.82 26.12 -14.27
N HIS E 496 -36.15 26.83 -13.36
CA HIS E 496 -36.44 28.25 -13.01
C HIS E 496 -36.28 29.15 -14.24
N GLU E 497 -35.27 28.89 -15.07
CA GLU E 497 -34.96 29.70 -16.27
C GLU E 497 -36.08 29.55 -17.30
N LYS E 498 -36.50 28.32 -17.56
CA LYS E 498 -37.57 27.98 -18.54
C LYS E 498 -38.86 28.73 -18.15
N ILE E 499 -39.20 28.71 -16.85
CA ILE E 499 -40.41 29.38 -16.33
C ILE E 499 -40.24 30.89 -16.44
N LYS E 500 -39.08 31.41 -16.00
CA LYS E 500 -38.74 32.85 -16.12
C LYS E 500 -38.95 33.31 -17.57
N ASP E 501 -38.37 32.61 -18.55
CA ASP E 501 -38.39 33.06 -19.97
C ASP E 501 -39.82 32.99 -20.52
N ALA E 502 -40.65 32.08 -20.02
CA ALA E 502 -42.03 31.88 -20.48
C ALA E 502 -42.88 33.08 -20.04
N LEU E 503 -42.74 33.51 -18.78
CA LEU E 503 -43.56 34.60 -18.18
C LEU E 503 -42.92 35.96 -18.48
N ASP E 504 -41.61 36.02 -18.69
CA ASP E 504 -40.85 37.29 -18.88
C ASP E 504 -40.05 37.23 -20.18
N PRO E 505 -40.73 37.13 -21.34
CA PRO E 505 -40.04 36.96 -22.62
C PRO E 505 -39.06 38.10 -22.93
N ASN E 506 -39.27 39.29 -22.37
CA ASN E 506 -38.41 40.46 -22.62
C ASN E 506 -37.38 40.61 -21.48
N GLY E 507 -37.42 39.75 -20.47
CA GLY E 507 -36.41 39.74 -19.39
C GLY E 507 -36.38 41.08 -18.68
N ILE E 508 -37.48 41.42 -18.00
CA ILE E 508 -37.73 42.77 -17.40
C ILE E 508 -37.62 42.70 -15.87
N ILE E 509 -38.22 41.70 -15.22
CA ILE E 509 -38.39 41.69 -13.74
C ILE E 509 -37.12 41.18 -13.07
N ALA E 510 -36.50 42.02 -12.23
CA ALA E 510 -35.34 41.70 -11.36
C ALA E 510 -34.48 40.61 -12.00
N PRO E 511 -33.77 40.89 -13.11
CA PRO E 511 -32.79 39.94 -13.66
C PRO E 511 -31.73 39.59 -12.61
N GLY E 512 -31.46 38.29 -12.44
CA GLY E 512 -30.38 37.76 -11.58
C GLY E 512 -30.81 37.52 -10.14
N LYS E 513 -32.04 37.86 -9.79
CA LYS E 513 -32.58 37.58 -8.43
C LYS E 513 -32.52 36.07 -8.25
N SER E 514 -31.91 35.62 -7.14
CA SER E 514 -31.78 34.18 -6.76
C SER E 514 -30.98 33.44 -7.83
N GLY E 515 -30.14 34.14 -8.59
CA GLY E 515 -29.28 33.57 -9.64
C GLY E 515 -30.02 33.30 -10.94
N ILE E 516 -31.25 33.80 -11.08
CA ILE E 516 -32.15 33.44 -12.22
C ILE E 516 -32.15 34.61 -13.20
N TRP E 517 -31.45 34.44 -14.32
CA TRP E 517 -31.32 35.44 -15.41
C TRP E 517 -32.24 35.05 -16.55
N PRO E 518 -32.96 36.03 -17.16
CA PRO E 518 -33.73 35.79 -18.39
C PRO E 518 -32.79 35.66 -19.60
N GLN E 519 -33.30 35.13 -20.71
CA GLN E 519 -32.48 34.67 -21.85
C GLN E 519 -31.47 35.74 -22.27
N ARG E 520 -31.92 36.99 -22.41
CA ARG E 520 -31.16 38.07 -23.08
C ARG E 520 -29.92 38.44 -22.25
N PHE E 521 -29.82 38.01 -20.99
CA PHE E 521 -28.70 38.37 -20.08
C PHE E 521 -27.78 37.17 -19.80
N ARG E 522 -28.14 35.95 -20.22
CA ARG E 522 -27.44 34.70 -19.79
C ARG E 522 -26.06 34.60 -20.48
N GLY E 523 -25.00 34.59 -19.68
CA GLY E 523 -23.60 34.41 -20.12
C GLY E 523 -22.80 35.71 -20.15
N GLN E 524 -23.37 36.82 -19.67
CA GLN E 524 -22.83 38.20 -19.90
C GLN E 524 -22.10 38.75 -18.65
N ASN E 525 -22.08 38.03 -17.53
CA ASN E 525 -21.28 38.43 -16.34
C ASN E 525 -21.71 39.85 -15.92
N LEU E 526 -22.98 40.02 -15.51
CA LEU E 526 -23.66 41.33 -15.29
C LEU E 526 -23.90 42.02 -16.64
N ARG F 3 48.91 41.62 53.91
CA ARG F 3 49.11 40.33 54.67
C ARG F 3 48.05 40.25 55.76
N THR F 4 47.23 39.20 55.74
CA THR F 4 46.15 38.93 56.72
C THR F 4 46.77 38.50 58.06
N LEU F 5 46.56 39.28 59.13
CA LEU F 5 47.07 38.98 60.49
C LEU F 5 45.90 38.77 61.44
N PRO F 6 46.05 37.93 62.48
CA PRO F 6 45.07 37.83 63.56
C PRO F 6 44.89 39.19 64.26
N PRO F 7 43.68 39.55 64.72
CA PRO F 7 43.45 40.85 65.34
C PRO F 7 44.40 41.08 66.51
N GLY F 8 45.12 42.21 66.49
CA GLY F 8 45.99 42.69 67.57
C GLY F 8 47.27 41.88 67.67
N VAL F 9 47.61 41.17 66.58
CA VAL F 9 48.83 40.32 66.51
C VAL F 9 49.74 40.86 65.40
N SER F 10 50.97 41.24 65.76
CA SER F 10 51.98 41.86 64.90
C SER F 10 52.61 40.82 63.96
N ASP F 11 53.29 41.29 62.92
CA ASP F 11 54.08 40.48 61.97
C ASP F 11 55.01 39.52 62.73
N GLU F 12 55.91 40.05 63.55
CA GLU F 12 56.88 39.24 64.35
C GLU F 12 56.18 38.20 65.21
N ARG F 13 55.15 38.64 65.94
CA ARG F 13 54.41 37.82 66.92
C ARG F 13 53.83 36.62 66.16
N PHE F 14 53.22 36.86 65.00
CA PHE F 14 52.56 35.84 64.15
C PHE F 14 53.61 34.89 63.55
N ASP F 15 54.72 35.45 63.03
CA ASP F 15 55.84 34.65 62.47
C ASP F 15 56.37 33.70 63.56
N ALA F 16 56.50 34.17 64.80
CA ALA F 16 56.94 33.34 65.94
C ALA F 16 55.91 32.22 66.18
N ALA F 17 54.61 32.55 66.13
CA ALA F 17 53.50 31.60 66.38
C ALA F 17 53.43 30.57 65.25
N LEU F 18 53.57 31.02 64.00
CA LEU F 18 53.61 30.14 62.82
C LEU F 18 54.74 29.11 63.00
N GLN F 19 55.92 29.55 63.47
CA GLN F 19 57.09 28.65 63.66
C GLN F 19 56.79 27.64 64.79
N ARG F 20 56.15 28.07 65.87
CA ARG F 20 55.70 27.16 66.97
C ARG F 20 54.73 26.13 66.38
N PHE F 21 53.86 26.55 65.45
CA PHE F 21 52.91 25.65 64.73
C PHE F 21 53.71 24.63 63.91
N ARG F 22 54.75 25.09 63.22
CA ARG F 22 55.64 24.22 62.40
C ARG F 22 56.36 23.22 63.31
N ASP F 23 56.85 23.65 64.48
CA ASP F 23 57.49 22.79 65.51
C ASP F 23 56.55 21.63 65.89
N VAL F 24 55.25 21.82 65.76
CA VAL F 24 54.26 20.80 66.23
C VAL F 24 53.90 19.87 65.07
N VAL F 25 53.55 20.44 63.92
CA VAL F 25 52.89 19.67 62.82
C VAL F 25 53.88 19.44 61.67
N GLY F 26 55.07 20.06 61.70
CA GLY F 26 56.06 20.00 60.60
C GLY F 26 55.89 21.16 59.63
N ASP F 27 56.96 21.54 58.91
CA ASP F 27 56.97 22.76 58.07
C ASP F 27 55.93 22.65 56.95
N LYS F 28 55.69 21.46 56.40
CA LYS F 28 54.83 21.23 55.19
C LYS F 28 53.35 21.49 55.51
N TRP F 29 52.97 21.46 56.79
CA TRP F 29 51.55 21.44 57.24
C TRP F 29 51.17 22.76 57.91
N VAL F 30 51.91 23.82 57.60
CA VAL F 30 51.59 25.23 57.98
C VAL F 30 51.62 26.07 56.69
N LEU F 31 50.47 26.51 56.20
CA LEU F 31 50.34 27.39 55.01
C LEU F 31 50.14 28.83 55.49
N SER F 32 50.81 29.82 54.88
CA SER F 32 50.70 31.25 55.29
C SER F 32 50.99 32.24 54.16
N THR F 33 51.20 31.81 52.92
CA THR F 33 51.35 32.71 51.75
C THR F 33 49.97 32.92 51.13
N ALA F 34 49.73 34.09 50.54
CA ALA F 34 48.45 34.49 49.91
C ALA F 34 48.04 33.45 48.85
N ASP F 35 49.01 32.91 48.09
CA ASP F 35 48.78 31.88 47.05
C ASP F 35 48.27 30.59 47.70
N GLU F 36 48.92 30.15 48.78
CA GLU F 36 48.54 28.91 49.52
C GLU F 36 47.10 29.07 50.05
N LEU F 37 46.72 30.28 50.49
CA LEU F 37 45.49 30.57 51.26
C LEU F 37 44.28 30.80 50.35
N GLU F 38 44.52 31.08 49.06
CA GLU F 38 43.46 31.29 48.04
C GLU F 38 42.43 30.15 48.11
N ALA F 39 42.89 28.90 48.16
CA ALA F 39 42.05 27.68 48.10
C ALA F 39 41.13 27.59 49.32
N PHE F 40 41.43 28.28 50.43
CA PHE F 40 40.68 28.20 51.71
C PHE F 40 39.78 29.42 51.92
N ARG F 41 39.76 30.36 50.97
CA ARG F 41 38.74 31.42 50.99
C ARG F 41 37.41 30.82 50.58
N ASP F 42 36.32 31.43 51.05
CA ASP F 42 34.92 31.07 50.74
C ASP F 42 34.82 30.87 49.23
N PRO F 43 34.61 29.64 48.72
CA PRO F 43 34.47 29.43 47.28
C PRO F 43 33.24 30.14 46.69
N TYR F 44 32.22 30.42 47.51
CA TYR F 44 30.98 31.13 47.13
C TYR F 44 30.88 32.42 47.95
N PRO F 45 31.76 33.42 47.68
CA PRO F 45 31.87 34.61 48.53
C PRO F 45 30.57 35.41 48.57
N VAL F 46 30.27 36.00 49.73
CA VAL F 46 29.02 36.79 49.99
C VAL F 46 29.43 38.22 50.32
N GLY F 47 28.80 39.20 49.68
CA GLY F 47 29.17 40.62 49.80
C GLY F 47 30.29 41.00 48.85
N ALA F 48 30.24 42.23 48.33
CA ALA F 48 31.27 42.82 47.44
C ALA F 48 32.62 42.83 48.17
N ALA F 49 32.65 43.32 49.41
CA ALA F 49 33.90 43.51 50.18
C ALA F 49 34.51 42.15 50.57
N GLU F 50 35.84 42.08 50.51
CA GLU F 50 36.74 41.24 51.33
C GLU F 50 36.03 40.85 52.65
N ALA F 51 35.98 39.56 52.97
CA ALA F 51 35.45 39.06 54.25
C ALA F 51 35.97 37.64 54.52
N ASN F 52 36.05 37.25 55.79
CA ASN F 52 36.28 35.84 56.20
C ASN F 52 37.66 35.41 55.68
N LEU F 53 38.70 36.18 55.99
CA LEU F 53 40.09 36.01 55.50
C LEU F 53 40.85 35.13 56.49
N PRO F 54 41.37 33.96 56.09
CA PRO F 54 42.28 33.20 56.94
C PRO F 54 43.71 33.76 56.91
N SER F 55 44.40 33.78 58.06
CA SER F 55 45.79 34.26 58.24
C SER F 55 46.79 33.10 57.99
N ALA F 56 46.34 31.86 58.20
CA ALA F 56 47.12 30.63 57.99
C ALA F 56 46.20 29.41 58.02
N VAL F 57 46.74 28.27 57.58
CA VAL F 57 46.13 26.92 57.73
C VAL F 57 47.16 26.01 58.37
N VAL F 58 46.80 25.38 59.48
CA VAL F 58 47.61 24.36 60.19
C VAL F 58 46.86 23.02 60.06
N SER F 59 47.53 21.98 59.58
CA SER F 59 46.98 20.61 59.45
C SER F 59 47.65 19.70 60.49
N PRO F 60 47.00 19.44 61.64
CA PRO F 60 47.53 18.50 62.63
C PRO F 60 47.27 17.02 62.28
N GLU F 61 48.10 16.15 62.86
CA GLU F 61 48.20 14.69 62.56
C GLU F 61 47.48 13.85 63.63
N SER F 62 47.26 14.41 64.82
CA SER F 62 46.81 13.66 66.02
C SER F 62 46.10 14.61 67.00
N THR F 63 45.29 14.04 67.87
CA THR F 63 44.63 14.77 68.98
C THR F 63 45.71 15.60 69.72
N GLU F 64 46.83 14.96 70.07
CA GLU F 64 47.89 15.60 70.90
C GLU F 64 48.37 16.88 70.19
N GLN F 65 48.49 16.85 68.86
CA GLN F 65 48.98 18.01 68.05
C GLN F 65 47.92 19.10 68.12
N VAL F 66 46.64 18.73 68.09
CA VAL F 66 45.53 19.72 68.25
C VAL F 66 45.71 20.43 69.60
N GLN F 67 45.91 19.68 70.69
CA GLN F 67 46.12 20.28 72.05
C GLN F 67 47.27 21.29 71.97
N ASP F 68 48.41 20.89 71.40
CA ASP F 68 49.64 21.73 71.31
C ASP F 68 49.34 23.02 70.53
N ILE F 69 48.59 22.91 69.42
CA ILE F 69 48.18 24.09 68.59
C ILE F 69 47.32 25.01 69.45
N VAL F 70 46.29 24.45 70.08
CA VAL F 70 45.33 25.19 70.94
C VAL F 70 46.10 25.94 72.03
N ARG F 71 47.12 25.31 72.63
CA ARG F 71 47.91 25.91 73.73
C ARG F 71 48.71 27.09 73.20
N ILE F 72 49.32 26.92 72.04
CA ILE F 72 50.09 28.00 71.37
C ILE F 72 49.12 29.15 71.10
N ALA F 73 47.93 28.87 70.58
CA ALA F 73 46.93 29.90 70.20
C ALA F 73 46.52 30.72 71.43
N ASN F 74 46.38 30.07 72.60
CA ASN F 74 46.08 30.74 73.90
C ASN F 74 47.25 31.64 74.29
N GLU F 75 48.46 31.12 74.14
CA GLU F 75 49.74 31.77 74.49
C GLU F 75 49.89 33.07 73.70
N TYR F 76 49.49 33.09 72.43
CA TYR F 76 49.73 34.18 71.46
C TYR F 76 48.44 34.95 71.12
N GLY F 77 47.31 34.56 71.70
CA GLY F 77 45.99 35.16 71.40
C GLY F 77 45.62 35.02 69.93
N ILE F 78 45.99 33.93 69.27
CA ILE F 78 45.61 33.63 67.86
C ILE F 78 44.25 32.95 67.87
N PRO F 79 43.24 33.45 67.12
CA PRO F 79 41.97 32.75 66.98
C PRO F 79 42.14 31.52 66.09
N LEU F 80 41.46 30.42 66.41
CA LEU F 80 41.49 29.15 65.64
C LEU F 80 40.09 28.82 65.12
N HIS F 81 39.95 28.70 63.80
CA HIS F 81 38.70 28.19 63.17
C HIS F 81 38.88 26.72 62.82
N PRO F 82 38.36 25.78 63.64
CA PRO F 82 38.52 24.37 63.36
C PRO F 82 37.50 23.90 62.31
N VAL F 83 37.98 23.23 61.28
CA VAL F 83 37.13 22.53 60.27
C VAL F 83 37.54 21.06 60.24
N SER F 84 36.78 20.24 59.51
CA SER F 84 37.10 18.84 59.16
C SER F 84 37.68 18.82 57.75
N THR F 85 36.83 18.85 56.71
CA THR F 85 37.22 18.88 55.28
C THR F 85 37.10 20.30 54.72
N GLY F 86 36.30 21.16 55.35
CA GLY F 86 36.14 22.58 54.96
C GLY F 86 35.27 22.73 53.74
N LYS F 87 34.29 21.84 53.58
CA LYS F 87 33.38 21.82 52.42
C LYS F 87 32.02 22.43 52.78
N ASN F 88 32.01 23.40 53.70
CA ASN F 88 30.73 24.01 54.20
C ASN F 88 30.29 25.06 53.18
N ASN F 89 30.27 24.68 51.90
CA ASN F 89 29.96 25.56 50.76
C ASN F 89 28.48 25.93 50.85
N GLY F 90 28.18 27.23 50.80
CA GLY F 90 26.84 27.82 51.01
C GLY F 90 26.75 28.50 52.35
N TYR F 91 27.66 28.15 53.27
CA TYR F 91 27.72 28.69 54.65
C TYR F 91 29.10 29.29 54.94
N GLY F 92 29.95 29.44 53.92
CA GLY F 92 31.28 30.07 54.05
C GLY F 92 32.43 29.16 53.69
N GLY F 93 32.17 27.88 53.38
CA GLY F 93 33.20 26.88 53.03
C GLY F 93 34.12 26.61 54.21
N ALA F 94 35.43 26.84 54.05
CA ALA F 94 36.45 26.64 55.12
C ALA F 94 36.74 27.98 55.80
N ALA F 95 36.24 29.09 55.24
CA ALA F 95 36.65 30.46 55.65
C ALA F 95 36.16 30.70 57.08
N PRO F 96 36.97 31.36 57.93
CA PRO F 96 36.58 31.61 59.31
C PRO F 96 35.62 32.79 59.36
N ARG F 97 34.65 32.76 60.28
CA ARG F 97 33.76 33.92 60.54
C ARG F 97 34.64 35.16 60.75
N LEU F 98 35.59 35.09 61.68
CA LEU F 98 36.50 36.21 62.04
C LEU F 98 37.70 36.21 61.11
N SER F 99 37.91 37.31 60.38
CA SER F 99 39.09 37.55 59.52
C SER F 99 40.34 37.62 60.40
N GLY F 100 41.42 36.92 59.99
CA GLY F 100 42.70 36.82 60.71
C GLY F 100 42.84 35.52 61.49
N SER F 101 41.75 34.72 61.56
CA SER F 101 41.74 33.39 62.25
C SER F 101 42.60 32.41 61.46
N VAL F 102 43.31 31.53 62.17
CA VAL F 102 44.07 30.40 61.58
C VAL F 102 43.09 29.24 61.42
N ILE F 103 42.94 28.68 60.22
CA ILE F 103 42.11 27.46 60.02
C ILE F 103 42.91 26.27 60.52
N VAL F 104 42.34 25.48 61.43
CA VAL F 104 42.88 24.17 61.84
C VAL F 104 42.14 23.11 61.02
N LYS F 105 42.67 22.76 59.85
CA LYS F 105 42.07 21.70 59.00
C LYS F 105 42.45 20.36 59.62
N THR F 106 41.61 19.89 60.54
CA THR F 106 41.81 18.60 61.23
C THR F 106 41.78 17.46 60.20
N GLY F 107 40.92 17.57 59.17
CA GLY F 107 40.60 16.44 58.26
C GLY F 107 41.69 16.12 57.24
N GLU F 108 42.63 17.04 56.99
CA GLU F 108 43.72 16.85 55.98
C GLU F 108 44.45 15.54 56.31
N ARG F 109 44.90 15.40 57.57
CA ARG F 109 45.76 14.28 58.02
C ARG F 109 45.05 13.39 59.04
N MET F 110 44.19 13.92 59.91
CA MET F 110 43.32 13.11 60.81
C MET F 110 42.09 12.68 60.01
N ASN F 111 42.26 11.67 59.16
CA ASN F 111 41.26 11.19 58.17
C ASN F 111 41.11 9.67 58.26
N ARG F 112 41.32 9.11 59.45
CA ARG F 112 41.36 7.64 59.65
C ARG F 112 39.99 7.16 60.14
N ILE F 113 39.48 6.12 59.50
CA ILE F 113 38.36 5.30 60.04
C ILE F 113 38.94 4.47 61.20
N LEU F 114 38.55 4.79 62.44
CA LEU F 114 39.07 4.19 63.70
C LEU F 114 38.35 2.87 63.97
N GLU F 115 37.06 2.77 63.63
CA GLU F 115 36.27 1.54 63.86
C GLU F 115 34.98 1.64 63.06
N VAL F 116 34.61 0.52 62.44
CA VAL F 116 33.26 0.24 61.90
C VAL F 116 32.87 -1.11 62.50
N ASN F 117 31.90 -1.07 63.41
CA ASN F 117 31.43 -2.25 64.17
C ASN F 117 30.21 -2.83 63.46
N GLU F 118 30.35 -4.00 62.84
CA GLU F 118 29.25 -4.61 62.04
C GLU F 118 28.13 -5.07 62.98
N LYS F 119 28.48 -5.57 64.15
CA LYS F 119 27.51 -6.25 65.03
C LYS F 119 26.53 -5.20 65.59
N TYR F 120 27.04 -4.07 66.08
CA TYR F 120 26.25 -3.03 66.79
C TYR F 120 25.89 -1.88 65.84
N GLY F 121 26.48 -1.83 64.65
CA GLY F 121 26.13 -0.85 63.62
C GLY F 121 26.49 0.56 64.04
N TYR F 122 27.77 0.86 64.11
CA TYR F 122 28.31 2.22 64.36
C TYR F 122 29.71 2.35 63.75
N ALA F 123 30.11 3.60 63.53
CA ALA F 123 31.48 4.00 63.11
C ALA F 123 32.01 5.01 64.12
N LEU F 124 33.29 4.90 64.45
CA LEU F 124 34.05 5.93 65.19
C LEU F 124 35.04 6.53 64.20
N LEU F 125 34.91 7.82 63.89
CA LEU F 125 35.63 8.44 62.76
C LEU F 125 36.47 9.62 63.25
N GLU F 126 37.52 9.92 62.51
CA GLU F 126 38.25 11.20 62.60
C GLU F 126 37.56 12.17 61.65
N PRO F 127 37.82 13.49 61.77
CA PRO F 127 37.20 14.49 60.92
C PRO F 127 37.38 14.34 59.40
N GLY F 128 38.53 13.82 58.96
CA GLY F 128 38.91 13.79 57.54
C GLY F 128 38.21 12.68 56.76
N VAL F 129 37.48 11.78 57.41
CA VAL F 129 36.76 10.70 56.68
C VAL F 129 35.59 11.32 55.92
N THR F 130 35.65 11.33 54.59
CA THR F 130 34.55 11.80 53.72
C THR F 130 33.49 10.71 53.60
N TYR F 131 32.34 11.06 53.04
CA TYR F 131 31.21 10.12 52.79
C TYR F 131 31.67 9.11 51.73
N PHE F 132 32.48 9.56 50.77
CA PHE F 132 33.12 8.70 49.74
C PHE F 132 34.08 7.72 50.43
N ASP F 133 34.95 8.25 51.29
CA ASP F 133 35.91 7.42 52.09
C ASP F 133 35.13 6.33 52.82
N LEU F 134 34.08 6.69 53.56
CA LEU F 134 33.35 5.74 54.43
C LEU F 134 32.55 4.78 53.54
N TYR F 135 31.96 5.26 52.45
CA TYR F 135 31.24 4.41 51.49
C TYR F 135 32.20 3.37 50.91
N GLU F 136 33.38 3.82 50.44
CA GLU F 136 34.43 2.93 49.89
C GLU F 136 34.78 1.89 50.96
N TYR F 137 34.95 2.31 52.23
CA TYR F 137 35.26 1.38 53.34
C TYR F 137 34.17 0.30 53.42
N LEU F 138 32.89 0.69 53.39
CA LEU F 138 31.78 -0.27 53.58
C LEU F 138 31.72 -1.26 52.40
N GLN F 139 31.90 -0.76 51.18
CA GLN F 139 31.98 -1.57 49.93
C GLN F 139 33.12 -2.60 50.06
N SER F 140 34.34 -2.14 50.37
CA SER F 140 35.59 -2.94 50.55
C SER F 140 35.38 -4.10 51.52
N HIS F 141 34.72 -3.87 52.65
CA HIS F 141 34.53 -4.85 53.75
C HIS F 141 33.17 -5.54 53.67
N ASP F 142 32.49 -5.46 52.51
CA ASP F 142 31.20 -6.15 52.26
C ASP F 142 30.30 -5.91 53.47
N SER F 143 30.25 -4.66 53.93
CA SER F 143 29.47 -4.26 55.13
C SER F 143 27.98 -4.57 54.87
N GLY F 144 27.25 -4.92 55.93
CA GLY F 144 25.79 -5.01 55.93
C GLY F 144 25.16 -3.66 56.26
N LEU F 145 26.01 -2.65 56.52
CA LEU F 145 25.59 -1.30 56.97
C LEU F 145 25.56 -0.34 55.78
N MET F 146 24.79 0.73 55.90
CA MET F 146 24.81 1.89 54.96
C MET F 146 25.04 3.17 55.76
N LEU F 147 25.59 4.18 55.12
CA LEU F 147 25.78 5.51 55.75
C LEU F 147 24.55 6.38 55.43
N ASP F 148 24.54 7.60 55.93
CA ASP F 148 23.56 8.65 55.57
C ASP F 148 24.34 9.89 55.13
N CYS F 149 24.17 10.30 53.87
CA CYS F 149 24.97 11.38 53.27
C CYS F 149 24.07 12.52 52.80
N PRO F 150 24.61 13.75 52.80
CA PRO F 150 23.96 14.89 52.17
C PRO F 150 24.04 14.75 50.65
N GLU F 151 23.63 15.79 49.92
CA GLU F 151 23.63 15.80 48.42
C GLU F 151 25.06 15.51 47.91
N LEU F 152 26.08 16.10 48.54
CA LEU F 152 27.49 16.04 48.09
C LEU F 152 28.34 15.12 49.00
N GLY F 153 29.03 14.16 48.39
CA GLY F 153 29.79 13.10 49.08
C GLY F 153 31.11 13.58 49.62
N TRP F 154 31.61 14.74 49.18
CA TRP F 154 33.01 15.15 49.46
C TRP F 154 33.14 15.78 50.85
N GLY F 155 32.02 15.99 51.56
CA GLY F 155 32.00 16.53 52.92
C GLY F 155 32.48 15.51 53.94
N SER F 156 32.67 15.94 55.19
CA SER F 156 33.05 15.08 56.34
C SER F 156 31.80 14.58 57.06
N VAL F 157 31.72 13.27 57.31
CA VAL F 157 30.66 12.69 58.18
C VAL F 157 30.65 13.49 59.50
N VAL F 158 31.83 13.73 60.08
CA VAL F 158 31.99 14.45 61.37
C VAL F 158 31.57 15.91 61.18
N GLY F 159 32.27 16.63 60.29
CA GLY F 159 32.09 18.08 60.09
C GLY F 159 30.64 18.43 59.84
N ASN F 160 30.02 17.72 58.89
CA ASN F 160 28.59 17.84 58.57
C ASN F 160 27.77 17.72 59.88
N THR F 161 28.02 16.68 60.67
CA THR F 161 27.30 16.44 61.94
C THR F 161 27.52 17.64 62.88
N LEU F 162 28.72 18.22 62.89
CA LEU F 162 29.08 19.30 63.85
C LEU F 162 28.41 20.61 63.44
N ASP F 163 27.90 20.72 62.21
CA ASP F 163 27.05 21.88 61.81
C ASP F 163 25.59 21.41 61.72
N ARG F 164 25.26 20.26 62.34
CA ARG F 164 23.92 19.63 62.40
C ARG F 164 23.34 19.50 60.99
N GLY F 165 24.15 18.97 60.07
CA GLY F 165 23.73 18.71 58.68
C GLY F 165 22.77 17.54 58.62
N VAL F 166 22.19 17.31 57.45
CA VAL F 166 21.05 16.36 57.24
C VAL F 166 21.34 15.51 56.00
N GLY F 167 20.91 14.25 56.07
CA GLY F 167 20.78 13.35 54.90
C GLY F 167 19.34 12.90 54.78
N TYR F 168 19.07 11.90 53.96
CA TYR F 168 17.72 11.64 53.42
C TYR F 168 17.31 10.18 53.61
N THR F 169 18.11 9.39 54.33
CA THR F 169 17.78 8.02 54.76
C THR F 169 17.02 8.12 56.08
N PRO F 170 16.45 7.02 56.59
CA PRO F 170 15.84 7.05 57.92
C PRO F 170 16.79 7.55 59.01
N TYR F 171 18.10 7.60 58.74
CA TYR F 171 19.14 8.11 59.69
C TYR F 171 19.57 9.53 59.28
N GLY F 172 18.64 10.30 58.71
CA GLY F 172 18.88 11.62 58.10
C GLY F 172 19.33 12.66 59.11
N ASP F 173 18.82 12.56 60.34
CA ASP F 173 19.19 13.47 61.47
C ASP F 173 20.55 13.04 62.01
N HIS F 174 21.63 13.57 61.43
CA HIS F 174 23.02 13.15 61.71
C HIS F 174 23.33 13.32 63.20
N PHE F 175 23.00 14.46 63.79
CA PHE F 175 23.37 14.76 65.20
C PHE F 175 22.67 13.77 66.13
N MET F 176 21.40 13.42 65.86
CA MET F 176 20.68 12.42 66.69
C MET F 176 21.56 11.16 66.82
N TRP F 177 22.03 10.64 65.68
CA TRP F 177 22.73 9.34 65.55
C TRP F 177 24.21 9.46 65.93
N GLN F 178 24.74 10.69 65.97
CA GLN F 178 26.01 11.00 66.67
C GLN F 178 25.95 10.37 68.07
N THR F 179 26.99 9.61 68.41
CA THR F 179 27.07 8.80 69.65
C THR F 179 28.52 8.81 70.15
N GLY F 180 28.82 9.66 71.14
CA GLY F 180 30.16 9.87 71.71
C GLY F 180 31.01 10.76 70.82
N LEU F 181 31.78 11.65 71.43
CA LEU F 181 32.84 12.39 70.71
C LEU F 181 33.98 12.70 71.67
N GLU F 182 35.15 12.92 71.08
CA GLU F 182 36.37 13.42 71.75
C GLU F 182 36.57 14.86 71.27
N VAL F 183 36.90 15.76 72.19
CA VAL F 183 37.04 17.21 71.87
C VAL F 183 38.22 17.78 72.66
N VAL F 184 39.02 18.61 72.01
CA VAL F 184 40.04 19.44 72.68
C VAL F 184 39.35 20.75 73.07
N LEU F 185 39.20 21.00 74.37
CA LEU F 185 38.55 22.21 74.90
C LEU F 185 39.46 23.42 74.68
N PRO F 186 38.91 24.65 74.68
CA PRO F 186 39.62 25.84 74.19
C PRO F 186 40.98 26.18 74.82
N GLN F 187 41.32 25.58 75.96
CA GLN F 187 42.65 25.79 76.62
C GLN F 187 43.55 24.57 76.43
N GLY F 188 43.07 23.51 75.75
CA GLY F 188 43.90 22.38 75.28
C GLY F 188 43.63 21.08 76.01
N GLU F 189 42.83 21.10 77.08
CA GLU F 189 42.36 19.87 77.76
C GLU F 189 41.60 19.04 76.73
N VAL F 190 41.68 17.72 76.85
CA VAL F 190 40.93 16.78 75.98
C VAL F 190 39.87 16.08 76.83
N MET F 191 38.71 15.81 76.23
CA MET F 191 37.52 15.28 76.93
C MET F 191 36.83 14.29 76.00
N ARG F 192 36.32 13.21 76.58
CA ARG F 192 35.42 12.26 75.89
C ARG F 192 34.05 12.34 76.56
N THR F 193 33.00 12.36 75.75
CA THR F 193 31.59 12.42 76.22
C THR F 193 31.03 11.01 76.37
N GLY F 194 29.93 10.92 77.11
CA GLY F 194 29.14 9.69 77.27
C GLY F 194 29.96 8.61 77.92
N MET F 195 29.91 7.41 77.35
CA MET F 195 30.61 6.20 77.87
C MET F 195 32.09 6.25 77.49
N GLY F 196 32.47 7.21 76.64
CA GLY F 196 33.88 7.49 76.34
C GLY F 196 34.63 7.97 77.56
N ALA F 197 33.90 8.49 78.56
CA ALA F 197 34.45 9.11 79.78
C ALA F 197 34.81 8.03 80.80
N LEU F 198 34.25 6.83 80.65
CA LEU F 198 34.53 5.67 81.54
C LEU F 198 35.60 4.81 80.89
N PRO F 199 36.87 4.85 81.35
CA PRO F 199 37.96 4.13 80.69
C PRO F 199 37.65 2.64 80.49
N GLY F 200 37.90 2.14 79.28
CA GLY F 200 37.73 0.71 78.92
C GLY F 200 36.27 0.31 78.79
N SER F 201 35.37 1.28 78.56
CA SER F 201 33.95 1.02 78.20
C SER F 201 33.88 0.66 76.72
N ASP F 202 32.98 -0.26 76.34
CA ASP F 202 32.70 -0.64 74.93
C ASP F 202 31.55 0.19 74.38
N ALA F 203 30.91 1.01 75.22
CA ALA F 203 29.57 1.59 74.97
C ALA F 203 29.67 3.04 74.49
N TRP F 204 30.87 3.52 74.17
CA TRP F 204 31.08 4.90 73.65
C TRP F 204 30.10 5.19 72.51
N GLN F 205 29.95 4.23 71.59
CA GLN F 205 29.13 4.40 70.36
C GLN F 205 27.80 3.65 70.51
N LEU F 206 27.44 3.22 71.72
CA LEU F 206 26.23 2.39 71.99
C LEU F 206 25.19 3.19 72.78
N PHE F 207 25.63 3.96 73.78
CA PHE F 207 24.75 4.75 74.67
C PHE F 207 25.17 6.21 74.59
N PRO F 208 24.31 7.11 74.06
CA PRO F 208 24.72 8.49 73.76
C PRO F 208 24.95 9.37 75.00
N TYR F 209 24.10 9.21 76.03
CA TYR F 209 23.92 10.21 77.12
C TYR F 209 25.02 10.10 78.17
N GLY F 210 25.51 8.89 78.47
CA GLY F 210 26.42 8.67 79.61
C GLY F 210 25.74 9.05 80.91
N PHE F 211 26.44 9.80 81.76
CA PHE F 211 26.00 10.15 83.15
C PHE F 211 26.16 11.66 83.37
N GLY F 212 25.15 12.24 84.00
CA GLY F 212 25.07 13.69 84.29
C GLY F 212 24.57 14.45 83.08
N PRO F 213 24.83 15.77 83.03
CA PRO F 213 24.36 16.61 81.92
C PRO F 213 24.88 16.05 80.59
N PHE F 214 24.01 16.06 79.57
CA PHE F 214 24.32 15.58 78.20
C PHE F 214 24.93 16.74 77.41
N PRO F 215 26.24 16.75 77.16
CA PRO F 215 26.90 17.90 76.52
C PRO F 215 27.17 17.87 75.01
N ASP F 216 26.94 16.76 74.31
CA ASP F 216 27.41 16.61 72.89
C ASP F 216 26.78 17.69 71.99
N GLY F 217 25.51 18.04 72.24
CA GLY F 217 24.80 19.07 71.47
C GLY F 217 25.54 20.40 71.53
N MET F 218 26.18 20.68 72.67
CA MET F 218 26.85 21.98 72.90
C MET F 218 28.06 22.13 71.98
N PHE F 219 28.45 21.08 71.25
CA PHE F 219 29.66 21.10 70.37
C PHE F 219 29.26 21.15 68.90
N THR F 220 27.96 21.29 68.60
CA THR F 220 27.39 21.43 67.24
C THR F 220 26.96 22.89 67.04
N GLN F 221 27.14 23.42 65.82
CA GLN F 221 26.99 24.87 65.52
C GLN F 221 27.62 25.64 66.69
N SER F 222 28.81 25.22 67.10
CA SER F 222 29.45 25.61 68.37
C SER F 222 30.89 26.09 68.12
N ASN F 223 31.47 26.77 69.12
CA ASN F 223 32.91 27.13 69.16
C ASN F 223 33.46 26.81 70.56
N LEU F 224 33.09 25.67 71.14
CA LEU F 224 33.52 25.30 72.51
C LEU F 224 34.68 24.30 72.48
N GLY F 225 35.23 23.99 71.31
CA GLY F 225 36.40 23.10 71.18
C GLY F 225 36.64 22.64 69.76
N ILE F 226 37.73 21.88 69.58
CA ILE F 226 38.12 21.19 68.32
C ILE F 226 37.87 19.69 68.52
N VAL F 227 36.92 19.13 67.77
CA VAL F 227 36.51 17.70 67.84
C VAL F 227 37.54 16.88 67.06
N THR F 228 38.01 15.78 67.65
CA THR F 228 39.12 14.96 67.12
C THR F 228 38.65 13.55 66.81
N LYS F 229 37.59 13.10 67.48
CA LYS F 229 36.89 11.82 67.18
C LYS F 229 35.40 12.03 67.38
N MET F 230 34.60 11.28 66.64
CA MET F 230 33.12 11.32 66.80
C MET F 230 32.58 9.96 66.37
N GLY F 231 31.63 9.45 67.15
CA GLY F 231 30.94 8.18 66.87
C GLY F 231 29.61 8.47 66.25
N ILE F 232 29.14 7.59 65.36
CA ILE F 232 27.82 7.74 64.71
C ILE F 232 27.26 6.35 64.46
N ALA F 233 25.99 6.14 64.81
CA ALA F 233 25.22 4.93 64.48
C ALA F 233 25.11 4.82 62.95
N LEU F 234 25.19 3.60 62.43
CA LEU F 234 24.95 3.29 61.00
C LEU F 234 23.78 2.30 60.94
N MET F 235 22.79 2.61 60.12
CA MET F 235 21.63 1.72 59.91
C MET F 235 22.09 0.50 59.09
N GLN F 236 21.47 -0.66 59.33
CA GLN F 236 21.58 -1.87 58.48
C GLN F 236 20.94 -1.58 57.13
N ARG F 237 21.59 -1.98 56.03
CA ARG F 237 21.00 -1.82 54.67
C ARG F 237 19.81 -2.76 54.55
N PRO F 238 18.62 -2.24 54.22
CA PRO F 238 17.44 -3.08 54.02
C PRO F 238 17.55 -3.90 52.74
N PRO F 239 16.79 -5.03 52.63
CA PRO F 239 16.93 -5.98 51.53
C PRO F 239 16.64 -5.43 50.12
N ALA F 240 15.73 -4.45 50.01
CA ALA F 240 15.40 -3.77 48.74
C ALA F 240 15.02 -2.32 49.02
N SER F 241 15.06 -1.47 47.99
CA SER F 241 14.58 -0.06 48.04
C SER F 241 13.98 0.34 46.69
N GLN F 242 12.97 1.21 46.72
CA GLN F 242 12.35 1.85 45.53
C GLN F 242 12.25 3.36 45.76
N SER F 243 12.81 4.15 44.85
CA SER F 243 12.69 5.62 44.80
C SER F 243 11.60 6.00 43.79
N PHE F 244 10.91 7.13 44.02
CA PHE F 244 9.82 7.61 43.15
C PHE F 244 9.85 9.14 43.07
N LEU F 245 9.36 9.64 41.94
CA LEU F 245 9.09 11.07 41.64
C LEU F 245 7.59 11.25 41.52
N ILE F 246 7.02 12.24 42.22
CA ILE F 246 5.66 12.74 41.93
C ILE F 246 5.81 14.18 41.40
N THR F 247 5.43 14.40 40.14
CA THR F 247 5.35 15.75 39.52
C THR F 247 3.99 16.36 39.86
N PHE F 248 4.00 17.65 40.21
CA PHE F 248 2.80 18.48 40.45
C PHE F 248 2.87 19.68 39.51
N ASP F 249 1.79 19.92 38.77
CA ASP F 249 1.76 20.84 37.60
C ASP F 249 1.87 22.29 38.07
N LYS F 250 1.25 22.64 39.19
CA LYS F 250 0.93 24.06 39.50
C LYS F 250 1.65 24.56 40.74
N GLU F 251 2.08 25.82 40.67
CA GLU F 251 2.67 26.59 41.79
C GLU F 251 1.78 26.47 43.04
N GLU F 252 0.46 26.49 42.84
CA GLU F 252 -0.56 26.51 43.92
C GLU F 252 -0.72 25.11 44.53
N ASP F 253 -0.24 24.06 43.86
CA ASP F 253 -0.35 22.67 44.37
C ASP F 253 0.45 22.52 45.68
N LEU F 254 1.46 23.37 45.91
CA LEU F 254 2.35 23.33 47.12
C LEU F 254 1.50 23.07 48.38
N GLU F 255 0.39 23.82 48.52
CA GLU F 255 -0.46 23.80 49.74
C GLU F 255 -0.95 22.38 50.01
N GLN F 256 -1.59 21.75 49.02
CA GLN F 256 -2.21 20.42 49.22
C GLN F 256 -1.12 19.35 49.33
N ILE F 257 0.03 19.53 48.66
CA ILE F 257 1.19 18.58 48.70
C ILE F 257 1.65 18.45 50.15
N VAL F 258 2.08 19.56 50.77
CA VAL F 258 2.58 19.64 52.17
C VAL F 258 1.54 19.08 53.15
N ASP F 259 0.25 19.37 52.94
CA ASP F 259 -0.83 18.96 53.88
C ASP F 259 -1.06 17.45 53.78
N ILE F 260 -0.86 16.86 52.60
CA ILE F 260 -0.98 15.38 52.38
C ILE F 260 0.32 14.71 52.87
N MET F 261 1.44 15.41 52.70
CA MET F 261 2.81 14.94 53.02
C MET F 261 2.91 14.62 54.51
N LEU F 262 2.36 15.49 55.37
CA LEU F 262 2.59 15.42 56.84
C LEU F 262 1.97 14.15 57.42
N PRO F 263 0.67 13.84 57.20
CA PRO F 263 0.09 12.63 57.77
C PRO F 263 0.81 11.36 57.32
N LEU F 264 1.43 11.38 56.12
CA LEU F 264 2.10 10.20 55.53
C LEU F 264 3.50 10.03 56.13
N ARG F 265 4.02 11.04 56.85
CA ARG F 265 5.44 11.10 57.31
C ARG F 265 5.56 11.01 58.84
N ILE F 266 4.59 11.56 59.59
CA ILE F 266 4.74 11.81 61.05
C ILE F 266 4.92 10.48 61.79
N ASN F 267 4.36 9.39 61.26
CA ASN F 267 4.55 8.01 61.81
C ASN F 267 5.69 7.27 61.10
N MET F 268 6.50 7.98 60.31
CA MET F 268 7.68 7.43 59.59
C MET F 268 7.25 6.32 58.63
N ALA F 269 5.98 6.34 58.20
CA ALA F 269 5.37 5.38 57.26
C ALA F 269 4.00 5.88 56.82
N PRO F 270 3.63 5.78 55.53
CA PRO F 270 4.46 5.14 54.50
C PRO F 270 5.74 5.86 54.05
N LEU F 271 5.92 7.15 54.35
CA LEU F 271 7.09 7.94 53.88
C LEU F 271 8.26 7.67 54.84
N GLN F 272 9.04 6.63 54.55
CA GLN F 272 10.04 6.02 55.49
C GLN F 272 11.31 6.87 55.52
N ASN F 273 11.58 7.61 54.44
CA ASN F 273 12.75 8.53 54.34
C ASN F 273 12.26 9.98 54.43
N VAL F 274 13.21 10.91 54.44
CA VAL F 274 12.99 12.38 54.48
C VAL F 274 12.35 12.80 53.15
N PRO F 275 11.07 13.19 53.15
CA PRO F 275 10.41 13.67 51.92
C PRO F 275 11.01 15.02 51.50
N VAL F 276 11.43 15.13 50.24
CA VAL F 276 11.91 16.42 49.65
C VAL F 276 10.94 16.79 48.53
N LEU F 277 10.51 18.06 48.52
CA LEU F 277 9.75 18.69 47.42
C LEU F 277 10.63 19.78 46.82
N ARG F 278 11.01 19.64 45.55
CA ARG F 278 11.90 20.59 44.84
C ARG F 278 11.04 21.29 43.80
N ASN F 279 11.27 22.61 43.60
CA ASN F 279 10.59 23.38 42.53
C ASN F 279 11.34 23.15 41.21
N ILE F 280 10.68 23.45 40.10
CA ILE F 280 11.22 23.21 38.73
C ILE F 280 12.59 23.88 38.57
N PHE F 281 12.81 25.03 39.21
CA PHE F 281 14.08 25.80 39.15
C PHE F 281 15.23 24.93 39.69
N MET F 282 15.00 24.25 40.81
CA MET F 282 16.01 23.40 41.49
C MET F 282 16.40 22.26 40.55
N ASP F 283 15.41 21.53 40.03
CA ASP F 283 15.61 20.34 39.15
C ASP F 283 16.20 20.77 37.79
N ALA F 284 15.76 21.91 37.25
CA ALA F 284 16.29 22.48 35.98
C ALA F 284 17.78 22.77 36.17
N ALA F 285 18.16 23.47 37.25
CA ALA F 285 19.55 23.89 37.53
C ALA F 285 20.46 22.66 37.71
N ALA F 286 19.91 21.54 38.14
CA ALA F 286 20.64 20.27 38.32
C ALA F 286 21.07 19.68 36.96
N VAL F 287 20.38 19.99 35.86
CA VAL F 287 20.56 19.31 34.55
C VAL F 287 20.84 20.29 33.41
N SER F 288 20.77 21.62 33.63
CA SER F 288 20.82 22.61 32.53
C SER F 288 21.32 23.97 33.00
N LYS F 289 21.76 24.80 32.04
CA LYS F 289 22.12 26.22 32.25
C LYS F 289 20.88 27.08 32.10
N ARG F 290 20.91 28.28 32.70
CA ARG F 290 19.81 29.27 32.67
C ARG F 290 19.51 29.63 31.22
N THR F 291 20.56 29.88 30.42
CA THR F 291 20.49 30.41 29.03
C THR F 291 19.77 29.41 28.10
N GLU F 292 19.69 28.12 28.48
CA GLU F 292 18.93 27.10 27.70
C GLU F 292 17.45 27.51 27.62
N TRP F 293 16.92 28.20 28.64
CA TRP F 293 15.49 28.55 28.81
C TRP F 293 15.20 30.02 28.56
N PHE F 294 16.11 30.92 28.97
CA PHE F 294 15.90 32.39 28.96
C PHE F 294 17.26 33.07 29.05
N ASP F 295 17.57 33.94 28.07
CA ASP F 295 18.86 34.68 27.97
C ASP F 295 18.59 36.17 28.23
N GLY F 296 17.34 36.54 28.54
CA GLY F 296 16.93 37.92 28.88
C GLY F 296 17.33 38.27 30.30
N ASP F 297 17.23 39.55 30.66
CA ASP F 297 17.55 40.08 32.02
C ASP F 297 16.34 39.88 32.94
N GLY F 298 16.60 39.77 34.24
CA GLY F 298 15.56 39.81 35.28
C GLY F 298 14.82 38.49 35.41
N PRO F 299 13.83 38.42 36.32
CA PRO F 299 13.10 37.19 36.62
C PRO F 299 12.64 36.42 35.38
N MET F 300 12.68 35.08 35.49
CA MET F 300 12.34 34.18 34.36
C MET F 300 10.84 34.22 34.11
N PRO F 301 10.39 34.53 32.87
CA PRO F 301 8.96 34.62 32.56
C PRO F 301 8.24 33.26 32.55
N ALA F 302 6.91 33.31 32.68
CA ALA F 302 6.00 32.15 32.73
C ALA F 302 6.26 31.20 31.54
N GLU F 303 6.44 31.75 30.34
CA GLU F 303 6.70 30.97 29.10
C GLU F 303 7.92 30.08 29.35
N ALA F 304 9.01 30.68 29.86
CA ALA F 304 10.31 30.01 30.10
C ALA F 304 10.12 28.87 31.10
N ILE F 305 9.37 29.11 32.17
CA ILE F 305 9.06 28.09 33.22
C ILE F 305 8.30 26.92 32.57
N GLU F 306 7.32 27.21 31.70
CA GLU F 306 6.48 26.17 31.04
C GLU F 306 7.35 25.31 30.11
N ARG F 307 8.39 25.88 29.51
CA ARG F 307 9.33 25.15 28.61
C ARG F 307 10.17 24.16 29.42
N MET F 308 10.70 24.59 30.58
CA MET F 308 11.46 23.76 31.55
C MET F 308 10.60 22.55 31.94
N LYS F 309 9.33 22.78 32.28
CA LYS F 309 8.38 21.70 32.66
C LYS F 309 8.19 20.74 31.47
N LYS F 310 7.81 21.25 30.29
CA LYS F 310 7.60 20.45 29.04
C LYS F 310 8.83 19.61 28.75
N ASP F 311 9.98 20.29 28.58
CA ASP F 311 11.23 19.71 28.03
C ASP F 311 11.72 18.60 28.97
N LEU F 312 11.72 18.84 30.29
CA LEU F 312 12.23 17.89 31.33
C LEU F 312 11.13 16.90 31.76
N ASP F 313 9.87 17.12 31.36
CA ASP F 313 8.68 16.31 31.78
C ASP F 313 8.60 16.34 33.31
N LEU F 314 8.76 17.53 33.92
CA LEU F 314 8.65 17.76 35.39
C LEU F 314 7.50 18.73 35.68
N GLY F 315 7.03 18.72 36.93
CA GLY F 315 6.06 19.70 37.47
C GLY F 315 6.74 21.00 37.90
N PHE F 316 5.97 21.92 38.47
CA PHE F 316 6.52 23.09 39.20
C PHE F 316 7.09 22.59 40.53
N TRP F 317 6.35 21.70 41.20
CA TRP F 317 6.79 21.01 42.44
C TRP F 317 6.99 19.52 42.13
N ASN F 318 8.17 19.01 42.48
CA ASN F 318 8.59 17.61 42.24
C ASN F 318 8.91 16.99 43.60
N PHE F 319 8.18 15.93 43.94
CA PHE F 319 8.32 15.17 45.20
C PHE F 319 9.21 13.95 44.97
N TYR F 320 10.26 13.79 45.78
CA TYR F 320 11.20 12.63 45.75
C TYR F 320 11.18 11.90 47.09
N GLY F 321 10.80 10.63 47.04
CA GLY F 321 10.79 9.73 48.20
C GLY F 321 11.43 8.40 47.86
N THR F 322 11.86 7.66 48.90
CA THR F 322 12.39 6.27 48.80
C THR F 322 11.70 5.40 49.86
N LEU F 323 11.35 4.19 49.47
CA LEU F 323 10.80 3.13 50.36
C LEU F 323 11.88 2.05 50.52
N TYR F 324 11.83 1.35 51.65
CA TYR F 324 12.80 0.30 52.04
C TYR F 324 12.06 -0.91 52.62
N GLY F 325 12.49 -2.12 52.26
CA GLY F 325 12.08 -3.37 52.90
C GLY F 325 11.79 -4.47 51.90
N PRO F 326 11.10 -5.54 52.33
CA PRO F 326 10.63 -6.58 51.42
C PRO F 326 9.75 -5.94 50.34
N PRO F 327 9.83 -6.38 49.06
CA PRO F 327 8.98 -5.84 47.99
C PRO F 327 7.48 -5.75 48.28
N PRO F 328 6.85 -6.70 49.02
CA PRO F 328 5.46 -6.52 49.46
C PRO F 328 5.24 -5.27 50.32
N LEU F 329 6.17 -4.96 51.23
CA LEU F 329 6.07 -3.73 52.08
C LEU F 329 6.21 -2.49 51.20
N ILE F 330 7.20 -2.48 50.30
CA ILE F 330 7.47 -1.35 49.37
C ILE F 330 6.21 -1.05 48.56
N GLU F 331 5.51 -2.08 48.08
CA GLU F 331 4.35 -1.88 47.20
C GLU F 331 3.15 -1.37 47.98
N MET F 332 2.91 -1.93 49.16
CA MET F 332 1.81 -1.51 50.07
C MET F 332 1.94 -0.01 50.36
N TYR F 333 3.15 0.45 50.70
CA TYR F 333 3.46 1.86 51.04
C TYR F 333 3.34 2.74 49.79
N TYR F 334 3.89 2.29 48.66
CA TYR F 334 3.81 3.04 47.38
C TYR F 334 2.33 3.22 47.02
N GLY F 335 1.54 2.15 47.16
CA GLY F 335 0.08 2.13 46.93
C GLY F 335 -0.64 3.17 47.77
N MET F 336 -0.26 3.29 49.05
CA MET F 336 -0.79 4.31 49.98
C MET F 336 -0.39 5.72 49.49
N ILE F 337 0.87 5.90 49.09
CA ILE F 337 1.42 7.22 48.66
C ILE F 337 0.73 7.67 47.37
N LYS F 338 0.41 6.75 46.45
CA LYS F 338 -0.24 7.06 45.16
C LYS F 338 -1.69 7.45 45.42
N GLU F 339 -2.37 6.79 46.35
CA GLU F 339 -3.81 7.08 46.60
C GLU F 339 -3.92 8.46 47.23
N ALA F 340 -3.07 8.76 48.23
CA ALA F 340 -3.09 10.02 49.01
C ALA F 340 -2.79 11.20 48.08
N PHE F 341 -1.63 11.19 47.40
CA PHE F 341 -1.15 12.30 46.53
C PHE F 341 -1.95 12.38 45.23
N GLY F 342 -2.55 11.26 44.79
CA GLY F 342 -3.34 11.16 43.55
C GLY F 342 -4.59 12.02 43.59
N LYS F 343 -5.01 12.41 44.80
CA LYS F 343 -6.18 13.30 45.03
C LYS F 343 -5.86 14.74 44.60
N ILE F 344 -4.59 15.06 44.35
CA ILE F 344 -4.20 16.33 43.66
C ILE F 344 -4.35 16.10 42.17
N PRO F 345 -5.18 16.91 41.46
CA PRO F 345 -5.23 16.87 40.01
C PRO F 345 -3.87 17.19 39.38
N GLY F 346 -3.49 16.48 38.32
CA GLY F 346 -2.25 16.73 37.56
C GLY F 346 -1.04 15.97 38.11
N ALA F 347 -1.14 15.36 39.30
CA ALA F 347 -0.06 14.54 39.91
C ALA F 347 0.24 13.36 38.98
N ARG F 348 1.52 13.17 38.62
CA ARG F 348 2.01 11.97 37.87
C ARG F 348 3.14 11.32 38.66
N PHE F 349 3.16 9.97 38.65
CA PHE F 349 4.05 9.10 39.45
C PHE F 349 5.06 8.40 38.54
N PHE F 350 6.31 8.31 38.97
CA PHE F 350 7.41 7.58 38.29
C PHE F 350 8.29 6.90 39.33
N THR F 351 8.59 5.61 39.17
CA THR F 351 9.63 4.89 39.95
C THR F 351 10.99 5.19 39.29
N HIS F 352 12.08 4.86 39.97
CA HIS F 352 13.48 5.09 39.52
C HIS F 352 13.73 4.27 38.24
N GLU F 353 12.96 3.19 38.04
CA GLU F 353 13.05 2.26 36.87
C GLU F 353 12.38 2.87 35.63
N GLU F 354 11.54 3.91 35.78
CA GLU F 354 10.59 4.36 34.75
C GLU F 354 11.01 5.68 34.08
N ARG F 355 12.21 6.22 34.35
CA ARG F 355 12.62 7.53 33.78
C ARG F 355 14.14 7.61 33.60
N ASP F 356 14.59 7.44 32.34
CA ASP F 356 16.02 7.47 31.92
C ASP F 356 16.26 8.74 31.08
N ASP F 357 15.31 9.67 31.06
CA ASP F 357 15.45 10.95 30.32
C ASP F 357 16.16 11.95 31.22
N ARG F 358 16.49 13.13 30.68
CA ARG F 358 17.29 14.18 31.38
C ARG F 358 16.55 14.66 32.64
N GLY F 359 15.22 14.71 32.61
CA GLY F 359 14.40 15.12 33.76
C GLY F 359 14.53 14.15 34.94
N GLY F 360 14.70 12.87 34.64
CA GLY F 360 14.80 11.78 35.64
C GLY F 360 16.19 11.72 36.27
N HIS F 361 17.10 12.59 35.84
CA HIS F 361 18.51 12.63 36.30
C HIS F 361 18.57 12.92 37.80
N VAL F 362 17.75 13.85 38.29
CA VAL F 362 17.62 14.19 39.73
C VAL F 362 17.05 12.98 40.46
N LEU F 363 15.99 12.35 39.93
CA LEU F 363 15.40 11.12 40.54
C LEU F 363 16.50 10.06 40.72
N GLN F 364 17.38 9.88 39.73
CA GLN F 364 18.46 8.85 39.77
C GLN F 364 19.49 9.24 40.82
N ASP F 365 19.74 10.54 40.99
CA ASP F 365 20.63 11.06 42.07
C ASP F 365 20.01 10.76 43.44
N ARG F 366 18.70 10.95 43.58
CA ARG F 366 17.99 10.74 44.89
C ARG F 366 18.01 9.26 45.24
N HIS F 367 17.81 8.38 44.25
CA HIS F 367 17.86 6.91 44.44
C HIS F 367 19.23 6.52 45.02
N LYS F 368 20.30 7.19 44.61
CA LYS F 368 21.65 6.98 45.19
C LYS F 368 21.68 7.54 46.62
N ILE F 369 21.48 8.85 46.77
CA ILE F 369 21.60 9.59 48.07
C ILE F 369 20.71 8.92 49.13
N ASN F 370 19.49 8.55 48.76
CA ASN F 370 18.48 7.98 49.70
C ASN F 370 18.85 6.54 50.08
N ASN F 371 19.81 5.92 49.37
CA ASN F 371 20.34 4.57 49.69
C ASN F 371 21.78 4.68 50.18
N GLY F 372 22.19 5.87 50.63
CA GLY F 372 23.51 6.11 51.22
C GLY F 372 24.64 5.84 50.23
N ILE F 373 24.41 6.10 48.95
CA ILE F 373 25.46 6.09 47.89
C ILE F 373 25.84 7.54 47.61
N PRO F 374 27.01 8.03 48.10
CA PRO F 374 27.34 9.45 48.00
C PRO F 374 27.49 9.79 46.52
N SER F 375 27.33 11.07 46.18
CA SER F 375 27.27 11.59 44.79
C SER F 375 27.82 13.01 44.76
N LEU F 376 28.24 13.48 43.58
CA LEU F 376 28.61 14.91 43.33
C LEU F 376 27.80 15.45 42.14
N ASP F 377 26.79 14.71 41.65
CA ASP F 377 25.96 15.14 40.48
C ASP F 377 25.36 16.52 40.77
N GLU F 378 24.83 16.76 41.98
CA GLU F 378 24.18 18.03 42.38
C GLU F 378 25.16 19.22 42.30
N LEU F 379 26.47 19.01 42.11
CA LEU F 379 27.44 20.11 41.80
C LEU F 379 27.07 20.80 40.48
N GLN F 380 26.29 20.13 39.62
CA GLN F 380 25.87 20.68 38.30
C GLN F 380 24.98 21.91 38.52
N LEU F 381 24.32 22.02 39.68
CA LEU F 381 23.51 23.22 40.08
C LEU F 381 24.30 24.50 39.80
N LEU F 382 25.62 24.47 39.99
CA LEU F 382 26.50 25.67 39.97
C LEU F 382 26.85 26.08 38.54
N ASP F 383 26.39 25.32 37.54
CA ASP F 383 26.60 25.66 36.10
C ASP F 383 25.39 26.44 35.58
N TRP F 384 24.36 26.63 36.41
CA TRP F 384 23.13 27.42 36.08
C TRP F 384 23.52 28.76 35.46
N VAL F 385 24.53 29.42 36.04
CA VAL F 385 25.09 30.71 35.53
C VAL F 385 26.62 30.60 35.59
N PRO F 386 27.34 31.43 34.81
CA PRO F 386 28.80 31.39 34.83
C PRO F 386 29.36 31.75 36.23
N ASN F 387 30.45 31.09 36.63
CA ASN F 387 31.17 31.26 37.92
C ASN F 387 30.20 31.03 39.08
N GLY F 388 29.31 30.05 38.92
CA GLY F 388 28.18 29.80 39.83
C GLY F 388 28.65 29.53 41.24
N GLY F 389 28.03 30.20 42.21
CA GLY F 389 28.11 29.94 43.65
C GLY F 389 26.72 29.91 44.23
N HIS F 390 26.55 29.41 45.46
CA HIS F 390 25.25 29.44 46.19
C HIS F 390 25.46 29.87 47.64
N ILE F 391 24.39 30.41 48.22
CA ILE F 391 24.21 30.64 49.68
C ILE F 391 22.97 29.84 50.10
N GLY F 392 23.06 29.18 51.24
CA GLY F 392 21.93 28.49 51.89
C GLY F 392 21.13 29.45 52.75
N PHE F 393 19.83 29.57 52.45
CA PHE F 393 18.85 30.27 53.31
C PHE F 393 17.77 29.23 53.67
N VAL F 394 17.70 28.85 54.94
CA VAL F 394 16.89 27.67 55.39
C VAL F 394 16.11 28.02 56.65
N PRO F 395 14.97 28.73 56.51
CA PRO F 395 14.05 28.92 57.64
C PRO F 395 13.28 27.64 57.98
N VAL F 396 12.98 27.49 59.27
CA VAL F 396 12.23 26.33 59.83
C VAL F 396 10.79 26.79 60.08
N SER F 397 9.86 25.94 59.68
CA SER F 397 8.44 26.25 59.52
C SER F 397 7.64 25.13 60.19
N ALA F 398 6.36 25.37 60.45
CA ALA F 398 5.40 24.28 60.73
C ALA F 398 5.06 23.60 59.41
N PRO F 399 4.96 22.26 59.37
CA PRO F 399 4.57 21.55 58.15
C PRO F 399 3.07 21.71 57.83
N ASP F 400 2.63 22.93 57.46
CA ASP F 400 1.25 23.24 57.00
C ASP F 400 1.31 23.85 55.60
N GLY F 401 0.31 23.53 54.77
CA GLY F 401 0.21 23.91 53.35
C GLY F 401 0.22 25.41 53.16
N ARG F 402 -0.60 26.12 53.93
CA ARG F 402 -0.70 27.61 53.87
C ARG F 402 0.59 28.26 54.35
N GLU F 403 1.23 27.69 55.37
CA GLU F 403 2.51 28.19 55.94
C GLU F 403 3.61 28.03 54.90
N ALA F 404 3.53 26.96 54.08
CA ALA F 404 4.46 26.72 52.95
C ALA F 404 4.19 27.75 51.85
N MET F 405 2.91 27.96 51.50
CA MET F 405 2.46 28.95 50.47
C MET F 405 2.97 30.35 50.83
N LYS F 406 2.72 30.81 52.06
CA LYS F 406 3.12 32.15 52.55
C LYS F 406 4.64 32.31 52.42
N GLN F 407 5.42 31.30 52.81
CA GLN F 407 6.91 31.33 52.74
C GLN F 407 7.35 31.38 51.27
N PHE F 408 6.70 30.58 50.42
CA PHE F 408 6.91 30.49 48.96
C PHE F 408 6.82 31.90 48.35
N GLU F 409 5.68 32.57 48.54
CA GLU F 409 5.40 33.94 48.02
C GLU F 409 6.44 34.93 48.53
N MET F 410 6.60 34.96 49.85
CA MET F 410 7.45 35.87 50.62
C MET F 410 8.90 35.85 50.13
N VAL F 411 9.45 34.66 49.82
CA VAL F 411 10.88 34.48 49.42
C VAL F 411 11.03 34.79 47.91
N ARG F 412 10.16 34.27 47.05
CA ARG F 412 10.17 34.54 45.58
C ARG F 412 10.11 36.06 45.33
N ASN F 413 9.21 36.78 46.01
CA ASN F 413 9.04 38.26 45.91
C ASN F 413 10.38 38.97 46.11
N ARG F 414 11.09 38.69 47.21
CA ARG F 414 12.40 39.32 47.53
C ARG F 414 13.47 38.81 46.56
N ALA F 415 13.39 37.54 46.17
CA ALA F 415 14.31 36.93 45.17
C ALA F 415 14.18 37.69 43.85
N ASN F 416 12.93 37.91 43.41
CA ASN F 416 12.60 38.70 42.19
C ASN F 416 13.23 40.09 42.33
N GLU F 417 13.00 40.75 43.48
CA GLU F 417 13.39 42.15 43.75
C GLU F 417 14.92 42.31 43.60
N TYR F 418 15.71 41.32 44.03
CA TYR F 418 17.20 41.36 44.05
C TYR F 418 17.76 40.62 42.82
N ASN F 419 16.88 40.21 41.90
CA ASN F 419 17.24 39.63 40.58
C ASN F 419 18.01 38.33 40.79
N LYS F 420 17.53 37.51 41.71
CA LYS F 420 18.05 36.12 41.94
C LYS F 420 16.90 35.14 41.70
N ASP F 421 17.23 33.97 41.14
CA ASP F 421 16.26 32.89 40.85
C ASP F 421 15.96 32.11 42.14
N TYR F 422 14.69 31.71 42.29
CA TYR F 422 14.12 31.06 43.49
C TYR F 422 14.25 29.53 43.34
N MET F 423 15.45 29.03 43.63
CA MET F 423 15.72 27.57 43.78
C MET F 423 15.37 27.19 45.22
N ALA F 424 14.25 26.49 45.41
CA ALA F 424 13.75 26.12 46.75
C ALA F 424 13.30 24.66 46.78
N SER F 425 13.58 24.01 47.91
CA SER F 425 13.04 22.70 48.33
C SER F 425 12.24 22.92 49.61
N PHE F 426 11.10 22.23 49.73
CA PHE F 426 10.36 22.04 51.00
C PHE F 426 10.62 20.62 51.47
N ILE F 427 11.37 20.50 52.56
CA ILE F 427 11.79 19.21 53.19
C ILE F 427 11.09 19.11 54.55
N ILE F 428 10.79 17.89 55.00
CA ILE F 428 10.07 17.64 56.28
C ILE F 428 10.75 16.47 57.01
N GLY F 429 11.19 16.71 58.24
CA GLY F 429 11.48 15.66 59.24
C GLY F 429 10.16 15.09 59.74
N LEU F 430 9.98 14.92 61.05
CA LEU F 430 8.72 14.35 61.60
C LEU F 430 7.69 15.47 61.73
N ARG F 431 8.07 16.58 62.35
CA ARG F 431 7.13 17.63 62.80
C ARG F 431 7.58 19.01 62.32
N GLU F 432 8.74 19.15 61.71
CA GLU F 432 9.27 20.47 61.30
C GLU F 432 9.40 20.52 59.77
N MET F 433 9.34 21.72 59.21
CA MET F 433 9.52 21.93 57.75
C MET F 433 10.71 22.85 57.52
N TYR F 434 11.58 22.47 56.58
CA TYR F 434 12.73 23.28 56.13
C TYR F 434 12.37 23.89 54.78
N HIS F 435 12.49 25.20 54.66
CA HIS F 435 12.45 25.92 53.37
C HIS F 435 13.90 26.08 52.88
N VAL F 436 14.40 25.11 52.13
CA VAL F 436 15.82 25.08 51.67
C VAL F 436 15.90 25.90 50.39
N CYS F 437 16.46 27.09 50.47
CA CYS F 437 16.58 28.06 49.35
C CYS F 437 18.06 28.23 49.02
N LEU F 438 18.46 27.76 47.84
CA LEU F 438 19.83 27.94 47.31
C LEU F 438 19.76 29.07 46.28
N PHE F 439 20.42 30.19 46.57
CA PHE F 439 20.49 31.36 45.65
C PHE F 439 21.80 31.23 44.86
N ILE F 440 21.69 30.89 43.58
CA ILE F 440 22.85 30.68 42.67
C ILE F 440 23.12 32.01 41.96
N TYR F 441 24.38 32.45 41.99
CA TYR F 441 24.79 33.79 41.49
C TYR F 441 26.20 33.71 40.93
N ASP F 442 26.58 34.72 40.13
CA ASP F 442 27.93 34.90 39.55
C ASP F 442 28.87 35.40 40.67
N THR F 443 29.75 34.52 41.18
CA THR F 443 30.67 34.83 42.31
C THR F 443 31.71 35.87 41.89
N ALA F 444 31.92 36.04 40.57
CA ALA F 444 32.89 37.00 39.97
C ALA F 444 32.32 38.42 39.96
N ASP F 445 31.00 38.57 40.07
CA ASP F 445 30.27 39.86 39.95
C ASP F 445 30.12 40.49 41.35
N PRO F 446 30.88 41.56 41.69
CA PRO F 446 30.81 42.15 43.03
C PRO F 446 29.40 42.63 43.41
N GLU F 447 28.60 42.98 42.40
CA GLU F 447 27.23 43.49 42.61
C GLU F 447 26.30 42.32 42.97
N ALA F 448 26.41 41.18 42.28
CA ALA F 448 25.61 39.96 42.56
C ALA F 448 25.94 39.48 43.98
N ARG F 449 27.22 39.56 44.37
CA ARG F 449 27.68 39.22 45.74
C ARG F 449 26.98 40.13 46.74
N GLU F 450 26.96 41.44 46.51
CA GLU F 450 26.35 42.42 47.45
C GLU F 450 24.83 42.23 47.45
N GLU F 451 24.22 41.99 46.30
CA GLU F 451 22.77 41.70 46.17
C GLU F 451 22.42 40.50 47.06
N ILE F 452 23.21 39.43 46.99
CA ILE F 452 23.03 38.20 47.80
C ILE F 452 23.05 38.59 49.29
N LEU F 453 24.08 39.31 49.74
CA LEU F 453 24.26 39.69 51.17
C LEU F 453 23.03 40.47 51.64
N GLN F 454 22.68 41.54 50.91
CA GLN F 454 21.56 42.46 51.26
C GLN F 454 20.24 41.70 51.19
N MET F 455 20.07 40.83 50.19
CA MET F 455 18.80 40.09 50.00
C MET F 455 18.60 39.14 51.18
N THR F 456 19.63 38.38 51.56
CA THR F 456 19.51 37.35 52.64
C THR F 456 19.30 38.07 53.98
N LYS F 457 19.99 39.19 54.22
CA LYS F 457 19.79 40.02 55.43
C LYS F 457 18.30 40.34 55.54
N VAL F 458 17.68 40.70 54.41
CA VAL F 458 16.24 41.10 54.37
C VAL F 458 15.39 39.85 54.62
N LEU F 459 15.69 38.75 53.93
CA LEU F 459 14.94 37.47 54.05
C LEU F 459 14.99 36.95 55.50
N VAL F 460 16.13 37.08 56.17
CA VAL F 460 16.34 36.62 57.59
C VAL F 460 15.39 37.39 58.51
N ARG F 461 15.41 38.73 58.43
CA ARG F 461 14.63 39.62 59.31
C ARG F 461 13.14 39.41 59.01
N GLU F 462 12.79 39.35 57.74
CA GLU F 462 11.40 39.25 57.26
C GLU F 462 10.81 37.88 57.69
N ALA F 463 11.60 36.80 57.55
CA ALA F 463 11.23 35.43 57.97
C ALA F 463 11.04 35.39 59.49
N ALA F 464 11.94 36.04 60.24
CA ALA F 464 11.88 36.12 61.72
C ALA F 464 10.63 36.88 62.17
N GLU F 465 10.24 37.95 61.45
CA GLU F 465 9.03 38.77 61.74
C GLU F 465 7.78 37.91 61.55
N ALA F 466 7.83 36.91 60.67
CA ALA F 466 6.71 35.98 60.41
C ALA F 466 6.83 34.74 61.32
N GLY F 467 7.85 34.69 62.19
CA GLY F 467 8.01 33.66 63.23
C GLY F 467 8.81 32.43 62.79
N TYR F 468 9.64 32.58 61.76
CA TYR F 468 10.48 31.48 61.21
C TYR F 468 11.95 31.75 61.55
N GLY F 469 12.58 30.81 62.26
CA GLY F 469 14.02 30.86 62.57
C GLY F 469 14.79 30.04 61.56
N GLU F 470 16.05 30.41 61.27
CA GLU F 470 16.95 29.63 60.38
C GLU F 470 17.57 28.48 61.18
N TYR F 471 17.68 27.29 60.59
CA TYR F 471 18.28 26.08 61.23
C TYR F 471 19.81 26.16 61.09
N ARG F 472 20.29 26.94 60.11
CA ARG F 472 21.73 27.00 59.74
C ARG F 472 21.95 28.18 58.79
N THR F 473 23.10 28.84 58.87
CA THR F 473 23.36 30.04 58.04
C THR F 473 24.85 30.24 57.78
N HIS F 474 25.13 31.19 56.88
CA HIS F 474 26.46 31.57 56.36
C HIS F 474 27.15 32.53 57.36
N ASN F 475 28.47 32.54 57.36
CA ASN F 475 29.34 33.44 58.17
C ASN F 475 28.75 34.86 58.20
N ALA F 476 28.29 35.35 57.05
CA ALA F 476 27.89 36.77 56.84
C ALA F 476 26.60 37.07 57.59
N LEU F 477 25.81 36.05 57.97
CA LEU F 477 24.44 36.22 58.54
C LEU F 477 24.35 35.70 59.97
N MET F 478 25.42 35.17 60.54
CA MET F 478 25.38 34.51 61.87
C MET F 478 24.95 35.49 62.96
N ASP F 479 25.50 36.71 62.97
CA ASP F 479 25.12 37.78 63.93
C ASP F 479 23.63 38.10 63.79
N ASP F 480 23.17 38.34 62.56
CA ASP F 480 21.77 38.72 62.26
C ASP F 480 20.83 37.60 62.68
N VAL F 481 21.16 36.35 62.35
CA VAL F 481 20.31 35.17 62.69
C VAL F 481 20.26 35.03 64.22
N MET F 482 21.38 34.98 64.92
CA MET F 482 21.36 34.80 66.40
C MET F 482 20.57 35.96 67.05
N ALA F 483 20.74 37.19 66.53
CA ALA F 483 19.98 38.37 66.97
C ALA F 483 18.47 38.06 67.01
N THR F 484 17.97 37.17 66.14
CA THR F 484 16.50 36.93 65.99
C THR F 484 15.99 36.09 67.16
N PHE F 485 16.82 35.25 67.77
CA PHE F 485 16.40 34.32 68.86
C PHE F 485 16.48 35.04 70.20
N ASN F 486 15.82 36.21 70.27
CA ASN F 486 16.07 37.24 71.31
C ASN F 486 15.02 37.16 72.43
N TRP F 487 14.27 36.05 72.54
CA TRP F 487 13.25 35.89 73.60
C TRP F 487 13.91 36.17 74.95
N GLY F 488 13.14 36.73 75.89
CA GLY F 488 13.57 37.09 77.26
C GLY F 488 14.76 38.04 77.25
N ASP F 489 14.83 38.93 76.25
CA ASP F 489 15.92 39.94 76.10
C ASP F 489 17.24 39.22 75.76
N GLY F 490 17.25 38.39 74.73
CA GLY F 490 18.45 37.66 74.26
C GLY F 490 19.05 36.79 75.34
N ALA F 491 18.19 36.11 76.12
CA ALA F 491 18.58 35.17 77.20
C ALA F 491 19.41 34.03 76.60
N LEU F 492 19.06 33.56 75.41
CA LEU F 492 19.75 32.39 74.80
C LEU F 492 21.21 32.75 74.52
N LEU F 493 21.49 33.91 73.90
CA LEU F 493 22.86 34.35 73.56
C LEU F 493 23.64 34.62 74.86
N LYS F 494 23.00 35.20 75.87
CA LYS F 494 23.65 35.52 77.17
C LYS F 494 24.09 34.22 77.85
N PHE F 495 23.26 33.18 77.75
CA PHE F 495 23.55 31.81 78.22
C PHE F 495 24.80 31.28 77.49
N HIS F 496 24.79 31.26 76.15
CA HIS F 496 25.92 30.80 75.29
C HIS F 496 27.19 31.61 75.57
N GLU F 497 27.08 32.92 75.78
CA GLU F 497 28.24 33.82 75.99
C GLU F 497 28.92 33.46 77.30
N LYS F 498 28.16 33.22 78.37
CA LYS F 498 28.72 32.90 79.71
C LYS F 498 29.53 31.60 79.60
N ILE F 499 28.97 30.57 78.96
CA ILE F 499 29.61 29.23 78.79
C ILE F 499 30.88 29.38 77.94
N LYS F 500 30.77 30.06 76.80
CA LYS F 500 31.92 30.41 75.93
C LYS F 500 33.04 31.01 76.78
N ASP F 501 32.74 32.01 77.59
CA ASP F 501 33.77 32.78 78.37
C ASP F 501 34.37 31.87 79.44
N ALA F 502 33.57 30.95 79.98
CA ALA F 502 33.97 30.02 81.06
C ALA F 502 34.98 29.00 80.51
N LEU F 503 34.70 28.45 79.33
CA LEU F 503 35.55 27.42 78.70
C LEU F 503 36.67 28.06 77.88
N ASP F 504 36.45 29.25 77.29
CA ASP F 504 37.42 29.91 76.40
C ASP F 504 37.84 31.27 76.95
N PRO F 505 38.49 31.33 78.12
CA PRO F 505 38.79 32.61 78.76
C PRO F 505 39.64 33.56 77.91
N ASN F 506 40.41 33.06 76.95
CA ASN F 506 41.29 33.90 76.09
C ASN F 506 40.63 34.11 74.72
N GLY F 507 39.42 33.58 74.54
CA GLY F 507 38.60 33.82 73.34
C GLY F 507 39.32 33.38 72.08
N ILE F 508 39.62 32.09 71.98
CA ILE F 508 40.48 31.50 70.91
C ILE F 508 39.62 30.83 69.84
N ILE F 509 38.71 29.93 70.21
CA ILE F 509 38.03 29.02 69.25
C ILE F 509 36.94 29.79 68.50
N ALA F 510 37.05 29.81 67.16
CA ALA F 510 36.06 30.31 66.18
C ALA F 510 35.19 31.41 66.78
N PRO F 511 35.76 32.58 67.14
CA PRO F 511 34.97 33.70 67.65
C PRO F 511 33.89 34.11 66.63
N GLY F 512 32.63 34.17 67.09
CA GLY F 512 31.48 34.69 66.33
C GLY F 512 30.72 33.60 65.59
N LYS F 513 31.18 32.36 65.68
CA LYS F 513 30.39 31.18 65.21
C LYS F 513 29.02 31.25 65.86
N SER F 514 27.95 31.16 65.06
CA SER F 514 26.55 31.18 65.55
C SER F 514 26.30 32.46 66.36
N GLY F 515 27.03 33.53 66.03
CA GLY F 515 26.88 34.86 66.66
C GLY F 515 27.42 34.90 68.08
N ILE F 516 28.21 33.91 68.47
CA ILE F 516 28.74 33.77 69.86
C ILE F 516 30.18 34.28 69.91
N TRP F 517 30.37 35.50 70.39
CA TRP F 517 31.69 36.17 70.50
C TRP F 517 32.17 36.07 71.94
N PRO F 518 33.45 35.74 72.18
CA PRO F 518 34.03 35.80 73.52
C PRO F 518 34.19 37.25 73.98
N GLN F 519 34.37 37.43 75.28
CA GLN F 519 34.45 38.74 76.00
C GLN F 519 35.30 39.75 75.22
N ARG F 520 36.47 39.35 74.74
CA ARG F 520 37.50 40.30 74.24
C ARG F 520 37.08 40.89 72.89
N PHE F 521 36.12 40.29 72.18
CA PHE F 521 35.66 40.77 70.84
C PHE F 521 34.29 41.43 70.93
N ARG F 522 33.60 41.39 72.08
CA ARG F 522 32.16 41.77 72.14
C ARG F 522 32.04 43.29 72.03
N GLY F 523 31.39 43.74 70.95
CA GLY F 523 31.05 45.15 70.69
C GLY F 523 31.96 45.81 69.68
N GLN F 524 32.84 45.05 69.00
CA GLN F 524 33.94 45.60 68.16
C GLN F 524 33.53 45.66 66.68
N ASN F 525 32.35 45.16 66.31
CA ASN F 525 31.87 45.21 64.90
C ASN F 525 32.90 44.48 64.04
N LEU F 526 33.13 43.18 64.34
CA LEU F 526 34.11 42.32 63.62
C LEU F 526 35.54 42.70 64.05
N THR G 2 21.60 -51.28 41.02
CA THR G 2 21.62 -52.67 40.52
C THR G 2 22.70 -52.84 39.47
N ARG G 3 22.79 -54.05 38.91
CA ARG G 3 23.63 -54.38 37.73
C ARG G 3 22.94 -53.92 36.44
N THR G 4 23.61 -53.05 35.68
CA THR G 4 23.18 -52.54 34.35
C THR G 4 23.25 -53.67 33.33
N LEU G 5 22.11 -54.10 32.78
CA LEU G 5 22.04 -55.15 31.73
C LEU G 5 21.56 -54.55 30.42
N PRO G 6 22.03 -55.09 29.27
CA PRO G 6 21.44 -54.78 27.97
C PRO G 6 19.95 -55.09 27.95
N PRO G 7 19.11 -54.25 27.31
CA PRO G 7 17.66 -54.47 27.30
C PRO G 7 17.30 -55.87 26.76
N GLY G 8 16.44 -56.59 27.48
CA GLY G 8 15.92 -57.91 27.07
C GLY G 8 16.95 -59.03 27.22
N VAL G 9 18.04 -58.81 27.97
CA VAL G 9 19.12 -59.83 28.18
C VAL G 9 19.35 -60.08 29.67
N SER G 10 19.31 -61.36 30.06
CA SER G 10 19.33 -61.86 31.47
C SER G 10 20.76 -61.83 32.03
N ASP G 11 20.90 -62.09 33.34
CA ASP G 11 22.21 -62.17 34.04
C ASP G 11 23.05 -63.32 33.46
N GLU G 12 22.52 -64.54 33.26
CA GLU G 12 23.35 -65.66 32.71
C GLU G 12 23.77 -65.31 31.28
N ARG G 13 22.85 -64.77 30.49
CA ARG G 13 23.07 -64.56 29.05
C ARG G 13 24.18 -63.53 28.87
N PHE G 14 24.13 -62.43 29.63
CA PHE G 14 25.17 -61.36 29.62
C PHE G 14 26.51 -61.94 30.05
N ASP G 15 26.54 -62.72 31.14
CA ASP G 15 27.75 -63.37 31.70
C ASP G 15 28.41 -64.24 30.63
N ALA G 16 27.62 -65.02 29.88
CA ALA G 16 28.10 -65.85 28.75
C ALA G 16 28.71 -64.93 27.69
N ALA G 17 28.05 -63.83 27.35
CA ALA G 17 28.48 -62.88 26.30
C ALA G 17 29.77 -62.18 26.74
N LEU G 18 29.86 -61.79 28.02
CA LEU G 18 31.09 -61.21 28.62
C LEU G 18 32.26 -62.18 28.47
N GLN G 19 32.03 -63.48 28.76
CA GLN G 19 33.09 -64.51 28.66
C GLN G 19 33.57 -64.58 27.20
N ARG G 20 32.62 -64.62 26.25
CA ARG G 20 32.91 -64.65 24.80
C ARG G 20 33.75 -63.42 24.41
N PHE G 21 33.42 -62.26 24.97
CA PHE G 21 34.22 -61.02 24.78
C PHE G 21 35.65 -61.27 25.27
N ARG G 22 35.80 -61.88 26.45
CA ARG G 22 37.12 -62.18 27.09
C ARG G 22 37.91 -63.16 26.20
N ASP G 23 37.23 -64.18 25.65
CA ASP G 23 37.81 -65.17 24.70
C ASP G 23 38.51 -64.46 23.52
N VAL G 24 38.00 -63.29 23.12
CA VAL G 24 38.44 -62.56 21.90
C VAL G 24 39.56 -61.58 22.27
N VAL G 25 39.40 -60.79 23.34
CA VAL G 25 40.28 -59.61 23.63
C VAL G 25 41.18 -59.90 24.83
N GLY G 26 40.84 -60.89 25.67
CA GLY G 26 41.57 -61.20 26.92
C GLY G 26 40.83 -60.69 28.15
N ASP G 27 41.07 -61.33 29.31
CA ASP G 27 40.34 -61.10 30.57
C ASP G 27 40.44 -59.64 30.98
N LYS G 28 41.62 -59.04 30.82
CA LYS G 28 41.98 -57.66 31.26
C LYS G 28 41.11 -56.59 30.59
N TRP G 29 40.67 -56.87 29.34
CA TRP G 29 40.19 -55.86 28.38
C TRP G 29 38.66 -55.92 28.28
N VAL G 30 38.03 -56.61 29.24
CA VAL G 30 36.56 -56.58 29.49
C VAL G 30 36.37 -56.05 30.92
N LEU G 31 35.76 -54.88 31.04
CA LEU G 31 35.34 -54.27 32.33
C LEU G 31 33.83 -54.45 32.50
N SER G 32 33.34 -54.87 33.68
CA SER G 32 31.89 -55.03 33.96
C SER G 32 31.52 -54.87 35.46
N THR G 33 32.43 -54.45 36.34
CA THR G 33 32.11 -54.09 37.74
C THR G 33 31.70 -52.61 37.77
N ALA G 34 30.78 -52.24 38.66
CA ALA G 34 30.29 -50.86 38.85
C ALA G 34 31.45 -49.89 39.02
N ASP G 35 32.50 -50.31 39.74
CA ASP G 35 33.72 -49.49 40.04
C ASP G 35 34.48 -49.22 38.74
N GLU G 36 34.74 -50.29 37.98
CA GLU G 36 35.44 -50.24 36.67
C GLU G 36 34.72 -49.25 35.76
N LEU G 37 33.38 -49.25 35.78
CA LEU G 37 32.50 -48.56 34.79
C LEU G 37 32.35 -47.07 35.13
N GLU G 38 32.58 -46.68 36.39
CA GLU G 38 32.43 -45.29 36.91
C GLU G 38 33.12 -44.28 35.97
N ALA G 39 34.34 -44.59 35.49
CA ALA G 39 35.19 -43.71 34.64
C ALA G 39 34.58 -43.54 33.24
N PHE G 40 33.62 -44.38 32.85
CA PHE G 40 32.96 -44.38 31.51
C PHE G 40 31.53 -43.83 31.56
N ARG G 41 31.06 -43.35 32.72
CA ARG G 41 29.81 -42.56 32.82
C ARG G 41 30.10 -41.16 32.28
N ASP G 42 29.09 -40.53 31.68
CA ASP G 42 29.17 -39.13 31.20
C ASP G 42 29.79 -38.28 32.30
N PRO G 43 31.01 -37.74 32.09
CA PRO G 43 31.67 -36.91 33.11
C PRO G 43 30.92 -35.60 33.34
N TYR G 44 30.10 -35.18 32.37
CA TYR G 44 29.26 -33.96 32.42
C TYR G 44 27.79 -34.37 32.33
N PRO G 45 27.25 -35.05 33.37
CA PRO G 45 25.93 -35.67 33.28
C PRO G 45 24.84 -34.60 33.10
N VAL G 46 23.80 -34.95 32.34
CA VAL G 46 22.67 -34.04 31.98
C VAL G 46 21.40 -34.70 32.51
N GLY G 47 20.55 -33.93 33.19
CA GLY G 47 19.34 -34.45 33.86
C GLY G 47 19.64 -35.02 35.23
N ALA G 48 18.71 -34.86 36.17
CA ALA G 48 18.83 -35.35 37.56
C ALA G 48 18.95 -36.88 37.57
N ALA G 49 18.08 -37.58 36.84
CA ALA G 49 17.99 -39.06 36.81
C ALA G 49 19.25 -39.62 36.15
N GLU G 50 19.69 -40.79 36.60
CA GLU G 50 20.74 -41.56 35.90
C GLU G 50 20.24 -41.88 34.48
N ALA G 51 21.14 -41.73 33.51
CA ALA G 51 20.92 -42.01 32.08
C ALA G 51 22.24 -42.45 31.47
N ASN G 52 22.19 -43.16 30.34
CA ASN G 52 23.38 -43.46 29.51
C ASN G 52 24.32 -44.34 30.34
N LEU G 53 23.80 -45.48 30.80
CA LEU G 53 24.56 -46.41 31.68
C LEU G 53 25.17 -47.51 30.84
N PRO G 54 26.52 -47.61 30.80
CA PRO G 54 27.17 -48.75 30.13
C PRO G 54 27.04 -50.03 30.96
N SER G 55 26.82 -51.16 30.30
CA SER G 55 26.77 -52.51 30.92
C SER G 55 28.19 -53.09 31.02
N ALA G 56 29.10 -52.69 30.14
CA ALA G 56 30.50 -53.20 30.06
C ALA G 56 31.36 -52.29 29.18
N VAL G 57 32.67 -52.51 29.17
CA VAL G 57 33.64 -51.86 28.25
C VAL G 57 34.59 -52.92 27.72
N VAL G 58 34.57 -53.15 26.41
CA VAL G 58 35.47 -54.11 25.70
C VAL G 58 36.48 -53.29 24.90
N SER G 59 37.77 -53.57 25.08
CA SER G 59 38.90 -52.88 24.40
C SER G 59 39.57 -53.86 23.43
N PRO G 60 39.19 -53.84 22.12
CA PRO G 60 39.78 -54.76 21.15
C PRO G 60 41.18 -54.24 20.76
N GLU G 61 42.00 -55.15 20.22
CA GLU G 61 43.40 -54.87 19.83
C GLU G 61 43.52 -54.73 18.31
N SER G 62 42.64 -55.40 17.56
CA SER G 62 42.76 -55.53 16.09
C SER G 62 41.39 -55.40 15.42
N THR G 63 41.38 -55.11 14.12
CA THR G 63 40.16 -55.01 13.31
C THR G 63 39.35 -56.30 13.47
N GLU G 64 40.00 -57.46 13.39
CA GLU G 64 39.28 -58.76 13.32
C GLU G 64 38.75 -59.13 14.72
N GLN G 65 39.32 -58.60 15.80
CA GLN G 65 38.70 -58.67 17.14
C GLN G 65 37.37 -57.89 17.10
N VAL G 66 37.38 -56.67 16.57
CA VAL G 66 36.16 -55.82 16.43
C VAL G 66 35.09 -56.62 15.66
N GLN G 67 35.50 -57.35 14.60
CA GLN G 67 34.58 -58.25 13.84
C GLN G 67 34.01 -59.32 14.80
N ASP G 68 34.88 -59.95 15.59
CA ASP G 68 34.51 -61.04 16.52
C ASP G 68 33.56 -60.50 17.60
N ILE G 69 33.85 -59.31 18.14
CA ILE G 69 32.98 -58.60 19.14
C ILE G 69 31.59 -58.41 18.51
N VAL G 70 31.56 -57.84 17.30
CA VAL G 70 30.31 -57.49 16.58
C VAL G 70 29.50 -58.78 16.35
N ARG G 71 30.17 -59.85 15.93
CA ARG G 71 29.45 -61.12 15.61
C ARG G 71 28.79 -61.66 16.89
N ILE G 72 29.51 -61.58 18.01
CA ILE G 72 29.03 -62.06 19.34
C ILE G 72 27.83 -61.20 19.73
N ALA G 73 27.97 -59.88 19.61
CA ALA G 73 26.91 -58.90 19.93
C ALA G 73 25.63 -59.25 19.16
N ASN G 74 25.75 -59.61 17.88
CA ASN G 74 24.62 -60.01 17.00
C ASN G 74 23.94 -61.27 17.56
N GLU G 75 24.75 -62.24 17.93
CA GLU G 75 24.31 -63.58 18.42
C GLU G 75 23.46 -63.40 19.70
N TYR G 76 23.84 -62.48 20.59
CA TYR G 76 23.27 -62.30 21.94
C TYR G 76 22.30 -61.10 21.99
N GLY G 77 22.15 -60.36 20.89
CA GLY G 77 21.35 -59.11 20.84
C GLY G 77 21.92 -58.04 21.75
N ILE G 78 23.25 -57.99 21.93
CA ILE G 78 23.91 -56.98 22.82
C ILE G 78 24.14 -55.71 22.03
N PRO G 79 23.63 -54.54 22.46
CA PRO G 79 23.96 -53.27 21.80
C PRO G 79 25.43 -52.87 22.05
N LEU G 80 26.12 -52.36 21.03
CA LEU G 80 27.53 -51.88 21.10
C LEU G 80 27.58 -50.39 20.78
N HIS G 81 28.17 -49.59 21.67
CA HIS G 81 28.45 -48.15 21.44
C HIS G 81 29.94 -47.96 21.16
N PRO G 82 30.36 -47.88 19.88
CA PRO G 82 31.77 -47.76 19.54
C PRO G 82 32.26 -46.33 19.77
N VAL G 83 33.35 -46.17 20.52
CA VAL G 83 34.08 -44.88 20.67
C VAL G 83 35.54 -45.11 20.27
N SER G 84 36.29 -44.02 20.16
CA SER G 84 37.74 -44.06 19.91
C SER G 84 38.43 -43.83 21.26
N THR G 85 38.64 -42.58 21.67
CA THR G 85 39.21 -42.19 22.99
C THR G 85 38.08 -41.92 24.02
N GLY G 86 36.84 -41.71 23.58
CA GLY G 86 35.65 -41.52 24.43
C GLY G 86 35.65 -40.20 25.19
N LYS G 87 36.22 -39.14 24.60
CA LYS G 87 36.37 -37.78 25.19
C LYS G 87 35.33 -36.81 24.61
N ASN G 88 34.15 -37.31 24.22
CA ASN G 88 33.07 -36.50 23.57
C ASN G 88 32.37 -35.65 24.65
N ASN G 89 33.16 -34.98 25.46
CA ASN G 89 32.68 -34.30 26.69
C ASN G 89 31.88 -33.09 26.22
N GLY G 90 30.64 -32.95 26.70
CA GLY G 90 29.68 -31.94 26.25
C GLY G 90 28.55 -32.59 25.47
N TYR G 91 28.81 -33.79 24.95
CA TYR G 91 27.86 -34.56 24.11
C TYR G 91 27.70 -35.98 24.66
N GLY G 92 28.11 -36.24 25.89
CA GLY G 92 27.88 -37.54 26.56
C GLY G 92 29.16 -38.29 26.87
N GLY G 93 30.33 -37.65 26.68
CA GLY G 93 31.64 -38.32 26.83
C GLY G 93 31.65 -39.67 26.13
N ALA G 94 32.00 -40.75 26.85
CA ALA G 94 32.08 -42.11 26.30
C ALA G 94 30.73 -42.82 26.45
N ALA G 95 29.78 -42.25 27.18
CA ALA G 95 28.54 -42.95 27.61
C ALA G 95 27.66 -43.24 26.39
N PRO G 96 27.03 -44.42 26.32
CA PRO G 96 26.15 -44.75 25.20
C PRO G 96 24.81 -44.03 25.30
N ARG G 97 24.22 -43.65 24.17
CA ARG G 97 22.84 -43.12 24.12
C ARG G 97 21.92 -44.09 24.86
N LEU G 98 21.88 -45.35 24.42
CA LEU G 98 21.00 -46.40 24.99
C LEU G 98 21.68 -47.01 26.22
N SER G 99 21.02 -46.95 27.38
CA SER G 99 21.45 -47.62 28.62
C SER G 99 21.43 -49.15 28.41
N GLY G 100 22.46 -49.84 28.90
CA GLY G 100 22.64 -51.31 28.76
C GLY G 100 23.61 -51.67 27.64
N SER G 101 24.11 -50.67 26.90
CA SER G 101 25.03 -50.86 25.74
C SER G 101 26.44 -51.12 26.26
N VAL G 102 27.15 -52.05 25.61
CA VAL G 102 28.59 -52.30 25.85
C VAL G 102 29.37 -51.27 25.05
N ILE G 103 30.15 -50.41 25.73
CA ILE G 103 31.13 -49.51 25.05
C ILE G 103 32.24 -50.38 24.44
N VAL G 104 32.53 -50.17 23.16
CA VAL G 104 33.70 -50.78 22.46
C VAL G 104 34.74 -49.67 22.30
N LYS G 105 35.62 -49.53 23.29
CA LYS G 105 36.71 -48.52 23.27
C LYS G 105 37.82 -49.02 22.33
N THR G 106 37.71 -48.68 21.03
CA THR G 106 38.69 -49.06 19.99
C THR G 106 40.04 -48.39 20.29
N GLY G 107 40.03 -47.19 20.87
CA GLY G 107 41.22 -46.33 21.00
C GLY G 107 42.16 -46.73 22.12
N GLU G 108 41.70 -47.54 23.08
CA GLU G 108 42.54 -47.99 24.21
C GLU G 108 43.76 -48.69 23.62
N ARG G 109 43.54 -49.71 22.78
CA ARG G 109 44.61 -50.59 22.25
C ARG G 109 44.88 -50.31 20.76
N MET G 110 43.84 -49.98 19.97
CA MET G 110 44.01 -49.59 18.55
C MET G 110 44.34 -48.09 18.52
N ASN G 111 45.62 -47.77 18.80
CA ASN G 111 46.14 -46.39 18.99
C ASN G 111 47.44 -46.20 18.20
N ARG G 112 47.59 -46.94 17.09
CA ARG G 112 48.81 -46.91 16.26
C ARG G 112 48.62 -45.89 15.12
N ILE G 113 49.61 -45.01 14.94
CA ILE G 113 49.83 -44.24 13.69
C ILE G 113 50.32 -45.23 12.62
N LEU G 114 49.51 -45.55 11.61
CA LEU G 114 49.82 -46.57 10.57
C LEU G 114 50.67 -45.98 9.45
N GLU G 115 50.53 -44.67 9.18
CA GLU G 115 51.36 -43.98 8.17
C GLU G 115 51.21 -42.47 8.30
N VAL G 116 52.32 -41.75 8.17
CA VAL G 116 52.35 -40.29 7.89
C VAL G 116 53.19 -40.13 6.63
N ASN G 117 52.58 -39.62 5.56
CA ASN G 117 53.22 -39.41 4.24
C ASN G 117 53.58 -37.92 4.10
N GLU G 118 54.87 -37.60 4.18
CA GLU G 118 55.39 -36.21 4.02
C GLU G 118 55.11 -35.72 2.60
N LYS G 119 55.23 -36.57 1.59
CA LYS G 119 55.24 -36.14 0.16
C LYS G 119 53.84 -35.63 -0.23
N TYR G 120 52.83 -36.46 0.04
CA TYR G 120 51.41 -36.26 -0.32
C TYR G 120 50.62 -35.61 0.83
N GLY G 121 51.22 -35.47 2.02
CA GLY G 121 50.64 -34.75 3.17
C GLY G 121 49.36 -35.41 3.66
N TYR G 122 49.45 -36.62 4.22
CA TYR G 122 48.30 -37.30 4.88
C TYR G 122 48.78 -38.19 6.03
N ALA G 123 47.83 -38.60 6.85
CA ALA G 123 47.99 -39.60 7.92
C ALA G 123 46.93 -40.69 7.74
N LEU G 124 47.30 -41.95 7.94
CA LEU G 124 46.37 -43.09 8.12
C LEU G 124 46.46 -43.53 9.58
N LEU G 125 45.36 -43.41 10.33
CA LEU G 125 45.36 -43.51 11.81
C LEU G 125 44.39 -44.61 12.26
N GLU G 126 44.70 -45.21 13.41
CA GLU G 126 43.75 -46.00 14.22
C GLU G 126 43.02 -45.03 15.15
N PRO G 127 41.87 -45.44 15.74
CA PRO G 127 41.07 -44.55 16.58
C PRO G 127 41.79 -43.94 17.80
N GLY G 128 42.78 -44.64 18.35
CA GLY G 128 43.43 -44.31 19.63
C GLY G 128 44.44 -43.18 19.52
N VAL G 129 44.76 -42.76 18.30
CA VAL G 129 45.77 -41.68 18.10
C VAL G 129 45.13 -40.37 18.54
N THR G 130 45.67 -39.74 19.57
CA THR G 130 45.20 -38.44 20.08
C THR G 130 45.87 -37.34 19.27
N TYR G 131 45.38 -36.11 19.39
CA TYR G 131 46.00 -34.93 18.75
C TYR G 131 47.42 -34.78 19.32
N PHE G 132 47.58 -35.03 20.62
CA PHE G 132 48.89 -35.02 21.33
C PHE G 132 49.81 -36.09 20.73
N ASP G 133 49.31 -37.33 20.57
CA ASP G 133 50.07 -38.45 19.96
C ASP G 133 50.57 -38.01 18.58
N LEU G 134 49.66 -37.54 17.71
CA LEU G 134 50.02 -37.18 16.31
C LEU G 134 50.95 -35.97 16.30
N TYR G 135 50.72 -34.98 17.16
CA TYR G 135 51.59 -33.79 17.23
C TYR G 135 52.99 -34.22 17.67
N GLU G 136 53.11 -35.10 18.65
CA GLU G 136 54.42 -35.63 19.12
C GLU G 136 55.12 -36.29 17.92
N TYR G 137 54.40 -37.13 17.17
CA TYR G 137 54.94 -37.88 16.02
C TYR G 137 55.55 -36.90 15.01
N LEU G 138 54.82 -35.82 14.71
CA LEU G 138 55.25 -34.82 13.69
C LEU G 138 56.51 -34.11 14.20
N GLN G 139 56.52 -33.67 15.45
CA GLN G 139 57.72 -33.07 16.12
C GLN G 139 58.90 -34.04 16.04
N SER G 140 58.67 -35.28 16.49
CA SER G 140 59.63 -36.41 16.56
C SER G 140 60.31 -36.67 15.20
N HIS G 141 59.55 -36.59 14.10
CA HIS G 141 60.03 -36.91 12.72
C HIS G 141 60.33 -35.64 11.93
N ASP G 142 60.50 -34.49 12.59
CA ASP G 142 60.81 -33.17 11.95
C ASP G 142 59.92 -32.98 10.72
N SER G 143 58.62 -33.28 10.85
CA SER G 143 57.61 -33.22 9.77
C SER G 143 57.43 -31.77 9.31
N GLY G 144 57.19 -31.57 8.01
CA GLY G 144 56.81 -30.26 7.45
C GLY G 144 55.31 -30.05 7.52
N LEU G 145 54.58 -31.07 7.99
CA LEU G 145 53.10 -31.09 8.11
C LEU G 145 52.67 -30.57 9.49
N MET G 146 51.45 -30.04 9.56
CA MET G 146 50.77 -29.67 10.83
C MET G 146 49.42 -30.38 10.84
N LEU G 147 48.88 -30.64 12.04
CA LEU G 147 47.53 -31.25 12.19
C LEU G 147 46.54 -30.11 12.42
N ASP G 148 45.24 -30.43 12.40
CA ASP G 148 44.16 -29.48 12.78
C ASP G 148 43.43 -30.10 13.98
N CYS G 149 43.50 -29.41 15.12
CA CYS G 149 42.99 -29.90 16.44
C CYS G 149 41.87 -29.00 16.95
N PRO G 150 40.89 -29.57 17.67
CA PRO G 150 39.90 -28.78 18.38
C PRO G 150 40.57 -28.09 19.58
N GLU G 151 39.78 -27.56 20.52
CA GLU G 151 40.29 -26.83 21.71
C GLU G 151 41.17 -27.76 22.56
N LEU G 152 40.72 -29.00 22.77
CA LEU G 152 41.36 -29.98 23.69
C LEU G 152 42.07 -31.08 22.88
N GLY G 153 43.34 -31.31 23.20
CA GLY G 153 44.24 -32.19 22.44
C GLY G 153 44.06 -33.66 22.78
N TRP G 154 43.37 -34.00 23.87
CA TRP G 154 43.29 -35.40 24.37
C TRP G 154 42.29 -36.22 23.56
N GLY G 155 41.52 -35.59 22.66
CA GLY G 155 40.54 -36.29 21.81
C GLY G 155 41.23 -37.15 20.77
N SER G 156 40.47 -37.98 20.06
CA SER G 156 40.89 -38.81 18.90
C SER G 156 40.71 -38.06 17.57
N VAL G 157 41.75 -38.00 16.73
CA VAL G 157 41.66 -37.40 15.37
C VAL G 157 40.51 -38.08 14.62
N VAL G 158 40.44 -39.42 14.70
CA VAL G 158 39.38 -40.27 14.09
C VAL G 158 38.03 -40.00 14.76
N GLY G 159 37.94 -40.17 16.07
CA GLY G 159 36.67 -40.09 16.82
C GLY G 159 36.02 -38.74 16.65
N ASN G 160 36.82 -37.66 16.70
CA ASN G 160 36.37 -36.25 16.51
C ASN G 160 35.84 -36.04 15.08
N THR G 161 36.51 -36.64 14.09
CA THR G 161 36.06 -36.64 12.67
C THR G 161 34.72 -37.38 12.57
N LEU G 162 34.57 -38.54 13.21
CA LEU G 162 33.33 -39.36 13.11
C LEU G 162 32.12 -38.69 13.77
N ASP G 163 32.31 -37.62 14.57
CA ASP G 163 31.17 -36.80 15.06
C ASP G 163 31.19 -35.45 14.33
N ARG G 164 31.93 -35.36 13.23
CA ARG G 164 32.11 -34.13 12.40
C ARG G 164 32.54 -32.96 13.28
N GLY G 165 33.58 -33.20 14.08
CA GLY G 165 34.20 -32.17 14.91
C GLY G 165 34.93 -31.16 14.05
N VAL G 166 35.40 -30.09 14.65
CA VAL G 166 35.94 -28.90 13.91
C VAL G 166 37.20 -28.42 14.62
N GLY G 167 38.19 -27.96 13.84
CA GLY G 167 39.34 -27.18 14.31
C GLY G 167 39.32 -25.80 13.69
N TYR G 168 40.46 -25.10 13.72
CA TYR G 168 40.50 -23.63 13.49
C TYR G 168 41.65 -23.25 12.56
N THR G 169 42.33 -24.24 11.95
CA THR G 169 43.30 -24.02 10.84
C THR G 169 42.51 -24.02 9.53
N PRO G 170 43.12 -23.61 8.40
CA PRO G 170 42.47 -23.76 7.10
C PRO G 170 41.90 -25.17 6.87
N TYR G 171 42.45 -26.19 7.52
CA TYR G 171 41.96 -27.59 7.42
C TYR G 171 40.97 -27.87 8.54
N GLY G 172 40.20 -26.83 8.93
CA GLY G 172 39.25 -26.81 10.06
C GLY G 172 38.11 -27.81 9.92
N ASP G 173 37.66 -28.08 8.70
CA ASP G 173 36.53 -29.03 8.45
C ASP G 173 37.10 -30.47 8.41
N HIS G 174 37.13 -31.16 9.54
CA HIS G 174 37.82 -32.47 9.71
C HIS G 174 37.27 -33.49 8.72
N PHE G 175 35.95 -33.60 8.61
CA PHE G 175 35.31 -34.62 7.74
C PHE G 175 35.68 -34.38 6.27
N MET G 176 35.74 -33.13 5.82
CA MET G 176 36.14 -32.80 4.42
C MET G 176 37.47 -33.51 4.13
N TRP G 177 38.47 -33.26 4.99
CA TRP G 177 39.88 -33.71 4.83
C TRP G 177 40.02 -35.20 5.15
N GLN G 178 39.09 -35.78 5.92
CA GLN G 178 38.95 -37.25 6.01
C GLN G 178 38.99 -37.79 4.59
N THR G 179 39.89 -38.75 4.37
CA THR G 179 40.11 -39.44 3.08
C THR G 179 40.29 -40.92 3.36
N GLY G 180 39.28 -41.73 3.03
CA GLY G 180 39.33 -43.19 3.18
C GLY G 180 39.09 -43.57 4.62
N LEU G 181 38.34 -44.65 4.83
CA LEU G 181 38.27 -45.33 6.15
C LEU G 181 38.04 -46.82 5.93
N GLU G 182 38.38 -47.59 6.97
CA GLU G 182 38.00 -49.00 7.13
C GLU G 182 36.93 -49.04 8.21
N VAL G 183 35.92 -49.89 8.04
CA VAL G 183 34.77 -49.98 8.98
C VAL G 183 34.32 -51.44 9.07
N VAL G 184 34.01 -51.89 10.28
CA VAL G 184 33.33 -53.18 10.53
C VAL G 184 31.84 -52.86 10.55
N LEU G 185 31.12 -53.44 9.60
CA LEU G 185 29.67 -53.20 9.43
C LEU G 185 28.92 -53.97 10.51
N PRO G 186 27.63 -53.64 10.76
CA PRO G 186 26.94 -54.09 11.97
C PRO G 186 26.85 -55.61 12.21
N GLN G 187 27.10 -56.44 11.19
CA GLN G 187 27.07 -57.92 11.32
C GLN G 187 28.49 -58.51 11.25
N GLY G 188 29.52 -57.67 11.12
CA GLY G 188 30.92 -58.08 11.36
C GLY G 188 31.80 -58.09 10.12
N GLU G 189 31.23 -57.98 8.91
CA GLU G 189 32.04 -57.83 7.66
C GLU G 189 32.86 -56.55 7.82
N VAL G 190 34.01 -56.50 7.16
CA VAL G 190 34.86 -55.28 7.13
C VAL G 190 34.83 -54.72 5.70
N MET G 191 35.00 -53.41 5.55
CA MET G 191 34.88 -52.72 4.25
C MET G 191 35.81 -51.51 4.24
N ARG G 192 36.43 -51.24 3.11
CA ARG G 192 37.25 -50.02 2.91
C ARG G 192 36.53 -49.15 1.89
N THR G 193 36.45 -47.86 2.17
CA THR G 193 35.81 -46.86 1.30
C THR G 193 36.87 -46.28 0.37
N GLY G 194 36.42 -45.64 -0.72
CA GLY G 194 37.30 -44.93 -1.65
C GLY G 194 38.24 -45.90 -2.34
N MET G 195 39.48 -45.48 -2.54
CA MET G 195 40.46 -46.29 -3.29
C MET G 195 40.90 -47.48 -2.43
N GLY G 196 40.61 -47.42 -1.12
CA GLY G 196 40.85 -48.52 -0.17
C GLY G 196 40.19 -49.81 -0.64
N ALA G 197 39.10 -49.70 -1.40
CA ALA G 197 38.32 -50.87 -1.90
C ALA G 197 39.00 -51.52 -3.10
N LEU G 198 39.94 -50.82 -3.76
CA LEU G 198 40.77 -51.40 -4.86
C LEU G 198 42.08 -51.92 -4.27
N PRO G 199 42.27 -53.26 -4.18
CA PRO G 199 43.46 -53.84 -3.56
C PRO G 199 44.76 -53.34 -4.18
N GLY G 200 45.66 -52.81 -3.36
CA GLY G 200 47.01 -52.41 -3.79
C GLY G 200 47.06 -50.98 -4.28
N SER G 201 45.96 -50.24 -4.16
CA SER G 201 45.93 -48.79 -4.48
C SER G 201 46.73 -48.01 -3.43
N ASP G 202 47.59 -47.10 -3.88
CA ASP G 202 48.33 -46.14 -3.02
C ASP G 202 47.46 -44.91 -2.72
N ALA G 203 46.25 -44.83 -3.28
CA ALA G 203 45.48 -43.57 -3.38
C ALA G 203 44.41 -43.49 -2.29
N TRP G 204 44.35 -44.46 -1.37
CA TRP G 204 43.35 -44.50 -0.27
C TRP G 204 43.23 -43.14 0.42
N GLN G 205 44.34 -42.45 0.66
CA GLN G 205 44.39 -41.16 1.39
C GLN G 205 44.57 -39.97 0.43
N LEU G 206 44.47 -40.22 -0.89
CA LEU G 206 44.74 -39.19 -1.95
C LEU G 206 43.42 -38.74 -2.61
N PHE G 207 42.53 -39.70 -2.92
CA PHE G 207 41.25 -39.47 -3.62
C PHE G 207 40.12 -39.96 -2.72
N PRO G 208 39.25 -39.06 -2.21
CA PRO G 208 38.23 -39.44 -1.24
C PRO G 208 37.09 -40.32 -1.76
N TYR G 209 36.63 -40.09 -3.00
CA TYR G 209 35.32 -40.57 -3.51
C TYR G 209 35.38 -42.03 -3.97
N GLY G 210 36.50 -42.47 -4.53
CA GLY G 210 36.53 -43.77 -5.23
C GLY G 210 35.49 -43.83 -6.35
N PHE G 211 34.73 -44.91 -6.40
CA PHE G 211 33.83 -45.26 -7.52
C PHE G 211 32.48 -45.71 -6.97
N GLY G 212 31.41 -45.26 -7.63
CA GLY G 212 30.03 -45.48 -7.20
C GLY G 212 29.62 -44.47 -6.11
N PRO G 213 28.55 -44.80 -5.37
CA PRO G 213 28.05 -43.89 -4.34
C PRO G 213 29.12 -43.60 -3.27
N PHE G 214 29.26 -42.33 -2.90
CA PHE G 214 30.26 -41.84 -1.90
C PHE G 214 29.72 -42.04 -0.48
N PRO G 215 30.15 -43.10 0.24
CA PRO G 215 29.52 -43.47 1.51
C PRO G 215 30.15 -42.94 2.82
N ASP G 216 31.36 -42.38 2.79
CA ASP G 216 32.14 -42.06 4.01
C ASP G 216 31.29 -41.23 4.99
N GLY G 217 30.56 -40.24 4.49
CA GLY G 217 29.71 -39.34 5.30
C GLY G 217 28.68 -40.11 6.10
N MET G 218 28.18 -41.23 5.56
CA MET G 218 27.14 -42.06 6.23
C MET G 218 27.69 -42.75 7.48
N PHE G 219 28.98 -42.61 7.79
CA PHE G 219 29.61 -43.20 9.00
C PHE G 219 30.01 -42.09 9.98
N THR G 220 29.61 -40.85 9.70
CA THR G 220 29.77 -39.70 10.64
C THR G 220 28.42 -39.42 11.29
N GLN G 221 28.41 -39.01 12.56
CA GLN G 221 27.20 -38.85 13.41
C GLN G 221 26.27 -40.03 13.15
N SER G 222 26.84 -41.25 13.05
CA SER G 222 26.19 -42.45 12.47
C SER G 222 26.27 -43.64 13.42
N ASN G 223 25.49 -44.68 13.16
CA ASN G 223 25.52 -45.96 13.91
C ASN G 223 25.50 -47.12 12.91
N LEU G 224 26.23 -47.01 11.81
CA LEU G 224 26.22 -48.02 10.72
C LEU G 224 27.48 -48.88 10.77
N GLY G 225 28.33 -48.73 11.79
CA GLY G 225 29.50 -49.61 11.93
C GLY G 225 30.54 -49.09 12.89
N ILE G 226 31.63 -49.86 13.07
CA ILE G 226 32.75 -49.51 13.98
C ILE G 226 33.98 -49.27 13.11
N VAL G 227 34.44 -48.02 13.09
CA VAL G 227 35.57 -47.58 12.21
C VAL G 227 36.87 -48.01 12.88
N THR G 228 37.73 -48.70 12.15
CA THR G 228 38.98 -49.32 12.66
C THR G 228 40.21 -48.57 12.09
N LYS G 229 40.09 -47.99 10.89
CA LYS G 229 41.12 -47.09 10.32
C LYS G 229 40.43 -45.90 9.67
N MET G 230 41.14 -44.79 9.58
CA MET G 230 40.66 -43.56 8.92
C MET G 230 41.85 -42.76 8.45
N GLY G 231 41.83 -42.33 7.18
CA GLY G 231 42.82 -41.40 6.61
C GLY G 231 42.40 -39.97 6.86
N ILE G 232 43.36 -39.05 6.85
CA ILE G 232 43.06 -37.59 6.87
C ILE G 232 44.22 -36.86 6.20
N ALA G 233 43.89 -35.92 5.30
CA ALA G 233 44.87 -34.98 4.72
C ALA G 233 45.46 -34.12 5.86
N LEU G 234 46.74 -33.79 5.72
CA LEU G 234 47.47 -32.89 6.63
C LEU G 234 48.04 -31.75 5.79
N MET G 235 47.75 -30.53 6.20
CA MET G 235 48.25 -29.29 5.60
C MET G 235 49.76 -29.23 5.83
N GLN G 236 50.49 -28.62 4.91
CA GLN G 236 51.91 -28.23 5.11
C GLN G 236 51.94 -27.04 6.07
N ARG G 237 52.84 -27.05 7.05
CA ARG G 237 53.05 -25.87 7.94
C ARG G 237 53.58 -24.71 7.09
N PRO G 238 52.92 -23.55 7.11
CA PRO G 238 53.42 -22.38 6.38
C PRO G 238 54.68 -21.82 7.05
N PRO G 239 55.45 -20.99 6.33
CA PRO G 239 56.73 -20.47 6.85
C PRO G 239 56.60 -19.69 8.17
N ALA G 240 55.58 -18.85 8.29
CA ALA G 240 55.33 -18.04 9.51
C ALA G 240 53.82 -17.98 9.77
N SER G 241 53.44 -17.45 10.94
CA SER G 241 52.03 -17.22 11.35
C SER G 241 51.96 -16.05 12.32
N GLN G 242 50.84 -15.30 12.29
CA GLN G 242 50.54 -14.23 13.26
C GLN G 242 49.07 -14.34 13.70
N SER G 243 48.85 -14.54 15.00
CA SER G 243 47.51 -14.55 15.62
C SER G 243 47.22 -13.14 16.16
N PHE G 244 45.94 -12.78 16.23
CA PHE G 244 45.50 -11.44 16.66
C PHE G 244 44.18 -11.58 17.43
N LEU G 245 43.96 -10.63 18.36
CA LEU G 245 42.72 -10.45 19.12
C LEU G 245 42.15 -9.08 18.78
N ILE G 246 40.86 -9.00 18.45
CA ILE G 246 40.10 -7.72 18.34
C ILE G 246 39.06 -7.71 19.46
N THR G 247 39.19 -6.78 20.39
CA THR G 247 38.21 -6.54 21.47
C THR G 247 37.15 -5.58 20.93
N PHE G 248 35.88 -5.87 21.22
CA PHE G 248 34.73 -5.01 20.88
C PHE G 248 33.98 -4.72 22.18
N ASP G 249 33.77 -3.43 22.46
CA ASP G 249 33.35 -2.94 23.80
C ASP G 249 31.89 -3.33 24.09
N LYS G 250 31.01 -3.38 23.08
CA LYS G 250 29.53 -3.41 23.30
C LYS G 250 28.90 -4.74 22.88
N GLU G 251 27.90 -5.17 23.66
CA GLU G 251 26.98 -6.29 23.35
C GLU G 251 26.41 -6.13 21.93
N GLU G 252 26.04 -4.90 21.58
CA GLU G 252 25.31 -4.56 20.32
C GLU G 252 26.28 -4.57 19.13
N ASP G 253 27.60 -4.56 19.38
CA ASP G 253 28.64 -4.57 18.31
C ASP G 253 28.58 -5.89 17.52
N LEU G 254 28.09 -6.99 18.13
CA LEU G 254 27.95 -8.32 17.48
C LEU G 254 27.50 -8.15 16.03
N GLU G 255 26.49 -7.31 15.79
CA GLU G 255 25.83 -7.12 14.47
C GLU G 255 26.88 -6.73 13.41
N GLN G 256 27.58 -5.60 13.57
CA GLN G 256 28.56 -5.15 12.54
C GLN G 256 29.71 -6.15 12.46
N ILE G 257 30.10 -6.74 13.60
CA ILE G 257 31.25 -7.68 13.66
C ILE G 257 30.98 -8.79 12.64
N VAL G 258 29.87 -9.53 12.81
CA VAL G 258 29.48 -10.67 11.93
C VAL G 258 29.33 -10.20 10.48
N ASP G 259 28.80 -8.99 10.23
CA ASP G 259 28.54 -8.47 8.86
C ASP G 259 29.86 -8.04 8.17
N ILE G 260 30.88 -7.65 8.93
CA ILE G 260 32.25 -7.33 8.42
C ILE G 260 33.04 -8.65 8.28
N MET G 261 32.77 -9.60 9.16
CA MET G 261 33.47 -10.90 9.24
C MET G 261 33.25 -11.70 7.95
N LEU G 262 32.01 -11.75 7.45
CA LEU G 262 31.63 -12.62 6.30
C LEU G 262 32.39 -12.25 5.04
N PRO G 263 32.39 -10.97 4.58
CA PRO G 263 33.13 -10.62 3.36
C PRO G 263 34.61 -10.99 3.46
N LEU G 264 35.23 -10.85 4.63
CA LEU G 264 36.70 -11.06 4.79
C LEU G 264 37.00 -12.57 4.82
N ARG G 265 35.98 -13.42 4.89
CA ARG G 265 36.15 -14.88 5.15
C ARG G 265 35.70 -15.70 3.92
N ILE G 266 34.67 -15.30 3.19
CA ILE G 266 34.04 -16.18 2.16
C ILE G 266 35.06 -16.58 1.08
N ASN G 267 36.04 -15.72 0.81
CA ASN G 267 37.13 -15.97 -0.17
C ASN G 267 38.37 -16.51 0.55
N MET G 268 38.22 -17.02 1.79
CA MET G 268 39.31 -17.62 2.62
C MET G 268 40.52 -16.69 2.68
N ALA G 269 40.29 -15.37 2.61
CA ALA G 269 41.32 -14.32 2.78
C ALA G 269 40.64 -12.96 2.71
N PRO G 270 41.02 -11.97 3.54
CA PRO G 270 42.17 -12.09 4.44
C PRO G 270 42.02 -12.99 5.69
N LEU G 271 40.82 -13.46 6.03
CA LEU G 271 40.63 -14.39 7.18
C LEU G 271 40.91 -15.82 6.70
N GLN G 272 42.17 -16.25 6.80
CA GLN G 272 42.64 -17.54 6.23
C GLN G 272 42.19 -18.68 7.12
N ASN G 273 42.03 -18.43 8.43
CA ASN G 273 41.58 -19.49 9.38
C ASN G 273 40.12 -19.24 9.76
N VAL G 274 39.51 -20.22 10.43
CA VAL G 274 38.11 -20.16 10.95
C VAL G 274 38.04 -19.00 11.95
N PRO G 275 37.25 -17.93 11.68
CA PRO G 275 37.11 -16.81 12.60
C PRO G 275 36.24 -17.20 13.81
N VAL G 276 36.73 -16.99 15.03
CA VAL G 276 35.94 -17.19 16.28
C VAL G 276 35.76 -15.84 16.98
N LEU G 277 34.52 -15.56 17.36
CA LEU G 277 34.11 -14.38 18.17
C LEU G 277 33.57 -14.93 19.50
N ARG G 278 34.32 -14.71 20.57
CA ARG G 278 33.98 -15.24 21.93
C ARG G 278 33.45 -14.08 22.76
N ASN G 279 32.39 -14.30 23.56
CA ASN G 279 31.85 -13.30 24.51
C ASN G 279 32.74 -13.30 25.77
N ILE G 280 32.66 -12.21 26.56
CA ILE G 280 33.47 -11.98 27.79
C ILE G 280 33.30 -13.17 28.76
N PHE G 281 32.11 -13.79 28.80
CA PHE G 281 31.80 -14.97 29.63
C PHE G 281 32.75 -16.13 29.29
N MET G 282 32.90 -16.46 28.00
CA MET G 282 33.84 -17.53 27.52
C MET G 282 35.26 -17.22 28.00
N ASP G 283 35.73 -16.00 27.71
CA ASP G 283 37.15 -15.63 27.92
C ASP G 283 37.45 -15.54 29.42
N ALA G 284 36.52 -15.00 30.20
CA ALA G 284 36.63 -14.92 31.68
C ALA G 284 36.71 -16.34 32.25
N ALA G 285 35.80 -17.23 31.88
CA ALA G 285 35.71 -18.63 32.41
C ALA G 285 36.98 -19.43 32.07
N ALA G 286 37.72 -19.02 31.03
CA ALA G 286 38.99 -19.65 30.60
C ALA G 286 40.14 -19.31 31.55
N VAL G 287 40.06 -18.18 32.28
CA VAL G 287 41.20 -17.61 33.07
C VAL G 287 40.80 -17.36 34.55
N SER G 288 39.56 -17.64 34.96
CA SER G 288 39.05 -17.20 36.28
C SER G 288 37.80 -17.97 36.70
N LYS G 289 37.53 -17.96 38.01
CA LYS G 289 36.31 -18.50 38.66
C LYS G 289 35.20 -17.45 38.57
N ARG G 290 33.93 -17.89 38.61
CA ARG G 290 32.74 -17.00 38.67
C ARG G 290 32.83 -16.06 39.89
N THR G 291 33.21 -16.61 41.05
CA THR G 291 33.19 -15.93 42.37
C THR G 291 34.21 -14.77 42.44
N GLU G 292 35.17 -14.71 41.52
CA GLU G 292 36.11 -13.55 41.43
C GLU G 292 35.35 -12.28 41.05
N TRP G 293 34.20 -12.41 40.38
CA TRP G 293 33.43 -11.29 39.77
C TRP G 293 32.13 -11.06 40.54
N PHE G 294 31.43 -12.14 40.88
CA PHE G 294 30.07 -12.10 41.47
C PHE G 294 29.85 -13.36 42.30
N ASP G 295 29.57 -13.18 43.60
CA ASP G 295 29.31 -14.27 44.58
C ASP G 295 27.81 -14.31 44.90
N GLY G 296 27.01 -13.39 44.33
CA GLY G 296 25.55 -13.35 44.48
C GLY G 296 24.89 -14.45 43.66
N ASP G 297 23.57 -14.67 43.83
CA ASP G 297 22.80 -15.72 43.12
C ASP G 297 22.22 -15.14 41.83
N GLY G 298 21.91 -16.02 40.87
CA GLY G 298 21.20 -15.69 39.63
C GLY G 298 22.08 -14.93 38.64
N PRO G 299 21.49 -14.40 37.54
CA PRO G 299 22.26 -13.83 36.43
C PRO G 299 23.27 -12.77 36.86
N MET G 300 24.39 -12.67 36.15
CA MET G 300 25.49 -11.72 36.50
C MET G 300 25.09 -10.30 36.12
N PRO G 301 25.16 -9.34 37.06
CA PRO G 301 24.78 -7.97 36.76
C PRO G 301 25.80 -7.23 35.87
N ALA G 302 25.34 -6.14 35.25
CA ALA G 302 26.11 -5.24 34.36
C ALA G 302 27.45 -4.83 34.99
N GLU G 303 27.42 -4.42 36.26
CA GLU G 303 28.63 -4.00 37.04
C GLU G 303 29.70 -5.09 36.94
N ALA G 304 29.30 -6.34 37.18
CA ALA G 304 30.19 -7.53 37.25
C ALA G 304 30.82 -7.79 35.88
N ILE G 305 30.02 -7.68 34.82
CA ILE G 305 30.46 -7.82 33.40
C ILE G 305 31.51 -6.74 33.09
N GLU G 306 31.28 -5.49 33.48
CA GLU G 306 32.21 -4.35 33.24
C GLU G 306 33.53 -4.57 33.99
N ARG G 307 33.49 -5.25 35.14
CA ARG G 307 34.71 -5.55 35.95
C ARG G 307 35.57 -6.60 35.23
N MET G 308 34.93 -7.61 34.63
CA MET G 308 35.62 -8.64 33.81
C MET G 308 36.31 -7.95 32.62
N LYS G 309 35.59 -7.09 31.90
CA LYS G 309 36.14 -6.35 30.72
C LYS G 309 37.33 -5.49 31.16
N LYS G 310 37.14 -4.70 32.22
CA LYS G 310 38.15 -3.77 32.79
C LYS G 310 39.39 -4.56 33.20
N ASP G 311 39.22 -5.56 34.08
CA ASP G 311 40.32 -6.35 34.71
C ASP G 311 41.10 -7.13 33.65
N LEU G 312 40.40 -7.80 32.71
CA LEU G 312 41.02 -8.66 31.67
C LEU G 312 41.46 -7.83 30.46
N ASP G 313 41.11 -6.55 30.39
CA ASP G 313 41.36 -5.67 29.20
C ASP G 313 40.76 -6.32 27.94
N LEU G 314 39.55 -6.89 28.05
CA LEU G 314 38.79 -7.53 26.94
C LEU G 314 37.49 -6.78 26.69
N GLY G 315 36.90 -6.98 25.51
CA GLY G 315 35.57 -6.47 25.14
C GLY G 315 34.48 -7.45 25.56
N PHE G 316 33.23 -7.12 25.28
CA PHE G 316 32.09 -8.07 25.43
C PHE G 316 32.27 -9.19 24.40
N TRP G 317 32.57 -8.80 23.16
CA TRP G 317 32.90 -9.72 22.03
C TRP G 317 34.39 -9.61 21.70
N ASN G 318 35.07 -10.75 21.65
CA ASN G 318 36.53 -10.85 21.40
C ASN G 318 36.75 -11.73 20.18
N PHE G 319 37.30 -11.15 19.13
CA PHE G 319 37.59 -11.84 17.85
C PHE G 319 39.01 -12.41 17.88
N TYR G 320 39.17 -13.69 17.57
CA TYR G 320 40.48 -14.37 17.45
C TYR G 320 40.64 -14.95 16.04
N GLY G 321 41.69 -14.51 15.36
CA GLY G 321 42.09 -15.04 14.04
C GLY G 321 43.58 -15.32 13.98
N THR G 322 44.00 -16.04 12.95
CA THR G 322 45.43 -16.31 12.67
C THR G 322 45.64 -16.13 11.16
N LEU G 323 46.78 -15.55 10.81
CA LEU G 323 47.25 -15.38 9.41
C LEU G 323 48.46 -16.30 9.21
N TYR G 324 48.68 -16.75 7.97
CA TYR G 324 49.74 -17.70 7.58
C TYR G 324 50.46 -17.25 6.30
N GLY G 325 51.77 -17.46 6.24
CA GLY G 325 52.59 -17.34 5.03
C GLY G 325 53.76 -16.37 5.20
N PRO G 326 54.37 -15.91 4.09
CA PRO G 326 55.44 -14.93 4.15
C PRO G 326 55.04 -13.70 4.95
N PRO G 327 55.93 -13.09 5.76
CA PRO G 327 55.61 -11.87 6.53
C PRO G 327 54.94 -10.74 5.75
N PRO G 328 55.34 -10.42 4.49
CA PRO G 328 54.62 -9.42 3.69
C PRO G 328 53.13 -9.75 3.45
N LEU G 329 52.79 -11.02 3.22
CA LEU G 329 51.39 -11.47 3.03
C LEU G 329 50.60 -11.27 4.33
N ILE G 330 51.14 -11.73 5.46
CA ILE G 330 50.53 -11.61 6.82
C ILE G 330 50.25 -10.12 7.12
N GLU G 331 51.21 -9.27 6.79
CA GLU G 331 51.24 -7.79 7.02
C GLU G 331 50.07 -7.17 6.23
N MET G 332 49.93 -7.57 4.95
CA MET G 332 48.90 -7.07 4.00
C MET G 332 47.49 -7.43 4.50
N TYR G 333 47.27 -8.71 4.80
CA TYR G 333 45.99 -9.26 5.29
C TYR G 333 45.62 -8.60 6.61
N TYR G 334 46.59 -8.49 7.54
CA TYR G 334 46.37 -7.86 8.88
C TYR G 334 45.99 -6.39 8.66
N GLY G 335 46.62 -5.73 7.67
CA GLY G 335 46.30 -4.35 7.25
C GLY G 335 44.87 -4.21 6.78
N MET G 336 44.36 -5.20 6.03
CA MET G 336 42.95 -5.23 5.52
C MET G 336 41.98 -5.47 6.68
N ILE G 337 42.35 -6.33 7.63
CA ILE G 337 41.49 -6.74 8.78
C ILE G 337 41.31 -5.55 9.73
N LYS G 338 42.36 -4.76 9.99
CA LYS G 338 42.27 -3.53 10.82
C LYS G 338 41.41 -2.47 10.14
N GLU G 339 41.60 -2.24 8.83
CA GLU G 339 40.79 -1.28 8.02
C GLU G 339 39.30 -1.60 8.22
N ALA G 340 38.92 -2.86 7.97
CA ALA G 340 37.53 -3.36 7.94
C ALA G 340 36.91 -3.25 9.33
N PHE G 341 37.48 -3.96 10.32
CA PHE G 341 36.94 -4.04 11.70
C PHE G 341 37.13 -2.70 12.43
N GLY G 342 38.11 -1.90 12.02
CA GLY G 342 38.42 -0.56 12.60
C GLY G 342 37.25 0.41 12.49
N LYS G 343 36.31 0.15 11.58
CA LYS G 343 35.13 1.02 11.32
C LYS G 343 34.07 0.76 12.39
N ILE G 344 34.27 -0.24 13.26
CA ILE G 344 33.50 -0.40 14.53
C ILE G 344 34.14 0.50 15.58
N PRO G 345 33.42 1.51 16.13
CA PRO G 345 33.93 2.29 17.26
C PRO G 345 34.22 1.39 18.48
N GLY G 346 35.34 1.65 19.16
CA GLY G 346 35.76 0.93 20.39
C GLY G 346 36.56 -0.33 20.11
N ALA G 347 36.70 -0.74 18.84
CA ALA G 347 37.53 -1.90 18.43
C ALA G 347 39.00 -1.61 18.76
N ARG G 348 39.68 -2.56 19.38
CA ARG G 348 41.14 -2.49 19.68
C ARG G 348 41.79 -3.79 19.25
N PHE G 349 43.01 -3.68 18.70
CA PHE G 349 43.76 -4.78 18.05
C PHE G 349 44.99 -5.14 18.88
N PHE G 350 45.30 -6.43 18.94
CA PHE G 350 46.49 -7.00 19.61
C PHE G 350 46.97 -8.22 18.83
N THR G 351 48.26 -8.26 18.49
CA THR G 351 48.94 -9.47 17.98
C THR G 351 49.36 -10.35 19.18
N HIS G 352 49.69 -11.62 18.94
CA HIS G 352 50.06 -12.61 19.99
C HIS G 352 51.34 -12.18 20.73
N GLU G 353 52.14 -11.30 20.12
CA GLU G 353 53.39 -10.73 20.70
C GLU G 353 53.08 -9.60 21.68
N GLU G 354 51.86 -9.03 21.67
CA GLU G 354 51.55 -7.72 22.31
C GLU G 354 50.76 -7.87 23.62
N ARG G 355 50.51 -9.10 24.11
CA ARG G 355 49.71 -9.30 25.34
C ARG G 355 50.15 -10.56 26.08
N ASP G 356 50.90 -10.37 27.18
CA ASP G 356 51.35 -11.43 28.12
C ASP G 356 50.56 -11.35 29.42
N ASP G 357 49.53 -10.49 29.50
CA ASP G 357 48.65 -10.35 30.70
C ASP G 357 47.67 -11.52 30.72
N ARG G 358 46.83 -11.61 31.76
CA ARG G 358 45.98 -12.81 32.02
C ARG G 358 44.81 -12.84 31.03
N GLY G 359 44.38 -11.68 30.52
CA GLY G 359 43.35 -11.58 29.46
C GLY G 359 43.86 -12.09 28.12
N GLY G 360 45.16 -11.95 27.87
CA GLY G 360 45.84 -12.42 26.63
C GLY G 360 46.06 -13.91 26.63
N HIS G 361 45.71 -14.63 27.71
CA HIS G 361 45.97 -16.10 27.87
C HIS G 361 45.17 -16.92 26.86
N VAL G 362 43.93 -16.52 26.58
CA VAL G 362 43.08 -17.18 25.55
C VAL G 362 43.72 -16.94 24.17
N LEU G 363 44.14 -15.71 23.85
CA LEU G 363 44.84 -15.39 22.58
C LEU G 363 46.07 -16.30 22.42
N GLN G 364 46.85 -16.53 23.48
CA GLN G 364 48.04 -17.41 23.45
C GLN G 364 47.60 -18.85 23.21
N ASP G 365 46.42 -19.24 23.70
CA ASP G 365 45.85 -20.60 23.48
C ASP G 365 45.42 -20.70 22.00
N ARG G 366 44.78 -19.68 21.45
CA ARG G 366 44.33 -19.67 20.03
C ARG G 366 45.57 -19.72 19.13
N HIS G 367 46.62 -18.98 19.46
CA HIS G 367 47.89 -18.96 18.69
C HIS G 367 48.47 -20.38 18.59
N LYS G 368 48.24 -21.21 19.62
CA LYS G 368 48.69 -22.62 19.65
C LYS G 368 47.74 -23.48 18.80
N ILE G 369 46.43 -23.39 19.07
CA ILE G 369 45.39 -24.26 18.45
C ILE G 369 45.33 -23.96 16.93
N ASN G 370 45.41 -22.68 16.56
CA ASN G 370 45.32 -22.20 15.15
C ASN G 370 46.59 -22.58 14.37
N ASN G 371 47.66 -23.02 15.06
CA ASN G 371 48.92 -23.48 14.45
C ASN G 371 49.09 -24.99 14.66
N GLY G 372 48.01 -25.71 14.97
CA GLY G 372 47.98 -27.19 15.05
C GLY G 372 48.84 -27.71 16.19
N ILE G 373 49.05 -26.87 17.22
CA ILE G 373 49.73 -27.21 18.50
C ILE G 373 48.63 -27.52 19.52
N PRO G 374 48.36 -28.80 19.83
CA PRO G 374 47.27 -29.15 20.74
C PRO G 374 47.49 -28.54 22.13
N SER G 375 46.41 -28.38 22.88
CA SER G 375 46.38 -27.71 24.20
C SER G 375 45.30 -28.36 25.05
N LEU G 376 45.41 -28.22 26.38
CA LEU G 376 44.33 -28.53 27.35
C LEU G 376 44.01 -27.30 28.20
N ASP G 377 44.58 -26.13 27.86
CA ASP G 377 44.38 -24.87 28.64
C ASP G 377 42.88 -24.61 28.83
N GLU G 378 42.07 -24.86 27.80
CA GLU G 378 40.62 -24.55 27.76
C GLU G 378 39.85 -25.43 28.76
N LEU G 379 40.48 -26.45 29.37
CA LEU G 379 39.89 -27.24 30.48
C LEU G 379 39.63 -26.35 31.70
N GLN G 380 40.34 -25.22 31.83
CA GLN G 380 40.19 -24.25 32.95
C GLN G 380 38.77 -23.67 32.96
N LEU G 381 38.09 -23.71 31.80
CA LEU G 381 36.67 -23.30 31.61
C LEU G 381 35.77 -23.95 32.67
N LEU G 382 36.03 -25.22 33.03
CA LEU G 382 35.20 -26.02 33.96
C LEU G 382 35.52 -25.70 35.43
N ASP G 383 36.40 -24.73 35.72
CA ASP G 383 36.68 -24.22 37.09
C ASP G 383 35.88 -22.94 37.33
N TRP G 384 35.05 -22.51 36.37
CA TRP G 384 34.11 -21.36 36.49
C TRP G 384 33.26 -21.51 37.76
N VAL G 385 32.68 -22.70 37.96
CA VAL G 385 31.88 -23.07 39.16
C VAL G 385 32.39 -24.40 39.69
N PRO G 386 32.16 -24.72 40.99
CA PRO G 386 32.57 -26.01 41.56
C PRO G 386 31.91 -27.21 40.85
N ASN G 387 32.68 -28.29 40.67
CA ASN G 387 32.27 -29.57 40.04
C ASN G 387 31.86 -29.31 38.59
N GLY G 388 32.55 -28.36 37.95
CA GLY G 388 32.20 -27.77 36.64
C GLY G 388 32.04 -28.82 35.56
N GLY G 389 30.88 -28.77 34.88
CA GLY G 389 30.59 -29.47 33.62
C GLY G 389 30.09 -28.51 32.55
N HIS G 390 30.01 -28.95 31.29
CA HIS G 390 29.37 -28.21 30.17
C HIS G 390 28.51 -29.16 29.32
N ILE G 391 27.50 -28.57 28.70
CA ILE G 391 26.79 -29.19 27.53
C ILE G 391 27.04 -28.26 26.34
N GLY G 392 27.26 -28.86 25.17
CA GLY G 392 27.38 -28.15 23.89
C GLY G 392 26.02 -27.93 23.27
N PHE G 393 25.66 -26.66 23.06
CA PHE G 393 24.47 -26.26 22.29
C PHE G 393 24.92 -25.37 21.15
N VAL G 394 24.72 -25.84 19.92
CA VAL G 394 25.36 -25.18 18.75
C VAL G 394 24.41 -25.23 17.55
N PRO G 395 23.47 -24.25 17.47
CA PRO G 395 22.65 -24.07 16.27
C PRO G 395 23.41 -23.47 15.09
N VAL G 396 23.08 -23.94 13.88
CA VAL G 396 23.62 -23.43 12.59
C VAL G 396 22.72 -22.30 12.10
N SER G 397 23.35 -21.20 11.73
CA SER G 397 22.75 -19.89 11.40
C SER G 397 23.29 -19.45 10.03
N ALA G 398 22.63 -18.51 9.36
CA ALA G 398 23.23 -17.75 8.23
C ALA G 398 24.15 -16.69 8.82
N PRO G 399 25.32 -16.41 8.21
CA PRO G 399 26.28 -15.45 8.75
C PRO G 399 25.88 -13.99 8.52
N ASP G 400 24.83 -13.56 9.23
CA ASP G 400 24.26 -12.20 9.15
C ASP G 400 24.32 -11.58 10.56
N GLY G 401 24.57 -10.28 10.65
CA GLY G 401 24.63 -9.51 11.90
C GLY G 401 23.34 -9.62 12.70
N ARG G 402 22.20 -9.37 12.07
CA ARG G 402 20.88 -9.35 12.76
C ARG G 402 20.51 -10.77 13.19
N GLU G 403 20.75 -11.76 12.34
CA GLU G 403 20.46 -13.18 12.65
C GLU G 403 21.28 -13.59 13.88
N ALA G 404 22.49 -13.05 14.03
CA ALA G 404 23.39 -13.27 15.19
C ALA G 404 22.79 -12.59 16.41
N MET G 405 22.36 -11.34 16.26
CA MET G 405 21.72 -10.50 17.30
C MET G 405 20.47 -11.19 17.86
N LYS G 406 19.64 -11.75 16.99
CA LYS G 406 18.37 -12.45 17.35
C LYS G 406 18.72 -13.70 18.17
N GLN G 407 19.77 -14.41 17.74
CA GLN G 407 20.21 -15.70 18.32
C GLN G 407 20.86 -15.43 19.69
N PHE G 408 21.65 -14.36 19.77
CA PHE G 408 22.29 -13.84 21.00
C PHE G 408 21.22 -13.68 22.09
N GLU G 409 20.20 -12.89 21.79
CA GLU G 409 19.14 -12.48 22.74
C GLU G 409 18.28 -13.69 23.12
N MET G 410 17.79 -14.42 22.12
CA MET G 410 16.94 -15.64 22.23
C MET G 410 17.54 -16.63 23.24
N VAL G 411 18.86 -16.85 23.22
CA VAL G 411 19.56 -17.86 24.05
C VAL G 411 19.86 -17.26 25.44
N ARG G 412 20.37 -16.01 25.52
CA ARG G 412 20.64 -15.28 26.80
C ARG G 412 19.40 -15.32 27.69
N ASN G 413 18.24 -14.92 27.14
CA ASN G 413 16.95 -14.90 27.86
C ASN G 413 16.71 -16.27 28.53
N ARG G 414 16.78 -17.35 27.76
CA ARG G 414 16.48 -18.72 28.26
C ARG G 414 17.55 -19.17 29.25
N ALA G 415 18.81 -18.80 29.02
CA ALA G 415 19.94 -19.04 29.95
C ALA G 415 19.66 -18.32 31.27
N ASN G 416 19.27 -17.04 31.21
CA ASN G 416 18.89 -16.21 32.39
C ASN G 416 17.78 -16.89 33.20
N GLU G 417 16.70 -17.36 32.57
CA GLU G 417 15.51 -17.84 33.33
C GLU G 417 15.81 -19.24 33.92
N TYR G 418 16.76 -20.00 33.37
CA TYR G 418 17.18 -21.31 33.94
C TYR G 418 18.46 -21.16 34.77
N ASN G 419 18.86 -19.92 35.05
CA ASN G 419 19.97 -19.58 35.97
C ASN G 419 21.25 -20.31 35.54
N LYS G 420 21.56 -20.23 34.24
CA LYS G 420 22.88 -20.60 33.66
C LYS G 420 23.47 -19.34 33.02
N ASP G 421 24.79 -19.21 33.06
CA ASP G 421 25.53 -18.13 32.38
C ASP G 421 25.57 -18.43 30.88
N TYR G 422 25.62 -17.38 30.07
CA TYR G 422 25.65 -17.42 28.57
C TYR G 422 27.11 -17.38 28.09
N MET G 423 27.75 -18.56 28.02
CA MET G 423 29.10 -18.78 27.44
C MET G 423 28.92 -19.16 25.97
N ALA G 424 29.13 -18.21 25.06
CA ALA G 424 28.86 -18.37 23.61
C ALA G 424 30.01 -17.81 22.77
N SER G 425 30.30 -18.51 21.68
CA SER G 425 31.14 -18.04 20.56
C SER G 425 30.26 -17.99 19.31
N PHE G 426 30.48 -17.01 18.43
CA PHE G 426 29.98 -17.00 17.04
C PHE G 426 31.14 -17.32 16.09
N ILE G 427 31.11 -18.54 15.54
CA ILE G 427 32.15 -19.07 14.62
C ILE G 427 31.53 -19.15 13.23
N ILE G 428 32.35 -18.95 12.20
CA ILE G 428 31.90 -18.98 10.79
C ILE G 428 32.85 -19.88 9.99
N GLY G 429 32.30 -20.85 9.25
CA GLY G 429 33.00 -21.58 8.17
C GLY G 429 33.16 -20.67 6.96
N LEU G 430 32.76 -21.12 5.78
CA LEU G 430 32.73 -20.24 4.58
C LEU G 430 31.42 -19.46 4.57
N ARG G 431 30.30 -20.15 4.63
CA ARG G 431 28.98 -19.59 4.34
C ARG G 431 28.00 -19.83 5.50
N GLU G 432 28.40 -20.59 6.53
CA GLU G 432 27.53 -20.98 7.67
C GLU G 432 28.09 -20.36 8.95
N MET G 433 27.20 -20.08 9.90
CA MET G 433 27.54 -19.56 11.25
C MET G 433 27.12 -20.59 12.28
N TYR G 434 28.02 -20.86 13.23
CA TYR G 434 27.76 -21.68 14.45
C TYR G 434 27.59 -20.73 15.62
N HIS G 435 26.50 -20.90 16.37
CA HIS G 435 26.30 -20.29 17.72
C HIS G 435 26.75 -21.34 18.74
N VAL G 436 28.04 -21.32 19.08
CA VAL G 436 28.66 -22.31 20.01
C VAL G 436 28.40 -21.82 21.43
N CYS G 437 27.46 -22.47 22.13
CA CYS G 437 27.06 -22.20 23.53
C CYS G 437 27.52 -23.36 24.41
N LEU G 438 28.47 -23.09 25.32
CA LEU G 438 28.85 -24.01 26.42
C LEU G 438 28.12 -23.51 27.67
N PHE G 439 27.19 -24.29 28.19
CA PHE G 439 26.53 -24.01 29.50
C PHE G 439 27.30 -24.75 30.60
N ILE G 440 28.02 -24.00 31.43
CA ILE G 440 28.84 -24.58 32.54
C ILE G 440 27.98 -24.63 33.80
N TYR G 441 27.96 -25.79 34.46
CA TYR G 441 27.07 -26.06 35.62
C TYR G 441 27.73 -27.04 36.60
N ASP G 442 27.29 -26.97 37.87
CA ASP G 442 27.65 -27.91 38.96
C ASP G 442 27.08 -29.29 38.63
N THR G 443 27.94 -30.23 38.23
CA THR G 443 27.57 -31.62 37.84
C THR G 443 27.08 -32.42 39.05
N ALA G 444 27.39 -31.98 40.27
CA ALA G 444 27.05 -32.67 41.53
C ALA G 444 25.63 -32.30 41.98
N ASP G 445 25.07 -31.22 41.43
CA ASP G 445 23.75 -30.66 41.82
C ASP G 445 22.65 -31.22 40.91
N PRO G 446 21.89 -32.29 41.31
CA PRO G 446 20.79 -32.81 40.49
C PRO G 446 19.82 -31.74 39.96
N GLU G 447 19.66 -30.62 40.67
CA GLU G 447 18.79 -29.51 40.23
C GLU G 447 19.42 -28.85 39.01
N ALA G 448 20.70 -28.45 39.11
CA ALA G 448 21.47 -27.81 38.01
C ALA G 448 21.47 -28.73 36.78
N ARG G 449 21.59 -30.05 36.98
CA ARG G 449 21.55 -31.08 35.90
C ARG G 449 20.19 -31.02 35.19
N GLU G 450 19.10 -31.04 35.95
CA GLU G 450 17.72 -31.04 35.38
C GLU G 450 17.49 -29.71 34.65
N GLU G 451 17.87 -28.60 35.28
CA GLU G 451 17.78 -27.24 34.68
C GLU G 451 18.45 -27.25 33.30
N ILE G 452 19.65 -27.84 33.20
CA ILE G 452 20.42 -27.97 31.93
C ILE G 452 19.58 -28.77 30.93
N LEU G 453 19.08 -29.95 31.31
CA LEU G 453 18.30 -30.83 30.42
C LEU G 453 17.06 -30.07 29.91
N GLN G 454 16.30 -29.41 30.80
CA GLN G 454 15.03 -28.72 30.42
C GLN G 454 15.35 -27.45 29.63
N MET G 455 16.43 -26.75 29.97
CA MET G 455 16.82 -25.48 29.29
C MET G 455 17.18 -25.78 27.84
N THR G 456 18.03 -26.77 27.58
CA THR G 456 18.50 -27.13 26.23
C THR G 456 17.30 -27.64 25.42
N LYS G 457 16.44 -28.48 26.00
CA LYS G 457 15.21 -28.98 25.32
C LYS G 457 14.41 -27.79 24.79
N VAL G 458 14.29 -26.72 25.58
CA VAL G 458 13.58 -25.46 25.20
C VAL G 458 14.39 -24.74 24.10
N LEU G 459 15.70 -24.62 24.28
CA LEU G 459 16.60 -23.91 23.34
C LEU G 459 16.59 -24.58 21.96
N VAL G 460 16.52 -25.92 21.91
CA VAL G 460 16.48 -26.73 20.65
C VAL G 460 15.18 -26.47 19.90
N ARG G 461 14.03 -26.56 20.59
CA ARG G 461 12.68 -26.38 20.00
C ARG G 461 12.52 -24.91 19.56
N GLU G 462 13.01 -23.97 20.39
CA GLU G 462 12.89 -22.52 20.13
C GLU G 462 13.77 -22.14 18.94
N ALA G 463 15.00 -22.68 18.89
CA ALA G 463 15.98 -22.47 17.80
C ALA G 463 15.38 -22.99 16.48
N ALA G 464 14.78 -24.18 16.49
CA ALA G 464 14.18 -24.84 15.31
C ALA G 464 12.95 -24.06 14.81
N GLU G 465 12.14 -23.50 15.72
CA GLU G 465 10.96 -22.66 15.38
C GLU G 465 11.44 -21.38 14.70
N ALA G 466 12.68 -20.95 14.97
CA ALA G 466 13.29 -19.76 14.33
C ALA G 466 14.10 -20.16 13.09
N GLY G 467 14.14 -21.46 12.75
CA GLY G 467 14.73 -22.01 11.51
C GLY G 467 16.21 -22.37 11.65
N TYR G 468 16.66 -22.63 12.87
CA TYR G 468 18.07 -22.99 13.20
C TYR G 468 18.13 -24.46 13.62
N GLY G 469 18.87 -25.28 12.88
CA GLY G 469 19.17 -26.68 13.24
C GLY G 469 20.50 -26.79 13.95
N GLU G 470 20.67 -27.82 14.79
CA GLU G 470 21.93 -28.06 15.53
C GLU G 470 22.81 -28.93 14.64
N TYR G 471 24.11 -28.64 14.59
CA TYR G 471 25.11 -29.42 13.79
C TYR G 471 25.51 -30.65 14.60
N ARG G 472 25.28 -30.61 15.92
CA ARG G 472 25.81 -31.62 16.87
C ARG G 472 25.14 -31.42 18.24
N THR G 473 24.84 -32.52 18.94
CA THR G 473 24.17 -32.42 20.26
C THR G 473 24.50 -33.62 21.15
N HIS G 474 24.11 -33.48 22.42
CA HIS G 474 24.30 -34.47 23.52
C HIS G 474 23.30 -35.64 23.38
N ASN G 475 23.69 -36.83 23.85
CA ASN G 475 22.86 -38.06 23.91
C ASN G 475 21.42 -37.74 24.32
N ALA G 476 21.23 -36.85 25.30
CA ALA G 476 19.93 -36.55 25.95
C ALA G 476 18.99 -35.80 25.01
N LEU G 477 19.50 -35.20 23.93
CA LEU G 477 18.77 -34.29 23.02
C LEU G 477 18.68 -34.84 21.58
N MET G 478 19.26 -36.00 21.31
CA MET G 478 19.41 -36.56 19.93
C MET G 478 18.02 -36.83 19.33
N ASP G 479 17.09 -37.37 20.12
CA ASP G 479 15.71 -37.62 19.64
C ASP G 479 15.06 -36.26 19.36
N ASP G 480 15.17 -35.31 20.29
CA ASP G 480 14.57 -33.96 20.18
C ASP G 480 15.13 -33.27 18.93
N VAL G 481 16.45 -33.29 18.75
CA VAL G 481 17.10 -32.59 17.61
C VAL G 481 16.66 -33.23 16.30
N MET G 482 16.85 -34.54 16.14
CA MET G 482 16.46 -35.24 14.88
C MET G 482 14.99 -34.94 14.55
N ALA G 483 14.12 -34.84 15.55
CA ALA G 483 12.68 -34.54 15.37
C ALA G 483 12.47 -33.21 14.63
N THR G 484 13.41 -32.26 14.75
CA THR G 484 13.29 -30.90 14.16
C THR G 484 13.57 -30.94 12.65
N PHE G 485 14.25 -31.98 12.14
CA PHE G 485 14.60 -32.14 10.69
C PHE G 485 13.50 -32.96 10.00
N ASN G 486 12.25 -32.55 10.22
CA ASN G 486 11.05 -33.36 9.92
C ASN G 486 10.40 -32.91 8.60
N TRP G 487 11.16 -32.25 7.71
CA TRP G 487 10.65 -31.80 6.39
C TRP G 487 10.06 -33.03 5.69
N GLY G 488 8.94 -32.85 4.98
CA GLY G 488 8.27 -33.93 4.22
C GLY G 488 7.88 -35.07 5.13
N ASP G 489 7.37 -34.75 6.33
CA ASP G 489 6.85 -35.74 7.30
C ASP G 489 7.99 -36.65 7.78
N GLY G 490 9.10 -36.05 8.25
CA GLY G 490 10.29 -36.79 8.72
C GLY G 490 10.81 -37.77 7.68
N ALA G 491 10.92 -37.32 6.42
CA ALA G 491 11.47 -38.11 5.30
C ALA G 491 12.94 -38.47 5.57
N LEU G 492 13.72 -37.55 6.16
CA LEU G 492 15.16 -37.78 6.44
C LEU G 492 15.32 -38.92 7.46
N LEU G 493 14.56 -38.89 8.55
CA LEU G 493 14.66 -39.95 9.57
C LEU G 493 14.20 -41.29 8.98
N LYS G 494 13.13 -41.32 8.19
CA LYS G 494 12.62 -42.57 7.56
C LYS G 494 13.68 -43.17 6.64
N PHE G 495 14.42 -42.30 5.94
CA PHE G 495 15.53 -42.70 5.04
C PHE G 495 16.61 -43.37 5.89
N HIS G 496 17.08 -42.68 6.93
CA HIS G 496 18.15 -43.16 7.85
C HIS G 496 17.74 -44.48 8.48
N GLU G 497 16.47 -44.64 8.84
CA GLU G 497 15.91 -45.84 9.51
C GLU G 497 16.02 -47.05 8.56
N LYS G 498 15.53 -46.91 7.33
CA LYS G 498 15.51 -48.04 6.35
C LYS G 498 16.94 -48.50 6.07
N ILE G 499 17.90 -47.57 6.00
CA ILE G 499 19.33 -47.90 5.80
C ILE G 499 19.83 -48.62 7.05
N LYS G 500 19.58 -48.05 8.23
CA LYS G 500 19.93 -48.65 9.55
C LYS G 500 19.46 -50.11 9.60
N ASP G 501 18.21 -50.37 9.23
CA ASP G 501 17.62 -51.74 9.35
C ASP G 501 18.19 -52.68 8.28
N ALA G 502 18.60 -52.18 7.12
CA ALA G 502 19.18 -53.03 6.05
C ALA G 502 20.56 -53.53 6.48
N LEU G 503 21.43 -52.63 6.99
CA LEU G 503 22.83 -52.96 7.40
C LEU G 503 22.86 -53.64 8.77
N ASP G 504 21.90 -53.32 9.66
CA ASP G 504 21.90 -53.72 11.10
C ASP G 504 20.57 -54.39 11.43
N PRO G 505 20.28 -55.58 10.82
CA PRO G 505 18.99 -56.23 10.97
C PRO G 505 18.70 -56.61 12.43
N ASN G 506 19.74 -56.81 13.25
CA ASN G 506 19.60 -57.19 14.69
C ASN G 506 19.67 -55.95 15.61
N GLY G 507 19.86 -54.76 15.03
CA GLY G 507 19.81 -53.48 15.77
C GLY G 507 20.86 -53.40 16.85
N ILE G 508 22.13 -53.63 16.50
CA ILE G 508 23.26 -53.80 17.46
C ILE G 508 24.01 -52.47 17.68
N ILE G 509 24.38 -51.74 16.62
CA ILE G 509 25.33 -50.60 16.72
C ILE G 509 24.58 -49.37 17.23
N ALA G 510 25.09 -48.78 18.32
CA ALA G 510 24.70 -47.50 18.96
C ALA G 510 23.24 -47.12 18.69
N PRO G 511 22.24 -47.90 19.19
CA PRO G 511 20.85 -47.53 18.98
C PRO G 511 20.59 -46.13 19.52
N GLY G 512 19.91 -45.30 18.72
CA GLY G 512 19.44 -43.95 19.09
C GLY G 512 20.46 -42.85 18.80
N LYS G 513 21.66 -43.19 18.34
CA LYS G 513 22.67 -42.20 17.89
C LYS G 513 21.99 -41.34 16.80
N SER G 514 22.08 -40.01 16.93
CA SER G 514 21.45 -39.03 16.02
C SER G 514 19.97 -39.36 15.82
N GLY G 515 19.31 -39.91 16.85
CA GLY G 515 17.86 -40.20 16.89
C GLY G 515 17.48 -41.36 15.99
N ILE G 516 18.46 -42.15 15.54
CA ILE G 516 18.24 -43.26 14.58
C ILE G 516 18.16 -44.58 15.36
N TRP G 517 16.95 -45.12 15.51
CA TRP G 517 16.66 -46.36 16.27
C TRP G 517 16.41 -47.50 15.30
N PRO G 518 17.02 -48.69 15.46
CA PRO G 518 16.68 -49.85 14.64
C PRO G 518 15.29 -50.36 15.05
N GLN G 519 14.71 -51.24 14.22
CA GLN G 519 13.28 -51.66 14.25
C GLN G 519 12.87 -52.14 15.64
N ARG G 520 13.72 -52.92 16.31
CA ARG G 520 13.36 -53.63 17.57
C ARG G 520 13.19 -52.64 18.74
N PHE G 521 13.74 -51.42 18.65
CA PHE G 521 13.69 -50.40 19.72
C PHE G 521 12.69 -49.28 19.40
N ARG G 522 12.01 -49.32 18.25
CA ARG G 522 11.24 -48.14 17.78
C ARG G 522 9.89 -48.09 18.50
N GLY G 523 9.68 -47.03 19.29
CA GLY G 523 8.43 -46.71 20.00
C GLY G 523 8.45 -47.08 21.47
N GLN G 524 9.63 -47.40 22.03
CA GLN G 524 9.79 -48.02 23.37
C GLN G 524 10.22 -47.00 24.43
N ASN G 525 10.55 -45.75 24.05
CA ASN G 525 10.92 -44.69 25.02
C ASN G 525 12.19 -45.12 25.78
N LEU G 526 13.28 -45.39 25.05
CA LEU G 526 14.54 -46.05 25.54
C LEU G 526 14.25 -47.52 25.85
N THR H 2 28.15 22.11 -25.82
CA THR H 2 27.95 23.60 -25.79
C THR H 2 27.53 24.09 -27.18
N ARG H 3 27.71 25.38 -27.47
CA ARG H 3 27.18 26.10 -28.65
C ARG H 3 28.17 26.04 -29.81
N THR H 4 27.78 25.42 -30.93
CA THR H 4 28.57 25.37 -32.19
C THR H 4 28.74 26.78 -32.74
N LEU H 5 29.98 27.27 -32.85
CA LEU H 5 30.30 28.60 -33.45
C LEU H 5 31.16 28.43 -34.69
N PRO H 6 31.08 29.36 -35.65
CA PRO H 6 32.03 29.41 -36.76
C PRO H 6 33.47 29.58 -36.25
N PRO H 7 34.46 28.94 -36.87
CA PRO H 7 35.86 29.15 -36.50
C PRO H 7 36.22 30.65 -36.41
N GLY H 8 36.73 31.06 -35.25
CA GLY H 8 37.32 32.39 -35.04
C GLY H 8 36.27 33.46 -34.84
N VAL H 9 35.01 33.06 -34.56
CA VAL H 9 33.85 33.97 -34.40
C VAL H 9 33.28 33.81 -32.99
N SER H 10 33.27 34.89 -32.21
CA SER H 10 32.76 34.96 -30.80
C SER H 10 31.25 34.77 -30.76
N ASP H 11 30.69 34.47 -29.59
CA ASP H 11 29.21 34.37 -29.36
C ASP H 11 28.54 35.66 -29.83
N GLU H 12 29.13 36.80 -29.47
CA GLU H 12 28.56 38.15 -29.69
C GLU H 12 28.58 38.49 -31.19
N ARG H 13 29.69 38.24 -31.88
CA ARG H 13 29.81 38.49 -33.35
C ARG H 13 28.77 37.64 -34.08
N PHE H 14 28.65 36.35 -33.73
CA PHE H 14 27.72 35.38 -34.36
C PHE H 14 26.27 35.82 -34.15
N ASP H 15 25.92 36.21 -32.92
CA ASP H 15 24.56 36.73 -32.56
C ASP H 15 24.22 37.92 -33.46
N ALA H 16 25.18 38.83 -33.68
CA ALA H 16 25.03 40.00 -34.58
C ALA H 16 24.79 39.51 -36.01
N ALA H 17 25.55 38.50 -36.48
CA ALA H 17 25.44 37.95 -37.84
C ALA H 17 24.11 37.23 -37.99
N LEU H 18 23.72 36.45 -36.98
CA LEU H 18 22.40 35.74 -36.97
C LEU H 18 21.28 36.77 -37.17
N GLN H 19 21.31 37.88 -36.45
CA GLN H 19 20.26 38.93 -36.51
C GLN H 19 20.25 39.50 -37.92
N ARG H 20 21.44 39.77 -38.44
CA ARG H 20 21.65 40.29 -39.80
C ARG H 20 21.01 39.33 -40.82
N PHE H 21 21.17 38.03 -40.60
CA PHE H 21 20.56 36.97 -41.45
C PHE H 21 19.04 37.09 -41.33
N ARG H 22 18.54 37.26 -40.10
CA ARG H 22 17.09 37.44 -39.82
C ARG H 22 16.56 38.66 -40.58
N ASP H 23 17.34 39.75 -40.64
CA ASP H 23 16.95 41.01 -41.32
C ASP H 23 16.66 40.71 -42.80
N VAL H 24 17.36 39.72 -43.39
CA VAL H 24 17.31 39.39 -44.83
C VAL H 24 16.17 38.41 -45.11
N VAL H 25 16.07 37.33 -44.35
CA VAL H 25 15.19 36.17 -44.69
C VAL H 25 13.98 36.11 -43.75
N GLY H 26 13.93 36.92 -42.68
CA GLY H 26 12.88 36.88 -41.64
C GLY H 26 13.25 35.93 -40.52
N ASP H 27 12.77 36.16 -39.28
CA ASP H 27 13.36 35.45 -38.11
C ASP H 27 12.90 34.00 -38.03
N LYS H 28 11.78 33.61 -38.65
CA LYS H 28 11.36 32.18 -38.73
C LYS H 28 12.44 31.32 -39.40
N TRP H 29 13.13 31.90 -40.38
CA TRP H 29 13.94 31.16 -41.39
C TRP H 29 15.43 31.20 -41.05
N VAL H 30 15.75 31.54 -39.80
CA VAL H 30 17.11 31.39 -39.19
C VAL H 30 16.95 30.44 -37.98
N LEU H 31 17.50 29.23 -38.09
CA LEU H 31 17.55 28.21 -37.02
C LEU H 31 18.94 28.24 -36.37
N SER H 32 19.02 28.27 -35.03
CA SER H 32 20.31 28.31 -34.30
C SER H 32 20.27 27.70 -32.87
N THR H 33 19.16 27.07 -32.44
CA THR H 33 19.12 26.29 -31.18
C THR H 33 19.56 24.85 -31.50
N ALA H 34 20.12 24.12 -30.52
CA ALA H 34 20.58 22.72 -30.63
C ALA H 34 19.44 21.82 -31.12
N ASP H 35 18.24 21.99 -30.55
CA ASP H 35 17.01 21.26 -30.94
C ASP H 35 16.71 21.45 -32.43
N GLU H 36 16.68 22.71 -32.87
CA GLU H 36 16.40 23.12 -34.26
C GLU H 36 17.41 22.42 -35.19
N LEU H 37 18.69 22.38 -34.79
CA LEU H 37 19.85 21.98 -35.67
C LEU H 37 19.96 20.46 -35.80
N GLU H 38 19.47 19.70 -34.81
CA GLU H 38 19.61 18.22 -34.72
C GLU H 38 19.18 17.56 -36.05
N ALA H 39 18.11 18.05 -36.68
CA ALA H 39 17.55 17.54 -37.96
C ALA H 39 18.54 17.75 -39.12
N PHE H 40 19.52 18.64 -38.97
CA PHE H 40 20.51 19.02 -40.03
C PHE H 40 21.88 18.35 -39.78
N ARG H 41 22.03 17.61 -38.68
CA ARG H 41 23.20 16.72 -38.44
C ARG H 41 23.13 15.56 -39.45
N ASP H 42 24.29 15.04 -39.87
CA ASP H 42 24.41 13.89 -40.82
C ASP H 42 23.51 12.78 -40.31
N PRO H 43 22.45 12.37 -41.02
CA PRO H 43 21.54 11.32 -40.53
C PRO H 43 22.20 9.94 -40.51
N TYR H 44 23.27 9.74 -41.28
CA TYR H 44 24.12 8.51 -41.29
C TYR H 44 25.54 8.87 -40.84
N PRO H 45 25.73 9.19 -39.53
CA PRO H 45 27.00 9.73 -39.05
C PRO H 45 28.14 8.73 -39.28
N VAL H 46 29.32 9.24 -39.62
CA VAL H 46 30.56 8.44 -39.87
C VAL H 46 31.57 8.84 -38.80
N GLY H 47 32.23 7.87 -38.19
CA GLY H 47 33.18 8.08 -37.08
C GLY H 47 32.46 8.21 -35.75
N ALA H 48 33.11 7.77 -34.66
CA ALA H 48 32.58 7.82 -33.28
C ALA H 48 32.38 9.29 -32.88
N ALA H 49 33.39 10.13 -33.11
CA ALA H 49 33.46 11.53 -32.62
C ALA H 49 32.39 12.40 -33.29
N GLU H 50 31.86 13.43 -32.59
CA GLU H 50 31.11 14.56 -33.22
C GLU H 50 31.92 15.03 -34.43
N ALA H 51 31.25 15.33 -35.54
CA ALA H 51 31.86 15.96 -36.72
C ALA H 51 30.77 16.62 -37.56
N ASN H 52 31.15 17.61 -38.38
CA ASN H 52 30.26 18.18 -39.43
C ASN H 52 29.07 18.86 -38.73
N LEU H 53 29.35 19.70 -37.72
CA LEU H 53 28.32 20.38 -36.90
C LEU H 53 27.98 21.72 -37.54
N PRO H 54 26.70 21.95 -37.89
CA PRO H 54 26.24 23.27 -38.33
C PRO H 54 26.02 24.24 -37.17
N SER H 55 26.40 25.51 -37.33
CA SER H 55 26.23 26.59 -36.33
C SER H 55 24.84 27.22 -36.46
N ALA H 56 24.24 27.14 -37.65
CA ALA H 56 22.91 27.70 -37.97
C ALA H 56 22.40 27.17 -39.32
N VAL H 57 21.11 27.37 -39.59
CA VAL H 57 20.45 27.12 -40.90
C VAL H 57 19.70 28.39 -41.30
N VAL H 58 20.02 28.94 -42.46
CA VAL H 58 19.33 30.12 -43.06
C VAL H 58 18.64 29.65 -44.35
N SER H 59 17.34 29.89 -44.47
CA SER H 59 16.52 29.54 -45.66
C SER H 59 16.14 30.80 -46.45
N PRO H 60 16.88 31.13 -47.53
CA PRO H 60 16.58 32.32 -48.33
C PRO H 60 15.38 32.04 -49.26
N GLU H 61 14.68 33.12 -49.65
CA GLU H 61 13.44 33.08 -50.46
C GLU H 61 13.76 33.34 -51.94
N SER H 62 14.84 34.07 -52.22
CA SER H 62 15.14 34.70 -53.53
C SER H 62 16.64 34.69 -53.81
N THR H 63 17.04 34.82 -55.07
CA THR H 63 18.47 34.96 -55.46
C THR H 63 19.05 36.16 -54.70
N GLU H 64 18.31 37.26 -54.66
CA GLU H 64 18.74 38.51 -53.99
C GLU H 64 19.13 38.21 -52.55
N GLN H 65 18.30 37.44 -51.84
CA GLN H 65 18.51 37.12 -50.40
C GLN H 65 19.81 36.30 -50.28
N VAL H 66 20.03 35.39 -51.22
CA VAL H 66 21.28 34.56 -51.25
C VAL H 66 22.47 35.53 -51.33
N GLN H 67 22.40 36.53 -52.20
CA GLN H 67 23.47 37.57 -52.34
C GLN H 67 23.68 38.25 -50.99
N ASP H 68 22.60 38.64 -50.32
CA ASP H 68 22.64 39.42 -49.06
C ASP H 68 23.33 38.57 -47.98
N ILE H 69 22.97 37.28 -47.90
CA ILE H 69 23.55 36.29 -46.95
C ILE H 69 25.06 36.15 -47.21
N VAL H 70 25.44 35.92 -48.46
CA VAL H 70 26.85 35.78 -48.88
C VAL H 70 27.61 37.04 -48.45
N ARG H 71 27.05 38.23 -48.66
CA ARG H 71 27.72 39.51 -48.33
C ARG H 71 27.89 39.67 -46.82
N ILE H 72 26.89 39.24 -46.04
CA ILE H 72 26.97 39.24 -44.56
C ILE H 72 28.07 38.26 -44.16
N ALA H 73 28.03 37.03 -44.70
CA ALA H 73 29.04 35.96 -44.47
C ALA H 73 30.45 36.51 -44.72
N ASN H 74 30.66 37.25 -45.80
CA ASN H 74 31.98 37.86 -46.14
C ASN H 74 32.37 38.85 -45.03
N GLU H 75 31.42 39.65 -44.56
CA GLU H 75 31.63 40.74 -43.58
C GLU H 75 32.12 40.15 -42.26
N TYR H 76 31.59 38.98 -41.85
CA TYR H 76 31.80 38.38 -40.51
C TYR H 76 32.76 37.19 -40.60
N GLY H 77 33.27 36.84 -41.78
CA GLY H 77 34.10 35.64 -42.00
C GLY H 77 33.38 34.35 -41.61
N ILE H 78 32.06 34.27 -41.80
CA ILE H 78 31.27 33.04 -41.48
C ILE H 78 31.27 32.12 -42.69
N PRO H 79 31.58 30.82 -42.55
CA PRO H 79 31.54 29.88 -43.66
C PRO H 79 30.10 29.48 -43.96
N LEU H 80 29.76 29.37 -45.24
CA LEU H 80 28.41 28.98 -45.72
C LEU H 80 28.47 27.62 -46.42
N HIS H 81 27.65 26.66 -45.99
CA HIS H 81 27.49 25.36 -46.69
C HIS H 81 26.16 25.37 -47.43
N PRO H 82 26.16 25.73 -48.73
CA PRO H 82 24.91 25.80 -49.48
C PRO H 82 24.45 24.38 -49.78
N VAL H 83 23.18 24.07 -49.52
CA VAL H 83 22.52 22.83 -50.02
C VAL H 83 21.28 23.23 -50.80
N SER H 84 20.64 22.25 -51.44
CA SER H 84 19.31 22.39 -52.07
C SER H 84 18.28 21.82 -51.10
N THR H 85 18.00 20.52 -51.16
CA THR H 85 17.08 19.82 -50.23
C THR H 85 17.87 19.27 -49.02
N GLY H 86 19.20 19.15 -49.13
CA GLY H 86 20.09 18.62 -48.08
C GLY H 86 19.90 17.14 -47.82
N LYS H 87 19.67 16.35 -48.87
CA LYS H 87 19.36 14.91 -48.81
C LYS H 87 20.54 14.06 -49.29
N ASN H 88 21.77 14.56 -49.13
CA ASN H 88 22.99 13.92 -49.67
C ASN H 88 23.37 12.73 -48.78
N ASN H 89 22.38 11.92 -48.41
CA ASN H 89 22.53 10.81 -47.43
C ASN H 89 23.45 9.74 -48.03
N GLY H 90 24.51 9.39 -47.30
CA GLY H 90 25.62 8.56 -47.80
C GLY H 90 26.88 9.38 -47.98
N TYR H 91 26.74 10.71 -48.10
CA TYR H 91 27.87 11.64 -48.34
C TYR H 91 27.88 12.82 -47.35
N GLY H 92 27.07 12.75 -46.29
CA GLY H 92 27.04 13.78 -45.22
C GLY H 92 25.67 14.37 -44.95
N GLY H 93 24.63 13.99 -45.72
CA GLY H 93 23.30 14.61 -45.68
C GLY H 93 23.38 16.10 -45.98
N ALA H 94 22.88 16.94 -45.07
CA ALA H 94 22.90 18.42 -45.19
C ALA H 94 24.12 18.99 -44.47
N ALA H 95 24.85 18.15 -43.72
CA ALA H 95 25.89 18.56 -42.75
C ALA H 95 27.08 19.16 -43.49
N PRO H 96 27.69 20.25 -42.96
CA PRO H 96 28.82 20.89 -43.62
C PRO H 96 30.10 20.07 -43.41
N ARG H 97 30.98 20.05 -44.40
CA ARG H 97 32.35 19.50 -44.24
C ARG H 97 32.97 20.16 -43.00
N LEU H 98 33.04 21.49 -42.99
CA LEU H 98 33.67 22.29 -41.90
C LEU H 98 32.64 22.54 -40.80
N SER H 99 32.92 22.05 -39.58
CA SER H 99 32.11 22.32 -38.35
C SER H 99 32.11 23.84 -38.09
N GLY H 100 30.93 24.37 -37.71
CA GLY H 100 30.73 25.80 -37.42
C GLY H 100 30.18 26.57 -38.61
N SER H 101 30.09 25.92 -39.78
CA SER H 101 29.53 26.50 -41.03
C SER H 101 28.03 26.74 -40.84
N VAL H 102 27.50 27.80 -41.45
CA VAL H 102 26.03 28.03 -41.55
C VAL H 102 25.51 27.31 -42.80
N ILE H 103 24.55 26.39 -42.64
CA ILE H 103 23.86 25.76 -43.80
C ILE H 103 22.94 26.81 -44.39
N VAL H 104 23.06 27.06 -45.70
CA VAL H 104 22.12 27.90 -46.51
C VAL H 104 21.22 26.91 -47.25
N LYS H 105 20.06 26.60 -46.69
CA LYS H 105 19.10 25.65 -47.31
C LYS H 105 18.29 26.41 -48.36
N THR H 106 18.85 26.52 -49.56
CA THR H 106 18.24 27.25 -50.71
C THR H 106 16.87 26.62 -51.04
N GLY H 107 16.76 25.29 -50.95
CA GLY H 107 15.59 24.53 -51.43
C GLY H 107 14.36 24.62 -50.53
N GLU H 108 14.51 25.05 -49.28
CA GLU H 108 13.35 25.15 -48.34
C GLU H 108 12.28 26.05 -49.00
N ARG H 109 12.67 27.25 -49.44
CA ARG H 109 11.76 28.31 -49.97
C ARG H 109 11.98 28.56 -51.46
N MET H 110 13.20 28.41 -51.98
CA MET H 110 13.49 28.52 -53.44
C MET H 110 13.24 27.15 -54.06
N ASN H 111 11.95 26.82 -54.23
CA ASN H 111 11.46 25.47 -54.63
C ASN H 111 10.51 25.60 -55.83
N ARG H 112 10.66 26.65 -56.63
CA ARG H 112 9.71 26.96 -57.73
C ARG H 112 10.23 26.33 -59.02
N ILE H 113 9.33 25.65 -59.75
CA ILE H 113 9.55 25.24 -61.16
C ILE H 113 9.34 26.49 -62.01
N LEU H 114 10.42 27.08 -62.56
CA LEU H 114 10.39 28.39 -63.28
C LEU H 114 9.94 28.19 -64.73
N GLU H 115 10.29 27.08 -65.34
CA GLU H 115 9.81 26.75 -66.70
C GLU H 115 9.91 25.25 -66.96
N VAL H 116 8.92 24.70 -67.66
CA VAL H 116 9.02 23.39 -68.34
C VAL H 116 8.56 23.64 -69.77
N ASN H 117 9.48 23.52 -70.72
CA ASN H 117 9.23 23.81 -72.15
C ASN H 117 8.94 22.48 -72.84
N GLU H 118 7.70 22.27 -73.29
CA GLU H 118 7.27 21.02 -74.00
C GLU H 118 7.93 20.94 -75.38
N LYS H 119 8.03 22.06 -76.10
CA LYS H 119 8.51 22.05 -77.51
C LYS H 119 9.99 21.65 -77.58
N TYR H 120 10.85 22.23 -76.73
CA TYR H 120 12.32 22.06 -76.79
C TYR H 120 12.78 20.99 -75.80
N GLY H 121 11.93 20.66 -74.82
CA GLY H 121 12.19 19.56 -73.87
C GLY H 121 13.28 19.92 -72.88
N TYR H 122 12.99 20.85 -71.98
CA TYR H 122 13.90 21.25 -70.89
C TYR H 122 13.07 21.79 -69.73
N ALA H 123 13.70 21.87 -68.55
CA ALA H 123 13.16 22.54 -67.34
C ALA H 123 14.17 23.57 -66.84
N LEU H 124 13.69 24.68 -66.29
CA LEU H 124 14.49 25.65 -65.51
C LEU H 124 13.96 25.58 -64.08
N LEU H 125 14.80 25.18 -63.13
CA LEU H 125 14.37 24.81 -61.76
C LEU H 125 15.17 25.60 -60.73
N GLU H 126 14.55 25.83 -59.58
CA GLU H 126 15.21 26.27 -58.33
C GLU H 126 15.68 25.03 -57.57
N PRO H 127 16.63 25.18 -56.62
CA PRO H 127 17.12 24.04 -55.83
C PRO H 127 16.05 23.19 -55.15
N GLY H 128 14.93 23.78 -54.71
CA GLY H 128 13.95 23.10 -53.85
C GLY H 128 13.06 22.12 -54.61
N VAL H 129 13.10 22.11 -55.93
CA VAL H 129 12.23 21.20 -56.73
C VAL H 129 12.81 19.79 -56.57
N THR H 130 12.05 18.91 -55.94
CA THR H 130 12.39 17.47 -55.80
C THR H 130 11.96 16.71 -57.05
N TYR H 131 12.45 15.50 -57.23
CA TYR H 131 12.06 14.62 -58.37
C TYR H 131 10.55 14.36 -58.28
N PHE H 132 10.02 14.20 -57.07
CA PHE H 132 8.56 14.05 -56.81
C PHE H 132 7.83 15.29 -57.32
N ASP H 133 8.28 16.49 -56.94
CA ASP H 133 7.69 17.79 -57.35
C ASP H 133 7.59 17.84 -58.88
N LEU H 134 8.72 17.63 -59.58
CA LEU H 134 8.81 17.74 -61.06
C LEU H 134 7.96 16.66 -61.72
N TYR H 135 7.96 15.43 -61.20
CA TYR H 135 7.11 14.33 -61.74
C TYR H 135 5.65 14.73 -61.61
N GLU H 136 5.23 15.18 -60.42
CA GLU H 136 3.86 15.67 -60.14
C GLU H 136 3.51 16.77 -61.17
N TYR H 137 4.42 17.72 -61.43
CA TYR H 137 4.23 18.79 -62.43
C TYR H 137 4.01 18.19 -63.83
N LEU H 138 4.87 17.26 -64.27
CA LEU H 138 4.79 16.63 -65.60
C LEU H 138 3.47 15.86 -65.74
N GLN H 139 3.04 15.13 -64.71
CA GLN H 139 1.73 14.43 -64.67
C GLN H 139 0.58 15.45 -64.81
N SER H 140 0.54 16.46 -63.93
CA SER H 140 -0.43 17.59 -63.86
C SER H 140 -0.68 18.19 -65.24
N HIS H 141 0.38 18.48 -66.01
CA HIS H 141 0.31 19.22 -67.31
C HIS H 141 0.30 18.25 -68.50
N ASP H 142 0.03 16.96 -68.28
CA ASP H 142 -0.08 15.96 -69.37
C ASP H 142 1.15 16.09 -70.27
N SER H 143 2.34 16.22 -69.67
CA SER H 143 3.63 16.47 -70.37
C SER H 143 4.00 15.25 -71.22
N GLY H 144 4.62 15.48 -72.38
CA GLY H 144 5.20 14.43 -73.24
C GLY H 144 6.61 14.08 -72.78
N LEU H 145 7.11 14.80 -71.77
CA LEU H 145 8.49 14.66 -71.25
C LEU H 145 8.51 13.73 -70.04
N MET H 146 9.66 13.13 -69.79
CA MET H 146 9.95 12.39 -68.53
C MET H 146 11.24 12.95 -67.93
N LEU H 147 11.40 12.79 -66.61
CA LEU H 147 12.64 13.20 -65.91
C LEU H 147 13.57 11.99 -65.79
N ASP H 148 14.78 12.21 -65.31
CA ASP H 148 15.73 11.13 -64.94
C ASP H 148 16.05 11.32 -63.45
N CYS H 149 15.69 10.33 -62.63
CA CYS H 149 15.81 10.40 -61.16
C CYS H 149 16.78 9.33 -60.67
N PRO H 150 17.49 9.57 -59.57
CA PRO H 150 18.25 8.53 -58.88
C PRO H 150 17.28 7.55 -58.19
N GLU H 151 17.77 6.73 -57.27
CA GLU H 151 16.96 5.68 -56.57
C GLU H 151 15.85 6.37 -55.76
N LEU H 152 16.17 7.50 -55.12
CA LEU H 152 15.29 8.16 -54.13
C LEU H 152 14.75 9.48 -54.70
N GLY H 153 13.43 9.59 -54.80
CA GLY H 153 12.74 10.74 -55.40
C GLY H 153 12.78 12.00 -54.56
N TRP H 154 13.16 11.95 -53.28
CA TRP H 154 13.00 13.10 -52.36
C TRP H 154 14.16 14.10 -52.52
N GLY H 155 15.14 13.74 -53.34
CA GLY H 155 16.30 14.61 -53.64
C GLY H 155 15.91 15.76 -54.55
N SER H 156 16.83 16.72 -54.69
CA SER H 156 16.74 17.90 -55.59
C SER H 156 17.28 17.52 -56.97
N VAL H 157 16.56 17.87 -58.04
CA VAL H 157 17.07 17.72 -59.43
C VAL H 157 18.38 18.49 -59.53
N VAL H 158 18.38 19.73 -59.03
CA VAL H 158 19.53 20.67 -59.06
C VAL H 158 20.65 20.07 -58.20
N GLY H 159 20.42 19.94 -56.89
CA GLY H 159 21.45 19.58 -55.91
C GLY H 159 22.16 18.30 -56.28
N ASN H 160 21.37 17.28 -56.68
CA ASN H 160 21.88 15.99 -57.22
C ASN H 160 22.80 16.25 -58.41
N THR H 161 22.39 17.13 -59.34
CA THR H 161 23.23 17.51 -60.51
C THR H 161 24.51 18.20 -60.03
N LEU H 162 24.43 19.01 -58.97
CA LEU H 162 25.60 19.80 -58.51
C LEU H 162 26.62 18.89 -57.79
N ASP H 163 26.25 17.66 -57.40
CA ASP H 163 27.21 16.66 -56.86
C ASP H 163 27.43 15.57 -57.93
N ARG H 164 27.09 15.88 -59.19
CA ARG H 164 27.22 15.01 -60.40
C ARG H 164 26.58 13.65 -60.13
N GLY H 165 25.40 13.64 -59.50
CA GLY H 165 24.61 12.43 -59.24
C GLY H 165 24.17 11.81 -60.55
N VAL H 166 23.58 10.62 -60.51
CA VAL H 166 23.29 9.80 -61.73
C VAL H 166 21.91 9.17 -61.61
N GLY H 167 21.24 9.02 -62.75
CA GLY H 167 20.00 8.24 -62.89
C GLY H 167 20.20 7.14 -63.92
N TYR H 168 19.10 6.51 -64.35
CA TYR H 168 19.12 5.17 -64.99
C TYR H 168 18.30 5.16 -66.28
N THR H 169 17.84 6.32 -66.76
CA THR H 169 17.25 6.50 -68.10
C THR H 169 18.37 6.86 -69.07
N PRO H 170 18.12 6.92 -70.40
CA PRO H 170 19.15 7.37 -71.34
C PRO H 170 19.74 8.75 -71.03
N TYR H 171 19.08 9.54 -70.16
CA TYR H 171 19.55 10.86 -69.67
C TYR H 171 20.11 10.71 -68.26
N GLY H 172 20.80 9.61 -67.98
CA GLY H 172 21.31 9.23 -66.65
C GLY H 172 22.40 10.18 -66.15
N ASP H 173 23.18 10.74 -67.07
CA ASP H 173 24.29 11.69 -66.77
C ASP H 173 23.65 13.06 -66.55
N HIS H 174 23.25 13.37 -65.32
CA HIS H 174 22.53 14.62 -64.98
C HIS H 174 23.36 15.83 -65.40
N PHE H 175 24.65 15.88 -65.07
CA PHE H 175 25.48 17.07 -65.35
C PHE H 175 25.56 17.32 -66.86
N MET H 176 25.66 16.28 -67.68
CA MET H 176 25.72 16.45 -69.16
C MET H 176 24.49 17.29 -69.58
N TRP H 177 23.31 16.81 -69.22
CA TRP H 177 21.99 17.36 -69.63
C TRP H 177 21.71 18.68 -68.94
N GLN H 178 22.43 18.99 -67.85
CA GLN H 178 22.47 20.34 -67.25
C GLN H 178 22.83 21.31 -68.38
N THR H 179 21.98 22.32 -68.54
CA THR H 179 22.08 23.38 -69.58
C THR H 179 21.78 24.73 -68.92
N GLY H 180 22.82 25.52 -68.64
CA GLY H 180 22.74 26.86 -68.05
C GLY H 180 22.49 26.80 -66.55
N LEU H 181 23.15 27.67 -65.79
CA LEU H 181 22.76 27.89 -64.38
C LEU H 181 22.99 29.36 -64.04
N GLU H 182 22.34 29.78 -62.96
CA GLU H 182 22.55 31.07 -62.26
C GLU H 182 23.28 30.75 -60.96
N VAL H 183 24.33 31.48 -60.63
CA VAL H 183 25.13 31.22 -59.40
C VAL H 183 25.46 32.54 -58.72
N VAL H 184 25.35 32.56 -57.39
CA VAL H 184 25.89 33.66 -56.54
C VAL H 184 27.32 33.29 -56.21
N LEU H 185 28.27 34.06 -56.74
CA LEU H 185 29.72 33.87 -56.55
C LEU H 185 30.06 34.23 -55.10
N PRO H 186 31.23 33.80 -54.59
CA PRO H 186 31.50 33.83 -53.15
C PRO H 186 31.55 35.20 -52.47
N GLN H 187 31.65 36.30 -53.22
CA GLN H 187 31.57 37.67 -52.63
C GLN H 187 30.18 38.28 -52.86
N GLY H 188 29.29 37.59 -53.57
CA GLY H 188 27.86 37.95 -53.62
C GLY H 188 27.38 38.35 -55.00
N GLU H 189 28.28 38.61 -55.97
CA GLU H 189 27.91 38.90 -57.38
C GLU H 189 27.12 37.70 -57.90
N VAL H 190 26.20 37.93 -58.84
CA VAL H 190 25.39 36.87 -59.45
C VAL H 190 25.81 36.75 -60.92
N MET H 191 25.76 35.55 -61.47
CA MET H 191 26.30 35.24 -62.82
C MET H 191 25.45 34.15 -63.45
N ARG H 192 25.20 34.30 -64.74
CA ARG H 192 24.48 33.30 -65.55
C ARG H 192 25.46 32.77 -66.60
N THR H 193 25.44 31.44 -66.77
CA THR H 193 26.34 30.73 -67.72
C THR H 193 25.65 30.61 -69.08
N GLY H 194 26.46 30.42 -70.12
CA GLY H 194 26.01 30.06 -71.47
C GLY H 194 25.18 31.17 -72.06
N MET H 195 24.07 30.83 -72.72
CA MET H 195 23.21 31.81 -73.42
C MET H 195 22.42 32.63 -72.40
N GLY H 196 22.39 32.22 -71.13
CA GLY H 196 21.84 33.02 -70.01
C GLY H 196 22.59 34.33 -69.83
N ALA H 197 23.86 34.38 -70.25
CA ALA H 197 24.75 35.55 -70.14
C ALA H 197 24.38 36.61 -71.18
N LEU H 198 23.67 36.21 -72.24
CA LEU H 198 23.21 37.15 -73.29
C LEU H 198 21.77 37.57 -73.00
N PRO H 199 21.51 38.81 -72.51
CA PRO H 199 20.17 39.20 -72.06
C PRO H 199 19.14 39.00 -73.17
N GLY H 200 18.01 38.37 -72.82
CA GLY H 200 16.87 38.17 -73.75
C GLY H 200 17.14 37.06 -74.75
N SER H 201 18.11 36.18 -74.52
CA SER H 201 18.29 34.94 -75.33
C SER H 201 17.23 33.92 -74.90
N ASP H 202 16.73 33.12 -75.83
CA ASP H 202 15.77 32.00 -75.59
C ASP H 202 16.55 30.69 -75.43
N ALA H 203 17.87 30.73 -75.58
CA ALA H 203 18.72 29.52 -75.74
C ALA H 203 19.45 29.13 -74.44
N TRP H 204 19.06 29.67 -73.28
CA TRP H 204 19.71 29.39 -71.98
C TRP H 204 19.74 27.87 -71.74
N GLN H 205 18.63 27.18 -72.00
CA GLN H 205 18.46 25.72 -71.81
C GLN H 205 18.51 24.97 -73.14
N LEU H 206 19.07 25.57 -74.20
CA LEU H 206 19.12 24.97 -75.57
C LEU H 206 20.56 24.68 -75.98
N PHE H 207 21.49 25.59 -75.67
CA PHE H 207 22.92 25.47 -76.04
C PHE H 207 23.75 25.60 -74.77
N PRO H 208 24.47 24.54 -74.34
CA PRO H 208 25.12 24.55 -73.03
C PRO H 208 26.33 25.50 -72.91
N TYR H 209 27.10 25.69 -73.99
CA TYR H 209 28.51 26.18 -73.93
C TYR H 209 28.59 27.72 -73.88
N GLY H 210 27.61 28.41 -74.45
CA GLY H 210 27.74 29.87 -74.67
C GLY H 210 29.02 30.18 -75.43
N PHE H 211 29.76 31.18 -74.96
CA PHE H 211 30.94 31.74 -75.67
C PHE H 211 32.07 31.87 -74.65
N GLY H 212 33.27 31.50 -75.09
CA GLY H 212 34.49 31.52 -74.25
C GLY H 212 34.58 30.26 -73.41
N PRO H 213 35.39 30.29 -72.33
CA PRO H 213 35.57 29.12 -71.48
C PRO H 213 34.21 28.63 -70.95
N PHE H 214 34.00 27.32 -71.00
CA PHE H 214 32.80 26.63 -70.49
C PHE H 214 32.97 26.37 -68.98
N PRO H 215 32.33 27.16 -68.11
CA PRO H 215 32.56 27.07 -66.66
C PRO H 215 31.59 26.25 -65.80
N ASP H 216 30.49 25.73 -66.35
CA ASP H 216 29.38 25.11 -65.56
C ASP H 216 29.91 23.97 -64.69
N GLY H 217 30.79 23.13 -65.25
CA GLY H 217 31.45 22.01 -64.56
C GLY H 217 32.16 22.44 -63.29
N MET H 218 32.72 23.65 -63.24
CA MET H 218 33.47 24.19 -62.07
C MET H 218 32.54 24.46 -60.88
N PHE H 219 31.23 24.28 -61.03
CA PHE H 219 30.21 24.51 -59.98
C PHE H 219 29.61 23.18 -59.54
N THR H 220 30.15 22.07 -60.03
CA THR H 220 29.76 20.71 -59.57
C THR H 220 30.87 20.18 -58.65
N GLN H 221 30.48 19.41 -57.62
CA GLN H 221 31.40 18.93 -56.54
C GLN H 221 32.34 20.10 -56.21
N SER H 222 31.78 21.29 -56.04
CA SER H 222 32.53 22.56 -55.98
C SER H 222 32.07 23.43 -54.81
N ASN H 223 32.84 24.47 -54.53
CA ASN H 223 32.55 25.46 -53.47
C ASN H 223 32.84 26.87 -54.02
N LEU H 224 32.50 27.10 -55.29
CA LEU H 224 32.82 28.37 -56.00
C LEU H 224 31.57 29.27 -56.07
N GLY H 225 30.47 28.84 -55.46
CA GLY H 225 29.30 29.72 -55.31
C GLY H 225 28.08 28.98 -54.84
N ILE H 226 26.97 29.70 -54.73
CA ILE H 226 25.63 29.14 -54.39
C ILE H 226 24.78 29.25 -55.64
N VAL H 227 24.31 28.12 -56.13
CA VAL H 227 23.52 28.01 -57.38
C VAL H 227 22.07 28.25 -57.01
N THR H 228 21.39 29.14 -57.76
CA THR H 228 20.04 29.65 -57.46
C THR H 228 19.04 29.18 -58.53
N LYS H 229 19.53 28.93 -59.74
CA LYS H 229 18.72 28.37 -60.84
C LYS H 229 19.60 27.41 -61.63
N MET H 230 18.99 26.37 -62.19
CA MET H 230 19.68 25.44 -63.10
C MET H 230 18.70 24.95 -64.15
N GLY H 231 19.17 24.90 -65.40
CA GLY H 231 18.43 24.31 -66.53
C GLY H 231 18.83 22.88 -66.70
N ILE H 232 17.94 22.05 -67.24
CA ILE H 232 18.24 20.62 -67.50
C ILE H 232 17.35 20.17 -68.65
N ALA H 233 17.95 19.56 -69.65
CA ALA H 233 17.22 18.93 -70.78
C ALA H 233 16.37 17.79 -70.24
N LEU H 234 15.20 17.60 -70.82
CA LEU H 234 14.26 16.50 -70.49
C LEU H 234 13.98 15.71 -71.77
N MET H 235 14.22 14.41 -71.71
CA MET H 235 13.93 13.46 -72.80
C MET H 235 12.40 13.30 -72.96
N GLN H 236 11.95 13.17 -74.22
CA GLN H 236 10.56 12.78 -74.54
C GLN H 236 10.30 11.35 -74.06
N ARG H 237 9.17 11.11 -73.39
CA ARG H 237 8.75 9.74 -73.03
C ARG H 237 8.58 8.94 -74.31
N PRO H 238 9.21 7.76 -74.42
CA PRO H 238 9.02 6.88 -75.57
C PRO H 238 7.68 6.16 -75.48
N PRO H 239 7.12 5.66 -76.61
CA PRO H 239 5.78 5.08 -76.62
C PRO H 239 5.58 3.88 -75.67
N ALA H 240 6.57 3.01 -75.52
CA ALA H 240 6.51 1.83 -74.61
C ALA H 240 7.88 1.58 -73.97
N SER H 241 7.90 0.75 -72.92
CA SER H 241 9.13 0.36 -72.19
C SER H 241 8.96 -1.06 -71.61
N GLN H 242 10.05 -1.83 -71.59
CA GLN H 242 10.11 -3.17 -70.94
C GLN H 242 11.36 -3.24 -70.07
N SER H 243 11.20 -3.44 -68.77
CA SER H 243 12.29 -3.74 -67.80
C SER H 243 12.46 -5.25 -67.68
N PHE H 244 13.68 -5.71 -67.42
CA PHE H 244 14.01 -7.15 -67.26
C PHE H 244 14.99 -7.31 -66.09
N LEU H 245 15.00 -8.53 -65.53
CA LEU H 245 15.99 -9.01 -64.55
C LEU H 245 16.73 -10.19 -65.18
N ILE H 246 18.05 -10.22 -65.06
CA ILE H 246 18.86 -11.45 -65.30
C ILE H 246 19.52 -11.83 -63.98
N THR H 247 19.16 -13.01 -63.46
CA THR H 247 19.77 -13.63 -62.26
C THR H 247 20.97 -14.46 -62.72
N PHE H 248 22.11 -14.29 -62.05
CA PHE H 248 23.36 -15.06 -62.27
C PHE H 248 23.68 -15.80 -60.98
N ASP H 249 23.82 -17.13 -61.08
CA ASP H 249 23.81 -18.06 -59.92
C ASP H 249 25.05 -17.84 -59.04
N LYS H 250 26.14 -17.31 -59.62
CA LYS H 250 27.50 -17.58 -59.10
C LYS H 250 28.31 -16.31 -58.89
N GLU H 251 29.01 -16.23 -57.74
CA GLU H 251 29.91 -15.11 -57.37
C GLU H 251 30.88 -14.82 -58.52
N GLU H 252 31.38 -15.87 -59.19
CA GLU H 252 32.47 -15.81 -60.21
C GLU H 252 31.89 -15.38 -61.56
N ASP H 253 30.56 -15.43 -61.74
CA ASP H 253 29.88 -15.03 -63.01
C ASP H 253 30.12 -13.54 -63.32
N LEU H 254 30.40 -12.71 -62.30
CA LEU H 254 30.71 -11.26 -62.43
C LEU H 254 31.60 -11.00 -63.65
N GLU H 255 32.64 -11.81 -63.86
CA GLU H 255 33.67 -11.60 -64.92
C GLU H 255 33.00 -11.58 -66.30
N GLN H 256 32.27 -12.65 -66.66
CA GLN H 256 31.60 -12.75 -67.98
C GLN H 256 30.43 -11.78 -68.08
N ILE H 257 29.78 -11.43 -66.96
CA ILE H 257 28.62 -10.48 -66.97
C ILE H 257 29.13 -9.14 -67.52
N VAL H 258 30.10 -8.52 -66.84
CA VAL H 258 30.70 -7.21 -67.21
C VAL H 258 31.26 -7.26 -68.64
N ASP H 259 31.90 -8.36 -69.05
CA ASP H 259 32.59 -8.48 -70.36
C ASP H 259 31.57 -8.64 -71.49
N ILE H 260 30.39 -9.22 -71.21
CA ILE H 260 29.29 -9.33 -72.22
C ILE H 260 28.51 -8.01 -72.19
N MET H 261 28.44 -7.37 -71.03
CA MET H 261 27.66 -6.13 -70.78
C MET H 261 28.23 -4.96 -71.61
N LEU H 262 29.55 -4.81 -71.68
CA LEU H 262 30.20 -3.63 -72.32
C LEU H 262 29.88 -3.56 -73.82
N PRO H 263 30.11 -4.61 -74.64
CA PRO H 263 29.82 -4.53 -76.07
C PRO H 263 28.34 -4.19 -76.36
N LEU H 264 27.43 -4.60 -75.48
CA LEU H 264 25.96 -4.42 -75.61
C LEU H 264 25.58 -2.98 -75.25
N ARG H 265 26.46 -2.21 -74.61
CA ARG H 265 26.15 -0.89 -74.01
C ARG H 265 26.90 0.26 -74.71
N ILE H 266 28.12 0.05 -75.21
CA ILE H 266 29.02 1.15 -75.68
C ILE H 266 28.39 1.92 -76.85
N ASN H 267 27.52 1.25 -77.61
CA ASN H 267 26.78 1.85 -78.76
C ASN H 267 25.39 2.30 -78.32
N MET H 268 25.10 2.27 -77.02
CA MET H 268 23.80 2.68 -76.41
C MET H 268 22.66 1.81 -76.94
N ALA H 269 22.99 0.61 -77.45
CA ALA H 269 22.02 -0.35 -78.00
C ALA H 269 22.73 -1.69 -78.14
N PRO H 270 22.09 -2.84 -77.81
CA PRO H 270 20.71 -2.88 -77.32
C PRO H 270 20.47 -2.44 -75.87
N LEU H 271 21.52 -2.21 -75.08
CA LEU H 271 21.37 -1.72 -73.68
C LEU H 271 21.21 -0.20 -73.73
N GLN H 272 19.96 0.27 -73.78
CA GLN H 272 19.62 1.69 -74.05
C GLN H 272 19.71 2.51 -72.76
N ASN H 273 19.48 1.88 -71.60
CA ASN H 273 19.57 2.57 -70.28
C ASN H 273 20.87 2.15 -69.60
N VAL H 274 21.13 2.76 -68.43
CA VAL H 274 22.30 2.45 -67.56
C VAL H 274 22.14 1.04 -67.02
N PRO H 275 22.98 0.06 -67.44
CA PRO H 275 22.91 -1.29 -66.90
C PRO H 275 23.40 -1.30 -65.45
N VAL H 276 22.59 -1.81 -64.52
CA VAL H 276 22.98 -2.00 -63.09
C VAL H 276 23.02 -3.51 -62.79
N LEU H 277 24.11 -3.95 -62.16
CA LEU H 277 24.31 -5.33 -61.65
C LEU H 277 24.44 -5.23 -60.13
N ARG H 278 23.47 -5.82 -59.42
CA ARG H 278 23.37 -5.76 -57.94
C ARG H 278 23.65 -7.16 -57.39
N ASN H 279 24.45 -7.25 -56.33
CA ASN H 279 24.72 -8.53 -55.60
C ASN H 279 23.51 -8.82 -54.72
N ILE H 280 23.38 -10.08 -54.26
CA ILE H 280 22.19 -10.59 -53.51
C ILE H 280 22.04 -9.80 -52.19
N PHE H 281 23.15 -9.32 -51.61
CA PHE H 281 23.14 -8.52 -50.36
C PHE H 281 22.29 -7.25 -50.60
N MET H 282 22.56 -6.56 -51.71
CA MET H 282 21.87 -5.31 -52.13
C MET H 282 20.36 -5.61 -52.27
N ASP H 283 20.01 -6.65 -53.04
CA ASP H 283 18.59 -7.00 -53.36
C ASP H 283 17.88 -7.57 -52.12
N ALA H 284 18.58 -8.32 -51.27
CA ALA H 284 18.02 -8.87 -50.01
C ALA H 284 17.70 -7.71 -49.03
N ALA H 285 18.62 -6.75 -48.86
CA ALA H 285 18.48 -5.61 -47.92
C ALA H 285 17.32 -4.69 -48.34
N ALA H 286 16.97 -4.69 -49.63
CA ALA H 286 15.87 -3.90 -50.22
C ALA H 286 14.50 -4.46 -49.77
N VAL H 287 14.42 -5.76 -49.44
CA VAL H 287 13.12 -6.47 -49.23
C VAL H 287 13.05 -7.17 -47.87
N SER H 288 14.10 -7.14 -47.03
CA SER H 288 14.21 -7.99 -45.81
C SER H 288 15.27 -7.47 -44.84
N LYS H 289 15.16 -7.85 -43.57
CA LYS H 289 16.12 -7.57 -42.48
C LYS H 289 17.21 -8.65 -42.47
N ARG H 290 18.39 -8.33 -41.92
CA ARG H 290 19.57 -9.24 -41.86
C ARG H 290 19.18 -10.50 -41.07
N THR H 291 18.46 -10.30 -39.97
CA THR H 291 18.10 -11.34 -38.97
C THR H 291 17.17 -12.39 -39.59
N GLU H 292 16.54 -12.12 -40.74
CA GLU H 292 15.69 -13.10 -41.46
C GLU H 292 16.57 -14.27 -41.95
N TRP H 293 17.86 -14.02 -42.18
CA TRP H 293 18.79 -14.99 -42.84
C TRP H 293 19.86 -15.49 -41.86
N PHE H 294 20.30 -14.66 -40.91
CA PHE H 294 21.45 -14.93 -40.03
C PHE H 294 21.43 -13.97 -38.85
N ASP H 295 21.36 -14.52 -37.64
CA ASP H 295 21.30 -13.75 -36.36
C ASP H 295 22.64 -13.87 -35.63
N GLY H 296 23.59 -14.64 -36.17
CA GLY H 296 24.95 -14.79 -35.62
C GLY H 296 25.78 -13.53 -35.84
N ASP H 297 26.95 -13.46 -35.20
CA ASP H 297 27.91 -12.33 -35.34
C ASP H 297 28.83 -12.59 -36.53
N GLY H 298 29.40 -11.52 -37.09
CA GLY H 298 30.47 -11.60 -38.10
C GLY H 298 29.92 -11.83 -39.51
N PRO H 299 30.82 -11.95 -40.52
CA PRO H 299 30.42 -12.12 -41.91
C PRO H 299 29.35 -13.21 -42.07
N MET H 300 28.50 -13.03 -43.07
CA MET H 300 27.33 -13.91 -43.32
C MET H 300 27.78 -15.19 -44.00
N PRO H 301 27.46 -16.38 -43.45
CA PRO H 301 27.97 -17.64 -43.99
C PRO H 301 27.28 -18.07 -45.28
N ALA H 302 27.94 -18.99 -46.02
CA ALA H 302 27.55 -19.49 -47.36
C ALA H 302 26.10 -20.01 -47.34
N GLU H 303 25.75 -20.80 -46.31
CA GLU H 303 24.38 -21.36 -46.10
C GLU H 303 23.35 -20.23 -46.18
N ALA H 304 23.63 -19.11 -45.48
CA ALA H 304 22.73 -17.94 -45.32
C ALA H 304 22.56 -17.20 -46.65
N ILE H 305 23.65 -17.01 -47.41
CA ILE H 305 23.63 -16.41 -48.78
C ILE H 305 22.73 -17.27 -49.67
N GLU H 306 22.95 -18.59 -49.62
CA GLU H 306 22.38 -19.61 -50.54
C GLU H 306 20.87 -19.70 -50.28
N ARG H 307 20.47 -19.33 -49.06
CA ARG H 307 19.08 -19.31 -48.53
C ARG H 307 18.38 -18.02 -48.98
N MET H 308 19.10 -16.88 -49.05
CA MET H 308 18.62 -15.59 -49.61
C MET H 308 18.31 -15.78 -51.10
N LYS H 309 19.24 -16.38 -51.84
CA LYS H 309 19.09 -16.61 -53.30
C LYS H 309 17.84 -17.42 -53.54
N LYS H 310 17.73 -18.54 -52.84
CA LYS H 310 16.63 -19.52 -53.02
C LYS H 310 15.30 -18.86 -52.68
N ASP H 311 15.20 -18.25 -51.49
CA ASP H 311 13.93 -17.69 -50.95
C ASP H 311 13.43 -16.57 -51.88
N LEU H 312 14.31 -15.67 -52.29
CA LEU H 312 13.98 -14.50 -53.15
C LEU H 312 13.95 -14.91 -54.63
N ASP H 313 14.40 -16.12 -54.97
CA ASP H 313 14.51 -16.62 -56.37
C ASP H 313 15.39 -15.62 -57.17
N LEU H 314 16.53 -15.21 -56.59
CA LEU H 314 17.52 -14.30 -57.21
C LEU H 314 18.88 -15.00 -57.31
N GLY H 315 19.78 -14.47 -58.16
CA GLY H 315 21.18 -14.91 -58.26
C GLY H 315 22.05 -14.21 -57.24
N PHE H 316 23.35 -14.49 -57.23
CA PHE H 316 24.35 -13.71 -56.45
C PHE H 316 24.50 -12.33 -57.11
N TRP H 317 24.58 -12.30 -58.44
CA TRP H 317 24.54 -11.06 -59.27
C TRP H 317 23.20 -11.00 -60.00
N ASN H 318 22.56 -9.83 -59.92
CA ASN H 318 21.23 -9.57 -60.52
C ASN H 318 21.37 -8.35 -61.43
N PHE H 319 21.20 -8.56 -62.73
CA PHE H 319 21.27 -7.52 -63.77
C PHE H 319 19.88 -6.97 -64.05
N TYR H 320 19.71 -5.65 -63.92
CA TYR H 320 18.46 -4.88 -64.20
C TYR H 320 18.69 -3.88 -65.34
N GLY H 321 17.89 -3.98 -66.39
CA GLY H 321 17.91 -3.08 -67.55
C GLY H 321 16.50 -2.75 -68.02
N THR H 322 16.37 -1.67 -68.79
CA THR H 322 15.10 -1.23 -69.42
C THR H 322 15.35 -0.93 -70.90
N LEU H 323 14.38 -1.29 -71.73
CA LEU H 323 14.36 -1.02 -73.17
C LEU H 323 13.20 -0.06 -73.44
N TYR H 324 13.31 0.73 -74.49
CA TYR H 324 12.38 1.84 -74.83
C TYR H 324 12.10 1.84 -76.33
N GLY H 325 10.84 2.08 -76.70
CA GLY H 325 10.43 2.42 -78.07
C GLY H 325 9.27 1.55 -78.55
N PRO H 326 9.06 1.45 -79.88
CA PRO H 326 8.06 0.55 -80.44
C PRO H 326 8.25 -0.87 -79.90
N PRO H 327 7.16 -1.64 -79.65
CA PRO H 327 7.28 -3.05 -79.25
C PRO H 327 8.18 -3.94 -80.12
N PRO H 328 8.19 -3.82 -81.48
CA PRO H 328 9.13 -4.57 -82.32
C PRO H 328 10.63 -4.31 -82.00
N LEU H 329 10.97 -3.06 -81.69
CA LEU H 329 12.36 -2.66 -81.32
C LEU H 329 12.71 -3.24 -79.95
N ILE H 330 11.80 -3.12 -78.96
CA ILE H 330 11.99 -3.68 -77.58
C ILE H 330 12.28 -5.18 -77.71
N GLU H 331 11.49 -5.89 -78.51
CA GLU H 331 11.61 -7.36 -78.66
C GLU H 331 12.94 -7.74 -79.31
N MET H 332 13.31 -7.04 -80.39
CA MET H 332 14.61 -7.25 -81.09
C MET H 332 15.77 -7.17 -80.08
N TYR H 333 15.84 -6.05 -79.35
CA TYR H 333 16.90 -5.72 -78.36
C TYR H 333 16.91 -6.75 -77.23
N TYR H 334 15.72 -7.14 -76.72
CA TYR H 334 15.58 -8.16 -75.65
C TYR H 334 16.11 -9.50 -76.17
N GLY H 335 15.85 -9.81 -77.46
CA GLY H 335 16.35 -11.03 -78.12
C GLY H 335 17.87 -11.10 -78.15
N MET H 336 18.52 -9.96 -78.45
CA MET H 336 20.01 -9.86 -78.53
C MET H 336 20.61 -9.97 -77.14
N ILE H 337 19.94 -9.41 -76.13
CA ILE H 337 20.34 -9.44 -74.69
C ILE H 337 20.26 -10.87 -74.16
N LYS H 338 19.20 -11.61 -74.51
CA LYS H 338 19.00 -13.02 -74.07
C LYS H 338 20.05 -13.93 -74.70
N GLU H 339 20.34 -13.75 -75.99
CA GLU H 339 21.37 -14.55 -76.70
C GLU H 339 22.76 -14.32 -76.07
N ALA H 340 23.13 -13.05 -75.89
CA ALA H 340 24.46 -12.64 -75.38
C ALA H 340 24.66 -13.17 -73.97
N PHE H 341 23.82 -12.78 -73.01
CA PHE H 341 23.91 -13.15 -71.57
C PHE H 341 23.53 -14.62 -71.34
N GLY H 342 22.75 -15.22 -72.25
CA GLY H 342 22.34 -16.65 -72.19
C GLY H 342 23.53 -17.58 -72.23
N LYS H 343 24.68 -17.10 -72.73
CA LYS H 343 25.95 -17.87 -72.85
C LYS H 343 26.61 -18.05 -71.49
N ILE H 344 26.16 -17.33 -70.46
CA ILE H 344 26.56 -17.63 -69.05
C ILE H 344 25.67 -18.76 -68.54
N PRO H 345 26.23 -19.94 -68.18
CA PRO H 345 25.42 -21.01 -67.59
C PRO H 345 24.74 -20.50 -66.32
N GLY H 346 23.48 -20.88 -66.09
CA GLY H 346 22.73 -20.56 -64.87
C GLY H 346 21.98 -19.24 -64.96
N ALA H 347 22.18 -18.46 -66.03
CA ALA H 347 21.50 -17.16 -66.28
C ALA H 347 20.01 -17.43 -66.55
N ARG H 348 19.12 -16.74 -65.82
CA ARG H 348 17.66 -16.82 -65.99
C ARG H 348 17.08 -15.40 -66.15
N PHE H 349 16.08 -15.29 -67.03
CA PHE H 349 15.52 -14.01 -67.54
C PHE H 349 14.09 -13.83 -67.00
N PHE H 350 13.75 -12.60 -66.63
CA PHE H 350 12.39 -12.19 -66.21
C PHE H 350 12.14 -10.76 -66.69
N THR H 351 11.00 -10.53 -67.36
CA THR H 351 10.44 -9.19 -67.66
C THR H 351 9.69 -8.71 -66.41
N HIS H 352 9.37 -7.40 -66.33
CA HIS H 352 8.64 -6.75 -65.21
C HIS H 352 7.24 -7.37 -65.03
N GLU H 353 6.68 -7.98 -66.09
CA GLU H 353 5.34 -8.63 -66.12
C GLU H 353 5.39 -10.01 -65.44
N GLU H 354 6.58 -10.60 -65.30
CA GLU H 354 6.75 -12.06 -65.02
C GLU H 354 7.14 -12.32 -63.55
N ARG H 355 7.20 -11.32 -62.68
CA ARG H 355 7.63 -11.55 -61.27
C ARG H 355 6.92 -10.59 -60.31
N ASP H 356 5.93 -11.11 -59.58
CA ASP H 356 5.13 -10.38 -58.56
C ASP H 356 5.46 -10.91 -57.16
N ASP H 357 6.46 -11.78 -57.04
CA ASP H 357 6.95 -12.30 -55.73
C ASP H 357 7.84 -11.23 -55.07
N ARG H 358 8.30 -11.48 -53.84
CA ARG H 358 9.09 -10.53 -53.01
C ARG H 358 10.45 -10.23 -53.66
N GLY H 359 11.06 -11.19 -54.34
CA GLY H 359 12.38 -11.00 -55.01
C GLY H 359 12.30 -10.07 -56.20
N GLY H 360 11.13 -10.03 -56.87
CA GLY H 360 10.85 -9.19 -58.06
C GLY H 360 10.48 -7.76 -57.69
N HIS H 361 10.44 -7.44 -56.39
CA HIS H 361 10.08 -6.10 -55.83
C HIS H 361 11.09 -5.04 -56.28
N VAL H 362 12.38 -5.41 -56.32
CA VAL H 362 13.50 -4.55 -56.81
C VAL H 362 13.33 -4.30 -58.31
N LEU H 363 13.02 -5.34 -59.09
CA LEU H 363 12.72 -5.23 -60.55
C LEU H 363 11.58 -4.23 -60.77
N GLN H 364 10.54 -4.30 -59.94
CA GLN H 364 9.37 -3.38 -60.01
C GLN H 364 9.82 -1.96 -59.69
N ASP H 365 10.74 -1.79 -58.72
CA ASP H 365 11.32 -0.46 -58.38
C ASP H 365 12.12 0.07 -59.58
N ARG H 366 12.92 -0.78 -60.23
CA ARG H 366 13.79 -0.35 -61.38
C ARG H 366 12.88 0.04 -62.54
N HIS H 367 11.77 -0.68 -62.75
CA HIS H 367 10.83 -0.40 -63.86
C HIS H 367 10.23 1.01 -63.71
N LYS H 368 10.02 1.45 -62.47
CA LYS H 368 9.57 2.84 -62.16
C LYS H 368 10.74 3.81 -62.44
N ILE H 369 11.86 3.64 -61.72
CA ILE H 369 13.05 4.54 -61.73
C ILE H 369 13.58 4.71 -63.16
N ASN H 370 13.66 3.62 -63.92
CA ASN H 370 14.22 3.59 -65.30
C ASN H 370 13.23 4.24 -66.28
N ASN H 371 12.00 4.53 -65.84
CA ASN H 371 10.95 5.20 -66.65
C ASN H 371 10.64 6.57 -66.07
N GLY H 372 11.51 7.10 -65.20
CA GLY H 372 11.44 8.46 -64.66
C GLY H 372 10.31 8.63 -63.67
N ILE H 373 9.87 7.53 -63.05
CA ILE H 373 8.83 7.53 -61.97
C ILE H 373 9.55 7.45 -60.62
N PRO H 374 9.69 8.58 -59.88
CA PRO H 374 10.49 8.60 -58.66
C PRO H 374 9.92 7.60 -57.64
N SER H 375 10.78 7.12 -56.76
CA SER H 375 10.44 6.10 -55.74
C SER H 375 11.18 6.41 -54.44
N LEU H 376 10.69 5.87 -53.32
CA LEU H 376 11.39 5.83 -52.01
C LEU H 376 11.48 4.39 -51.53
N ASP H 377 11.13 3.39 -52.36
CA ASP H 377 11.10 1.95 -51.95
C ASP H 377 12.47 1.52 -51.41
N GLU H 378 13.54 1.96 -52.09
CA GLU H 378 14.97 1.62 -51.76
C GLU H 378 15.36 2.14 -50.38
N LEU H 379 14.52 2.96 -49.72
CA LEU H 379 14.76 3.39 -48.32
C LEU H 379 14.71 2.17 -47.39
N GLN H 380 13.98 1.13 -47.77
CA GLN H 380 13.86 -0.13 -46.99
C GLN H 380 15.24 -0.79 -46.81
N LEU H 381 16.22 -0.43 -47.65
CA LEU H 381 17.64 -0.86 -47.54
C LEU H 381 18.13 -0.63 -46.10
N LEU H 382 17.70 0.45 -45.43
CA LEU H 382 18.21 0.88 -44.09
C LEU H 382 17.52 0.10 -42.95
N ASP H 383 16.59 -0.82 -43.26
CA ASP H 383 15.95 -1.74 -42.27
C ASP H 383 16.75 -3.05 -42.18
N TRP H 384 17.85 -3.18 -42.93
CA TRP H 384 18.79 -4.35 -42.91
C TRP H 384 19.21 -4.65 -41.46
N VAL H 385 19.63 -3.61 -40.73
CA VAL H 385 20.02 -3.69 -39.30
C VAL H 385 19.28 -2.58 -38.57
N PRO H 386 19.21 -2.60 -37.22
CA PRO H 386 18.50 -1.55 -36.49
C PRO H 386 19.29 -0.24 -36.62
N ASN H 387 18.57 0.89 -36.68
CA ASN H 387 19.14 2.27 -36.70
C ASN H 387 20.04 2.43 -37.93
N GLY H 388 19.64 1.79 -39.03
CA GLY H 388 20.42 1.70 -40.27
C GLY H 388 20.76 3.06 -40.84
N GLY H 389 22.05 3.25 -41.16
CA GLY H 389 22.57 4.26 -42.09
C GLY H 389 23.38 3.58 -43.18
N HIS H 390 23.83 4.35 -44.16
CA HIS H 390 24.82 3.88 -45.17
C HIS H 390 25.85 4.98 -45.44
N ILE H 391 26.99 4.57 -45.99
CA ILE H 391 28.00 5.46 -46.61
C ILE H 391 28.20 4.97 -48.05
N GLY H 392 28.34 5.89 -48.98
CA GLY H 392 28.66 5.60 -50.39
C GLY H 392 30.17 5.49 -50.60
N PHE H 393 30.63 4.30 -51.00
CA PHE H 393 32.00 4.07 -51.52
C PHE H 393 31.89 3.65 -52.98
N VAL H 394 32.33 4.53 -53.90
CA VAL H 394 32.10 4.36 -55.36
C VAL H 394 33.39 4.63 -56.13
N PRO H 395 34.31 3.65 -56.24
CA PRO H 395 35.44 3.76 -57.15
C PRO H 395 35.03 3.57 -58.61
N VAL H 396 35.74 4.27 -59.50
CA VAL H 396 35.55 4.24 -60.97
C VAL H 396 36.65 3.36 -61.57
N SER H 397 36.27 2.38 -62.38
CA SER H 397 37.20 1.43 -63.01
C SER H 397 36.89 1.32 -64.51
N ALA H 398 37.73 0.59 -65.23
CA ALA H 398 37.49 0.20 -66.63
C ALA H 398 36.44 -0.92 -66.62
N PRO H 399 35.48 -0.94 -67.58
CA PRO H 399 34.48 -2.00 -67.63
C PRO H 399 35.03 -3.32 -68.21
N ASP H 400 35.90 -4.01 -67.44
CA ASP H 400 36.49 -5.34 -67.79
C ASP H 400 36.09 -6.33 -66.69
N GLY H 401 35.82 -7.57 -67.09
CA GLY H 401 35.48 -8.70 -66.19
C GLY H 401 36.46 -8.84 -65.04
N ARG H 402 37.73 -9.09 -65.33
CA ARG H 402 38.78 -9.36 -64.30
C ARG H 402 38.96 -8.12 -63.43
N GLU H 403 38.76 -6.93 -64.00
CA GLU H 403 38.88 -5.64 -63.26
C GLU H 403 37.74 -5.55 -62.23
N ALA H 404 36.52 -5.98 -62.61
CA ALA H 404 35.36 -6.07 -61.68
C ALA H 404 35.70 -7.09 -60.59
N MET H 405 36.09 -8.28 -61.03
CA MET H 405 36.49 -9.45 -60.19
C MET H 405 37.49 -9.00 -59.11
N LYS H 406 38.59 -8.36 -59.51
CA LYS H 406 39.64 -7.86 -58.59
C LYS H 406 39.02 -6.92 -57.55
N GLN H 407 38.17 -5.99 -57.97
CA GLN H 407 37.56 -4.95 -57.10
C GLN H 407 36.60 -5.64 -56.12
N PHE H 408 35.81 -6.59 -56.61
CA PHE H 408 34.86 -7.41 -55.82
C PHE H 408 35.58 -8.07 -54.64
N GLU H 409 36.66 -8.80 -54.92
CA GLU H 409 37.51 -9.51 -53.92
C GLU H 409 38.12 -8.51 -52.93
N MET H 410 38.80 -7.48 -53.46
CA MET H 410 39.52 -6.42 -52.73
C MET H 410 38.63 -5.76 -51.65
N VAL H 411 37.39 -5.41 -52.00
CA VAL H 411 36.45 -4.64 -51.11
C VAL H 411 35.78 -5.61 -50.11
N ARG H 412 35.26 -6.75 -50.56
CA ARG H 412 34.55 -7.74 -49.69
C ARG H 412 35.50 -8.20 -48.57
N ASN H 413 36.79 -8.31 -48.91
CA ASN H 413 37.91 -8.74 -48.02
C ASN H 413 38.04 -7.76 -46.84
N ARG H 414 38.11 -6.45 -47.10
CA ARG H 414 38.18 -5.39 -46.04
C ARG H 414 36.82 -5.26 -45.34
N ALA H 415 35.72 -5.42 -46.08
CA ALA H 415 34.35 -5.38 -45.52
C ALA H 415 34.23 -6.45 -44.43
N ASN H 416 34.61 -7.69 -44.76
CA ASN H 416 34.68 -8.85 -43.83
C ASN H 416 35.50 -8.46 -42.59
N GLU H 417 36.71 -7.93 -42.81
CA GLU H 417 37.71 -7.60 -41.76
C GLU H 417 37.14 -6.58 -40.76
N TYR H 418 36.32 -5.62 -41.22
CA TYR H 418 35.74 -4.53 -40.39
C TYR H 418 34.27 -4.84 -40.02
N ASN H 419 33.82 -6.04 -40.37
CA ASN H 419 32.50 -6.61 -39.92
C ASN H 419 31.38 -5.72 -40.48
N LYS H 420 31.50 -5.31 -41.74
CA LYS H 420 30.39 -4.72 -42.54
C LYS H 420 30.03 -5.71 -43.64
N ASP H 421 28.74 -5.79 -43.97
CA ASP H 421 28.23 -6.55 -45.13
C ASP H 421 28.55 -5.81 -46.43
N TYR H 422 28.82 -6.59 -47.49
CA TYR H 422 29.22 -6.12 -48.85
C TYR H 422 27.96 -5.99 -49.71
N MET H 423 27.27 -4.84 -49.57
CA MET H 423 26.21 -4.35 -50.49
C MET H 423 26.89 -3.57 -51.63
N ALA H 424 26.97 -4.17 -52.83
CA ALA H 424 27.66 -3.57 -53.98
C ALA H 424 26.80 -3.72 -55.25
N SER H 425 26.86 -2.70 -56.09
CA SER H 425 26.39 -2.72 -57.50
C SER H 425 27.57 -2.42 -58.43
N PHE H 426 27.62 -3.08 -59.58
CA PHE H 426 28.51 -2.75 -60.72
C PHE H 426 27.67 -2.08 -61.80
N ILE H 427 27.84 -0.77 -61.95
CA ILE H 427 27.06 0.08 -62.90
C ILE H 427 28.03 0.57 -63.98
N ILE H 428 27.55 0.70 -65.22
CA ILE H 428 28.38 1.09 -66.40
C ILE H 428 27.67 2.21 -67.16
N GLY H 429 28.34 3.35 -67.35
CA GLY H 429 27.99 4.32 -68.40
C GLY H 429 28.38 3.76 -69.76
N LEU H 430 29.02 4.55 -70.61
CA LEU H 430 29.47 4.07 -71.95
C LEU H 430 30.80 3.32 -71.80
N ARG H 431 31.79 3.93 -71.16
CA ARG H 431 33.20 3.42 -71.17
C ARG H 431 33.77 3.34 -69.75
N GLU H 432 32.98 3.67 -68.73
CA GLU H 432 33.46 3.65 -67.32
C GLU H 432 32.57 2.67 -66.53
N MET H 433 33.08 2.19 -65.39
CA MET H 433 32.37 1.26 -64.49
C MET H 433 32.44 1.83 -63.06
N TYR H 434 31.30 1.89 -62.39
CA TYR H 434 31.21 2.34 -60.98
C TYR H 434 31.02 1.10 -60.10
N HIS H 435 31.87 0.96 -59.09
CA HIS H 435 31.69 -0.02 -58.01
C HIS H 435 30.93 0.67 -56.87
N VAL H 436 29.60 0.61 -56.93
CA VAL H 436 28.71 1.30 -55.95
C VAL H 436 28.56 0.38 -54.73
N CYS H 437 29.28 0.73 -53.66
CA CYS H 437 29.27 0.00 -52.37
C CYS H 437 28.53 0.83 -51.33
N LEU H 438 27.38 0.33 -50.88
CA LEU H 438 26.58 0.88 -49.75
C LEU H 438 26.89 0.02 -48.52
N PHE H 439 27.65 0.56 -47.56
CA PHE H 439 27.91 -0.11 -46.27
C PHE H 439 26.85 0.33 -45.26
N ILE H 440 25.89 -0.55 -45.00
CA ILE H 440 24.79 -0.31 -44.03
C ILE H 440 25.27 -0.70 -42.63
N TYR H 441 25.04 0.15 -41.63
CA TYR H 441 25.55 -0.06 -40.26
C TYR H 441 24.62 0.59 -39.24
N ASP H 442 24.73 0.14 -37.98
CA ASP H 442 24.02 0.72 -36.81
C ASP H 442 24.61 2.11 -36.53
N THR H 443 23.85 3.18 -36.80
CA THR H 443 24.28 4.59 -36.63
C THR H 443 24.39 4.95 -35.14
N ALA H 444 23.68 4.21 -34.27
CA ALA H 444 23.61 4.44 -32.81
C ALA H 444 24.85 3.85 -32.11
N ASP H 445 25.60 2.97 -32.79
CA ASP H 445 26.78 2.24 -32.24
C ASP H 445 28.05 3.03 -32.56
N PRO H 446 28.66 3.75 -31.58
CA PRO H 446 29.88 4.52 -31.85
C PRO H 446 31.01 3.67 -32.47
N GLU H 447 31.02 2.36 -32.21
CA GLU H 447 32.08 1.47 -32.74
C GLU H 447 31.82 1.13 -34.22
N ALA H 448 30.56 0.86 -34.59
CA ALA H 448 30.15 0.62 -36.00
C ALA H 448 30.49 1.86 -36.83
N ARG H 449 30.28 3.06 -36.25
CA ARG H 449 30.59 4.36 -36.90
C ARG H 449 32.09 4.49 -37.15
N GLU H 450 32.94 4.16 -36.16
CA GLU H 450 34.41 4.28 -36.28
C GLU H 450 34.95 3.21 -37.24
N GLU H 451 34.43 1.99 -37.16
CA GLU H 451 34.74 0.88 -38.10
C GLU H 451 34.50 1.37 -39.54
N ILE H 452 33.35 1.98 -39.80
CA ILE H 452 32.97 2.53 -41.14
C ILE H 452 34.02 3.55 -41.57
N LEU H 453 34.36 4.52 -40.72
CA LEU H 453 35.36 5.58 -41.05
C LEU H 453 36.69 4.91 -41.38
N GLN H 454 37.20 4.06 -40.49
CA GLN H 454 38.56 3.44 -40.64
C GLN H 454 38.56 2.51 -41.86
N MET H 455 37.49 1.75 -42.06
CA MET H 455 37.36 0.81 -43.19
C MET H 455 37.42 1.58 -44.52
N THR H 456 36.64 2.66 -44.66
CA THR H 456 36.54 3.44 -45.93
C THR H 456 37.88 4.17 -46.19
N LYS H 457 38.54 4.69 -45.16
CA LYS H 457 39.89 5.33 -45.30
C LYS H 457 40.85 4.33 -45.94
N VAL H 458 40.81 3.08 -45.45
CA VAL H 458 41.62 1.95 -45.99
C VAL H 458 41.19 1.63 -47.42
N LEU H 459 39.88 1.46 -47.67
CA LEU H 459 39.31 1.12 -49.01
C LEU H 459 39.69 2.18 -50.05
N VAL H 460 39.73 3.47 -49.65
CA VAL H 460 40.06 4.63 -50.53
C VAL H 460 41.51 4.50 -51.00
N ARG H 461 42.46 4.28 -50.08
CA ARG H 461 43.90 4.29 -50.47
C ARG H 461 44.29 2.94 -51.09
N GLU H 462 43.60 1.83 -50.78
CA GLU H 462 43.83 0.51 -51.44
C GLU H 462 43.30 0.55 -52.87
N ALA H 463 42.13 1.14 -53.07
CA ALA H 463 41.51 1.38 -54.40
C ALA H 463 42.42 2.29 -55.24
N ALA H 464 43.02 3.33 -54.63
CA ALA H 464 43.91 4.32 -55.29
C ALA H 464 45.25 3.67 -55.66
N GLU H 465 45.76 2.78 -54.80
CA GLU H 465 47.03 2.03 -55.04
C GLU H 465 46.82 1.09 -56.24
N ALA H 466 45.59 0.62 -56.48
CA ALA H 466 45.23 -0.27 -57.60
C ALA H 466 44.82 0.53 -58.86
N GLY H 467 44.83 1.88 -58.79
CA GLY H 467 44.60 2.79 -59.92
C GLY H 467 43.14 3.20 -60.10
N TYR H 468 42.34 3.18 -59.02
CA TYR H 468 40.89 3.52 -59.00
C TYR H 468 40.67 4.80 -58.19
N GLY H 469 40.13 5.84 -58.83
CA GLY H 469 39.67 7.06 -58.15
C GLY H 469 38.19 6.97 -57.83
N GLU H 470 37.74 7.53 -56.70
CA GLU H 470 36.27 7.57 -56.42
C GLU H 470 35.69 8.74 -57.24
N TYR H 471 34.43 8.60 -57.66
CA TYR H 471 33.69 9.63 -58.43
C TYR H 471 33.04 10.64 -57.48
N ARG H 472 32.84 10.23 -56.21
CA ARG H 472 32.01 10.94 -55.20
C ARG H 472 32.25 10.29 -53.84
N THR H 473 32.28 11.08 -52.78
CA THR H 473 32.54 10.56 -51.41
C THR H 473 31.93 11.47 -50.34
N HIS H 474 32.01 10.98 -49.10
CA HIS H 474 31.43 11.59 -47.87
C HIS H 474 32.37 12.67 -47.33
N ASN H 475 31.83 13.63 -46.57
CA ASN H 475 32.57 14.73 -45.88
C ASN H 475 33.85 14.20 -45.22
N ALA H 476 33.78 13.02 -44.58
CA ALA H 476 34.83 12.41 -43.73
C ALA H 476 36.05 11.95 -44.55
N LEU H 477 35.89 11.74 -45.87
CA LEU H 477 36.91 11.12 -46.77
C LEU H 477 37.37 12.09 -47.86
N MET H 478 36.84 13.31 -47.91
CA MET H 478 37.08 14.26 -49.04
C MET H 478 38.57 14.60 -49.15
N ASP H 479 39.22 14.90 -48.02
CA ASP H 479 40.68 15.18 -47.95
C ASP H 479 41.45 13.97 -48.47
N ASP H 480 41.11 12.78 -47.94
CA ASP H 480 41.75 11.50 -48.32
C ASP H 480 41.59 11.26 -49.83
N VAL H 481 40.38 11.41 -50.36
CA VAL H 481 40.10 11.11 -51.78
C VAL H 481 40.89 12.11 -52.65
N MET H 482 40.75 13.42 -52.43
CA MET H 482 41.42 14.45 -53.28
C MET H 482 42.93 14.20 -53.24
N ALA H 483 43.47 13.74 -52.11
CA ALA H 483 44.92 13.49 -51.93
C ALA H 483 45.41 12.42 -52.92
N THR H 484 44.53 11.53 -53.41
CA THR H 484 44.88 10.40 -54.32
C THR H 484 45.10 10.92 -55.74
N PHE H 485 44.57 12.10 -56.09
CA PHE H 485 44.65 12.72 -57.44
C PHE H 485 45.86 13.65 -57.51
N ASN H 486 47.02 13.15 -57.05
CA ASN H 486 48.23 13.95 -56.75
C ASN H 486 49.25 13.89 -57.89
N TRP H 487 48.84 13.52 -59.11
CA TRP H 487 49.73 13.55 -60.30
C TRP H 487 50.38 14.94 -60.40
N GLY H 488 51.63 15.00 -60.85
CA GLY H 488 52.38 16.26 -61.04
C GLY H 488 52.54 17.04 -59.74
N ASP H 489 52.69 16.31 -58.63
CA ASP H 489 52.87 16.86 -57.25
C ASP H 489 51.60 17.62 -56.87
N GLY H 490 50.45 16.96 -56.94
CA GLY H 490 49.12 17.52 -56.62
C GLY H 490 48.79 18.76 -57.45
N ALA H 491 49.12 18.76 -58.74
CA ALA H 491 48.85 19.89 -59.68
C ALA H 491 47.34 20.21 -59.73
N LEU H 492 46.49 19.18 -59.69
CA LEU H 492 45.02 19.35 -59.77
C LEU H 492 44.56 20.17 -58.57
N LEU H 493 44.86 19.73 -57.34
CA LEU H 493 44.43 20.46 -56.13
C LEU H 493 45.02 21.88 -56.14
N LYS H 494 46.25 22.07 -56.63
CA LYS H 494 46.91 23.41 -56.63
C LYS H 494 46.18 24.34 -57.60
N PHE H 495 45.64 23.79 -58.67
CA PHE H 495 44.84 24.52 -59.68
C PHE H 495 43.53 24.98 -59.03
N HIS H 496 42.74 24.04 -58.49
CA HIS H 496 41.45 24.30 -57.77
C HIS H 496 41.63 25.31 -56.64
N GLU H 497 42.77 25.28 -55.96
CA GLU H 497 43.04 26.14 -54.78
C GLU H 497 43.23 27.58 -55.24
N LYS H 498 43.91 27.80 -56.38
CA LYS H 498 44.17 29.16 -56.91
C LYS H 498 42.85 29.77 -57.39
N ILE H 499 41.99 28.97 -58.02
CA ILE H 499 40.63 29.42 -58.46
C ILE H 499 39.77 29.68 -57.21
N LYS H 500 39.83 28.80 -56.22
CA LYS H 500 39.08 29.00 -54.95
C LYS H 500 39.44 30.36 -54.38
N ASP H 501 40.73 30.69 -54.31
CA ASP H 501 41.25 31.88 -53.59
C ASP H 501 40.97 33.15 -54.39
N ALA H 502 40.97 33.07 -55.73
CA ALA H 502 40.65 34.19 -56.65
C ALA H 502 39.19 34.63 -56.46
N LEU H 503 38.27 33.66 -56.51
CA LEU H 503 36.82 33.88 -56.45
C LEU H 503 36.36 34.08 -55.00
N ASP H 504 37.05 33.48 -54.02
CA ASP H 504 36.63 33.41 -52.59
C ASP H 504 37.75 33.90 -51.69
N PRO H 505 38.17 35.17 -51.81
CA PRO H 505 39.32 35.68 -51.07
C PRO H 505 39.14 35.67 -49.54
N ASN H 506 37.90 35.65 -49.04
CA ASN H 506 37.61 35.57 -47.59
C ASN H 506 37.26 34.14 -47.18
N GLY H 507 37.39 33.18 -48.11
CA GLY H 507 37.21 31.75 -47.83
C GLY H 507 35.90 31.46 -47.11
N ILE H 508 34.78 31.71 -47.78
CA ILE H 508 33.41 31.64 -47.20
C ILE H 508 32.70 30.35 -47.60
N ILE H 509 32.65 30.03 -48.89
CA ILE H 509 31.74 28.98 -49.41
C ILE H 509 32.33 27.60 -49.12
N ALA H 510 31.60 26.76 -48.39
CA ALA H 510 31.84 25.31 -48.15
C ALA H 510 33.34 25.00 -48.14
N PRO H 511 34.12 25.55 -47.18
CA PRO H 511 35.54 25.21 -47.09
C PRO H 511 35.72 23.69 -46.94
N GLY H 512 36.60 23.11 -47.75
CA GLY H 512 37.00 21.70 -47.65
C GLY H 512 36.12 20.78 -48.48
N LYS H 513 35.13 21.32 -49.19
CA LYS H 513 34.33 20.54 -50.16
C LYS H 513 35.33 20.00 -51.20
N SER H 514 35.24 18.70 -51.47
CA SER H 514 36.10 17.96 -52.42
C SER H 514 37.59 18.20 -52.10
N GLY H 515 37.92 18.40 -50.83
CA GLY H 515 39.30 18.60 -50.34
C GLY H 515 39.86 19.98 -50.68
N ILE H 516 39.03 20.92 -51.10
CA ILE H 516 39.52 22.27 -51.55
C ILE H 516 39.29 23.25 -50.42
N TRP H 517 40.36 23.66 -49.75
CA TRP H 517 40.37 24.64 -48.62
C TRP H 517 40.85 25.97 -49.15
N PRO H 518 40.16 27.10 -48.83
CA PRO H 518 40.70 28.42 -49.12
C PRO H 518 41.92 28.70 -48.23
N GLN H 519 42.67 29.75 -48.55
CA GLN H 519 44.00 30.09 -47.99
C GLN H 519 43.96 30.18 -46.46
N ARG H 520 42.90 30.76 -45.87
CA ARG H 520 42.87 31.06 -44.41
C ARG H 520 42.70 29.77 -43.57
N PHE H 521 42.36 28.63 -44.19
CA PHE H 521 42.12 27.32 -43.51
C PHE H 521 43.22 26.30 -43.81
N ARG H 522 44.12 26.56 -44.77
CA ARG H 522 45.04 25.52 -45.29
C ARG H 522 46.12 25.23 -44.25
N GLY H 523 46.19 23.97 -43.79
CA GLY H 523 47.21 23.42 -42.87
C GLY H 523 46.71 23.31 -41.44
N GLN H 524 45.41 23.53 -41.17
CA GLN H 524 44.88 23.73 -39.80
C GLN H 524 44.17 22.48 -39.25
N ASN H 525 43.99 21.42 -40.04
CA ASN H 525 43.47 20.12 -39.55
C ASN H 525 42.04 20.31 -39.04
N LEU H 526 41.17 20.88 -39.88
CA LEU H 526 39.80 21.37 -39.54
C LEU H 526 39.91 22.72 -38.83
#